data_5OHY
#
_entry.id   5OHY
#
_cell.length_a   98.290
_cell.length_b   168.820
_cell.length_c   101.390
_cell.angle_alpha   90.000
_cell.angle_beta   117.070
_cell.angle_gamma   90.000
#
_symmetry.space_group_name_H-M   'P 1 21 1'
#
loop_
_entity.id
_entity.type
_entity.pdbx_description
1 polymer 'Alpha-glucosidase yihQ'
2 non-polymer 'POTASSIUM ION'
3 non-polymer 1,2-ETHANEDIOL
4 non-polymer 'THIOCYANATE ION'
5 non-polymer '[(3~{S},4~{R},5~{R})-4,5-bis(oxidanyl)piperidin-3-yl]methanesulfonic acid'
6 non-polymer 'PHOSPHATE ION'
7 water water
#
_entity_poly.entity_id   1
_entity_poly.type   'polypeptide(L)'
_entity_poly.pdbx_seq_one_letter_code
;MHFETTKDGFTIAIGNRIILSHSPDKPAFFAGFGEERMDMYRGNFDIEDYVIERTALRHAEVSGDSVTLSSAPGQAPRLR
LTLDGNAIRLTALDETINRLWLRVVAETDEHVWGGGEQMSYFDMRGRRFPLWTSEPGVGRDKTTEITFKSDVSGKAGGDY
YNTNYPQPTWLSSRKYALHVETSAYSVFDFRNGDFHEIEIWAVPEKIEFFAGDSFADIVSALSLHFGRQPELPDWVYNGA
IIGLKDGVNSFARLEKIRAAGTKVSGLWCEDWVGLRQTSFGARLFWDWQANDTRYPHLRQKIAELADQGIRFLGYVNPYL
CVDGPLFPVAESAGYFATDVDGKTALVDFGEFDCGVVDFTNPAAADWFAAAIIGKNMLDFGLSGWMADFGEYLPIDIKLS
NGVDAKLMHNAWPTLWAEVNAKGVESRGKTGEALFFMRAGFTGVQAHCPLIWGGDQSVDFSRHDGLVTVICGALSSGLMG
NAYHHSDIGGYTSLFGNVRTAELIMRWTEMAAFTPVMRTHEGNRPRDNLQIDQDETVLAHFARMTAIYVALAPYLKSLSA
EAAKTGLPVQRPLFLHYENEPQTYAVQDCYLYGADMLVAPVWKAGETQRSLYLPGHGEWVHLWSGKRHAGGRDITVETPL
GEPAVFYRADSSHHRLFEQLRTIGLEHHHHHH
;
_entity_poly.pdbx_strand_id   A,B,C,D
#
loop_
_chem_comp.id
_chem_comp.type
_chem_comp.name
_chem_comp.formula
9VH non-polymer '[(3~{S},4~{R},5~{R})-4,5-bis(oxidanyl)piperidin-3-yl]methanesulfonic acid' 'C6 H13 N O5 S'
EDO non-polymer 1,2-ETHANEDIOL 'C2 H6 O2'
K non-polymer 'POTASSIUM ION' 'K 1'
PO4 non-polymer 'PHOSPHATE ION' 'O4 P -3'
SCN non-polymer 'THIOCYANATE ION' 'C N S -1'
#
# COMPACT_ATOMS: atom_id res chain seq x y z
N MET A 1 39.40 -34.83 -13.84
CA MET A 1 40.77 -34.93 -14.39
C MET A 1 41.33 -36.30 -14.15
N HIS A 2 42.36 -36.57 -14.91
CA HIS A 2 43.13 -37.79 -14.85
C HIS A 2 44.63 -37.36 -14.72
N PHE A 3 45.21 -37.82 -13.64
CA PHE A 3 46.62 -37.68 -13.34
C PHE A 3 47.33 -38.94 -13.86
N GLU A 4 48.55 -38.78 -14.34
CA GLU A 4 49.25 -39.84 -15.03
C GLU A 4 50.75 -39.60 -14.85
N THR A 5 51.47 -40.64 -14.51
CA THR A 5 52.92 -40.59 -14.38
C THR A 5 53.54 -40.73 -15.79
N THR A 6 54.74 -40.14 -15.99
CA THR A 6 55.53 -40.24 -17.24
C THR A 6 57.01 -40.55 -16.86
N LYS A 7 57.89 -40.76 -17.84
CA LYS A 7 59.35 -41.07 -17.60
C LYS A 7 59.94 -40.09 -16.54
N ASP A 8 59.81 -38.79 -16.82
CA ASP A 8 60.46 -37.69 -16.08
C ASP A 8 59.52 -36.94 -15.12
N GLY A 9 58.22 -37.21 -15.17
CA GLY A 9 57.30 -36.44 -14.29
C GLY A 9 55.88 -36.83 -14.47
N PHE A 10 54.96 -35.88 -14.62
CA PHE A 10 53.52 -36.17 -14.72
C PHE A 10 52.76 -35.29 -15.72
N THR A 11 51.56 -35.77 -16.07
CA THR A 11 50.59 -34.99 -16.81
C THR A 11 49.26 -35.02 -16.10
N ILE A 12 48.48 -33.99 -16.36
CA ILE A 12 47.10 -33.88 -15.92
C ILE A 12 46.28 -33.58 -17.15
N ALA A 13 45.22 -34.34 -17.32
CA ALA A 13 44.36 -34.24 -18.51
C ALA A 13 42.89 -34.16 -18.11
N ILE A 14 42.08 -33.57 -18.99
CA ILE A 14 40.62 -33.72 -18.93
C ILE A 14 40.27 -34.59 -20.11
N GLY A 15 39.83 -35.83 -19.79
CA GLY A 15 39.59 -36.85 -20.80
C GLY A 15 40.71 -37.00 -21.78
N ASN A 16 40.39 -36.84 -23.06
CA ASN A 16 41.37 -36.97 -24.13
C ASN A 16 42.43 -35.84 -24.11
N ARG A 17 42.26 -34.78 -23.29
CA ARG A 17 43.03 -33.50 -23.46
C ARG A 17 44.09 -33.22 -22.38
N ILE A 18 45.37 -33.32 -22.73
CA ILE A 18 46.43 -32.98 -21.77
C ILE A 18 46.42 -31.46 -21.52
N ILE A 19 46.34 -31.10 -20.25
CA ILE A 19 46.29 -29.72 -19.76
C ILE A 19 47.61 -29.22 -19.17
N LEU A 20 48.15 -29.98 -18.21
CA LEU A 20 49.45 -29.74 -17.59
C LEU A 20 50.40 -30.86 -17.90
N SER A 21 51.66 -30.48 -18.13
CA SER A 21 52.74 -31.42 -18.35
C SER A 21 53.95 -30.95 -17.57
N HIS A 22 54.51 -31.81 -16.75
CA HIS A 22 55.64 -31.45 -15.91
C HIS A 22 56.78 -32.42 -16.06
N SER A 23 57.97 -31.87 -16.26
CA SER A 23 59.24 -32.59 -16.09
C SER A 23 60.27 -31.59 -15.53
N PRO A 24 61.39 -32.10 -14.99
CA PRO A 24 62.41 -31.14 -14.55
C PRO A 24 62.85 -30.12 -15.62
N ASP A 25 63.01 -30.57 -16.87
CA ASP A 25 63.38 -29.71 -18.00
C ASP A 25 62.24 -28.87 -18.59
N LYS A 26 60.99 -29.31 -18.45
CA LYS A 26 59.84 -28.56 -18.98
C LYS A 26 58.78 -28.50 -17.86
N PRO A 27 59.05 -27.67 -16.83
CA PRO A 27 58.21 -27.60 -15.64
C PRO A 27 56.89 -26.89 -15.94
N ALA A 28 55.89 -27.22 -15.15
CA ALA A 28 54.57 -26.60 -15.28
C ALA A 28 54.44 -25.37 -14.45
N PHE A 29 55.13 -25.32 -13.29
CA PHE A 29 55.00 -24.21 -12.34
C PHE A 29 56.33 -23.49 -12.10
N PHE A 30 56.23 -22.18 -11.88
CA PHE A 30 57.34 -21.31 -11.45
C PHE A 30 56.80 -20.49 -10.27
N ALA A 31 57.61 -20.31 -9.23
CA ALA A 31 57.21 -19.56 -8.04
C ALA A 31 58.23 -18.46 -7.73
N GLY A 32 57.74 -17.37 -7.17
CA GLY A 32 58.63 -16.29 -6.80
C GLY A 32 58.04 -15.17 -6.02
N PHE A 33 58.60 -13.99 -6.24
CA PHE A 33 58.38 -12.85 -5.37
C PHE A 33 58.58 -11.57 -6.17
N GLY A 34 57.64 -10.64 -6.04
CA GLY A 34 57.67 -9.35 -6.68
C GLY A 34 57.29 -8.21 -5.74
N GLU A 35 57.69 -7.01 -6.14
CA GLU A 35 57.25 -5.77 -5.51
C GLU A 35 56.60 -4.91 -6.57
N GLU A 36 55.29 -4.79 -6.50
CA GLU A 36 54.54 -4.07 -7.51
C GLU A 36 54.38 -2.58 -7.17
N ARG A 37 54.18 -1.78 -8.22
CA ARG A 37 53.66 -0.44 -8.14
C ARG A 37 52.34 -0.39 -8.86
N MET A 38 51.32 0.19 -8.23
CA MET A 38 49.98 0.26 -8.83
C MET A 38 49.34 1.58 -8.52
N ASP A 39 49.79 2.63 -9.19
CA ASP A 39 49.33 3.99 -8.88
C ASP A 39 48.00 4.29 -9.57
N MET A 40 46.98 4.71 -8.81
CA MET A 40 45.68 5.04 -9.37
C MET A 40 45.57 6.52 -9.61
N TYR A 41 45.09 6.92 -10.79
CA TYR A 41 44.76 8.29 -11.06
C TYR A 41 43.39 8.32 -11.75
N ARG A 42 42.39 8.73 -11.00
CA ARG A 42 41.00 8.78 -11.52
C ARG A 42 40.56 7.48 -12.19
N GLY A 43 40.85 6.39 -11.50
CA GLY A 43 40.48 5.05 -11.95
C GLY A 43 41.32 4.40 -13.04
N ASN A 44 42.35 5.12 -13.50
CA ASN A 44 43.37 4.58 -14.36
C ASN A 44 44.48 4.08 -13.49
N PHE A 45 45.06 2.93 -13.82
CA PHE A 45 46.14 2.34 -13.04
C PHE A 45 47.42 2.27 -13.85
N ASP A 46 48.50 2.76 -13.26
CA ASP A 46 49.83 2.62 -13.87
C ASP A 46 50.50 1.49 -13.07
N ILE A 47 50.57 0.32 -13.70
CA ILE A 47 50.99 -0.90 -13.00
C ILE A 47 52.30 -1.37 -13.56
N GLU A 48 53.28 -1.55 -12.70
CA GLU A 48 54.55 -2.14 -13.11
C GLU A 48 55.08 -3.01 -11.96
N ASP A 49 55.53 -4.21 -12.27
CA ASP A 49 56.07 -5.12 -11.30
C ASP A 49 57.60 -5.04 -11.37
N TYR A 50 58.19 -5.29 -10.23
CA TYR A 50 59.61 -5.59 -10.11
C TYR A 50 59.74 -7.01 -9.59
N VAL A 51 60.07 -7.93 -10.49
CA VAL A 51 60.24 -9.34 -10.17
C VAL A 51 61.62 -9.56 -9.56
N ILE A 52 61.63 -10.01 -8.32
CA ILE A 52 62.84 -10.31 -7.56
C ILE A 52 63.24 -11.76 -7.68
N GLU A 53 62.25 -12.66 -7.69
CA GLU A 53 62.48 -14.06 -8.00
C GLU A 53 61.41 -14.63 -8.90
N ARG A 54 61.85 -15.44 -9.85
CA ARG A 54 61.00 -16.38 -10.60
C ARG A 54 61.78 -17.65 -10.78
N THR A 55 61.38 -18.70 -10.08
CA THR A 55 62.16 -19.91 -10.01
C THR A 55 61.30 -21.10 -10.37
N ALA A 56 61.77 -21.87 -11.36
CA ALA A 56 61.09 -23.08 -11.76
C ALA A 56 61.01 -24.09 -10.64
N LEU A 57 59.82 -24.68 -10.49
CA LEU A 57 59.60 -25.80 -9.60
C LEU A 57 59.83 -27.10 -10.36
N ARG A 58 61.09 -27.52 -10.40
CA ARG A 58 61.53 -28.61 -11.22
C ARG A 58 61.29 -30.00 -10.62
N HIS A 59 61.14 -30.11 -9.30
CA HIS A 59 61.05 -31.43 -8.67
C HIS A 59 59.66 -31.71 -8.10
N ALA A 60 59.04 -32.80 -8.60
CA ALA A 60 57.71 -33.19 -8.21
C ALA A 60 57.75 -34.52 -7.49
N GLU A 61 57.02 -34.63 -6.36
CA GLU A 61 56.85 -35.88 -5.64
C GLU A 61 55.38 -36.17 -5.43
N VAL A 62 54.98 -37.43 -5.57
CA VAL A 62 53.57 -37.87 -5.53
C VAL A 62 53.11 -38.56 -4.26
N SER A 66 47.60 -36.05 -4.86
CA SER A 66 48.47 -35.03 -4.22
C SER A 66 49.98 -34.99 -4.65
N VAL A 67 50.46 -33.83 -5.11
CA VAL A 67 51.84 -33.65 -5.61
C VAL A 67 52.49 -32.46 -4.89
N THR A 68 53.68 -32.65 -4.33
CA THR A 68 54.44 -31.50 -3.81
C THR A 68 55.56 -31.15 -4.79
N LEU A 69 55.82 -29.85 -4.88
CA LEU A 69 56.74 -29.26 -5.85
C LEU A 69 57.79 -28.45 -5.11
N SER A 70 59.07 -28.69 -5.45
CA SER A 70 60.19 -27.93 -4.91
CA SER A 70 60.19 -27.92 -4.90
C SER A 70 61.05 -27.44 -6.07
N SER A 71 61.93 -26.50 -5.79
CA SER A 71 62.79 -25.95 -6.83
C SER A 71 63.73 -27.01 -7.43
N ALA A 72 64.30 -27.86 -6.58
CA ALA A 72 65.17 -28.99 -6.99
C ALA A 72 65.09 -30.11 -5.96
N PRO A 73 65.63 -31.31 -6.29
CA PRO A 73 65.64 -32.38 -5.26
C PRO A 73 66.35 -31.95 -3.97
N GLY A 74 65.83 -32.40 -2.84
CA GLY A 74 66.40 -32.08 -1.54
C GLY A 74 66.21 -30.65 -1.04
N GLN A 75 65.41 -29.85 -1.73
CA GLN A 75 65.03 -28.53 -1.22
C GLN A 75 63.61 -28.59 -0.66
N ALA A 76 63.28 -27.64 0.19
CA ALA A 76 61.99 -27.63 0.87
C ALA A 76 60.85 -27.41 -0.14
N PRO A 77 59.78 -28.23 -0.07
CA PRO A 77 58.65 -28.05 -0.96
C PRO A 77 58.08 -26.65 -0.84
N ARG A 78 57.63 -26.05 -1.95
CA ARG A 78 57.02 -24.73 -1.91
C ARG A 78 55.50 -24.70 -2.28
N LEU A 79 55.02 -25.76 -2.92
CA LEU A 79 53.67 -25.77 -3.43
C LEU A 79 53.14 -27.20 -3.34
N ARG A 80 51.89 -27.36 -2.90
CA ARG A 80 51.20 -28.64 -2.96
C ARG A 80 50.02 -28.51 -3.92
N LEU A 81 49.87 -29.52 -4.74
CA LEU A 81 48.86 -29.59 -5.75
C LEU A 81 48.01 -30.80 -5.36
N THR A 82 46.69 -30.61 -5.25
CA THR A 82 45.78 -31.73 -4.95
C THR A 82 44.64 -31.75 -6.00
N LEU A 83 44.51 -32.88 -6.67
CA LEU A 83 43.47 -33.06 -7.64
C LEU A 83 42.17 -33.40 -6.89
N ASP A 84 41.05 -32.73 -7.22
CA ASP A 84 39.78 -32.87 -6.52
C ASP A 84 38.61 -32.63 -7.48
N GLY A 85 38.06 -33.70 -8.03
CA GLY A 85 37.00 -33.61 -9.07
C GLY A 85 37.59 -32.89 -10.27
N ASN A 86 36.90 -31.89 -10.77
CA ASN A 86 37.33 -31.02 -11.86
C ASN A 86 38.28 -29.87 -11.41
N ALA A 87 38.84 -29.95 -10.20
CA ALA A 87 39.67 -28.87 -9.72
C ALA A 87 41.09 -29.36 -9.38
N ILE A 88 42.03 -28.46 -9.60
CA ILE A 88 43.36 -28.60 -9.05
C ILE A 88 43.42 -27.59 -7.88
N ARG A 89 43.49 -28.07 -6.66
CA ARG A 89 43.67 -27.24 -5.46
C ARG A 89 45.14 -26.97 -5.21
N LEU A 90 45.47 -25.71 -4.92
CA LEU A 90 46.86 -25.33 -4.65
C LEU A 90 47.00 -24.79 -3.24
N THR A 91 48.05 -25.23 -2.55
CA THR A 91 48.39 -24.73 -1.23
C THR A 91 49.84 -24.25 -1.24
N ALA A 92 50.05 -23.01 -0.85
CA ALA A 92 51.40 -22.48 -0.69
C ALA A 92 52.05 -23.09 0.55
N LEU A 93 53.14 -23.83 0.38
CA LEU A 93 53.96 -24.30 1.52
C LEU A 93 55.08 -23.34 1.91
N ASP A 94 55.49 -22.48 0.99
CA ASP A 94 56.38 -21.38 1.29
C ASP A 94 55.50 -20.11 1.32
N GLU A 95 55.39 -19.52 2.52
CA GLU A 95 54.53 -18.37 2.79
C GLU A 95 55.05 -17.11 2.10
N THR A 96 56.31 -17.07 1.66
CA THR A 96 56.87 -15.87 1.00
C THR A 96 56.49 -15.69 -0.47
N ILE A 97 55.95 -16.73 -1.11
CA ILE A 97 55.53 -16.64 -2.53
C ILE A 97 54.44 -15.63 -2.71
N ASN A 98 54.63 -14.64 -3.56
CA ASN A 98 53.51 -13.80 -4.01
C ASN A 98 53.41 -13.71 -5.52
N ARG A 99 54.20 -14.54 -6.21
CA ARG A 99 54.08 -14.67 -7.66
C ARG A 99 54.04 -16.15 -8.02
N LEU A 100 53.06 -16.52 -8.84
CA LEU A 100 52.99 -17.87 -9.37
C LEU A 100 52.74 -17.85 -10.87
N TRP A 101 53.45 -18.72 -11.59
CA TRP A 101 53.25 -18.88 -13.02
C TRP A 101 52.94 -20.35 -13.28
N LEU A 102 51.91 -20.57 -14.09
CA LEU A 102 51.45 -21.90 -14.44
C LEU A 102 51.40 -22.00 -15.96
N ARG A 103 52.05 -22.99 -16.53
CA ARG A 103 51.97 -23.24 -17.96
C ARG A 103 50.93 -24.31 -18.26
N VAL A 104 50.05 -24.00 -19.21
CA VAL A 104 49.10 -24.96 -19.75
C VAL A 104 49.47 -25.29 -21.18
N VAL A 105 49.44 -26.57 -21.48
CA VAL A 105 49.81 -27.08 -22.79
C VAL A 105 48.87 -26.46 -23.84
N ALA A 106 49.45 -26.01 -24.94
CA ALA A 106 48.72 -25.42 -26.04
C ALA A 106 49.16 -25.97 -27.40
N GLU A 107 48.31 -25.80 -28.39
CA GLU A 107 48.59 -26.21 -29.76
C GLU A 107 48.78 -24.92 -30.57
N THR A 108 49.58 -25.02 -31.63
CA THR A 108 49.98 -23.87 -32.41
C THR A 108 48.81 -23.04 -32.96
N ASP A 109 47.78 -23.70 -33.45
CA ASP A 109 46.62 -23.05 -34.11
C ASP A 109 45.41 -22.90 -33.17
N GLU A 110 45.60 -23.12 -31.86
CA GLU A 110 44.51 -23.02 -30.84
C GLU A 110 44.04 -21.58 -30.63
N HIS A 111 42.74 -21.42 -30.45
CA HIS A 111 42.12 -20.14 -30.14
C HIS A 111 41.74 -20.17 -28.67
N VAL A 112 41.80 -19.01 -28.03
CA VAL A 112 41.32 -18.86 -26.65
C VAL A 112 40.45 -17.62 -26.54
N TRP A 113 39.30 -17.77 -25.89
CA TRP A 113 38.36 -16.68 -25.75
C TRP A 113 37.95 -16.53 -24.30
N GLY A 114 37.29 -15.41 -24.01
CA GLY A 114 36.85 -15.08 -22.66
C GLY A 114 37.67 -13.93 -22.07
N GLY A 115 38.19 -14.15 -20.87
CA GLY A 115 38.88 -13.08 -20.15
C GLY A 115 38.02 -12.01 -19.52
N GLY A 116 36.72 -12.31 -19.35
CA GLY A 116 35.75 -11.30 -18.90
C GLY A 116 35.09 -10.65 -20.10
N GLU A 117 34.92 -9.35 -20.03
CA GLU A 117 34.48 -8.53 -21.14
C GLU A 117 35.70 -7.88 -21.79
N GLN A 118 36.20 -8.50 -22.87
CA GLN A 118 37.31 -7.95 -23.66
C GLN A 118 36.75 -7.03 -24.71
N MET A 119 37.32 -5.83 -24.84
CA MET A 119 36.87 -4.80 -25.71
C MET A 119 37.61 -4.74 -27.06
N SER A 120 38.86 -5.20 -27.10
CA SER A 120 39.63 -5.12 -28.35
C SER A 120 39.74 -6.43 -29.12
N TYR A 121 40.16 -7.49 -28.43
CA TYR A 121 40.41 -8.76 -29.01
C TYR A 121 39.57 -9.87 -28.38
N PHE A 122 38.88 -10.60 -29.23
CA PHE A 122 37.96 -11.72 -28.80
C PHE A 122 38.77 -13.00 -28.67
N ASP A 123 39.37 -13.44 -29.77
CA ASP A 123 40.43 -14.47 -29.69
C ASP A 123 41.66 -13.77 -29.10
N MET A 124 42.06 -14.22 -27.93
CA MET A 124 43.19 -13.61 -27.17
C MET A 124 44.54 -14.20 -27.56
N ARG A 125 44.56 -15.19 -28.45
CA ARG A 125 45.80 -15.83 -28.82
C ARG A 125 46.78 -14.81 -29.38
N GLY A 126 48.04 -14.94 -28.98
CA GLY A 126 49.14 -14.12 -29.52
C GLY A 126 49.46 -12.91 -28.68
N ARG A 127 48.65 -12.62 -27.67
CA ARG A 127 48.84 -11.40 -26.86
C ARG A 127 48.76 -11.70 -25.38
N ARG A 128 49.10 -10.70 -24.58
CA ARG A 128 49.06 -10.80 -23.13
CA ARG A 128 49.06 -10.80 -23.13
C ARG A 128 47.94 -9.91 -22.56
N PHE A 129 47.23 -10.42 -21.58
CA PHE A 129 46.02 -9.75 -21.01
C PHE A 129 46.11 -9.73 -19.47
N PRO A 130 46.60 -8.63 -18.90
CA PRO A 130 46.42 -8.39 -17.48
C PRO A 130 44.91 -8.28 -17.13
N LEU A 131 44.58 -8.71 -15.93
CA LEU A 131 43.17 -8.82 -15.45
C LEU A 131 42.95 -8.06 -14.16
N TRP A 132 42.59 -6.79 -14.32
CA TRP A 132 42.48 -5.81 -13.23
C TRP A 132 41.46 -4.78 -13.60
N THR A 133 40.38 -4.69 -12.83
CA THR A 133 39.30 -3.83 -13.22
C THR A 133 39.75 -2.38 -13.09
N SER A 134 39.43 -1.59 -14.09
CA SER A 134 39.79 -0.16 -14.09
C SER A 134 38.94 0.54 -15.12
N GLU A 135 39.12 1.84 -15.24
CA GLU A 135 38.73 2.56 -16.42
C GLU A 135 39.34 1.84 -17.63
N PRO A 136 38.53 1.57 -18.67
CA PRO A 136 38.98 0.82 -19.82
C PRO A 136 39.86 1.63 -20.78
N GLY A 137 39.87 2.94 -20.64
CA GLY A 137 40.63 3.84 -21.49
C GLY A 137 39.77 4.60 -22.49
N VAL A 138 40.21 5.81 -22.84
CA VAL A 138 39.60 6.62 -23.87
C VAL A 138 40.53 6.52 -25.08
N GLY A 139 40.06 5.87 -26.15
CA GLY A 139 40.86 5.57 -27.36
C GLY A 139 41.46 4.20 -27.35
N ARG A 140 42.23 3.87 -26.30
CA ARG A 140 42.72 2.54 -26.07
C ARG A 140 43.70 2.04 -27.15
N ASP A 141 44.36 2.98 -27.82
CA ASP A 141 45.22 2.65 -28.96
C ASP A 141 46.29 3.74 -29.04
N LYS A 142 47.50 3.39 -28.65
CA LYS A 142 48.59 4.44 -28.57
C LYS A 142 48.91 5.09 -29.87
N THR A 143 48.41 4.56 -31.02
CA THR A 143 48.56 5.25 -32.29
C THR A 143 47.51 6.27 -32.65
N THR A 144 46.47 6.47 -31.82
CA THR A 144 45.47 7.48 -32.15
C THR A 144 45.68 8.73 -31.32
N GLU A 145 45.37 9.86 -31.92
CA GLU A 145 45.41 11.14 -31.31
C GLU A 145 44.53 11.25 -30.03
N ILE A 146 43.33 10.64 -30.08
CA ILE A 146 42.49 10.65 -28.89
C ILE A 146 43.19 10.00 -27.69
N THR A 147 43.85 8.86 -27.92
CA THR A 147 44.50 8.12 -26.88
C THR A 147 45.69 8.94 -26.34
N PHE A 148 46.48 9.50 -27.26
CA PHE A 148 47.63 10.34 -26.93
C PHE A 148 47.18 11.50 -26.04
N LYS A 149 46.14 12.21 -26.49
CA LYS A 149 45.62 13.37 -25.76
C LYS A 149 45.09 12.98 -24.37
N SER A 150 44.45 11.80 -24.28
CA SER A 150 43.94 11.31 -23.03
C SER A 150 45.09 10.93 -22.08
N ASP A 151 46.15 10.32 -22.62
CA ASP A 151 47.31 9.99 -21.79
C ASP A 151 47.99 11.25 -21.24
N VAL A 152 48.18 12.24 -22.11
CA VAL A 152 48.85 13.45 -21.74
C VAL A 152 48.02 14.22 -20.68
N SER A 153 46.72 14.35 -20.92
CA SER A 153 45.95 15.18 -20.02
C SER A 153 45.59 14.51 -18.74
N GLY A 154 45.39 13.19 -18.73
CA GLY A 154 44.87 12.47 -17.52
C GLY A 154 45.23 11.01 -17.36
N LYS A 155 46.33 10.55 -17.95
CA LYS A 155 46.78 9.19 -17.87
C LYS A 155 45.68 8.21 -18.25
N ALA A 156 44.87 8.62 -19.23
CA ALA A 156 43.52 8.03 -19.42
C ALA A 156 43.27 7.34 -20.74
N GLY A 157 44.35 7.16 -21.54
CA GLY A 157 44.19 6.53 -22.84
C GLY A 157 43.96 5.05 -22.78
N GLY A 158 44.62 4.39 -21.83
CA GLY A 158 44.55 2.93 -21.71
C GLY A 158 45.12 2.21 -22.95
N ASP A 159 44.73 0.94 -23.07
CA ASP A 159 45.26 0.08 -24.08
C ASP A 159 44.32 -1.11 -24.28
N TYR A 160 44.69 -2.00 -25.20
CA TYR A 160 43.83 -3.08 -25.71
C TYR A 160 43.29 -4.03 -24.66
N TYR A 161 44.02 -4.17 -23.56
CA TYR A 161 43.69 -5.15 -22.52
C TYR A 161 42.87 -4.54 -21.37
N ASN A 162 42.77 -3.21 -21.29
CA ASN A 162 42.06 -2.62 -20.16
C ASN A 162 40.54 -2.90 -20.33
N THR A 163 39.89 -3.11 -19.19
CA THR A 163 38.44 -3.36 -19.18
C THR A 163 37.88 -3.09 -17.76
N ASN A 164 36.61 -2.68 -17.76
CA ASN A 164 35.83 -2.54 -16.55
C ASN A 164 35.56 -3.93 -15.92
N TYR A 165 35.66 -4.98 -16.76
CA TYR A 165 35.26 -6.32 -16.32
C TYR A 165 36.21 -7.36 -16.86
N PRO A 166 37.31 -7.59 -16.13
CA PRO A 166 38.20 -8.72 -16.42
C PRO A 166 37.67 -9.93 -15.69
N GLN A 167 38.08 -11.12 -16.15
CA GLN A 167 37.81 -12.35 -15.41
C GLN A 167 38.84 -13.39 -15.79
N PRO A 168 39.45 -14.06 -14.81
CA PRO A 168 40.48 -15.06 -15.13
C PRO A 168 39.84 -16.43 -15.51
N THR A 169 39.14 -16.41 -16.66
CA THR A 169 38.48 -17.59 -17.18
C THR A 169 38.70 -17.61 -18.69
N TRP A 170 39.00 -18.77 -19.25
CA TRP A 170 39.07 -18.90 -20.72
C TRP A 170 38.41 -20.12 -21.23
N LEU A 171 37.97 -20.02 -22.49
CA LEU A 171 37.46 -21.16 -23.24
C LEU A 171 38.46 -21.41 -24.33
N SER A 172 38.90 -22.66 -24.44
CA SER A 172 39.87 -23.07 -25.46
C SER A 172 39.16 -23.78 -26.63
N SER A 173 39.68 -23.56 -27.84
CA SER A 173 39.23 -24.32 -29.01
C SER A 173 39.49 -25.80 -28.90
N ARG A 174 40.32 -26.25 -27.94
CA ARG A 174 40.45 -27.64 -27.61
C ARG A 174 39.28 -28.24 -26.81
N LYS A 175 38.21 -27.49 -26.63
CA LYS A 175 36.97 -27.94 -25.93
C LYS A 175 37.13 -28.21 -24.44
N TYR A 176 37.74 -27.22 -23.77
CA TYR A 176 37.69 -27.16 -22.34
C TYR A 176 37.71 -25.70 -21.98
N ALA A 177 37.33 -25.41 -20.74
CA ALA A 177 37.48 -24.09 -20.17
C ALA A 177 38.22 -24.23 -18.83
N LEU A 178 38.89 -23.15 -18.48
CA LEU A 178 39.71 -23.08 -17.28
C LEU A 178 39.29 -21.83 -16.53
N HIS A 179 39.18 -21.96 -15.22
CA HIS A 179 38.84 -20.83 -14.38
C HIS A 179 39.81 -20.81 -13.20
N VAL A 180 40.41 -19.64 -12.95
CA VAL A 180 41.26 -19.44 -11.78
C VAL A 180 40.44 -18.80 -10.66
N GLU A 181 40.35 -19.47 -9.52
CA GLU A 181 39.67 -18.92 -8.33
C GLU A 181 40.61 -18.03 -7.53
N THR A 182 40.63 -16.74 -7.85
CA THR A 182 41.41 -15.71 -7.16
C THR A 182 40.78 -14.36 -7.47
N SER A 183 40.98 -13.39 -6.61
CA SER A 183 40.71 -12.00 -6.90
C SER A 183 41.99 -11.17 -7.03
N ALA A 184 43.15 -11.81 -6.90
CA ALA A 184 44.40 -11.10 -7.12
C ALA A 184 44.58 -10.65 -8.54
N TYR A 185 45.48 -9.67 -8.74
CA TYR A 185 45.97 -9.38 -10.07
C TYR A 185 46.47 -10.66 -10.72
N SER A 186 46.17 -10.82 -11.99
CA SER A 186 46.60 -11.94 -12.77
C SER A 186 46.77 -11.52 -14.22
N VAL A 187 47.48 -12.37 -14.98
CA VAL A 187 47.72 -12.14 -16.38
C VAL A 187 47.57 -13.44 -17.17
N PHE A 188 46.89 -13.35 -18.30
CA PHE A 188 46.88 -14.43 -19.28
C PHE A 188 47.87 -14.09 -20.40
N ASP A 189 48.96 -14.84 -20.48
CA ASP A 189 49.98 -14.65 -21.51
C ASP A 189 49.84 -15.74 -22.60
N PHE A 190 49.32 -15.34 -23.75
CA PHE A 190 49.08 -16.25 -24.88
C PHE A 190 50.09 -16.00 -26.01
N ARG A 191 51.29 -15.53 -25.68
CA ARG A 191 52.27 -15.18 -26.71
C ARG A 191 53.09 -16.35 -27.23
N ASN A 192 53.03 -17.52 -26.59
CA ASN A 192 53.87 -18.65 -26.95
C ASN A 192 53.03 -19.70 -27.66
N GLY A 193 53.61 -20.32 -28.69
CA GLY A 193 52.93 -21.32 -29.47
C GLY A 193 52.60 -22.64 -28.77
N ASP A 194 53.48 -23.06 -27.85
CA ASP A 194 53.41 -24.41 -27.25
C ASP A 194 52.74 -24.43 -25.87
N PHE A 195 52.49 -23.25 -25.32
CA PHE A 195 51.84 -23.16 -24.01
C PHE A 195 51.21 -21.80 -23.78
N HIS A 196 50.18 -21.81 -22.93
CA HIS A 196 49.62 -20.61 -22.34
C HIS A 196 50.30 -20.46 -20.97
N GLU A 197 50.51 -19.24 -20.51
CA GLU A 197 51.07 -19.04 -19.16
C GLU A 197 50.18 -18.10 -18.38
N ILE A 198 49.84 -18.52 -17.17
CA ILE A 198 49.04 -17.74 -16.24
C ILE A 198 49.96 -17.20 -15.19
N GLU A 199 49.98 -15.88 -15.01
CA GLU A 199 50.70 -15.24 -13.92
C GLU A 199 49.68 -14.82 -12.87
N ILE A 200 49.89 -15.17 -11.61
CA ILE A 200 48.99 -14.73 -10.55
C ILE A 200 49.82 -14.12 -9.47
N TRP A 201 49.36 -13.00 -8.90
CA TRP A 201 50.03 -12.36 -7.76
C TRP A 201 49.54 -12.88 -6.42
N ALA A 202 49.51 -14.21 -6.33
CA ALA A 202 49.00 -14.98 -5.20
C ALA A 202 49.06 -16.43 -5.59
N VAL A 203 48.89 -17.33 -4.63
CA VAL A 203 48.72 -18.74 -4.95
C VAL A 203 47.21 -18.96 -4.89
N PRO A 204 46.55 -19.12 -6.06
CA PRO A 204 45.10 -19.32 -5.98
C PRO A 204 44.68 -20.59 -5.26
N GLU A 205 43.49 -20.53 -4.67
CA GLU A 205 42.91 -21.63 -3.92
C GLU A 205 42.73 -22.80 -4.86
N LYS A 206 42.29 -22.55 -6.08
CA LYS A 206 42.12 -23.64 -7.04
C LYS A 206 42.04 -23.14 -8.44
N ILE A 207 42.25 -24.06 -9.38
CA ILE A 207 41.98 -23.88 -10.80
C ILE A 207 40.96 -24.95 -11.19
N GLU A 208 39.87 -24.51 -11.81
CA GLU A 208 38.75 -25.40 -12.14
C GLU A 208 38.60 -25.57 -13.63
N PHE A 209 38.21 -26.77 -14.05
CA PHE A 209 38.12 -27.12 -15.46
C PHE A 209 36.71 -27.62 -15.83
N PHE A 210 36.34 -27.34 -17.08
CA PHE A 210 35.05 -27.72 -17.63
C PHE A 210 35.33 -28.24 -19.03
N ALA A 211 34.73 -29.35 -19.38
CA ALA A 211 34.90 -29.87 -20.71
C ALA A 211 33.58 -30.36 -21.19
N GLY A 212 33.49 -30.66 -22.48
CA GLY A 212 32.24 -31.16 -23.08
C GLY A 212 32.47 -31.38 -24.57
N ASP A 213 31.49 -31.98 -25.22
CA ASP A 213 31.66 -32.30 -26.64
C ASP A 213 31.32 -31.16 -27.57
N SER A 214 30.63 -30.13 -27.06
CA SER A 214 30.43 -28.90 -27.84
C SER A 214 30.85 -27.67 -27.02
N PHE A 215 31.16 -26.59 -27.73
CA PHE A 215 31.40 -25.32 -27.05
C PHE A 215 30.12 -24.87 -26.29
N ALA A 216 28.94 -25.09 -26.90
CA ALA A 216 27.68 -24.76 -26.22
C ALA A 216 27.58 -25.44 -24.88
N ASP A 217 27.89 -26.73 -24.84
CA ASP A 217 27.85 -27.49 -23.58
C ASP A 217 28.79 -26.91 -22.53
N ILE A 218 29.95 -26.42 -22.99
CA ILE A 218 30.92 -25.85 -22.03
C ILE A 218 30.40 -24.52 -21.50
N VAL A 219 29.85 -23.70 -22.38
CA VAL A 219 29.25 -22.43 -21.96
C VAL A 219 28.11 -22.70 -20.98
N SER A 220 27.25 -23.68 -21.27
CA SER A 220 26.22 -24.09 -20.30
C SER A 220 26.78 -24.39 -18.92
N ALA A 221 27.87 -25.17 -18.88
CA ALA A 221 28.45 -25.61 -17.61
C ALA A 221 29.08 -24.41 -16.89
N LEU A 222 29.74 -23.53 -17.63
CA LEU A 222 30.29 -22.32 -17.04
C LEU A 222 29.21 -21.44 -16.42
N SER A 223 28.11 -21.27 -17.16
CA SER A 223 27.01 -20.44 -16.67
C SER A 223 26.35 -21.00 -15.39
N LEU A 224 26.27 -22.33 -15.28
CA LEU A 224 25.80 -22.95 -14.05
C LEU A 224 26.79 -22.68 -12.88
N HIS A 225 28.08 -22.70 -13.19
CA HIS A 225 29.11 -22.44 -12.19
C HIS A 225 29.07 -21.01 -11.64
N PHE A 226 28.94 -20.00 -12.50
CA PHE A 226 28.92 -18.59 -12.10
C PHE A 226 27.53 -18.07 -11.68
N GLY A 227 26.48 -18.72 -12.18
CA GLY A 227 25.08 -18.35 -11.95
C GLY A 227 24.49 -17.65 -13.16
N ARG A 228 23.26 -17.98 -13.46
CA ARG A 228 22.54 -17.41 -14.58
C ARG A 228 21.69 -16.22 -14.17
N GLN A 229 21.24 -15.48 -15.16
CA GLN A 229 20.40 -14.34 -14.97
C GLN A 229 18.93 -14.71 -15.09
N PRO A 230 18.06 -13.88 -14.49
CA PRO A 230 16.62 -14.09 -14.76
C PRO A 230 16.31 -13.81 -16.23
N GLU A 231 15.17 -14.28 -16.68
CA GLU A 231 14.67 -13.87 -18.01
C GLU A 231 14.46 -12.36 -18.01
N LEU A 232 14.55 -11.74 -19.18
CA LEU A 232 14.28 -10.31 -19.29
C LEU A 232 12.82 -10.02 -18.88
N PRO A 233 12.57 -8.91 -18.18
CA PRO A 233 11.19 -8.61 -17.81
C PRO A 233 10.34 -8.25 -19.04
N ASP A 234 9.06 -8.57 -18.99
CA ASP A 234 8.10 -8.26 -20.05
C ASP A 234 8.14 -6.82 -20.51
N TRP A 235 8.28 -5.88 -19.58
CA TRP A 235 8.14 -4.49 -19.92
C TRP A 235 9.22 -3.97 -20.89
N VAL A 236 10.39 -4.61 -20.84
CA VAL A 236 11.51 -4.25 -21.74
C VAL A 236 11.15 -4.30 -23.23
N TYR A 237 10.27 -5.26 -23.56
CA TYR A 237 9.91 -5.54 -24.93
C TYR A 237 8.98 -4.48 -25.54
N ASN A 238 8.55 -3.51 -24.74
CA ASN A 238 7.74 -2.41 -25.24
C ASN A 238 8.49 -1.41 -26.11
N GLY A 239 9.83 -1.45 -26.11
CA GLY A 239 10.57 -0.53 -26.93
C GLY A 239 11.88 -0.10 -26.33
N ALA A 240 12.33 1.07 -26.77
CA ALA A 240 13.61 1.62 -26.30
C ALA A 240 13.50 2.30 -24.95
N ILE A 241 14.61 2.29 -24.23
CA ILE A 241 14.80 3.09 -23.03
C ILE A 241 15.44 4.37 -23.48
N ILE A 242 14.74 5.47 -23.34
CA ILE A 242 15.19 6.79 -23.81
C ILE A 242 16.02 7.47 -22.68
N GLY A 243 17.29 7.75 -22.98
CA GLY A 243 18.20 8.37 -22.02
C GLY A 243 18.24 9.88 -22.20
N LEU A 244 17.72 10.60 -21.20
CA LEU A 244 17.79 12.03 -21.17
C LEU A 244 18.30 12.52 -19.81
N LYS A 245 19.02 13.63 -19.84
CA LYS A 245 19.56 14.21 -18.59
C LYS A 245 19.34 15.69 -18.59
N ASP A 246 18.11 16.10 -18.95
CA ASP A 246 17.78 17.50 -19.22
C ASP A 246 16.72 18.02 -18.23
N GLY A 247 16.70 17.47 -17.03
CA GLY A 247 15.76 17.93 -16.04
C GLY A 247 14.29 17.80 -16.51
N VAL A 248 13.48 18.78 -16.15
CA VAL A 248 12.06 18.83 -16.51
C VAL A 248 11.91 18.84 -18.03
N ASN A 249 12.85 19.48 -18.73
CA ASN A 249 12.81 19.47 -20.19
C ASN A 249 12.90 18.07 -20.83
N SER A 250 13.40 17.08 -20.09
CA SER A 250 13.42 15.71 -20.55
C SER A 250 12.01 15.27 -20.98
N PHE A 251 10.96 15.69 -20.29
CA PHE A 251 9.62 15.18 -20.60
C PHE A 251 9.10 15.72 -21.90
N ALA A 252 9.36 16.99 -22.18
CA ALA A 252 8.99 17.57 -23.46
C ALA A 252 9.70 16.88 -24.62
N ARG A 253 11.01 16.56 -24.42
CA ARG A 253 11.76 15.92 -25.44
C ARG A 253 11.30 14.48 -25.66
N LEU A 254 10.94 13.79 -24.58
CA LEU A 254 10.34 12.46 -24.68
C LEU A 254 9.05 12.50 -25.52
N GLU A 255 8.22 13.48 -25.29
CA GLU A 255 6.98 13.61 -26.07
CA GLU A 255 6.96 13.61 -26.07
C GLU A 255 7.25 13.76 -27.54
N LYS A 256 8.26 14.58 -27.90
CA LYS A 256 8.63 14.70 -29.32
C LYS A 256 9.13 13.38 -29.94
N ILE A 257 9.93 12.64 -29.17
CA ILE A 257 10.39 11.34 -29.56
C ILE A 257 9.22 10.40 -29.75
N ARG A 258 8.27 10.42 -28.84
CA ARG A 258 7.09 9.54 -28.98
C ARG A 258 6.19 9.94 -30.17
N ALA A 259 6.09 11.24 -30.44
CA ALA A 259 5.26 11.76 -31.57
C ALA A 259 5.79 11.31 -32.92
N ALA A 260 7.08 10.95 -33.01
CA ALA A 260 7.62 10.39 -34.23
C ALA A 260 7.30 8.90 -34.42
N GLY A 261 6.60 8.28 -33.47
CA GLY A 261 6.21 6.87 -33.55
C GLY A 261 7.15 5.93 -32.83
N THR A 262 8.15 6.48 -32.14
CA THR A 262 9.14 5.69 -31.41
C THR A 262 8.45 4.82 -30.37
N LYS A 263 8.79 3.53 -30.34
CA LYS A 263 8.27 2.62 -29.32
C LYS A 263 9.19 2.79 -28.09
N VAL A 264 8.61 3.15 -26.97
CA VAL A 264 9.33 3.44 -25.73
C VAL A 264 8.90 2.54 -24.61
N SER A 265 9.85 1.87 -23.99
CA SER A 265 9.63 1.07 -22.78
C SER A 265 9.90 1.81 -21.47
N GLY A 266 10.80 2.81 -21.54
CA GLY A 266 11.28 3.44 -20.34
C GLY A 266 11.93 4.78 -20.63
N LEU A 267 11.93 5.61 -19.61
CA LEU A 267 12.63 6.90 -19.59
C LEU A 267 13.71 6.70 -18.54
N TRP A 268 14.97 6.91 -18.94
CA TRP A 268 16.10 6.72 -18.04
C TRP A 268 16.73 8.13 -17.86
N CYS A 269 16.62 8.67 -16.64
CA CYS A 269 17.11 10.01 -16.34
C CYS A 269 18.22 9.90 -15.29
N GLU A 270 19.48 9.81 -15.73
CA GLU A 270 20.57 9.64 -14.78
C GLU A 270 20.69 10.87 -13.83
N ASP A 271 20.21 12.02 -14.30
CA ASP A 271 20.20 13.23 -13.51
C ASP A 271 19.02 13.32 -12.53
N TRP A 272 18.37 12.20 -12.24
CA TRP A 272 17.27 12.16 -11.23
C TRP A 272 17.76 12.65 -9.86
N VAL A 273 19.09 12.55 -9.66
CA VAL A 273 19.79 13.03 -8.44
C VAL A 273 20.34 14.44 -8.51
N GLY A 274 20.18 15.10 -9.63
CA GLY A 274 20.76 16.43 -9.85
C GLY A 274 21.93 16.28 -10.78
N LEU A 275 22.10 17.34 -11.56
CA LEU A 275 23.31 17.54 -12.39
C LEU A 275 24.32 18.40 -11.62
N ARG A 276 25.60 18.07 -11.74
CA ARG A 276 26.68 18.89 -11.23
C ARG A 276 27.41 19.26 -12.54
N GLN A 277 26.87 20.27 -13.20
CA GLN A 277 27.46 20.78 -14.43
C GLN A 277 28.82 21.46 -14.12
N THR A 278 29.82 21.10 -14.90
CA THR A 278 31.15 21.70 -14.73
C THR A 278 31.66 22.16 -16.06
N SER A 279 32.77 22.94 -16.02
CA SER A 279 33.38 23.35 -17.26
C SER A 279 33.85 22.16 -18.13
N PHE A 280 34.00 20.95 -17.57
CA PHE A 280 34.53 19.82 -18.22
C PHE A 280 33.46 18.85 -18.70
N GLY A 281 32.29 18.89 -18.11
CA GLY A 281 31.28 17.88 -18.48
C GLY A 281 30.02 18.07 -17.66
N ALA A 282 28.96 17.45 -18.12
CA ALA A 282 27.66 17.47 -17.38
C ALA A 282 27.66 16.27 -16.47
N ARG A 283 28.26 16.45 -15.27
CA ARG A 283 28.28 15.34 -14.35
C ARG A 283 27.03 15.29 -13.48
N LEU A 284 26.91 14.28 -12.68
CA LEU A 284 25.74 14.09 -11.78
C LEU A 284 26.18 14.41 -10.34
N PHE A 285 25.19 14.73 -9.48
CA PHE A 285 25.37 14.89 -8.08
C PHE A 285 25.27 13.56 -7.35
N TRP A 286 26.37 13.06 -6.79
CA TRP A 286 26.45 11.69 -6.29
C TRP A 286 25.91 11.52 -4.86
N ASP A 287 24.59 11.72 -4.74
CA ASP A 287 23.86 11.52 -3.51
C ASP A 287 22.51 10.89 -3.92
N TRP A 288 22.33 9.64 -3.52
CA TRP A 288 21.38 8.70 -4.20
C TRP A 288 19.96 8.84 -3.66
N GLN A 289 19.36 9.96 -3.97
CA GLN A 289 17.96 10.24 -3.65
C GLN A 289 17.44 11.24 -4.66
N ALA A 290 16.12 11.16 -4.95
CA ALA A 290 15.50 12.01 -5.90
C ALA A 290 15.77 13.48 -5.52
N ASN A 291 16.08 14.28 -6.52
CA ASN A 291 16.40 15.69 -6.34
C ASN A 291 15.23 16.55 -6.73
N ASP A 292 14.56 17.14 -5.72
CA ASP A 292 13.40 18.04 -5.91
C ASP A 292 13.70 19.33 -6.68
N THR A 293 14.94 19.78 -6.70
CA THR A 293 15.29 20.96 -7.47
C THR A 293 15.31 20.61 -8.97
N ARG A 294 15.86 19.46 -9.33
CA ARG A 294 16.00 19.09 -10.72
C ARG A 294 14.68 18.54 -11.32
N TYR A 295 13.99 17.73 -10.53
CA TYR A 295 12.71 17.07 -10.92
C TYR A 295 11.70 17.34 -9.80
N PRO A 296 11.08 18.51 -9.79
CA PRO A 296 10.24 18.85 -8.62
C PRO A 296 8.97 18.03 -8.45
N HIS A 297 8.55 17.30 -9.48
CA HIS A 297 7.31 16.49 -9.37
C HIS A 297 7.64 15.07 -9.82
N LEU A 298 8.82 14.56 -9.48
CA LEU A 298 9.27 13.32 -10.08
C LEU A 298 8.36 12.15 -9.73
N ARG A 299 7.88 12.08 -8.47
CA ARG A 299 7.06 10.97 -8.08
C ARG A 299 5.76 10.89 -8.93
N GLN A 300 5.14 12.05 -9.07
CA GLN A 300 3.95 12.21 -9.92
C GLN A 300 4.24 11.84 -11.36
N LYS A 301 5.36 12.32 -11.91
CA LYS A 301 5.75 11.98 -13.28
C LYS A 301 5.97 10.51 -13.51
N ILE A 302 6.57 9.81 -12.55
CA ILE A 302 6.77 8.39 -12.66
C ILE A 302 5.41 7.68 -12.77
N ALA A 303 4.47 8.13 -11.94
CA ALA A 303 3.11 7.54 -11.97
C ALA A 303 2.40 7.82 -13.31
N GLU A 304 2.54 9.04 -13.82
CA GLU A 304 1.95 9.38 -15.10
C GLU A 304 2.55 8.54 -16.22
N LEU A 305 3.88 8.38 -16.24
CA LEU A 305 4.50 7.55 -17.24
C LEU A 305 4.05 6.10 -17.14
N ALA A 306 3.88 5.59 -15.92
CA ALA A 306 3.46 4.22 -15.71
C ALA A 306 2.10 3.98 -16.34
N ASP A 307 1.21 4.96 -16.22
CA ASP A 307 -0.16 4.89 -16.78
C ASP A 307 -0.10 4.81 -18.30
N GLN A 308 0.96 5.37 -18.90
CA GLN A 308 1.21 5.31 -20.36
C GLN A 308 1.99 4.05 -20.79
N GLY A 309 2.29 3.13 -19.86
CA GLY A 309 3.08 1.97 -20.18
C GLY A 309 4.60 2.24 -20.34
N ILE A 310 5.11 3.28 -19.68
CA ILE A 310 6.53 3.62 -19.75
C ILE A 310 7.11 3.63 -18.31
N ARG A 311 8.16 2.85 -18.11
CA ARG A 311 8.83 2.75 -16.84
C ARG A 311 9.81 3.90 -16.68
N PHE A 312 10.25 4.06 -15.42
CA PHE A 312 11.28 5.09 -15.10
C PHE A 312 12.51 4.42 -14.51
N LEU A 313 13.68 4.87 -15.03
CA LEU A 313 14.96 4.33 -14.57
C LEU A 313 15.90 5.46 -14.12
N GLY A 314 16.75 5.12 -13.14
CA GLY A 314 17.68 6.07 -12.63
C GLY A 314 19.16 5.65 -12.72
N TYR A 315 19.93 6.04 -11.68
CA TYR A 315 21.40 5.96 -11.70
C TYR A 315 21.85 5.91 -10.22
N VAL A 316 22.80 5.02 -9.93
CA VAL A 316 23.40 4.91 -8.64
C VAL A 316 24.81 4.36 -8.79
N ASN A 317 25.71 4.69 -7.86
CA ASN A 317 27.02 4.08 -7.81
C ASN A 317 27.40 3.95 -6.34
N PRO A 318 28.48 3.18 -6.06
CA PRO A 318 28.73 2.82 -4.70
C PRO A 318 29.56 3.79 -3.86
N TYR A 319 29.68 5.04 -4.32
CA TYR A 319 30.44 6.10 -3.66
C TYR A 319 29.47 7.25 -3.27
N LEU A 320 29.85 8.08 -2.32
CA LEU A 320 29.01 9.20 -1.87
C LEU A 320 29.80 10.47 -1.88
N CYS A 321 29.30 11.52 -2.52
CA CYS A 321 30.06 12.77 -2.60
C CYS A 321 30.13 13.48 -1.25
N VAL A 322 31.27 14.09 -0.96
CA VAL A 322 31.50 14.70 0.35
C VAL A 322 30.52 15.82 0.71
N ASP A 323 29.97 16.50 -0.31
CA ASP A 323 29.06 17.61 -0.13
C ASP A 323 27.57 17.23 -0.16
N GLY A 324 27.28 15.92 -0.16
CA GLY A 324 25.90 15.46 -0.09
C GLY A 324 25.41 15.08 1.31
N PRO A 325 24.09 15.07 1.49
CA PRO A 325 23.56 14.72 2.81
C PRO A 325 23.71 13.28 3.23
N LEU A 326 23.87 12.34 2.32
CA LEU A 326 24.06 10.94 2.77
C LEU A 326 25.45 10.72 3.33
N PHE A 327 26.43 11.50 2.88
CA PHE A 327 27.79 11.30 3.35
C PHE A 327 27.94 11.33 4.89
N PRO A 328 27.44 12.36 5.57
CA PRO A 328 27.52 12.36 7.06
C PRO A 328 26.80 11.23 7.73
N VAL A 329 25.74 10.70 7.11
CA VAL A 329 25.04 9.53 7.68
C VAL A 329 25.95 8.31 7.64
N ALA A 330 26.50 8.03 6.45
CA ALA A 330 27.35 6.88 6.28
C ALA A 330 28.62 7.05 7.18
N GLU A 331 29.17 8.26 7.24
CA GLU A 331 30.36 8.47 8.05
C GLU A 331 30.10 8.26 9.57
N SER A 332 28.99 8.79 10.08
CA SER A 332 28.60 8.60 11.47
C SER A 332 28.43 7.15 11.83
N ALA A 333 27.87 6.35 10.91
CA ALA A 333 27.67 4.93 11.18
C ALA A 333 28.91 4.06 11.00
N GLY A 334 30.04 4.65 10.52
CA GLY A 334 31.27 3.87 10.27
C GLY A 334 31.21 2.98 9.01
N TYR A 335 30.50 3.45 7.99
CA TYR A 335 30.28 2.67 6.77
C TYR A 335 31.20 2.97 5.61
N PHE A 336 32.20 3.83 5.81
CA PHE A 336 33.16 4.13 4.77
C PHE A 336 34.48 3.38 4.95
N ALA A 337 35.12 3.05 3.82
CA ALA A 337 36.50 2.58 3.84
C ALA A 337 37.36 3.68 4.42
N THR A 338 38.45 3.27 5.10
CA THR A 338 39.25 4.21 5.83
C THR A 338 40.71 4.27 5.31
N ASP A 339 41.40 5.33 5.70
CA ASP A 339 42.82 5.50 5.36
C ASP A 339 43.65 4.84 6.49
N VAL A 340 44.97 4.87 6.30
CA VAL A 340 45.87 4.19 7.24
C VAL A 340 45.73 4.74 8.65
N ASP A 341 45.33 6.01 8.78
CA ASP A 341 45.04 6.65 10.10
C ASP A 341 43.62 6.43 10.68
N GLY A 342 42.77 5.63 10.04
CA GLY A 342 41.42 5.40 10.52
C GLY A 342 40.37 6.45 10.11
N LYS A 343 40.75 7.53 9.41
CA LYS A 343 39.80 8.49 8.89
C LYS A 343 39.12 7.99 7.60
N THR A 344 37.98 8.57 7.26
CA THR A 344 37.33 8.27 5.97
C THR A 344 38.28 8.54 4.82
N ALA A 345 38.49 7.55 3.98
CA ALA A 345 39.35 7.70 2.80
C ALA A 345 38.56 8.38 1.70
N LEU A 346 39.10 9.48 1.16
CA LEU A 346 38.45 10.18 0.10
C LEU A 346 39.10 9.81 -1.22
N VAL A 347 38.32 9.57 -2.25
CA VAL A 347 38.81 9.31 -3.59
C VAL A 347 38.44 10.50 -4.50
N ASP A 348 39.43 10.91 -5.30
CA ASP A 348 39.31 11.95 -6.24
C ASP A 348 38.70 11.51 -7.52
N PHE A 349 37.52 12.02 -7.85
CA PHE A 349 36.86 11.70 -9.14
C PHE A 349 36.98 12.79 -10.14
N GLY A 350 37.80 13.79 -9.86
CA GLY A 350 38.07 14.93 -10.72
C GLY A 350 37.56 16.25 -10.09
N GLU A 351 36.28 16.52 -10.34
CA GLU A 351 35.68 17.79 -9.87
C GLU A 351 35.18 17.69 -8.44
N PHE A 352 35.22 16.51 -7.84
CA PHE A 352 34.69 16.30 -6.48
C PHE A 352 35.31 15.03 -5.94
N ASP A 353 35.25 14.88 -4.65
CA ASP A 353 35.73 13.77 -3.87
C ASP A 353 34.52 13.02 -3.25
N CYS A 354 34.72 11.71 -3.05
CA CYS A 354 33.73 10.84 -2.43
C CYS A 354 34.34 9.90 -1.41
N GLY A 355 33.51 9.41 -0.51
CA GLY A 355 33.77 8.25 0.30
C GLY A 355 33.36 6.99 -0.40
N VAL A 356 33.95 5.88 -0.06
CA VAL A 356 33.67 4.57 -0.60
C VAL A 356 32.90 3.77 0.42
N VAL A 357 31.64 3.45 0.13
CA VAL A 357 30.83 2.65 1.09
C VAL A 357 31.46 1.25 1.18
N ASP A 358 31.83 0.82 2.36
CA ASP A 358 32.62 -0.39 2.56
C ASP A 358 31.70 -1.63 2.63
N PHE A 359 31.50 -2.25 1.48
CA PHE A 359 30.74 -3.46 1.38
C PHE A 359 31.29 -4.68 2.07
N THR A 360 32.52 -4.63 2.56
CA THR A 360 33.04 -5.69 3.41
C THR A 360 32.51 -5.63 4.82
N ASN A 361 31.91 -4.50 5.19
CA ASN A 361 31.20 -4.34 6.46
C ASN A 361 29.72 -4.76 6.18
N PRO A 362 29.26 -5.92 6.68
CA PRO A 362 27.89 -6.36 6.36
C PRO A 362 26.79 -5.30 6.68
N ALA A 363 26.97 -4.53 7.76
CA ALA A 363 26.02 -3.49 8.12
C ALA A 363 25.96 -2.37 7.08
N ALA A 364 27.12 -2.03 6.49
CA ALA A 364 27.17 -1.03 5.46
C ALA A 364 26.54 -1.53 4.15
N ALA A 365 26.85 -2.76 3.81
CA ALA A 365 26.25 -3.40 2.62
C ALA A 365 24.71 -3.47 2.79
N ASP A 366 24.26 -3.87 3.95
CA ASP A 366 22.79 -3.96 4.25
C ASP A 366 22.16 -2.58 4.21
N TRP A 367 22.82 -1.61 4.81
CA TRP A 367 22.33 -0.25 4.74
C TRP A 367 22.14 0.24 3.31
N PHE A 368 23.17 0.07 2.43
CA PHE A 368 23.05 0.54 1.08
C PHE A 368 21.85 -0.17 0.36
N ALA A 369 21.74 -1.46 0.54
CA ALA A 369 20.63 -2.24 -0.11
C ALA A 369 19.29 -1.76 0.42
N ALA A 370 19.16 -1.51 1.71
CA ALA A 370 17.83 -1.18 2.31
C ALA A 370 17.46 0.30 2.13
N ALA A 371 18.38 1.19 2.46
CA ALA A 371 18.14 2.64 2.43
C ALA A 371 18.16 3.29 1.04
N ILE A 372 19.14 2.85 0.22
CA ILE A 372 19.30 3.44 -1.08
C ILE A 372 18.58 2.62 -2.16
N ILE A 373 18.99 1.37 -2.38
CA ILE A 373 18.34 0.55 -3.46
C ILE A 373 16.83 0.37 -3.12
N GLY A 374 16.57 -0.01 -1.89
CA GLY A 374 15.19 -0.29 -1.41
C GLY A 374 14.33 0.95 -1.29
N LYS A 375 14.63 1.82 -0.33
CA LYS A 375 13.76 2.98 -0.07
C LYS A 375 13.84 4.04 -1.13
N ASN A 376 15.06 4.45 -1.47
CA ASN A 376 15.21 5.60 -2.33
C ASN A 376 14.98 5.37 -3.81
N MET A 377 15.14 4.14 -4.25
CA MET A 377 15.03 3.78 -5.64
C MET A 377 13.75 2.94 -5.93
N LEU A 378 13.72 1.72 -5.44
CA LEU A 378 12.59 0.84 -5.73
C LEU A 378 11.29 1.38 -5.14
N ASP A 379 11.32 1.77 -3.85
CA ASP A 379 10.06 2.26 -3.24
C ASP A 379 9.63 3.61 -3.85
N PHE A 380 10.57 4.36 -4.42
CA PHE A 380 10.26 5.61 -5.05
C PHE A 380 9.58 5.40 -6.40
N GLY A 381 9.70 4.23 -6.99
CA GLY A 381 9.00 3.88 -8.23
C GLY A 381 9.88 3.53 -9.44
N LEU A 382 11.20 3.46 -9.23
CA LEU A 382 12.15 3.06 -10.28
C LEU A 382 11.96 1.58 -10.61
N SER A 383 11.94 1.25 -11.90
CA SER A 383 11.90 -0.13 -12.40
C SER A 383 13.30 -0.61 -12.77
N GLY A 384 14.28 0.27 -12.67
CA GLY A 384 15.63 -0.11 -13.03
C GLY A 384 16.57 1.08 -12.94
N TRP A 385 17.84 0.84 -13.20
CA TRP A 385 18.83 1.89 -13.14
C TRP A 385 20.17 1.42 -13.72
N MET A 386 20.97 2.39 -14.09
CA MET A 386 22.44 2.17 -14.29
C MET A 386 23.06 2.02 -12.89
N ALA A 387 23.67 0.88 -12.65
CA ALA A 387 24.42 0.56 -11.44
C ALA A 387 25.92 0.61 -11.81
N ASP A 388 26.48 1.81 -11.62
CA ASP A 388 27.74 2.21 -12.25
C ASP A 388 28.93 2.00 -11.32
N PHE A 389 30.12 2.11 -11.91
CA PHE A 389 31.39 1.98 -11.21
C PHE A 389 31.60 0.63 -10.56
N GLY A 390 32.51 0.56 -9.57
CA GLY A 390 33.05 -0.69 -9.13
C GLY A 390 34.54 -0.92 -9.37
N GLU A 391 35.20 -0.01 -10.09
CA GLU A 391 36.58 -0.19 -10.57
C GLU A 391 37.63 0.64 -9.86
N TYR A 392 37.22 1.55 -9.00
CA TYR A 392 38.10 2.58 -8.44
C TYR A 392 38.60 2.30 -7.03
N LEU A 393 38.66 1.04 -6.60
CA LEU A 393 39.19 0.80 -5.25
C LEU A 393 40.72 0.92 -5.26
N PRO A 394 41.29 1.93 -4.56
CA PRO A 394 42.76 2.02 -4.57
C PRO A 394 43.38 1.01 -3.64
N ILE A 395 44.62 0.62 -3.90
CA ILE A 395 45.24 -0.44 -3.14
C ILE A 395 45.77 0.02 -1.78
N ASP A 396 45.74 1.31 -1.45
CA ASP A 396 46.18 1.79 -0.13
C ASP A 396 45.01 2.04 0.84
N ILE A 397 43.78 1.70 0.47
CA ILE A 397 42.60 1.93 1.33
C ILE A 397 42.48 0.77 2.32
N LYS A 398 41.83 0.99 3.45
CA LYS A 398 41.62 -0.07 4.45
C LYS A 398 40.16 -0.49 4.50
N LEU A 399 39.94 -1.79 4.53
CA LEU A 399 38.60 -2.36 4.53
C LEU A 399 38.29 -3.00 5.87
N SER A 400 37.02 -2.95 6.25
CA SER A 400 36.62 -3.47 7.55
C SER A 400 36.87 -4.96 7.75
N ASN A 401 36.89 -5.77 6.68
CA ASN A 401 37.20 -7.19 6.83
C ASN A 401 38.70 -7.49 7.03
N GLY A 402 39.56 -6.47 6.97
CA GLY A 402 40.96 -6.66 7.22
C GLY A 402 41.71 -7.25 6.04
N VAL A 403 41.03 -7.46 4.91
CA VAL A 403 41.65 -8.11 3.74
C VAL A 403 42.33 -7.01 2.99
N ASP A 404 43.52 -7.30 2.47
CA ASP A 404 44.30 -6.33 1.68
C ASP A 404 43.50 -5.78 0.48
N ALA A 405 43.55 -4.47 0.29
CA ALA A 405 42.87 -3.86 -0.88
C ALA A 405 43.38 -4.39 -2.21
N LYS A 406 44.60 -4.88 -2.26
CA LYS A 406 45.12 -5.60 -3.45
C LYS A 406 44.34 -6.80 -3.84
N LEU A 407 43.65 -7.40 -2.88
CA LEU A 407 42.77 -8.53 -3.11
C LEU A 407 41.28 -8.13 -3.21
N MET A 408 40.90 -7.04 -2.56
CA MET A 408 39.50 -6.58 -2.64
C MET A 408 39.18 -5.81 -3.90
N HIS A 409 40.18 -5.20 -4.51
CA HIS A 409 39.99 -4.38 -5.71
C HIS A 409 39.14 -5.13 -6.80
N ASN A 410 39.59 -6.30 -7.19
CA ASN A 410 38.85 -7.04 -8.24
C ASN A 410 37.53 -7.64 -7.75
N ALA A 411 37.44 -7.88 -6.45
CA ALA A 411 36.19 -8.41 -5.83
C ALA A 411 35.07 -7.38 -5.82
N TRP A 412 35.42 -6.10 -5.89
CA TRP A 412 34.45 -5.03 -5.65
C TRP A 412 33.25 -5.07 -6.57
N PRO A 413 33.45 -5.29 -7.89
CA PRO A 413 32.26 -5.22 -8.74
C PRO A 413 31.22 -6.30 -8.35
N THR A 414 31.69 -7.44 -7.92
CA THR A 414 30.77 -8.53 -7.55
C THR A 414 30.06 -8.20 -6.24
N LEU A 415 30.80 -7.63 -5.27
CA LEU A 415 30.14 -7.19 -4.03
C LEU A 415 29.08 -6.14 -4.31
N TRP A 416 29.40 -5.20 -5.19
CA TRP A 416 28.48 -4.16 -5.60
C TRP A 416 27.24 -4.72 -6.29
N ALA A 417 27.47 -5.68 -7.21
CA ALA A 417 26.34 -6.34 -7.92
C ALA A 417 25.42 -6.99 -6.87
N GLU A 418 26.00 -7.64 -5.87
CA GLU A 418 25.26 -8.32 -4.83
C GLU A 418 24.40 -7.35 -3.98
N VAL A 419 24.91 -6.16 -3.70
CA VAL A 419 24.15 -5.12 -2.98
C VAL A 419 22.89 -4.74 -3.79
N ASN A 420 23.09 -4.52 -5.08
CA ASN A 420 21.95 -4.24 -5.97
C ASN A 420 20.93 -5.42 -5.95
N ALA A 421 21.41 -6.62 -6.13
CA ALA A 421 20.55 -7.80 -6.17
C ALA A 421 19.77 -8.02 -4.87
N LYS A 422 20.43 -7.81 -3.72
CA LYS A 422 19.76 -7.93 -2.43
C LYS A 422 18.67 -6.93 -2.24
N GLY A 423 18.91 -5.70 -2.66
CA GLY A 423 17.86 -4.64 -2.58
C GLY A 423 16.65 -5.01 -3.41
N VAL A 424 16.92 -5.44 -4.64
CA VAL A 424 15.88 -5.87 -5.55
C VAL A 424 15.10 -7.05 -4.96
N GLU A 425 15.78 -8.06 -4.46
CA GLU A 425 15.12 -9.22 -3.88
C GLU A 425 14.28 -8.84 -2.64
N SER A 426 14.77 -7.86 -1.83
CA SER A 426 14.05 -7.41 -0.65
C SER A 426 12.66 -6.86 -0.98
N ARG A 427 12.46 -6.39 -2.21
CA ARG A 427 11.17 -5.88 -2.66
C ARG A 427 10.43 -6.89 -3.53
N GLY A 428 10.91 -8.14 -3.60
CA GLY A 428 10.29 -9.15 -4.46
C GLY A 428 10.36 -8.81 -5.95
N LYS A 429 11.37 -8.04 -6.38
CA LYS A 429 11.42 -7.61 -7.76
C LYS A 429 12.50 -8.28 -8.64
N THR A 430 13.04 -9.42 -8.21
CA THR A 430 14.05 -10.11 -9.01
C THR A 430 13.38 -10.61 -10.26
N GLY A 431 13.90 -10.25 -11.42
CA GLY A 431 13.23 -10.59 -12.69
C GLY A 431 12.23 -9.58 -13.22
N GLU A 432 12.05 -8.48 -12.47
CA GLU A 432 11.22 -7.39 -12.88
C GLU A 432 12.01 -6.05 -12.90
N ALA A 433 12.77 -5.76 -11.83
CA ALA A 433 13.69 -4.63 -11.86
C ALA A 433 14.89 -4.92 -12.75
N LEU A 434 15.30 -3.95 -13.54
CA LEU A 434 16.39 -4.12 -14.50
C LEU A 434 17.47 -3.12 -14.23
N PHE A 435 18.50 -3.56 -13.49
CA PHE A 435 19.71 -2.76 -13.38
C PHE A 435 20.80 -3.31 -14.25
N PHE A 436 21.69 -2.42 -14.66
CA PHE A 436 22.77 -2.78 -15.56
C PHE A 436 24.11 -2.22 -15.11
N MET A 437 25.15 -3.06 -15.26
CA MET A 437 26.48 -2.75 -14.75
C MET A 437 27.48 -2.77 -15.89
N ARG A 438 28.51 -1.93 -15.76
CA ARG A 438 29.63 -1.96 -16.69
C ARG A 438 30.81 -2.72 -16.09
N ALA A 439 30.95 -2.69 -14.75
CA ALA A 439 32.02 -3.39 -14.09
C ALA A 439 31.65 -4.77 -13.69
N GLY A 440 32.62 -5.67 -13.61
CA GLY A 440 32.42 -7.02 -13.22
C GLY A 440 33.68 -7.71 -12.78
N PHE A 441 33.50 -8.89 -12.24
CA PHE A 441 34.54 -9.85 -11.97
C PHE A 441 33.81 -11.20 -11.79
N THR A 442 34.56 -12.25 -11.52
CA THR A 442 33.99 -13.54 -11.21
C THR A 442 32.79 -13.40 -10.28
N GLY A 443 31.64 -13.96 -10.70
CA GLY A 443 30.47 -13.98 -9.83
C GLY A 443 29.42 -12.91 -10.03
N VAL A 444 29.76 -11.88 -10.81
CA VAL A 444 28.83 -10.84 -11.18
C VAL A 444 27.59 -11.43 -11.89
N GLN A 445 27.81 -12.55 -12.56
CA GLN A 445 26.79 -13.25 -13.34
C GLN A 445 25.55 -13.60 -12.51
N ALA A 446 25.79 -13.95 -11.24
CA ALA A 446 24.71 -14.42 -10.36
C ALA A 446 23.79 -13.29 -9.88
N HIS A 447 24.29 -12.06 -9.90
CA HIS A 447 23.61 -10.93 -9.29
C HIS A 447 23.11 -9.92 -10.30
N CYS A 448 23.85 -9.68 -11.36
CA CYS A 448 23.56 -8.62 -12.31
C CYS A 448 22.74 -9.24 -13.45
N PRO A 449 21.58 -8.63 -13.79
CA PRO A 449 20.72 -9.18 -14.85
C PRO A 449 21.06 -8.68 -16.27
N LEU A 450 21.92 -7.65 -16.40
CA LEU A 450 22.20 -7.03 -17.66
C LEU A 450 23.52 -6.29 -17.63
N ILE A 451 24.41 -6.57 -18.59
CA ILE A 451 25.68 -5.81 -18.75
C ILE A 451 25.48 -4.73 -19.76
N TRP A 452 26.19 -3.60 -19.58
CA TRP A 452 26.37 -2.67 -20.68
C TRP A 452 27.88 -2.47 -20.92
N GLY A 453 28.20 -2.08 -22.15
CA GLY A 453 29.59 -2.02 -22.60
C GLY A 453 30.44 -0.87 -22.03
N GLY A 454 29.94 -0.20 -21.02
CA GLY A 454 30.64 1.00 -20.48
C GLY A 454 30.72 2.13 -21.49
N ASP A 455 31.75 2.97 -21.33
CA ASP A 455 31.94 4.15 -22.13
C ASP A 455 32.75 3.84 -23.42
N GLN A 456 32.14 4.00 -24.58
CA GLN A 456 32.82 4.07 -25.87
C GLN A 456 33.02 5.51 -26.20
N SER A 457 34.04 5.81 -27.02
CA SER A 457 34.14 7.09 -27.66
C SER A 457 32.97 7.21 -28.62
N VAL A 458 32.63 8.43 -28.93
CA VAL A 458 31.56 8.76 -29.91
C VAL A 458 32.10 8.65 -31.36
N ASP A 459 32.58 7.48 -31.73
CA ASP A 459 33.18 7.31 -33.03
C ASP A 459 33.14 5.87 -33.52
N PHE A 460 33.70 5.66 -34.71
CA PHE A 460 33.83 4.35 -35.33
C PHE A 460 35.24 3.78 -35.17
N SER A 461 35.95 4.16 -34.13
CA SER A 461 37.35 3.71 -34.00
C SER A 461 37.42 2.25 -33.71
N ARG A 462 38.54 1.63 -34.07
CA ARG A 462 38.74 0.22 -33.89
C ARG A 462 38.83 -0.19 -32.43
N HIS A 463 39.44 0.66 -31.57
CA HIS A 463 39.67 0.26 -30.22
C HIS A 463 38.86 0.98 -29.18
N ASP A 464 38.03 1.93 -29.58
CA ASP A 464 37.06 2.47 -28.61
C ASP A 464 35.73 2.90 -29.17
N GLY A 465 35.40 2.41 -30.36
CA GLY A 465 34.16 2.82 -31.02
C GLY A 465 33.14 1.71 -31.06
N LEU A 466 32.21 1.87 -32.02
CA LEU A 466 31.09 0.93 -32.13
C LEU A 466 31.48 -0.52 -32.13
N VAL A 467 32.48 -0.89 -32.92
CA VAL A 467 32.90 -2.30 -33.05
C VAL A 467 33.33 -2.98 -31.76
N THR A 468 33.82 -2.20 -30.78
CA THR A 468 34.28 -2.80 -29.53
C THR A 468 33.15 -3.37 -28.71
N VAL A 469 31.94 -2.85 -28.94
CA VAL A 469 30.76 -3.36 -28.22
C VAL A 469 30.55 -4.84 -28.55
N ILE A 470 30.72 -5.19 -29.82
CA ILE A 470 30.47 -6.56 -30.28
C ILE A 470 31.43 -7.52 -29.60
N CYS A 471 32.69 -7.10 -29.52
CA CYS A 471 33.71 -7.89 -28.81
C CYS A 471 33.38 -8.10 -27.33
N GLY A 472 32.92 -7.03 -26.70
CA GLY A 472 32.49 -7.04 -25.29
C GLY A 472 31.29 -8.02 -25.12
N ALA A 473 30.35 -7.96 -26.04
CA ALA A 473 29.19 -8.87 -25.97
C ALA A 473 29.57 -10.34 -26.17
N LEU A 474 30.44 -10.64 -27.15
CA LEU A 474 30.84 -11.99 -27.42
C LEU A 474 31.63 -12.61 -26.29
N SER A 475 32.62 -11.88 -25.82
CA SER A 475 33.47 -12.38 -24.73
C SER A 475 32.65 -12.55 -23.41
N SER A 476 31.92 -11.53 -23.01
CA SER A 476 31.15 -11.59 -21.76
C SER A 476 30.05 -12.69 -21.81
N GLY A 477 29.51 -12.90 -23.02
CA GLY A 477 28.56 -14.00 -23.28
C GLY A 477 29.09 -15.37 -23.03
N LEU A 478 30.33 -15.64 -23.49
CA LEU A 478 30.93 -16.93 -23.19
C LEU A 478 31.20 -17.13 -21.70
N MET A 479 31.35 -16.03 -20.97
CA MET A 479 31.59 -16.10 -19.52
C MET A 479 30.27 -16.21 -18.73
N GLY A 480 29.11 -16.29 -19.42
CA GLY A 480 27.84 -16.54 -18.75
C GLY A 480 26.94 -15.36 -18.51
N ASN A 481 27.31 -14.20 -19.05
CA ASN A 481 26.47 -13.00 -19.03
C ASN A 481 25.64 -12.99 -20.33
N ALA A 482 24.39 -13.40 -20.22
CA ALA A 482 23.61 -13.69 -21.43
C ALA A 482 23.12 -12.44 -22.13
N TYR A 483 23.09 -11.28 -21.44
CA TYR A 483 22.51 -10.07 -21.96
C TYR A 483 23.50 -8.92 -21.92
N HIS A 484 23.71 -8.29 -23.06
CA HIS A 484 24.69 -7.18 -23.22
C HIS A 484 24.02 -6.10 -24.01
N HIS A 485 24.37 -4.84 -23.78
CA HIS A 485 23.93 -3.76 -24.64
C HIS A 485 24.91 -2.62 -24.53
N SER A 486 24.67 -1.56 -25.25
CA SER A 486 25.55 -0.39 -25.24
C SER A 486 24.78 0.92 -25.26
N ASP A 487 25.49 2.00 -24.93
CA ASP A 487 24.95 3.32 -25.14
C ASP A 487 24.80 3.58 -26.65
N ILE A 488 23.58 3.80 -27.13
CA ILE A 488 23.40 4.13 -28.53
C ILE A 488 24.06 5.46 -28.86
N GLY A 489 25.05 5.43 -29.73
CA GLY A 489 25.81 6.59 -30.11
C GLY A 489 27.07 6.82 -29.28
N GLY A 490 27.40 5.87 -28.43
CA GLY A 490 28.60 5.98 -27.57
C GLY A 490 28.45 7.06 -26.48
N TYR A 491 29.50 7.26 -25.72
CA TYR A 491 29.48 8.14 -24.54
C TYR A 491 30.51 9.29 -24.60
N THR A 492 31.78 8.95 -24.74
CA THR A 492 32.86 9.93 -24.47
C THR A 492 33.11 10.87 -25.59
N SER A 493 32.84 12.13 -25.37
CA SER A 493 33.13 13.22 -26.25
C SER A 493 34.16 14.12 -25.61
N LEU A 494 35.37 14.08 -26.17
CA LEU A 494 36.49 14.94 -25.68
C LEU A 494 37.32 15.32 -26.88
N PHE A 495 38.10 16.39 -26.76
CA PHE A 495 39.08 16.76 -27.77
C PHE A 495 38.48 16.96 -29.14
N GLY A 496 37.28 17.54 -29.15
CA GLY A 496 36.60 17.74 -30.43
C GLY A 496 35.90 16.53 -31.06
N ASN A 497 35.98 15.37 -30.44
CA ASN A 497 35.36 14.16 -30.98
C ASN A 497 33.86 14.24 -30.59
N VAL A 498 33.01 14.36 -31.61
CA VAL A 498 31.55 14.57 -31.39
C VAL A 498 30.82 13.61 -32.33
N ARG A 499 29.56 13.31 -31.97
CA ARG A 499 28.78 12.36 -32.78
C ARG A 499 28.47 12.92 -34.16
N THR A 500 28.27 12.00 -35.10
CA THR A 500 27.59 12.33 -36.34
C THR A 500 26.23 11.62 -36.39
N ALA A 501 25.39 12.10 -37.30
CA ALA A 501 24.10 11.44 -37.56
C ALA A 501 24.30 10.00 -37.93
N GLU A 502 25.28 9.75 -38.79
CA GLU A 502 25.62 8.41 -39.25
C GLU A 502 26.01 7.50 -38.13
N LEU A 503 26.86 7.99 -37.21
CA LEU A 503 27.21 7.19 -36.09
C LEU A 503 25.98 6.76 -35.27
N ILE A 504 25.09 7.68 -34.98
CA ILE A 504 23.90 7.34 -34.21
C ILE A 504 23.07 6.25 -34.92
N MET A 505 22.87 6.46 -36.22
CA MET A 505 22.09 5.51 -37.02
C MET A 505 22.68 4.13 -37.08
N ARG A 506 23.99 4.03 -37.37
CA ARG A 506 24.61 2.71 -37.34
C ARG A 506 24.55 2.05 -35.98
N TRP A 507 24.71 2.82 -34.91
CA TRP A 507 24.69 2.23 -33.58
C TRP A 507 23.27 1.71 -33.24
N THR A 508 22.28 2.49 -33.64
CA THR A 508 20.83 2.12 -33.46
C THR A 508 20.51 0.83 -34.22
N GLU A 509 21.04 0.71 -35.45
CA GLU A 509 20.89 -0.53 -36.26
C GLU A 509 21.34 -1.76 -35.53
N MET A 510 22.54 -1.71 -34.90
CA MET A 510 23.01 -2.82 -34.12
C MET A 510 22.10 -3.06 -32.92
N ALA A 511 21.79 -1.98 -32.21
CA ALA A 511 21.10 -2.10 -30.91
C ALA A 511 19.71 -2.75 -31.01
N ALA A 512 19.06 -2.55 -32.16
CA ALA A 512 17.74 -3.23 -32.40
C ALA A 512 17.82 -4.71 -32.39
N PHE A 513 19.01 -5.26 -32.67
CA PHE A 513 19.28 -6.70 -32.62
C PHE A 513 20.19 -7.03 -31.44
N THR A 514 19.81 -6.48 -30.27
CA THR A 514 20.40 -6.83 -28.98
C THR A 514 19.28 -6.78 -27.95
N PRO A 515 19.52 -7.24 -26.72
CA PRO A 515 18.42 -7.29 -25.74
C PRO A 515 17.78 -5.98 -25.40
N VAL A 516 18.57 -4.87 -25.41
CA VAL A 516 18.05 -3.59 -24.95
C VAL A 516 18.51 -2.42 -25.75
N MET A 517 17.55 -1.65 -26.28
CA MET A 517 17.86 -0.37 -26.94
C MET A 517 17.85 0.73 -25.86
N ARG A 518 18.95 1.44 -25.70
CA ARG A 518 19.01 2.52 -24.71
C ARG A 518 19.90 3.64 -25.25
N THR A 519 19.39 4.86 -25.18
CA THR A 519 20.11 6.05 -25.60
C THR A 519 20.77 6.72 -24.39
N HIS A 520 21.58 7.74 -24.65
CA HIS A 520 22.37 8.44 -23.61
C HIS A 520 22.81 9.76 -24.21
N GLU A 521 22.57 10.84 -23.48
CA GLU A 521 23.02 12.14 -23.97
C GLU A 521 24.55 12.33 -23.85
N GLY A 522 25.18 11.52 -23.03
CA GLY A 522 26.67 11.51 -22.89
C GLY A 522 27.23 12.55 -21.90
N ASN A 523 28.57 12.72 -21.99
CA ASN A 523 29.24 13.59 -21.03
C ASN A 523 29.09 15.06 -21.33
N ARG A 524 28.82 15.41 -22.58
CA ARG A 524 28.68 16.80 -23.02
C ARG A 524 27.50 16.94 -23.94
N PRO A 525 26.29 16.82 -23.36
CA PRO A 525 25.03 16.78 -24.18
C PRO A 525 24.86 17.88 -25.20
N ARG A 526 25.20 19.13 -24.86
CA ARG A 526 25.00 20.21 -25.79
C ARG A 526 26.00 20.25 -26.92
N ASP A 527 27.12 19.55 -26.80
CA ASP A 527 28.09 19.47 -27.89
C ASP A 527 27.83 18.33 -28.88
N ASN A 528 26.90 17.43 -28.58
CA ASN A 528 26.69 16.22 -29.35
C ASN A 528 25.26 16.10 -29.82
N LEU A 529 25.13 15.64 -31.04
CA LEU A 529 23.81 15.33 -31.60
C LEU A 529 23.09 14.28 -30.77
N GLN A 530 21.79 14.51 -30.56
CA GLN A 530 20.95 13.58 -29.82
C GLN A 530 19.83 13.09 -30.73
N ILE A 531 19.20 11.98 -30.36
CA ILE A 531 18.24 11.34 -31.31
C ILE A 531 17.04 12.23 -31.71
N ASP A 532 16.67 13.16 -30.83
CA ASP A 532 15.56 14.06 -31.10
C ASP A 532 15.91 15.31 -31.92
N GLN A 533 17.16 15.50 -32.27
CA GLN A 533 17.62 16.79 -32.84
C GLN A 533 17.84 16.77 -34.34
N ASP A 534 17.65 15.64 -34.98
CA ASP A 534 17.76 15.58 -36.45
C ASP A 534 16.60 14.69 -36.90
N GLU A 535 15.77 15.21 -37.81
CA GLU A 535 14.54 14.49 -38.24
C GLU A 535 14.82 13.15 -38.89
N THR A 536 15.90 13.06 -39.67
CA THR A 536 16.30 11.80 -40.32
C THR A 536 16.73 10.77 -39.30
N VAL A 537 17.58 11.19 -38.35
CA VAL A 537 17.98 10.30 -37.27
C VAL A 537 16.78 9.81 -36.46
N LEU A 538 15.90 10.74 -36.13
CA LEU A 538 14.73 10.37 -35.27
C LEU A 538 13.81 9.37 -35.99
N ALA A 539 13.56 9.60 -37.27
CA ALA A 539 12.70 8.67 -38.09
C ALA A 539 13.35 7.30 -38.20
N HIS A 540 14.67 7.30 -38.44
CA HIS A 540 15.42 6.06 -38.44
C HIS A 540 15.34 5.34 -37.11
N PHE A 541 15.49 6.10 -36.01
CA PHE A 541 15.39 5.53 -34.66
C PHE A 541 14.00 4.89 -34.41
N ALA A 542 12.95 5.65 -34.75
CA ALA A 542 11.59 5.16 -34.55
C ALA A 542 11.36 3.85 -35.30
N ARG A 543 11.78 3.83 -36.57
CA ARG A 543 11.67 2.61 -37.37
C ARG A 543 12.43 1.46 -36.73
N MET A 544 13.67 1.66 -36.25
CA MET A 544 14.38 0.56 -35.65
C MET A 544 13.72 0.07 -34.36
N THR A 545 13.11 0.99 -33.59
CA THR A 545 12.35 0.55 -32.41
C THR A 545 11.13 -0.31 -32.81
N ALA A 546 10.51 -0.02 -33.93
CA ALA A 546 9.41 -0.89 -34.41
C ALA A 546 9.90 -2.27 -34.80
N ILE A 547 11.08 -2.34 -35.41
CA ILE A 547 11.71 -3.61 -35.69
C ILE A 547 12.01 -4.37 -34.42
N TYR A 548 12.58 -3.69 -33.41
CA TYR A 548 12.86 -4.35 -32.11
C TYR A 548 11.57 -4.93 -31.50
N VAL A 549 10.53 -4.12 -31.47
CA VAL A 549 9.22 -4.59 -30.88
C VAL A 549 8.66 -5.80 -31.67
N ALA A 550 8.73 -5.73 -32.99
CA ALA A 550 8.28 -6.87 -33.81
C ALA A 550 9.09 -8.14 -33.55
N LEU A 551 10.38 -7.98 -33.26
CA LEU A 551 11.23 -9.10 -32.90
C LEU A 551 11.08 -9.66 -31.51
N ALA A 552 10.30 -9.00 -30.66
CA ALA A 552 10.19 -9.41 -29.25
C ALA A 552 9.92 -10.89 -29.02
N PRO A 553 9.00 -11.50 -29.81
CA PRO A 553 8.78 -12.92 -29.53
C PRO A 553 10.02 -13.79 -29.69
N TYR A 554 10.86 -13.44 -30.67
CA TYR A 554 12.12 -14.18 -30.89
C TYR A 554 13.11 -13.90 -29.75
N LEU A 555 13.32 -12.64 -29.43
CA LEU A 555 14.18 -12.29 -28.27
C LEU A 555 13.71 -12.97 -26.96
N LYS A 556 12.39 -12.98 -26.72
CA LYS A 556 11.82 -13.74 -25.57
C LYS A 556 12.24 -15.20 -25.57
N SER A 557 12.19 -15.85 -26.73
CA SER A 557 12.58 -17.26 -26.83
C SER A 557 14.08 -17.39 -26.51
N LEU A 558 14.89 -16.42 -26.92
CA LEU A 558 16.33 -16.45 -26.60
C LEU A 558 16.57 -16.24 -25.12
N SER A 559 15.79 -15.37 -24.49
CA SER A 559 15.90 -15.18 -23.03
C SER A 559 15.52 -16.45 -22.27
N ALA A 560 14.45 -17.12 -22.73
CA ALA A 560 14.06 -18.39 -22.14
C ALA A 560 15.19 -19.42 -22.29
N GLU A 561 15.83 -19.46 -23.48
CA GLU A 561 16.95 -20.37 -23.70
C GLU A 561 18.10 -20.03 -22.73
N ALA A 562 18.37 -18.76 -22.56
CA ALA A 562 19.46 -18.32 -21.65
C ALA A 562 19.21 -18.79 -20.21
N ALA A 563 17.96 -18.67 -19.74
CA ALA A 563 17.63 -19.16 -18.41
C ALA A 563 17.77 -20.68 -18.30
N LYS A 564 17.40 -21.40 -19.35
CA LYS A 564 17.35 -22.87 -19.31
C LYS A 564 18.75 -23.49 -19.56
N THR A 565 19.53 -22.93 -20.48
CA THR A 565 20.83 -23.54 -20.90
C THR A 565 22.06 -22.64 -20.69
N GLY A 566 21.85 -21.39 -20.34
CA GLY A 566 22.93 -20.46 -20.10
C GLY A 566 23.51 -19.78 -21.33
N LEU A 567 23.12 -20.18 -22.54
CA LEU A 567 23.68 -19.58 -23.73
C LEU A 567 23.34 -18.12 -23.88
N PRO A 568 24.34 -17.30 -24.25
CA PRO A 568 24.09 -15.89 -24.38
C PRO A 568 23.21 -15.62 -25.58
N VAL A 569 22.54 -14.48 -25.54
CA VAL A 569 21.74 -14.01 -26.66
C VAL A 569 22.58 -13.71 -27.92
N GLN A 570 23.74 -13.06 -27.73
CA GLN A 570 24.68 -12.77 -28.79
C GLN A 570 25.81 -13.81 -28.74
N ARG A 571 25.91 -14.63 -29.79
CA ARG A 571 26.78 -15.79 -29.80
C ARG A 571 27.81 -15.67 -30.92
N PRO A 572 29.03 -16.18 -30.69
CA PRO A 572 30.04 -16.16 -31.76
C PRO A 572 29.65 -17.21 -32.80
N LEU A 573 30.07 -17.01 -34.05
CA LEU A 573 29.69 -17.94 -35.11
C LEU A 573 30.13 -19.37 -34.86
N PHE A 574 31.29 -19.54 -34.22
CA PHE A 574 31.83 -20.87 -33.99
C PHE A 574 31.01 -21.71 -33.06
N LEU A 575 30.15 -21.10 -32.25
CA LEU A 575 29.33 -21.85 -31.30
C LEU A 575 28.38 -22.79 -32.03
N HIS A 576 27.87 -22.36 -33.19
CA HIS A 576 26.93 -23.19 -33.97
C HIS A 576 27.51 -23.73 -35.27
N TYR A 577 28.77 -23.40 -35.59
CA TYR A 577 29.44 -23.83 -36.81
C TYR A 577 30.87 -24.27 -36.49
N GLU A 578 30.96 -25.27 -35.63
CA GLU A 578 32.23 -25.76 -35.11
C GLU A 578 33.19 -26.28 -36.20
N ASN A 579 32.65 -26.82 -37.28
CA ASN A 579 33.51 -27.40 -38.32
C ASN A 579 33.99 -26.39 -39.35
N GLU A 580 33.71 -25.11 -39.16
CA GLU A 580 34.09 -24.07 -40.08
C GLU A 580 35.15 -23.14 -39.44
N PRO A 581 36.45 -23.45 -39.68
CA PRO A 581 37.59 -22.69 -39.13
C PRO A 581 37.48 -21.19 -39.29
N GLN A 582 36.93 -20.71 -40.40
CA GLN A 582 36.80 -19.28 -40.62
C GLN A 582 35.86 -18.53 -39.67
N THR A 583 35.06 -19.24 -38.90
CA THR A 583 34.21 -18.63 -37.87
C THR A 583 34.92 -18.35 -36.50
N TYR A 584 36.13 -18.87 -36.32
CA TYR A 584 36.69 -18.95 -34.98
C TYR A 584 37.24 -17.63 -34.39
N ALA A 585 37.69 -16.74 -35.26
CA ALA A 585 38.19 -15.45 -34.83
C ALA A 585 37.26 -14.27 -35.10
N VAL A 586 36.13 -14.51 -35.79
CA VAL A 586 35.21 -13.44 -36.19
C VAL A 586 34.67 -12.73 -34.95
N GLN A 587 34.88 -11.40 -34.86
CA GLN A 587 34.39 -10.62 -33.70
C GLN A 587 33.62 -9.37 -34.04
N ASP A 588 33.30 -9.14 -35.31
CA ASP A 588 32.42 -8.04 -35.68
C ASP A 588 31.08 -8.52 -36.30
N CYS A 589 30.75 -9.78 -36.08
CA CYS A 589 29.44 -10.35 -36.43
C CYS A 589 29.05 -11.25 -35.31
N TYR A 590 27.74 -11.44 -35.14
CA TYR A 590 27.29 -12.39 -34.14
C TYR A 590 26.02 -13.11 -34.61
N LEU A 591 25.80 -14.28 -34.03
CA LEU A 591 24.53 -14.99 -34.15
C LEU A 591 23.60 -14.48 -33.03
N TYR A 592 22.47 -13.91 -33.45
CA TYR A 592 21.45 -13.41 -32.52
C TYR A 592 20.52 -14.59 -32.36
N GLY A 593 20.81 -15.39 -31.34
CA GLY A 593 20.28 -16.73 -31.24
C GLY A 593 20.88 -17.59 -32.35
N ALA A 594 20.36 -18.79 -32.52
CA ALA A 594 20.84 -19.70 -33.56
C ALA A 594 20.33 -19.31 -34.97
N ASP A 595 19.26 -18.50 -35.04
CA ASP A 595 18.52 -18.33 -36.28
C ASP A 595 18.73 -17.03 -37.04
N MET A 596 19.48 -16.07 -36.47
CA MET A 596 19.74 -14.81 -37.15
C MET A 596 21.24 -14.52 -37.09
N LEU A 597 21.75 -13.85 -38.12
CA LEU A 597 23.15 -13.42 -38.20
C LEU A 597 23.15 -11.92 -38.40
N VAL A 598 23.92 -11.21 -37.59
CA VAL A 598 24.00 -9.77 -37.62
C VAL A 598 25.46 -9.35 -37.86
N ALA A 599 25.65 -8.49 -38.86
CA ALA A 599 26.98 -7.99 -39.24
C ALA A 599 26.93 -6.48 -39.27
N PRO A 600 27.03 -5.85 -38.09
CA PRO A 600 26.92 -4.40 -38.05
C PRO A 600 27.98 -3.68 -38.91
N VAL A 601 27.60 -2.59 -39.56
CA VAL A 601 28.52 -1.64 -40.18
C VAL A 601 29.20 -0.84 -39.05
N TRP A 602 30.54 -0.84 -39.03
CA TRP A 602 31.30 -0.16 -37.99
C TRP A 602 32.29 0.89 -38.45
N LYS A 603 32.15 1.34 -39.69
CA LYS A 603 32.94 2.43 -40.27
C LYS A 603 32.04 3.42 -41.00
N ALA A 604 32.51 4.67 -41.03
CA ALA A 604 31.79 5.72 -41.74
C ALA A 604 31.91 5.54 -43.25
N GLY A 605 30.87 5.95 -43.95
CA GLY A 605 30.88 6.05 -45.41
C GLY A 605 30.64 4.71 -46.11
N GLU A 606 30.31 3.65 -45.39
CA GLU A 606 30.13 2.35 -46.01
C GLU A 606 28.71 2.24 -46.56
N THR A 607 28.57 1.79 -47.79
CA THR A 607 27.26 1.51 -48.43
C THR A 607 26.99 0.00 -48.56
N GLN A 608 28.01 -0.81 -48.25
CA GLN A 608 28.00 -2.27 -48.35
C GLN A 608 28.68 -2.87 -47.17
N ARG A 609 28.45 -4.17 -46.95
CA ARG A 609 29.10 -4.93 -45.89
C ARG A 609 29.46 -6.30 -46.41
N SER A 610 30.69 -6.73 -46.16
CA SER A 610 31.18 -8.07 -46.54
C SER A 610 31.32 -8.86 -45.29
N LEU A 611 30.98 -10.15 -45.37
CA LEU A 611 31.05 -11.03 -44.19
C LEU A 611 31.11 -12.47 -44.64
N TYR A 612 31.52 -13.36 -43.74
CA TYR A 612 31.45 -14.78 -43.95
C TYR A 612 30.08 -15.31 -43.50
N LEU A 613 29.31 -15.90 -44.43
CA LEU A 613 28.07 -16.63 -44.09
C LEU A 613 28.37 -18.09 -43.81
N PRO A 614 28.03 -18.60 -42.63
CA PRO A 614 28.39 -19.96 -42.26
C PRO A 614 27.32 -21.01 -42.64
N GLY A 615 27.67 -22.27 -42.58
CA GLY A 615 26.72 -23.35 -42.78
C GLY A 615 26.64 -23.87 -44.20
N HIS A 616 25.84 -24.90 -44.38
CA HIS A 616 25.64 -25.50 -45.70
C HIS A 616 24.19 -25.39 -46.20
N GLY A 617 23.36 -24.61 -45.52
CA GLY A 617 22.05 -24.27 -45.99
C GLY A 617 22.01 -22.90 -46.63
N GLU A 618 20.90 -22.22 -46.42
CA GLU A 618 20.63 -20.94 -47.03
C GLU A 618 20.25 -19.98 -45.92
N TRP A 619 20.69 -18.74 -46.10
CA TRP A 619 20.33 -17.64 -45.23
C TRP A 619 19.48 -16.71 -46.09
N VAL A 620 18.51 -16.07 -45.46
CA VAL A 620 17.63 -15.13 -46.12
C VAL A 620 18.01 -13.73 -45.63
N HIS A 621 18.28 -12.83 -46.55
CA HIS A 621 18.55 -11.44 -46.21
C HIS A 621 17.27 -10.77 -45.72
N LEU A 622 17.33 -10.13 -44.56
CA LEU A 622 16.10 -9.73 -43.86
C LEU A 622 15.26 -8.71 -44.63
N TRP A 623 15.90 -7.76 -45.28
CA TRP A 623 15.21 -6.63 -45.90
C TRP A 623 14.72 -6.92 -47.31
N SER A 624 15.42 -7.78 -48.06
CA SER A 624 15.10 -8.11 -49.45
C SER A 624 14.38 -9.46 -49.64
N GLY A 625 14.53 -10.38 -48.67
CA GLY A 625 14.07 -11.76 -48.88
C GLY A 625 14.90 -12.58 -49.83
N LYS A 626 15.98 -12.03 -50.35
CA LYS A 626 16.88 -12.77 -51.28
C LYS A 626 17.64 -13.78 -50.45
N ARG A 627 17.89 -14.92 -51.00
CA ARG A 627 18.56 -16.04 -50.39
C ARG A 627 20.07 -16.01 -50.70
N HIS A 628 20.88 -16.48 -49.76
CA HIS A 628 22.34 -16.56 -49.94
C HIS A 628 22.80 -17.91 -49.41
N ALA A 629 23.67 -18.57 -50.16
CA ALA A 629 24.15 -19.92 -49.78
C ALA A 629 25.23 -19.78 -48.69
N GLY A 630 25.10 -20.55 -47.63
CA GLY A 630 26.13 -20.60 -46.59
C GLY A 630 27.47 -21.14 -47.11
N GLY A 631 28.53 -20.86 -46.37
CA GLY A 631 29.86 -21.44 -46.64
C GLY A 631 30.79 -20.58 -47.46
N ARG A 632 30.55 -19.27 -47.53
CA ARG A 632 31.33 -18.37 -48.38
CA ARG A 632 31.33 -18.37 -48.38
C ARG A 632 31.24 -16.94 -47.89
N ASP A 633 32.21 -16.11 -48.33
CA ASP A 633 32.11 -14.67 -48.14
C ASP A 633 31.06 -14.06 -49.07
N ILE A 634 30.30 -13.08 -48.58
CA ILE A 634 29.32 -12.37 -49.40
C ILE A 634 29.39 -10.90 -49.14
N THR A 635 28.80 -10.12 -50.02
CA THR A 635 28.72 -8.69 -49.84
C THR A 635 27.27 -8.29 -50.10
N VAL A 636 26.67 -7.54 -49.20
CA VAL A 636 25.30 -7.01 -49.39
C VAL A 636 25.28 -5.49 -49.27
N GLU A 637 24.27 -4.86 -49.87
CA GLU A 637 24.02 -3.45 -49.74
C GLU A 637 23.50 -3.17 -48.33
N THR A 638 24.07 -2.14 -47.69
CA THR A 638 23.68 -1.73 -46.34
C THR A 638 23.47 -0.24 -46.29
N PRO A 639 22.46 0.24 -47.00
CA PRO A 639 22.11 1.64 -46.78
C PRO A 639 21.58 1.83 -45.37
N LEU A 640 21.54 3.07 -44.92
CA LEU A 640 21.08 3.38 -43.57
C LEU A 640 19.65 2.85 -43.42
N GLY A 641 19.38 2.13 -42.34
CA GLY A 641 18.10 1.45 -42.11
C GLY A 641 18.05 0.00 -42.47
N GLU A 642 19.05 -0.46 -43.21
CA GLU A 642 19.10 -1.85 -43.68
C GLU A 642 20.41 -2.50 -43.32
N PRO A 643 20.62 -2.74 -42.01
CA PRO A 643 21.84 -3.47 -41.64
C PRO A 643 21.89 -4.87 -42.21
N ALA A 644 23.09 -5.41 -42.35
CA ALA A 644 23.35 -6.72 -42.90
C ALA A 644 22.91 -7.74 -41.87
N VAL A 645 21.65 -8.16 -41.99
CA VAL A 645 21.02 -9.13 -41.11
C VAL A 645 20.40 -10.24 -41.95
N PHE A 646 20.56 -11.48 -41.50
CA PHE A 646 20.08 -12.65 -42.24
C PHE A 646 19.40 -13.58 -41.28
N TYR A 647 18.49 -14.41 -41.78
CA TYR A 647 17.87 -15.45 -40.96
C TYR A 647 17.92 -16.78 -41.66
N ARG A 648 18.02 -17.86 -40.90
CA ARG A 648 18.02 -19.19 -41.52
C ARG A 648 16.70 -19.50 -42.24
N ALA A 649 16.80 -19.97 -43.49
CA ALA A 649 15.62 -20.31 -44.30
C ALA A 649 14.68 -21.29 -43.60
N ASP A 650 15.29 -22.19 -42.84
CA ASP A 650 14.56 -23.23 -42.10
C ASP A 650 14.14 -22.84 -40.68
N SER A 651 14.31 -21.58 -40.31
CA SER A 651 13.93 -21.12 -38.97
C SER A 651 12.43 -21.29 -38.72
N SER A 652 12.12 -21.77 -37.50
CA SER A 652 10.72 -21.89 -37.05
C SER A 652 10.05 -20.53 -36.90
N HIS A 653 10.86 -19.46 -36.79
CA HIS A 653 10.34 -18.11 -36.69
C HIS A 653 10.27 -17.41 -38.02
N HIS A 654 10.29 -18.15 -39.12
CA HIS A 654 10.31 -17.52 -40.43
C HIS A 654 9.15 -16.57 -40.69
N ARG A 655 7.94 -16.90 -40.20
CA ARG A 655 6.76 -16.02 -40.46
C ARG A 655 7.03 -14.64 -39.82
N LEU A 656 7.54 -14.66 -38.59
CA LEU A 656 7.94 -13.41 -37.95
C LEU A 656 9.00 -12.61 -38.70
N PHE A 657 10.07 -13.30 -39.11
CA PHE A 657 11.14 -12.65 -39.85
C PHE A 657 10.66 -12.05 -41.19
N GLU A 658 9.79 -12.77 -41.87
CA GLU A 658 9.14 -12.26 -43.10
C GLU A 658 8.39 -10.95 -42.89
N GLN A 659 7.71 -10.79 -41.75
CA GLN A 659 7.00 -9.54 -41.43
C GLN A 659 7.94 -8.35 -41.29
N LEU A 660 9.17 -8.55 -40.82
CA LEU A 660 10.11 -7.41 -40.59
C LEU A 660 10.44 -6.64 -41.85
N ARG A 661 10.46 -7.40 -42.95
CA ARG A 661 10.65 -6.83 -44.27
C ARG A 661 9.58 -5.76 -44.58
N THR A 662 8.37 -6.00 -44.15
CA THR A 662 7.19 -5.12 -44.36
C THR A 662 7.24 -3.86 -43.50
N ILE A 663 7.70 -3.96 -42.25
CA ILE A 663 7.83 -2.72 -41.39
C ILE A 663 9.03 -1.82 -41.62
N MET B 1 -25.14 26.72 27.16
CA MET B 1 -24.25 27.78 27.79
C MET B 1 -24.92 29.14 27.67
N HIS B 2 -24.96 29.86 28.77
CA HIS B 2 -25.84 30.99 28.91
C HIS B 2 -25.02 32.12 29.54
N PHE B 3 -24.93 33.23 28.81
CA PHE B 3 -24.30 34.46 29.20
C PHE B 3 -25.34 35.38 29.86
N GLU B 4 -24.90 36.18 30.84
CA GLU B 4 -25.83 36.95 31.65
C GLU B 4 -25.15 38.15 32.27
N THR B 5 -25.79 39.31 32.28
CA THR B 5 -25.27 40.49 32.96
C THR B 5 -25.52 40.41 34.48
N THR B 6 -24.67 41.12 35.24
CA THR B 6 -24.82 41.26 36.71
C THR B 6 -24.71 42.68 37.36
N LYS B 7 -24.18 43.64 36.69
CA LYS B 7 -24.12 45.12 36.98
C LYS B 7 -22.77 45.74 36.48
N ASP B 8 -21.65 45.18 36.95
CA ASP B 8 -20.24 45.56 36.66
C ASP B 8 -19.60 44.49 35.72
N GLY B 9 -20.29 43.37 35.53
CA GLY B 9 -19.84 42.36 34.63
C GLY B 9 -20.88 41.29 34.48
N PHE B 10 -20.36 40.08 34.29
CA PHE B 10 -21.13 38.98 33.70
C PHE B 10 -20.83 37.61 34.31
N THR B 11 -21.75 36.70 34.05
CA THR B 11 -21.60 35.30 34.36
C THR B 11 -21.87 34.44 33.12
N ILE B 12 -21.29 33.25 33.13
CA ILE B 12 -21.50 32.25 32.12
C ILE B 12 -21.81 30.97 32.85
N ALA B 13 -22.88 30.29 32.42
CA ALA B 13 -23.36 29.10 33.09
C ALA B 13 -23.58 27.94 32.11
N ILE B 14 -23.57 26.72 32.62
CA ILE B 14 -24.12 25.56 31.92
C ILE B 14 -25.36 25.19 32.72
N GLY B 15 -26.52 25.39 32.11
CA GLY B 15 -27.82 25.25 32.75
C GLY B 15 -27.89 25.92 34.11
N ASN B 16 -28.20 25.13 35.13
CA ASN B 16 -28.34 25.63 36.49
C ASN B 16 -26.98 26.10 37.07
N ARG B 17 -25.84 25.85 36.40
CA ARG B 17 -24.50 25.91 37.04
C ARG B 17 -23.60 27.09 36.57
N ILE B 18 -23.39 28.09 37.40
CA ILE B 18 -22.52 29.19 37.06
C ILE B 18 -21.05 28.68 37.06
N ILE B 19 -20.38 28.91 35.92
CA ILE B 19 -19.01 28.48 35.64
C ILE B 19 -17.98 29.60 35.76
N LEU B 20 -18.22 30.70 35.05
CA LEU B 20 -17.41 31.91 35.07
C LEU B 20 -18.18 33.06 35.64
N SER B 21 -17.49 33.87 36.42
CA SER B 21 -18.02 35.07 37.00
C SER B 21 -16.97 36.15 36.89
N HIS B 22 -17.33 37.28 36.29
CA HIS B 22 -16.42 38.38 36.11
C HIS B 22 -16.95 39.68 36.64
N SER B 23 -16.12 40.37 37.40
CA SER B 23 -16.30 41.80 37.73
C SER B 23 -14.91 42.45 37.82
N PRO B 24 -14.84 43.80 37.78
CA PRO B 24 -13.53 44.42 37.95
C PRO B 24 -12.77 43.97 39.22
N ASP B 25 -13.48 43.81 40.35
CA ASP B 25 -12.91 43.38 41.62
C ASP B 25 -12.67 41.87 41.73
N LYS B 26 -13.43 41.04 41.00
CA LYS B 26 -13.26 39.60 41.03
C LYS B 26 -13.24 39.11 39.58
N PRO B 27 -12.12 39.37 38.87
CA PRO B 27 -12.00 39.05 37.46
C PRO B 27 -11.87 37.58 37.23
N ALA B 28 -12.28 37.14 36.04
CA ALA B 28 -12.24 35.75 35.65
C ALA B 28 -10.88 35.39 35.04
N PHE B 29 -10.26 36.35 34.33
CA PHE B 29 -9.03 36.12 33.60
C PHE B 29 -7.90 37.03 34.07
N PHE B 30 -6.68 36.47 34.01
CA PHE B 30 -5.43 37.20 34.20
C PHE B 30 -4.51 36.80 33.05
N ALA B 31 -3.76 37.76 32.50
CA ALA B 31 -2.88 37.54 31.37
C ALA B 31 -1.49 38.06 31.67
N GLY B 32 -0.50 37.40 31.09
CA GLY B 32 0.86 37.86 31.28
C GLY B 32 1.90 37.12 30.49
N PHE B 33 3.09 37.04 31.08
CA PHE B 33 4.29 36.66 30.37
C PHE B 33 5.26 36.01 31.36
N GLY B 34 5.83 34.89 30.94
CA GLY B 34 6.81 34.16 31.70
C GLY B 34 7.97 33.68 30.85
N GLU B 35 9.06 33.35 31.53
CA GLU B 35 10.22 32.69 30.92
C GLU B 35 10.48 31.44 31.69
N GLU B 36 10.15 30.29 31.10
CA GLU B 36 10.28 29.04 31.78
C GLU B 36 11.65 28.38 31.59
N ARG B 37 12.00 27.55 32.56
CA ARG B 37 13.08 26.58 32.45
C ARG B 37 12.47 25.21 32.55
N MET B 38 12.85 24.33 31.64
CA MET B 38 12.32 22.95 31.64
C MET B 38 13.42 22.03 31.24
N ASP B 39 14.32 21.76 32.17
CA ASP B 39 15.52 20.94 31.87
C ASP B 39 15.17 19.46 31.96
N MET B 40 15.47 18.71 30.91
CA MET B 40 15.17 17.26 30.91
C MET B 40 16.40 16.47 31.30
N TYR B 41 16.27 15.52 32.20
CA TYR B 41 17.31 14.54 32.46
C TYR B 41 16.66 13.17 32.48
N ARG B 42 16.91 12.41 31.42
CA ARG B 42 16.36 11.03 31.31
C ARG B 42 14.86 11.00 31.59
N GLY B 43 14.15 11.92 30.95
CA GLY B 43 12.72 12.03 31.03
C GLY B 43 12.11 12.64 32.27
N ASN B 44 12.95 13.03 33.23
CA ASN B 44 12.55 13.81 34.37
C ASN B 44 12.73 15.26 33.99
N PHE B 45 11.77 16.11 34.39
CA PHE B 45 11.83 17.51 34.09
C PHE B 45 11.96 18.34 35.34
N ASP B 46 12.90 19.27 35.30
CA ASP B 46 13.07 20.23 36.36
C ASP B 46 12.48 21.54 35.82
N ILE B 47 11.28 21.87 36.31
CA ILE B 47 10.46 22.91 35.70
C ILE B 47 10.33 24.04 36.69
N GLU B 48 10.72 25.23 36.26
CA GLU B 48 10.50 26.40 37.08
C GLU B 48 10.17 27.58 36.18
N ASP B 49 9.10 28.31 36.51
CA ASP B 49 8.75 29.49 35.75
C ASP B 49 9.32 30.72 36.44
N TYR B 50 9.62 31.71 35.63
CA TYR B 50 9.85 33.07 36.09
C TYR B 50 8.75 33.94 35.50
N VAL B 51 7.78 34.30 36.34
CA VAL B 51 6.67 35.15 35.94
C VAL B 51 7.10 36.60 35.95
N ILE B 52 7.04 37.21 34.78
CA ILE B 52 7.40 38.62 34.58
C ILE B 52 6.16 39.53 34.67
N GLU B 53 5.04 39.05 34.16
CA GLU B 53 3.76 39.73 34.33
C GLU B 53 2.64 38.74 34.60
N ARG B 54 1.79 39.12 35.55
CA ARG B 54 0.44 38.54 35.71
C ARG B 54 -0.48 39.69 36.03
N THR B 55 -1.35 40.02 35.08
CA THR B 55 -2.15 41.21 35.18
C THR B 55 -3.61 40.82 35.01
N ALA B 56 -4.44 41.19 35.98
CA ALA B 56 -5.87 40.96 35.89
C ALA B 56 -6.49 41.71 34.69
N LEU B 57 -7.35 40.99 33.98
CA LEU B 57 -8.18 41.59 32.94
C LEU B 57 -9.49 42.05 33.56
N ARG B 58 -9.47 43.26 34.07
CA ARG B 58 -10.57 43.77 34.88
C ARG B 58 -11.72 44.35 34.08
N HIS B 59 -11.50 44.74 32.82
CA HIS B 59 -12.54 45.45 32.06
C HIS B 59 -13.07 44.60 30.91
N ALA B 60 -14.39 44.36 30.95
CA ALA B 60 -15.07 43.56 29.95
C ALA B 60 -16.03 44.45 29.15
N GLU B 61 -15.96 44.33 27.82
CA GLU B 61 -16.96 44.96 26.94
C GLU B 61 -17.63 43.91 26.08
N VAL B 62 -18.96 43.92 26.09
CA VAL B 62 -19.82 42.81 25.64
C VAL B 62 -20.54 43.24 24.36
N SER B 63 -20.39 42.45 23.27
CA SER B 63 -21.18 42.59 22.02
C SER B 63 -21.88 41.25 21.48
N GLY B 64 -21.33 40.57 20.48
CA GLY B 64 -22.04 39.36 19.97
C GLY B 64 -21.67 38.99 18.57
N SER B 66 -19.91 37.58 22.16
CA SER B 66 -18.52 38.09 22.10
C SER B 66 -18.11 39.19 23.13
N VAL B 67 -17.07 38.91 23.94
CA VAL B 67 -16.59 39.83 25.00
C VAL B 67 -15.11 40.12 24.83
N THR B 68 -14.73 41.40 24.82
CA THR B 68 -13.29 41.75 24.80
C THR B 68 -12.88 42.18 26.23
N LEU B 69 -11.66 41.80 26.57
CA LEU B 69 -11.12 41.96 27.92
C LEU B 69 -9.83 42.76 27.85
N SER B 70 -9.75 43.81 28.68
CA SER B 70 -8.55 44.64 28.78
CA SER B 70 -8.57 44.65 28.78
C SER B 70 -8.17 44.75 30.26
N SER B 71 -6.96 45.21 30.50
CA SER B 71 -6.47 45.33 31.88
C SER B 71 -7.30 46.33 32.70
N ALA B 72 -7.66 47.45 32.10
CA ALA B 72 -8.51 48.50 32.71
C ALA B 72 -9.26 49.27 31.59
N PRO B 73 -10.28 50.08 31.95
CA PRO B 73 -10.93 50.89 30.92
C PRO B 73 -9.97 51.76 30.12
N GLY B 74 -10.22 51.91 28.83
CA GLY B 74 -9.38 52.73 27.96
C GLY B 74 -8.02 52.17 27.60
N GLN B 75 -7.74 50.92 27.96
CA GLN B 75 -6.54 50.23 27.49
C GLN B 75 -6.91 49.29 26.36
N ALA B 76 -5.93 48.94 25.56
CA ALA B 76 -6.16 48.08 24.39
C ALA B 76 -6.57 46.68 24.85
N PRO B 77 -7.62 46.11 24.23
CA PRO B 77 -8.04 44.75 24.57
C PRO B 77 -6.90 43.77 24.38
N ARG B 78 -6.80 42.77 25.23
CA ARG B 78 -5.79 41.70 25.10
C ARG B 78 -6.36 40.29 24.76
N LEU B 79 -7.65 40.10 24.97
CA LEU B 79 -8.28 38.81 24.85
C LEU B 79 -9.70 39.05 24.33
N ARG B 80 -10.13 38.21 23.36
CA ARG B 80 -11.54 38.16 22.96
C ARG B 80 -12.06 36.78 23.35
N LEU B 81 -13.23 36.78 23.93
CA LEU B 81 -13.92 35.60 24.37
C LEU B 81 -15.19 35.53 23.47
N THR B 82 -15.40 34.39 22.83
CA THR B 82 -16.65 34.15 22.05
C THR B 82 -17.31 32.86 22.54
N LEU B 83 -18.55 32.97 22.94
CA LEU B 83 -19.34 31.82 23.37
C LEU B 83 -19.83 31.13 22.08
N ASP B 84 -19.67 29.81 21.99
CA ASP B 84 -20.09 29.03 20.84
C ASP B 84 -20.56 27.65 21.27
N GLY B 85 -21.88 27.51 21.45
CA GLY B 85 -22.47 26.27 21.97
C GLY B 85 -21.89 25.95 23.32
N ASN B 86 -21.34 24.72 23.48
CA ASN B 86 -20.67 24.31 24.71
C ASN B 86 -19.20 24.79 24.84
N ALA B 87 -18.76 25.74 24.03
CA ALA B 87 -17.37 26.16 24.07
C ALA B 87 -17.23 27.65 24.31
N ILE B 88 -16.19 27.99 25.05
CA ILE B 88 -15.73 29.36 25.15
C ILE B 88 -14.46 29.42 24.29
N ARG B 89 -14.54 30.16 23.18
CA ARG B 89 -13.43 30.35 22.27
C ARG B 89 -12.63 31.56 22.70
N LEU B 90 -11.31 31.43 22.69
CA LEU B 90 -10.43 32.54 23.03
C LEU B 90 -9.56 32.91 21.85
N THR B 91 -9.41 34.22 21.64
CA THR B 91 -8.50 34.77 20.67
C THR B 91 -7.57 35.75 21.37
N ALA B 92 -6.27 35.52 21.25
CA ALA B 92 -5.29 36.48 21.82
C ALA B 92 -5.26 37.72 20.93
N LEU B 93 -5.59 38.88 21.47
CA LEU B 93 -5.37 40.16 20.77
C LEU B 93 -4.01 40.80 21.04
N ASP B 94 -3.39 40.44 22.16
CA ASP B 94 -2.02 40.81 22.43
C ASP B 94 -1.17 39.57 22.19
N GLU B 95 -0.32 39.64 21.16
CA GLU B 95 0.52 38.53 20.70
C GLU B 95 1.60 38.19 21.71
N THR B 96 1.91 39.09 22.66
CA THR B 96 2.94 38.83 23.67
C THR B 96 2.54 37.92 24.83
N ILE B 97 1.25 37.67 25.02
CA ILE B 97 0.77 36.79 26.09
C ILE B 97 1.26 35.38 25.93
N ASN B 98 1.98 34.83 26.91
CA ASN B 98 2.20 33.40 26.94
C ASN B 98 1.85 32.77 28.27
N ARG B 99 1.16 33.54 29.13
CA ARG B 99 0.59 33.01 30.33
C ARG B 99 -0.86 33.47 30.45
N LEU B 100 -1.73 32.51 30.72
CA LEU B 100 -3.12 32.83 30.98
C LEU B 100 -3.61 32.09 32.19
N TRP B 101 -4.39 32.79 33.04
CA TRP B 101 -5.01 32.16 34.17
C TRP B 101 -6.50 32.45 34.07
N LEU B 102 -7.28 31.41 34.33
CA LEU B 102 -8.73 31.46 34.25
C LEU B 102 -9.27 30.92 35.58
N ARG B 103 -10.13 31.69 36.23
CA ARG B 103 -10.82 31.23 37.42
C ARG B 103 -12.18 30.69 37.12
N VAL B 104 -12.46 29.49 37.61
CA VAL B 104 -13.82 28.95 37.53
C VAL B 104 -14.42 28.83 38.91
N VAL B 105 -15.69 29.22 38.99
CA VAL B 105 -16.43 29.25 40.25
C VAL B 105 -16.46 27.87 40.85
N ALA B 106 -16.21 27.81 42.15
CA ALA B 106 -16.22 26.56 42.89
C ALA B 106 -16.97 26.69 44.20
N GLU B 107 -17.40 25.56 44.73
CA GLU B 107 -18.09 25.49 46.02
C GLU B 107 -17.15 24.84 47.01
N THR B 108 -17.32 25.19 48.28
CA THR B 108 -16.39 24.76 49.34
C THR B 108 -16.23 23.26 49.44
N ASP B 109 -17.33 22.50 49.30
CA ASP B 109 -17.33 21.03 49.48
C ASP B 109 -17.19 20.26 48.13
N GLU B 110 -16.89 20.96 47.05
CA GLU B 110 -16.82 20.36 45.68
C GLU B 110 -15.61 19.44 45.52
N HIS B 111 -15.81 18.32 44.82
CA HIS B 111 -14.80 17.39 44.46
C HIS B 111 -14.50 17.58 42.97
N VAL B 112 -13.25 17.37 42.57
CA VAL B 112 -12.85 17.39 41.18
C VAL B 112 -11.98 16.18 40.88
N TRP B 113 -12.27 15.51 39.77
CA TRP B 113 -11.55 14.32 39.39
C TRP B 113 -11.13 14.40 37.95
N GLY B 114 -10.21 13.52 37.58
CA GLY B 114 -9.69 13.48 36.22
C GLY B 114 -8.23 13.90 36.17
N GLY B 115 -7.91 14.83 35.30
CA GLY B 115 -6.52 15.28 35.11
C GLY B 115 -5.64 14.31 34.35
N GLY B 116 -6.27 13.37 33.59
CA GLY B 116 -5.54 12.32 32.96
C GLY B 116 -5.54 11.10 33.83
N GLU B 117 -4.40 10.42 33.87
CA GLU B 117 -4.16 9.31 34.75
C GLU B 117 -3.36 9.87 35.95
N GLN B 118 -4.08 10.14 37.04
CA GLN B 118 -3.47 10.57 38.30
C GLN B 118 -3.13 9.35 39.13
N MET B 119 -1.90 9.34 39.66
CA MET B 119 -1.39 8.20 40.41
C MET B 119 -1.46 8.35 41.91
N SER B 120 -1.46 9.55 42.44
CA SER B 120 -1.52 9.74 43.91
C SER B 120 -2.88 10.11 44.46
N TYR B 121 -3.50 11.14 43.86
CA TYR B 121 -4.74 11.67 44.33
C TYR B 121 -5.81 11.64 43.24
N PHE B 122 -6.96 11.02 43.55
CA PHE B 122 -8.09 10.89 42.63
C PHE B 122 -8.94 12.14 42.68
N ASP B 123 -9.51 12.45 43.86
CA ASP B 123 -10.08 13.77 44.09
C ASP B 123 -8.89 14.74 44.21
N MET B 124 -8.79 15.67 43.28
CA MET B 124 -7.70 16.63 43.17
C MET B 124 -7.90 17.89 44.04
N ARG B 125 -9.06 18.00 44.69
CA ARG B 125 -9.35 19.19 45.44
C ARG B 125 -8.31 19.41 46.53
N GLY B 126 -7.91 20.66 46.70
CA GLY B 126 -7.00 21.08 47.80
C GLY B 126 -5.53 21.13 47.34
N ARG B 127 -5.22 20.67 46.12
CA ARG B 127 -3.83 20.62 45.66
C ARG B 127 -3.69 21.20 44.27
N ARG B 128 -2.44 21.35 43.83
CA ARG B 128 -2.11 21.86 42.52
C ARG B 128 -1.50 20.75 41.65
N PHE B 129 -1.90 20.69 40.39
CA PHE B 129 -1.51 19.61 39.46
C PHE B 129 -1.04 20.16 38.12
N PRO B 130 0.27 20.30 37.95
CA PRO B 130 0.84 20.54 36.63
C PRO B 130 0.56 19.35 35.71
N LEU B 131 0.42 19.67 34.43
CA LEU B 131 0.01 18.71 33.38
C LEU B 131 1.02 18.65 32.24
N TRP B 132 2.01 17.76 32.43
CA TRP B 132 3.19 17.68 31.54
C TRP B 132 3.70 16.25 31.56
N THR B 133 3.64 15.57 30.44
CA THR B 133 3.96 14.17 30.43
C THR B 133 5.45 13.99 30.69
N SER B 134 5.76 13.04 31.55
CA SER B 134 7.17 12.79 31.93
C SER B 134 7.27 11.44 32.57
N GLU B 135 8.50 11.04 32.92
CA GLU B 135 8.68 10.01 33.91
C GLU B 135 7.85 10.41 35.16
N PRO B 136 7.09 9.46 35.71
CA PRO B 136 6.20 9.79 36.81
C PRO B 136 6.89 9.85 38.16
N GLY B 137 8.14 9.36 38.23
CA GLY B 137 8.93 9.36 39.46
C GLY B 137 9.04 8.00 40.07
N VAL B 138 10.18 7.74 40.75
CA VAL B 138 10.36 6.53 41.49
C VAL B 138 10.22 6.94 42.96
N GLY B 139 9.17 6.41 43.62
CA GLY B 139 8.82 6.79 45.00
C GLY B 139 7.76 7.87 45.07
N ARG B 140 8.02 9.02 44.44
CA ARG B 140 7.06 10.05 44.26
C ARG B 140 6.57 10.71 45.57
N ASP B 141 7.40 10.61 46.62
CA ASP B 141 7.07 11.10 47.93
C ASP B 141 8.37 11.54 48.63
N LYS B 142 8.58 12.84 48.75
CA LYS B 142 9.84 13.36 49.29
C LYS B 142 10.20 12.88 50.71
N THR B 143 9.24 12.28 51.43
CA THR B 143 9.50 11.69 52.72
C THR B 143 9.96 10.26 52.73
N THR B 144 10.04 9.57 51.58
CA THR B 144 10.54 8.22 51.59
C THR B 144 12.01 8.17 51.09
N GLU B 145 12.71 7.21 51.64
CA GLU B 145 14.10 6.98 51.30
C GLU B 145 14.29 6.63 49.80
N ILE B 146 13.35 5.85 49.22
CA ILE B 146 13.45 5.55 47.78
C ILE B 146 13.42 6.83 46.96
N THR B 147 12.54 7.76 47.30
CA THR B 147 12.39 8.97 46.55
C THR B 147 13.66 9.85 46.70
N PHE B 148 14.12 9.96 47.94
CA PHE B 148 15.36 10.69 48.25
C PHE B 148 16.53 10.14 47.44
N LYS B 149 16.70 8.83 47.49
CA LYS B 149 17.82 8.17 46.76
C LYS B 149 17.71 8.36 45.24
N SER B 150 16.48 8.35 44.74
CA SER B 150 16.22 8.58 43.31
C SER B 150 16.53 10.01 42.92
N ASP B 151 16.18 10.96 43.77
CA ASP B 151 16.48 12.35 43.50
C ASP B 151 17.99 12.62 43.49
N VAL B 152 18.68 12.06 44.49
CA VAL B 152 20.12 12.24 44.60
C VAL B 152 20.82 11.58 43.41
N SER B 153 20.45 10.36 43.07
CA SER B 153 21.22 9.64 42.03
C SER B 153 20.90 10.10 40.65
N GLY B 154 19.65 10.50 40.37
CA GLY B 154 19.24 10.83 38.99
C GLY B 154 18.08 11.77 38.77
N LYS B 155 17.81 12.65 39.74
CA LYS B 155 16.76 13.63 39.67
C LYS B 155 15.40 12.97 39.36
N ALA B 156 15.24 11.79 39.96
CA ALA B 156 14.23 10.80 39.44
C ALA B 156 13.13 10.45 40.43
N GLY B 157 13.08 11.15 41.56
CA GLY B 157 12.07 10.81 42.59
C GLY B 157 10.66 11.24 42.23
N GLY B 158 10.55 12.37 41.61
CA GLY B 158 9.24 12.95 41.26
C GLY B 158 8.41 13.30 42.48
N ASP B 159 7.12 13.48 42.25
CA ASP B 159 6.20 13.93 43.25
C ASP B 159 4.79 13.53 42.85
N TYR B 160 3.82 13.88 43.71
CA TYR B 160 2.44 13.38 43.64
C TYR B 160 1.72 13.68 42.32
N TYR B 161 2.14 14.73 41.64
CA TYR B 161 1.44 15.22 40.43
C TYR B 161 2.09 14.68 39.14
N ASN B 162 3.30 14.08 39.22
CA ASN B 162 3.90 13.62 38.02
C ASN B 162 3.10 12.39 37.44
N THR B 163 3.05 12.30 36.12
CA THR B 163 2.38 11.22 35.44
C THR B 163 2.86 11.09 33.97
N ASN B 164 2.80 9.85 33.48
CA ASN B 164 3.02 9.55 32.10
C ASN B 164 1.89 10.12 31.23
N TYR B 165 0.74 10.36 31.87
CA TYR B 165 -0.46 10.72 31.10
C TYR B 165 -1.26 11.76 31.85
N PRO B 166 -0.91 13.03 31.65
CA PRO B 166 -1.71 14.13 32.12
C PRO B 166 -2.78 14.44 31.07
N GLN B 167 -3.86 15.11 31.46
CA GLN B 167 -4.81 15.65 30.53
C GLN B 167 -5.57 16.81 31.15
N PRO B 168 -5.67 17.95 30.43
CA PRO B 168 -6.35 19.11 31.00
C PRO B 168 -7.89 19.01 30.90
N THR B 169 -8.42 18.03 31.60
CA THR B 169 -9.84 17.75 31.62
C THR B 169 -10.22 17.43 33.07
N TRP B 170 -11.36 17.95 33.55
CA TRP B 170 -11.83 17.58 34.85
C TRP B 170 -13.31 17.31 34.88
N LEU B 171 -13.70 16.49 35.84
CA LEU B 171 -15.12 16.28 36.15
C LEU B 171 -15.36 16.85 37.51
N SER B 172 -16.38 17.69 37.63
CA SER B 172 -16.78 18.30 38.89
C SER B 172 -17.97 17.60 39.52
N SER B 173 -17.97 17.55 40.88
CA SER B 173 -19.12 17.06 41.61
C SER B 173 -20.35 17.93 41.42
N ARG B 174 -20.22 19.12 40.86
CA ARG B 174 -21.36 19.92 40.43
C ARG B 174 -22.01 19.44 39.12
N LYS B 175 -21.62 18.29 38.61
CA LYS B 175 -22.20 17.68 37.38
C LYS B 175 -21.93 18.46 36.09
N TYR B 176 -20.67 18.82 35.89
CA TYR B 176 -20.20 19.25 34.60
C TYR B 176 -18.76 18.78 34.46
N ALA B 177 -18.30 18.74 33.23
CA ALA B 177 -16.89 18.56 32.94
C ALA B 177 -16.37 19.69 32.08
N LEU B 178 -15.09 19.95 32.23
CA LEU B 178 -14.41 21.04 31.53
C LEU B 178 -13.20 20.43 30.83
N HIS B 179 -12.99 20.83 29.60
CA HIS B 179 -11.83 20.38 28.85
C HIS B 179 -11.16 21.57 28.21
N VAL B 180 -9.85 21.69 28.40
CA VAL B 180 -9.06 22.76 27.76
C VAL B 180 -8.41 22.17 26.50
N GLU B 181 -8.71 22.77 25.34
CA GLU B 181 -8.10 22.36 24.08
C GLU B 181 -6.75 23.08 23.88
N THR B 182 -5.69 22.46 24.37
CA THR B 182 -4.32 22.93 24.25
C THR B 182 -3.41 21.72 24.45
N SER B 183 -2.22 21.81 23.86
CA SER B 183 -1.13 20.89 24.22
C SER B 183 -0.03 21.57 25.04
N ALA B 184 -0.20 22.86 25.33
CA ALA B 184 0.79 23.56 26.13
C ALA B 184 0.86 23.02 27.56
N TYR B 185 1.94 23.33 28.25
CA TYR B 185 1.98 23.17 29.69
C TYR B 185 0.76 23.87 30.31
N SER B 186 0.16 23.22 31.29
CA SER B 186 -0.93 23.77 32.03
C SER B 186 -0.89 23.27 33.49
N VAL B 187 -1.62 23.97 34.34
CA VAL B 187 -1.75 23.62 35.73
C VAL B 187 -3.20 23.76 36.21
N PHE B 188 -3.66 22.76 36.93
CA PHE B 188 -4.95 22.85 37.63
C PHE B 188 -4.65 23.13 39.11
N ASP B 189 -5.01 24.31 39.55
CA ASP B 189 -4.83 24.75 40.94
C ASP B 189 -6.16 24.71 41.69
N PHE B 190 -6.31 23.71 42.54
CA PHE B 190 -7.56 23.50 43.32
C PHE B 190 -7.33 23.85 44.80
N ARG B 191 -6.43 24.78 45.09
CA ARG B 191 -6.09 25.10 46.50
C ARG B 191 -7.06 26.08 47.16
N ASN B 192 -7.93 26.75 46.40
CA ASN B 192 -8.77 27.81 46.92
C ASN B 192 -10.21 27.31 47.01
N GLY B 193 -10.92 27.74 48.06
CA GLY B 193 -12.25 27.22 48.34
C GLY B 193 -13.34 27.75 47.41
N ASP B 194 -13.17 28.97 46.91
CA ASP B 194 -14.21 29.69 46.16
C ASP B 194 -14.01 29.62 44.64
N PHE B 195 -12.87 29.10 44.20
CA PHE B 195 -12.59 29.00 42.78
C PHE B 195 -11.50 27.98 42.48
N HIS B 196 -11.59 27.39 41.29
CA HIS B 196 -10.52 26.62 40.67
C HIS B 196 -9.76 27.60 39.78
N GLU B 197 -8.44 27.45 39.65
CA GLU B 197 -7.68 28.30 38.72
C GLU B 197 -6.87 27.44 37.76
N ILE B 198 -7.03 27.73 36.47
CA ILE B 198 -6.30 27.07 35.43
C ILE B 198 -5.22 27.98 34.94
N GLU B 199 -3.99 27.51 34.94
CA GLU B 199 -2.84 28.23 34.37
C GLU B 199 -2.50 27.55 33.03
N ILE B 200 -2.38 28.31 31.96
CA ILE B 200 -1.96 27.75 30.67
C ILE B 200 -0.84 28.58 30.15
N TRP B 201 0.19 27.92 29.60
CA TRP B 201 1.32 28.59 28.98
C TRP B 201 1.08 28.85 27.48
N ALA B 202 -0.10 29.41 27.20
CA ALA B 202 -0.61 29.68 25.86
C ALA B 202 -2.01 30.26 26.06
N VAL B 203 -2.60 30.80 25.00
CA VAL B 203 -4.00 31.16 25.03
C VAL B 203 -4.68 30.00 24.30
N PRO B 204 -5.40 29.14 25.03
CA PRO B 204 -6.00 27.99 24.30
C PRO B 204 -7.08 28.43 23.30
N GLU B 205 -7.25 27.62 22.27
CA GLU B 205 -8.21 27.91 21.21
C GLU B 205 -9.59 27.91 21.83
N LYS B 206 -9.86 26.98 22.73
CA LYS B 206 -11.19 26.90 23.35
C LYS B 206 -11.14 26.10 24.62
N ILE B 207 -12.15 26.35 25.47
CA ILE B 207 -12.48 25.55 26.61
C ILE B 207 -13.90 25.01 26.44
N GLU B 208 -14.07 23.71 26.57
CA GLU B 208 -15.32 23.02 26.24
C GLU B 208 -15.95 22.42 27.47
N PHE B 209 -17.28 22.45 27.52
CA PHE B 209 -18.04 22.00 28.67
C PHE B 209 -19.06 20.90 28.32
N PHE B 210 -19.29 20.01 29.28
CA PHE B 210 -20.19 18.90 29.14
C PHE B 210 -21.00 18.83 30.43
N ALA B 211 -22.28 18.60 30.34
CA ALA B 211 -23.08 18.52 31.54
C ALA B 211 -24.08 17.43 31.35
N GLY B 212 -24.72 17.04 32.44
CA GLY B 212 -25.74 15.98 32.41
C GLY B 212 -26.32 15.77 33.78
N ASP B 213 -27.35 14.97 33.87
CA ASP B 213 -28.01 14.74 35.15
C ASP B 213 -27.36 13.66 35.99
N SER B 214 -26.47 12.86 35.41
CA SER B 214 -25.70 11.89 36.16
C SER B 214 -24.21 12.01 35.77
N PHE B 215 -23.34 11.55 36.68
CA PHE B 215 -21.94 11.48 36.32
C PHE B 215 -21.73 10.49 35.17
N ALA B 216 -22.48 9.38 35.16
CA ALA B 216 -22.38 8.41 34.08
C ALA B 216 -22.63 9.08 32.73
N ASP B 217 -23.69 9.88 32.65
CA ASP B 217 -24.03 10.58 31.41
C ASP B 217 -22.89 11.51 30.96
N ILE B 218 -22.20 12.13 31.93
CA ILE B 218 -21.14 13.02 31.55
C ILE B 218 -19.92 12.22 31.06
N VAL B 219 -19.61 11.13 31.72
CA VAL B 219 -18.54 10.25 31.25
C VAL B 219 -18.87 9.72 29.85
N SER B 220 -20.11 9.31 29.61
CA SER B 220 -20.54 8.92 28.25
C SER B 220 -20.24 10.00 27.21
N ALA B 221 -20.58 11.24 27.52
CA ALA B 221 -20.41 12.35 26.59
C ALA B 221 -18.92 12.63 26.37
N LEU B 222 -18.13 12.58 27.44
CA LEU B 222 -16.68 12.77 27.32
C LEU B 222 -16.07 11.70 26.42
N SER B 223 -16.47 10.45 26.64
CA SER B 223 -15.93 9.34 25.86
C SER B 223 -16.26 9.43 24.35
N LEU B 224 -17.45 9.94 24.04
CA LEU B 224 -17.81 10.17 22.65
C LEU B 224 -16.93 11.32 22.06
N HIS B 225 -16.64 12.32 22.86
CA HIS B 225 -15.82 13.46 22.42
C HIS B 225 -14.37 13.04 22.13
N PHE B 226 -13.74 12.24 23.01
CA PHE B 226 -12.34 11.81 22.82
C PHE B 226 -12.19 10.56 21.94
N GLY B 227 -13.24 9.73 21.88
CA GLY B 227 -13.29 8.51 21.08
C GLY B 227 -13.18 7.30 21.99
N ARG B 228 -13.96 6.26 21.67
CA ARG B 228 -13.98 5.05 22.43
C ARG B 228 -13.03 4.01 21.89
N GLN B 229 -12.78 2.98 22.68
CA GLN B 229 -11.92 1.90 22.32
C GLN B 229 -12.71 0.74 21.73
N PRO B 230 -12.05 -0.11 20.95
CA PRO B 230 -12.71 -1.37 20.59
C PRO B 230 -13.01 -2.24 21.81
N GLU B 231 -13.90 -3.17 21.67
CA GLU B 231 -14.10 -4.20 22.67
C GLU B 231 -12.85 -5.03 22.79
N LEU B 232 -12.63 -5.61 23.96
CA LEU B 232 -11.44 -6.44 24.14
C LEU B 232 -11.49 -7.68 23.18
N PRO B 233 -10.35 -8.08 22.64
CA PRO B 233 -10.41 -9.27 21.75
C PRO B 233 -10.70 -10.53 22.50
N ASP B 234 -11.38 -11.47 21.83
CA ASP B 234 -11.77 -12.73 22.45
C ASP B 234 -10.57 -13.48 23.07
N TRP B 235 -9.42 -13.43 22.42
CA TRP B 235 -8.30 -14.24 22.86
C TRP B 235 -7.77 -13.88 24.25
N VAL B 236 -7.94 -12.63 24.63
CA VAL B 236 -7.53 -12.13 25.97
C VAL B 236 -8.15 -12.92 27.11
N TYR B 237 -9.41 -13.34 26.90
CA TYR B 237 -10.17 -14.05 27.91
C TYR B 237 -9.68 -15.47 28.21
N ASN B 238 -8.69 -15.95 27.45
CA ASN B 238 -8.08 -17.26 27.71
C ASN B 238 -7.22 -17.34 28.94
N GLY B 239 -6.83 -16.19 29.49
CA GLY B 239 -6.04 -16.22 30.72
C GLY B 239 -5.06 -15.08 30.76
N ALA B 240 -3.98 -15.31 31.51
CA ALA B 240 -2.97 -14.29 31.71
C ALA B 240 -1.99 -14.19 30.57
N ILE B 241 -1.45 -12.98 30.42
CA ILE B 241 -0.31 -12.74 29.55
C ILE B 241 0.92 -12.88 30.42
N ILE B 242 1.75 -13.89 30.14
CA ILE B 242 2.95 -14.18 30.94
C ILE B 242 4.14 -13.37 30.40
N GLY B 243 4.69 -12.51 31.24
CA GLY B 243 5.84 -11.65 30.91
C GLY B 243 7.15 -12.30 31.29
N LEU B 244 7.94 -12.68 30.29
CA LEU B 244 9.26 -13.22 30.47
C LEU B 244 10.26 -12.51 29.57
N LYS B 245 11.49 -12.37 30.04
CA LYS B 245 12.55 -11.73 29.27
C LYS B 245 13.83 -12.55 29.38
N ASP B 246 13.67 -13.87 29.22
CA ASP B 246 14.74 -14.82 29.52
C ASP B 246 15.19 -15.59 28.24
N GLY B 247 15.04 -14.95 27.09
CA GLY B 247 15.48 -15.57 25.85
C GLY B 247 14.76 -16.92 25.62
N VAL B 248 15.50 -17.87 25.08
CA VAL B 248 14.97 -19.21 24.80
C VAL B 248 14.48 -19.89 26.07
N ASN B 249 15.12 -19.59 27.20
CA ASN B 249 14.65 -20.13 28.48
C ASN B 249 13.21 -19.68 28.87
N SER B 250 12.70 -18.62 28.28
CA SER B 250 11.34 -18.17 28.48
C SER B 250 10.36 -19.31 28.20
N PHE B 251 10.63 -20.12 27.18
CA PHE B 251 9.66 -21.17 26.78
C PHE B 251 9.59 -22.27 27.81
N ALA B 252 10.73 -22.67 28.33
CA ALA B 252 10.75 -23.68 29.39
C ALA B 252 10.06 -23.20 30.64
N ARG B 253 10.23 -21.92 30.98
CA ARG B 253 9.59 -21.37 32.18
C ARG B 253 8.07 -21.26 31.95
N LEU B 254 7.65 -20.91 30.74
CA LEU B 254 6.22 -20.93 30.42
C LEU B 254 5.63 -22.32 30.60
N GLU B 255 6.33 -23.36 30.15
CA GLU B 255 5.85 -24.73 30.33
C GLU B 255 5.64 -25.07 31.80
N LYS B 256 6.56 -24.64 32.66
CA LYS B 256 6.40 -24.87 34.10
C LYS B 256 5.18 -24.16 34.69
N ILE B 257 4.99 -22.91 34.25
CA ILE B 257 3.85 -22.09 34.65
C ILE B 257 2.57 -22.79 34.22
N ARG B 258 2.55 -23.31 32.99
CA ARG B 258 1.36 -23.99 32.50
C ARG B 258 1.09 -25.29 33.23
N ALA B 259 2.15 -26.01 33.60
CA ALA B 259 2.02 -27.31 34.28
C ALA B 259 1.39 -27.16 35.66
N ALA B 260 1.45 -25.98 36.27
CA ALA B 260 0.76 -25.73 37.51
C ALA B 260 -0.74 -25.43 37.33
N GLY B 261 -1.24 -25.41 36.10
CA GLY B 261 -2.66 -25.17 35.84
C GLY B 261 -2.99 -23.74 35.46
N THR B 262 -1.98 -22.89 35.35
CA THR B 262 -2.18 -21.51 34.98
C THR B 262 -2.87 -21.37 33.63
N LYS B 263 -3.89 -20.55 33.57
CA LYS B 263 -4.56 -20.25 32.29
C LYS B 263 -3.80 -19.13 31.63
N VAL B 264 -3.31 -19.39 30.42
CA VAL B 264 -2.46 -18.44 29.69
C VAL B 264 -3.07 -18.07 28.35
N SER B 265 -3.21 -16.79 28.10
CA SER B 265 -3.63 -16.25 26.80
C SER B 265 -2.50 -15.86 25.87
N GLY B 266 -1.35 -15.52 26.44
CA GLY B 266 -0.26 -14.97 25.67
C GLY B 266 1.06 -15.03 26.42
N LEU B 267 2.13 -15.03 25.62
CA LEU B 267 3.50 -14.96 26.11
C LEU B 267 4.01 -13.61 25.63
N TRP B 268 4.44 -12.76 26.56
CA TRP B 268 4.89 -11.42 26.21
C TRP B 268 6.40 -11.39 26.52
N CYS B 269 7.22 -11.29 25.48
CA CYS B 269 8.70 -11.28 25.62
C CYS B 269 9.25 -9.96 25.13
N GLU B 270 9.40 -9.00 26.04
CA GLU B 270 9.86 -7.69 25.66
C GLU B 270 11.33 -7.75 25.10
N ASP B 271 12.05 -8.77 25.48
CA ASP B 271 13.40 -8.99 24.99
C ASP B 271 13.46 -9.66 23.61
N TRP B 272 12.33 -9.66 22.87
CA TRP B 272 12.35 -10.18 21.48
C TRP B 272 13.37 -9.46 20.61
N VAL B 273 13.74 -8.22 21.02
CA VAL B 273 14.75 -7.39 20.36
C VAL B 273 16.18 -7.51 20.91
N GLY B 274 16.36 -8.27 21.97
CA GLY B 274 17.63 -8.40 22.65
C GLY B 274 17.72 -7.50 23.87
N LEU B 275 18.73 -7.78 24.67
CA LEU B 275 19.00 -7.02 25.88
C LEU B 275 20.09 -6.00 25.68
N ARG B 276 20.08 -5.01 26.56
CA ARG B 276 21.18 -4.07 26.79
C ARG B 276 21.33 -3.90 28.33
N GLN B 277 22.40 -4.43 28.88
CA GLN B 277 22.66 -4.27 30.31
C GLN B 277 23.16 -2.86 30.56
N THR B 278 22.56 -2.21 31.55
CA THR B 278 22.97 -0.88 32.00
C THR B 278 22.99 -0.90 33.53
N SER B 279 23.43 0.17 34.16
CA SER B 279 23.39 0.17 35.65
C SER B 279 21.97 0.10 36.21
N PHE B 280 20.95 0.41 35.38
CA PHE B 280 19.56 0.31 35.84
C PHE B 280 19.13 -1.14 35.90
N GLY B 281 19.72 -2.00 35.06
CA GLY B 281 19.39 -3.41 35.03
C GLY B 281 19.41 -3.96 33.59
N ALA B 282 18.61 -4.98 33.39
CA ALA B 282 18.51 -5.66 32.10
C ALA B 282 17.51 -4.93 31.21
N ARG B 283 17.96 -3.89 30.56
CA ARG B 283 17.15 -3.13 29.65
C ARG B 283 17.17 -3.80 28.25
N LEU B 284 16.44 -3.20 27.33
CA LEU B 284 16.29 -3.76 25.99
C LEU B 284 17.14 -3.02 24.98
N PHE B 285 17.40 -3.69 23.85
CA PHE B 285 18.09 -3.10 22.74
C PHE B 285 17.09 -2.47 21.78
N TRP B 286 17.10 -1.14 21.69
CA TRP B 286 16.01 -0.39 21.03
C TRP B 286 16.16 -0.29 19.49
N ASP B 287 16.01 -1.44 18.87
CA ASP B 287 16.04 -1.61 17.42
C ASP B 287 14.97 -2.63 17.09
N TRP B 288 13.89 -2.15 16.43
CA TRP B 288 12.59 -2.85 16.46
C TRP B 288 12.48 -3.85 15.32
N GLN B 289 13.23 -4.93 15.51
CA GLN B 289 13.12 -6.15 14.70
C GLN B 289 13.59 -7.31 15.51
N ALA B 290 13.03 -8.49 15.24
CA ALA B 290 13.35 -9.66 16.00
C ALA B 290 14.87 -9.88 16.00
N ASN B 291 15.39 -10.27 17.15
CA ASN B 291 16.79 -10.53 17.36
C ASN B 291 17.08 -12.01 17.30
N ASP B 292 17.67 -12.46 16.19
CA ASP B 292 18.01 -13.87 15.92
C ASP B 292 19.06 -14.44 16.85
N THR B 293 19.87 -13.60 17.49
CA THR B 293 20.84 -14.13 18.44
C THR B 293 20.10 -14.53 19.73
N ARG B 294 19.14 -13.73 20.18
CA ARG B 294 18.46 -14.02 21.42
C ARG B 294 17.34 -15.12 21.24
N TYR B 295 16.59 -15.01 20.12
CA TYR B 295 15.46 -15.92 19.81
C TYR B 295 15.65 -16.43 18.36
N PRO B 296 16.49 -17.45 18.21
CA PRO B 296 16.91 -17.83 16.85
C PRO B 296 15.82 -18.43 15.96
N HIS B 297 14.71 -18.89 16.52
CA HIS B 297 13.65 -19.53 15.73
C HIS B 297 12.29 -18.90 16.10
N LEU B 298 12.31 -17.58 16.31
CA LEU B 298 11.13 -16.96 16.93
C LEU B 298 9.83 -17.14 16.10
N ARG B 299 9.91 -17.05 14.79
CA ARG B 299 8.67 -17.21 13.96
C ARG B 299 8.07 -18.59 14.15
N GLN B 300 8.91 -19.60 14.14
CA GLN B 300 8.48 -20.98 14.38
C GLN B 300 7.89 -21.15 15.78
N LYS B 301 8.52 -20.57 16.80
CA LYS B 301 7.96 -20.58 18.13
C LYS B 301 6.60 -19.94 18.28
N ILE B 302 6.40 -18.82 17.59
CA ILE B 302 5.11 -18.12 17.63
C ILE B 302 4.05 -19.07 17.04
N ALA B 303 4.39 -19.78 15.96
CA ALA B 303 3.44 -20.73 15.35
C ALA B 303 3.15 -21.91 16.29
N GLU B 304 4.17 -22.41 16.98
CA GLU B 304 3.97 -23.49 17.94
C GLU B 304 3.05 -23.03 19.08
N LEU B 305 3.29 -21.83 19.62
CA LEU B 305 2.42 -21.31 20.66
C LEU B 305 0.97 -21.12 20.16
N ALA B 306 0.82 -20.67 18.93
CA ALA B 306 -0.50 -20.44 18.38
C ALA B 306 -1.28 -21.77 18.31
N ASP B 307 -0.61 -22.85 17.99
CA ASP B 307 -1.21 -24.20 17.92
C ASP B 307 -1.70 -24.63 19.30
N GLN B 308 -1.08 -24.09 20.36
CA GLN B 308 -1.53 -24.31 21.75
C GLN B 308 -2.59 -23.31 22.25
N GLY B 309 -3.06 -22.41 21.39
CA GLY B 309 -3.98 -21.38 21.82
C GLY B 309 -3.35 -20.22 22.61
N ILE B 310 -2.06 -19.96 22.40
CA ILE B 310 -1.35 -18.89 23.10
C ILE B 310 -0.76 -17.92 22.10
N ARG B 311 -1.09 -16.65 22.27
CA ARG B 311 -0.57 -15.60 21.41
C ARG B 311 0.83 -15.18 21.86
N PHE B 312 1.49 -14.42 21.00
CA PHE B 312 2.82 -13.86 21.30
C PHE B 312 2.79 -12.36 21.20
N LEU B 313 3.40 -11.70 22.22
CA LEU B 313 3.47 -10.24 22.26
C LEU B 313 4.90 -9.74 22.44
N GLY B 314 5.15 -8.56 21.90
CA GLY B 314 6.49 -7.92 21.99
C GLY B 314 6.49 -6.56 22.66
N TYR B 315 7.41 -5.70 22.17
CA TYR B 315 7.72 -4.40 22.76
C TYR B 315 8.24 -3.50 21.68
N VAL B 316 7.80 -2.24 21.67
CA VAL B 316 8.29 -1.22 20.78
C VAL B 316 8.16 0.14 21.45
N ASN B 317 8.98 1.09 21.05
CA ASN B 317 8.83 2.47 21.46
C ASN B 317 9.26 3.34 20.29
N PRO B 318 9.01 4.66 20.39
CA PRO B 318 9.17 5.48 19.19
C PRO B 318 10.57 6.11 19.01
N TYR B 319 11.58 5.53 19.65
CA TYR B 319 12.98 6.02 19.56
C TYR B 319 13.84 4.90 18.99
N LEU B 320 14.98 5.26 18.42
CA LEU B 320 15.89 4.26 17.84
C LEU B 320 17.28 4.46 18.41
N CYS B 321 17.88 3.41 18.93
CA CYS B 321 19.22 3.53 19.53
C CYS B 321 20.29 3.78 18.46
N VAL B 322 21.26 4.63 18.78
CA VAL B 322 22.28 5.05 17.82
C VAL B 322 23.16 3.93 17.32
N ASP B 323 23.30 2.87 18.10
CA ASP B 323 24.14 1.71 17.76
C ASP B 323 23.36 0.56 17.12
N GLY B 324 22.10 0.80 16.77
CA GLY B 324 21.32 -0.22 16.03
C GLY B 324 21.29 0.00 14.51
N PRO B 325 20.98 -1.05 13.76
CA PRO B 325 20.96 -0.89 12.30
C PRO B 325 19.83 -0.05 11.73
N LEU B 326 18.72 0.12 12.44
CA LEU B 326 17.67 0.96 11.89
C LEU B 326 18.04 2.42 11.95
N PHE B 327 18.85 2.82 12.92
CA PHE B 327 19.18 4.24 13.07
C PHE B 327 19.72 4.91 11.77
N PRO B 328 20.75 4.34 11.13
CA PRO B 328 21.28 4.94 9.90
C PRO B 328 20.27 4.96 8.75
N VAL B 329 19.33 4.02 8.75
CA VAL B 329 18.27 4.03 7.72
C VAL B 329 17.36 5.21 7.92
N ALA B 330 16.83 5.35 9.15
CA ALA B 330 15.96 6.46 9.49
C ALA B 330 16.68 7.78 9.28
N GLU B 331 17.95 7.85 9.65
CA GLU B 331 18.71 9.12 9.47
C GLU B 331 18.88 9.48 7.97
N SER B 332 19.20 8.51 7.13
CA SER B 332 19.32 8.72 5.68
C SER B 332 18.01 9.22 5.06
N ALA B 333 16.87 8.72 5.58
CA ALA B 333 15.55 9.14 5.10
C ALA B 333 15.06 10.47 5.67
N GLY B 334 15.79 11.06 6.64
CA GLY B 334 15.41 12.32 7.26
C GLY B 334 14.23 12.18 8.26
N TYR B 335 14.18 11.06 8.99
CA TYR B 335 13.07 10.77 9.88
C TYR B 335 13.21 11.16 11.34
N PHE B 336 14.31 11.80 11.71
CA PHE B 336 14.56 12.15 13.10
C PHE B 336 14.34 13.62 13.40
N ALA B 337 13.92 13.90 14.63
CA ALA B 337 13.91 15.27 15.14
C ALA B 337 15.34 15.78 15.16
N THR B 338 15.50 17.09 14.97
CA THR B 338 16.82 17.65 14.79
C THR B 338 17.17 18.69 15.87
N ASP B 339 18.47 18.99 15.99
CA ASP B 339 18.93 20.04 16.90
C ASP B 339 18.93 21.39 16.18
N VAL B 340 19.32 22.43 16.91
CA VAL B 340 19.30 23.80 16.39
C VAL B 340 20.15 23.92 15.12
N ASP B 341 21.21 23.11 14.99
CA ASP B 341 22.05 23.07 13.76
C ASP B 341 21.57 22.16 12.63
N GLY B 342 20.39 21.52 12.76
CA GLY B 342 19.90 20.63 11.71
C GLY B 342 20.41 19.20 11.76
N LYS B 343 21.30 18.85 12.71
CA LYS B 343 21.74 17.47 12.90
C LYS B 343 20.74 16.66 13.70
N THR B 344 20.81 15.33 13.58
CA THR B 344 19.94 14.47 14.38
C THR B 344 20.16 14.76 15.88
N ALA B 345 19.07 15.02 16.59
CA ALA B 345 19.15 15.25 18.01
C ALA B 345 19.23 13.93 18.75
N LEU B 346 20.24 13.75 19.58
CA LEU B 346 20.37 12.54 20.34
C LEU B 346 19.92 12.80 21.77
N VAL B 347 19.11 11.89 22.32
CA VAL B 347 18.63 11.99 23.69
C VAL B 347 19.22 10.86 24.51
N ASP B 348 19.71 11.18 25.74
CA ASP B 348 20.23 10.14 26.64
C ASP B 348 19.07 9.50 27.39
N PHE B 349 18.89 8.21 27.19
CA PHE B 349 17.85 7.44 27.87
C PHE B 349 18.33 6.65 29.05
N GLY B 350 19.61 6.81 29.37
CA GLY B 350 20.24 6.15 30.52
C GLY B 350 21.39 5.26 30.11
N GLU B 351 22.51 5.89 29.77
CA GLU B 351 23.75 5.21 29.36
C GLU B 351 23.66 4.70 27.91
N PHE B 352 22.67 5.17 27.15
CA PHE B 352 22.69 5.02 25.69
C PHE B 352 21.91 6.18 25.10
N ASP B 353 22.23 6.50 23.86
CA ASP B 353 21.60 7.57 23.12
C ASP B 353 20.68 7.01 22.02
N CYS B 354 19.59 7.74 21.77
CA CYS B 354 18.66 7.45 20.66
C CYS B 354 18.27 8.69 19.92
N GLY B 355 17.85 8.49 18.68
CA GLY B 355 17.14 9.48 17.91
C GLY B 355 15.65 9.35 18.16
N VAL B 356 14.95 10.45 17.96
CA VAL B 356 13.50 10.55 18.17
C VAL B 356 12.86 10.56 16.78
N VAL B 357 12.11 9.52 16.44
CA VAL B 357 11.45 9.48 15.13
C VAL B 357 10.37 10.57 15.12
N ASP B 358 10.43 11.46 14.13
CA ASP B 358 9.64 12.68 14.11
C ASP B 358 8.29 12.44 13.49
N PHE B 359 7.30 12.13 14.32
CA PHE B 359 5.96 11.88 13.82
C PHE B 359 5.24 13.08 13.23
N THR B 360 5.81 14.28 13.33
CA THR B 360 5.30 15.44 12.62
C THR B 360 5.66 15.41 11.13
N ASN B 361 6.63 14.56 10.76
CA ASN B 361 6.98 14.30 9.37
C ASN B 361 6.09 13.12 8.90
N PRO B 362 5.09 13.36 8.05
CA PRO B 362 4.18 12.25 7.62
C PRO B 362 4.89 11.01 7.08
N ALA B 363 5.99 11.20 6.34
CA ALA B 363 6.77 10.08 5.81
C ALA B 363 7.38 9.22 6.91
N ALA B 364 7.83 9.86 7.99
CA ALA B 364 8.39 9.13 9.12
C ALA B 364 7.32 8.37 9.88
N ALA B 365 6.20 9.04 10.11
CA ALA B 365 5.06 8.39 10.77
C ALA B 365 4.56 7.19 9.94
N ASP B 366 4.45 7.38 8.63
CA ASP B 366 3.99 6.29 7.72
C ASP B 366 4.99 5.15 7.71
N TRP B 367 6.28 5.49 7.65
CA TRP B 367 7.31 4.48 7.71
C TRP B 367 7.21 3.67 8.98
N PHE B 368 7.09 4.30 10.16
CA PHE B 368 7.05 3.55 11.40
C PHE B 368 5.84 2.60 11.41
N ALA B 369 4.68 3.09 11.01
CA ALA B 369 3.47 2.24 10.99
C ALA B 369 3.62 1.07 10.01
N ALA B 370 4.18 1.32 8.84
CA ALA B 370 4.22 0.26 7.77
C ALA B 370 5.38 -0.73 7.98
N ALA B 371 6.56 -0.18 8.19
CA ALA B 371 7.82 -1.01 8.33
C ALA B 371 8.01 -1.65 9.67
N ILE B 372 7.69 -0.95 10.74
CA ILE B 372 7.92 -1.48 12.09
C ILE B 372 6.67 -2.17 12.65
N ILE B 373 5.57 -1.42 12.83
CA ILE B 373 4.34 -2.03 13.39
C ILE B 373 3.82 -3.10 12.40
N GLY B 374 3.75 -2.74 11.14
CA GLY B 374 3.18 -3.65 10.09
C GLY B 374 4.09 -4.82 9.76
N LYS B 375 5.24 -4.57 9.14
CA LYS B 375 6.11 -5.68 8.68
C LYS B 375 6.81 -6.39 9.82
N ASN B 376 7.45 -5.62 10.71
CA ASN B 376 8.35 -6.25 11.71
C ASN B 376 7.64 -6.86 12.88
N MET B 377 6.42 -6.37 13.17
CA MET B 377 5.66 -6.85 14.32
C MET B 377 4.44 -7.71 13.89
N LEU B 378 3.44 -7.09 13.28
CA LEU B 378 2.23 -7.80 12.92
C LEU B 378 2.49 -8.90 11.93
N ASP B 379 3.20 -8.60 10.85
CA ASP B 379 3.43 -9.64 9.82
C ASP B 379 4.36 -10.76 10.36
N PHE B 380 5.18 -10.45 11.35
CA PHE B 380 6.06 -11.43 11.95
C PHE B 380 5.28 -12.40 12.83
N GLY B 381 4.07 -12.02 13.27
CA GLY B 381 3.23 -12.93 14.03
C GLY B 381 2.80 -12.46 15.43
N LEU B 382 3.18 -11.23 15.81
CA LEU B 382 2.79 -10.67 17.11
C LEU B 382 1.28 -10.31 17.10
N SER B 383 0.58 -10.65 18.17
CA SER B 383 -0.83 -10.27 18.38
C SER B 383 -0.97 -9.04 19.22
N GLY B 384 0.15 -8.51 19.70
CA GLY B 384 0.10 -7.33 20.53
C GLY B 384 1.48 -6.98 21.05
N TRP B 385 1.55 -5.90 21.80
CA TRP B 385 2.85 -5.46 22.32
C TRP B 385 2.63 -4.34 23.33
N MET B 386 3.67 -4.18 24.18
CA MET B 386 3.81 -2.91 24.95
C MET B 386 4.26 -1.83 23.98
N ALA B 387 3.49 -0.76 23.89
CA ALA B 387 3.79 0.40 23.07
C ALA B 387 4.16 1.55 24.00
N ASP B 388 5.46 1.65 24.25
CA ASP B 388 5.98 2.36 25.43
C ASP B 388 6.43 3.76 25.11
N PHE B 389 6.71 4.53 26.16
CA PHE B 389 7.23 5.86 26.07
C PHE B 389 6.31 6.84 25.36
N GLY B 390 6.81 7.97 24.90
CA GLY B 390 6.01 9.09 24.56
C GLY B 390 6.24 10.37 25.37
N GLU B 391 7.06 10.29 26.43
CA GLU B 391 7.21 11.35 27.42
C GLU B 391 8.47 12.17 27.33
N TYR B 392 9.41 11.77 26.48
CA TYR B 392 10.77 12.30 26.52
C TYR B 392 11.11 13.37 25.52
N LEU B 393 10.13 14.11 24.99
CA LEU B 393 10.49 15.12 24.01
C LEU B 393 11.05 16.37 24.72
N PRO B 394 12.34 16.68 24.51
CA PRO B 394 12.87 17.89 25.20
C PRO B 394 12.45 19.14 24.46
N ILE B 395 12.41 20.28 25.16
CA ILE B 395 11.84 21.48 24.55
C ILE B 395 12.82 22.23 23.64
N ASP B 396 14.07 21.79 23.53
CA ASP B 396 15.04 22.46 22.65
C ASP B 396 15.21 21.71 21.29
N ILE B 397 14.42 20.66 21.05
CA ILE B 397 14.51 19.85 19.87
C ILE B 397 13.66 20.55 18.75
N LYS B 398 13.97 20.27 17.49
CA LYS B 398 13.23 20.87 16.37
C LYS B 398 12.42 19.81 15.65
N LEU B 399 11.18 20.16 15.30
CA LEU B 399 10.27 19.21 14.63
C LEU B 399 10.02 19.63 13.19
N SER B 400 9.83 18.67 12.30
CA SER B 400 9.66 19.00 10.88
C SER B 400 8.43 19.86 10.56
N ASN B 401 7.36 19.82 11.38
CA ASN B 401 6.22 20.73 11.16
C ASN B 401 6.48 22.17 11.59
N GLY B 402 7.63 22.47 12.18
CA GLY B 402 7.97 23.84 12.57
C GLY B 402 7.25 24.31 13.83
N VAL B 403 6.49 23.44 14.49
CA VAL B 403 5.75 23.80 15.69
C VAL B 403 6.71 23.65 16.86
N ASP B 404 6.66 24.61 17.77
CA ASP B 404 7.56 24.61 18.96
C ASP B 404 7.46 23.31 19.78
N ALA B 405 8.60 22.73 20.14
CA ALA B 405 8.61 21.56 21.00
C ALA B 405 7.87 21.75 22.34
N LYS B 406 7.79 22.97 22.81
CA LYS B 406 6.97 23.32 24.00
C LYS B 406 5.51 22.98 23.84
N LEU B 407 5.05 22.94 22.58
CA LEU B 407 3.69 22.55 22.26
C LEU B 407 3.60 21.08 21.78
N MET B 408 4.65 20.56 21.16
CA MET B 408 4.64 19.15 20.70
C MET B 408 4.85 18.13 21.79
N HIS B 409 5.52 18.54 22.89
CA HIS B 409 5.85 17.61 23.98
C HIS B 409 4.64 16.78 24.46
N ASN B 410 3.57 17.49 24.84
CA ASN B 410 2.40 16.82 25.35
C ASN B 410 1.58 16.10 24.26
N ALA B 411 1.71 16.55 23.03
CA ALA B 411 1.00 15.93 21.87
C ALA B 411 1.61 14.59 21.50
N TRP B 412 2.88 14.35 21.91
CA TRP B 412 3.60 13.18 21.44
C TRP B 412 2.91 11.85 21.73
N PRO B 413 2.41 11.65 22.95
CA PRO B 413 1.80 10.32 23.19
C PRO B 413 0.63 10.04 22.25
N THR B 414 -0.12 11.07 21.90
CA THR B 414 -1.28 10.89 21.03
C THR B 414 -0.81 10.58 19.60
N LEU B 415 0.20 11.30 19.12
CA LEU B 415 0.78 10.97 17.82
C LEU B 415 1.30 9.57 17.77
N TRP B 416 1.99 9.15 18.84
CA TRP B 416 2.51 7.80 18.94
C TRP B 416 1.40 6.73 18.95
N ALA B 417 0.33 7.02 19.70
CA ALA B 417 -0.82 6.09 19.75
C ALA B 417 -1.39 5.93 18.33
N GLU B 418 -1.48 7.02 17.59
CA GLU B 418 -2.04 7.03 16.25
C GLU B 418 -1.16 6.19 15.26
N VAL B 419 0.16 6.26 15.40
CA VAL B 419 1.06 5.43 14.59
C VAL B 419 0.78 3.94 14.82
N ASN B 420 0.67 3.56 16.09
CA ASN B 420 0.28 2.18 16.43
C ASN B 420 -1.07 1.78 15.80
N ALA B 421 -2.06 2.62 15.99
CA ALA B 421 -3.42 2.32 15.50
C ALA B 421 -3.45 2.19 13.98
N LYS B 422 -2.73 3.08 13.27
CA LYS B 422 -2.66 3.01 11.81
C LYS B 422 -2.02 1.72 11.33
N GLY B 423 -0.94 1.29 11.99
CA GLY B 423 -0.30 0.02 11.64
C GLY B 423 -1.21 -1.15 11.79
N VAL B 424 -1.88 -1.18 12.93
CA VAL B 424 -2.84 -2.23 13.24
C VAL B 424 -3.98 -2.23 12.19
N GLU B 425 -4.54 -1.06 11.91
CA GLU B 425 -5.64 -0.97 10.92
C GLU B 425 -5.17 -1.40 9.51
N SER B 426 -3.90 -1.11 9.16
CA SER B 426 -3.35 -1.46 7.85
C SER B 426 -3.35 -2.97 7.63
N ARG B 427 -3.36 -3.76 8.69
CA ARG B 427 -3.44 -5.21 8.61
C ARG B 427 -4.83 -5.73 8.91
N GLY B 428 -5.83 -4.85 8.98
CA GLY B 428 -7.19 -5.27 9.35
C GLY B 428 -7.33 -5.88 10.73
N LYS B 429 -6.47 -5.48 11.66
CA LYS B 429 -6.48 -6.11 12.99
C LYS B 429 -7.01 -5.24 14.13
N THR B 430 -7.74 -4.16 13.82
CA THR B 430 -8.28 -3.29 14.87
C THR B 430 -9.30 -4.09 15.64
N GLY B 431 -9.12 -4.17 16.97
CA GLY B 431 -10.00 -4.99 17.78
C GLY B 431 -9.60 -6.45 17.95
N GLU B 432 -8.46 -6.82 17.35
CA GLU B 432 -7.88 -8.12 17.52
C GLU B 432 -6.42 -8.00 18.03
N ALA B 433 -5.61 -7.13 17.45
CA ALA B 433 -4.27 -6.84 18.00
C ALA B 433 -4.43 -5.98 19.25
N LEU B 434 -3.66 -6.29 20.28
CA LEU B 434 -3.76 -5.60 21.56
C LEU B 434 -2.45 -4.94 21.89
N PHE B 435 -2.35 -3.64 21.63
CA PHE B 435 -1.20 -2.89 22.18
C PHE B 435 -1.63 -2.06 23.36
N PHE B 436 -0.69 -1.82 24.25
CA PHE B 436 -0.99 -1.08 25.49
C PHE B 436 0.07 0.00 25.75
N MET B 437 -0.40 1.15 26.21
CA MET B 437 0.43 2.36 26.37
C MET B 437 0.38 2.79 27.82
N ARG B 438 1.49 3.40 28.27
CA ARG B 438 1.54 4.03 29.58
C ARG B 438 1.42 5.53 29.48
N ALA B 439 1.83 6.10 28.36
CA ALA B 439 1.78 7.54 28.15
C ALA B 439 0.49 7.91 27.43
N GLY B 440 0.06 9.13 27.65
CA GLY B 440 -1.11 9.66 27.02
C GLY B 440 -1.19 11.16 27.06
N PHE B 441 -2.17 11.67 26.32
CA PHE B 441 -2.60 13.04 26.42
C PHE B 441 -4.00 13.06 25.73
N THR B 442 -4.61 14.21 25.66
CA THR B 442 -5.88 14.36 24.96
C THR B 442 -5.85 13.63 23.62
N GLY B 443 -6.81 12.73 23.40
CA GLY B 443 -6.98 12.06 22.11
C GLY B 443 -6.39 10.66 22.01
N VAL B 444 -5.59 10.26 22.99
CA VAL B 444 -5.07 8.93 23.07
C VAL B 444 -6.20 7.88 23.08
N GLN B 445 -7.35 8.30 23.61
CA GLN B 445 -8.53 7.44 23.75
C GLN B 445 -8.98 6.83 22.45
N ALA B 446 -8.85 7.61 21.37
CA ALA B 446 -9.32 7.19 20.06
C ALA B 446 -8.46 6.12 19.39
N HIS B 447 -7.20 6.04 19.81
CA HIS B 447 -6.19 5.20 19.15
C HIS B 447 -5.74 4.02 19.96
N CYS B 448 -5.61 4.19 21.26
CA CYS B 448 -5.04 3.17 22.13
C CYS B 448 -6.18 2.32 22.69
N PRO B 449 -6.10 0.99 22.58
CA PRO B 449 -7.18 0.11 23.07
C PRO B 449 -7.03 -0.33 24.52
N LEU B 450 -5.87 -0.07 25.15
CA LEU B 450 -5.61 -0.56 26.52
C LEU B 450 -4.51 0.30 27.14
N ILE B 451 -4.77 0.85 28.32
CA ILE B 451 -3.74 1.57 29.13
C ILE B 451 -3.14 0.59 30.12
N TRP B 452 -1.87 0.79 30.45
CA TRP B 452 -1.31 0.22 31.66
C TRP B 452 -0.74 1.33 32.55
N GLY B 453 -0.63 1.01 33.85
CA GLY B 453 -0.23 2.01 34.84
C GLY B 453 1.20 2.45 34.88
N GLY B 454 1.95 2.12 33.84
CA GLY B 454 3.40 2.39 33.83
C GLY B 454 4.15 1.65 34.92
N ASP B 455 5.27 2.24 35.34
CA ASP B 455 6.17 1.61 36.28
C ASP B 455 5.80 2.00 37.73
N GLN B 456 5.40 1.03 38.52
CA GLN B 456 5.32 1.16 40.00
C GLN B 456 6.63 0.63 40.56
N SER B 457 6.96 1.07 41.77
CA SER B 457 7.97 0.41 42.54
C SER B 457 7.45 -0.96 42.92
N VAL B 458 8.38 -1.86 43.22
CA VAL B 458 8.06 -3.22 43.67
C VAL B 458 7.68 -3.24 45.18
N ASP B 459 6.65 -2.50 45.55
CA ASP B 459 6.30 -2.38 46.96
C ASP B 459 4.84 -2.00 47.16
N PHE B 460 4.49 -1.90 48.43
CA PHE B 460 3.17 -1.46 48.90
C PHE B 460 3.15 0.03 49.29
N SER B 461 4.01 0.85 48.71
CA SER B 461 4.10 2.24 49.17
C SER B 461 2.85 3.02 48.72
N ARG B 462 2.54 4.08 49.45
CA ARG B 462 1.41 4.92 49.18
C ARG B 462 1.47 5.64 47.83
N HIS B 463 2.65 6.10 47.45
CA HIS B 463 2.79 6.97 46.31
C HIS B 463 3.49 6.34 45.12
N ASP B 464 3.97 5.12 45.26
CA ASP B 464 4.47 4.43 44.06
C ASP B 464 4.25 2.92 44.03
N GLY B 465 3.36 2.43 44.88
CA GLY B 465 3.14 0.99 44.99
C GLY B 465 1.78 0.58 44.44
N LEU B 466 1.37 -0.59 44.87
CA LEU B 466 0.14 -1.24 44.40
C LEU B 466 -1.05 -0.31 44.35
N VAL B 467 -1.31 0.41 45.43
CA VAL B 467 -2.50 1.27 45.53
C VAL B 467 -2.59 2.37 44.46
N THR B 468 -1.46 2.83 43.92
CA THR B 468 -1.47 3.88 42.96
C THR B 468 -2.11 3.43 41.63
N VAL B 469 -2.08 2.15 41.38
CA VAL B 469 -2.71 1.59 40.18
C VAL B 469 -4.20 1.90 40.17
N ILE B 470 -4.85 1.74 41.31
CA ILE B 470 -6.32 1.93 41.42
C ILE B 470 -6.64 3.38 41.11
N CYS B 471 -5.83 4.31 41.67
CA CYS B 471 -6.01 5.72 41.38
C CYS B 471 -5.90 6.03 39.86
N GLY B 472 -4.90 5.44 39.24
CA GLY B 472 -4.66 5.57 37.81
C GLY B 472 -5.82 5.02 36.98
N ALA B 473 -6.33 3.88 37.40
CA ALA B 473 -7.50 3.27 36.70
C ALA B 473 -8.79 4.15 36.83
N LEU B 474 -9.04 4.68 38.04
CA LEU B 474 -10.26 5.44 38.25
C LEU B 474 -10.23 6.75 37.50
N SER B 475 -9.11 7.47 37.62
CA SER B 475 -8.98 8.72 36.95
C SER B 475 -8.99 8.59 35.39
N SER B 476 -8.17 7.71 34.85
CA SER B 476 -8.11 7.52 33.40
C SER B 476 -9.45 7.01 32.82
N GLY B 477 -10.17 6.23 33.62
CA GLY B 477 -11.54 5.77 33.28
C GLY B 477 -12.54 6.89 33.08
N LEU B 478 -12.52 7.87 33.98
CA LEU B 478 -13.37 9.04 33.82
C LEU B 478 -13.04 9.87 32.59
N MET B 479 -11.78 9.77 32.13
CA MET B 479 -11.33 10.51 30.97
C MET B 479 -11.63 9.72 29.67
N GLY B 480 -12.30 8.57 29.74
CA GLY B 480 -12.72 7.85 28.56
C GLY B 480 -11.89 6.65 28.15
N ASN B 481 -10.89 6.27 28.96
CA ASN B 481 -10.10 5.09 28.76
C ASN B 481 -10.70 3.94 29.54
N ALA B 482 -11.43 3.07 28.85
CA ALA B 482 -12.26 2.09 29.55
C ALA B 482 -11.49 0.93 30.15
N TYR B 483 -10.29 0.67 29.65
CA TYR B 483 -9.52 -0.52 30.06
C TYR B 483 -8.15 -0.12 30.61
N HIS B 484 -7.90 -0.54 31.84
CA HIS B 484 -6.62 -0.23 32.54
C HIS B 484 -6.09 -1.53 33.11
N HIS B 485 -4.77 -1.66 33.23
CA HIS B 485 -4.20 -2.80 33.95
C HIS B 485 -2.81 -2.40 34.45
N SER B 486 -2.15 -3.31 35.15
CA SER B 486 -0.81 -3.04 35.65
C SER B 486 0.15 -4.22 35.53
N ASP B 487 1.44 -3.95 35.69
CA ASP B 487 2.41 -5.00 35.84
C ASP B 487 2.16 -5.74 37.16
N ILE B 488 1.83 -7.01 37.12
CA ILE B 488 1.68 -7.78 38.32
C ILE B 488 2.98 -7.88 39.09
N GLY B 489 3.01 -7.30 40.28
CA GLY B 489 4.18 -7.28 41.12
C GLY B 489 5.02 -6.01 40.95
N GLY B 490 4.53 -5.05 40.19
CA GLY B 490 5.25 -3.80 39.95
C GLY B 490 6.49 -4.00 39.09
N TYR B 491 7.24 -2.92 38.89
CA TYR B 491 8.34 -2.91 37.93
C TYR B 491 9.71 -2.50 38.59
N THR B 492 9.75 -1.32 39.18
CA THR B 492 11.05 -0.69 39.53
C THR B 492 11.67 -1.25 40.78
N SER B 493 12.79 -1.96 40.61
CA SER B 493 13.60 -2.49 41.70
C SER B 493 14.93 -1.71 41.70
N LEU B 494 15.11 -0.88 42.72
CA LEU B 494 16.34 -0.10 42.90
C LEU B 494 16.65 -0.02 44.39
N PHE B 495 17.92 0.22 44.72
CA PHE B 495 18.32 0.51 46.11
C PHE B 495 17.94 -0.60 47.06
N GLY B 496 18.00 -1.83 46.60
CA GLY B 496 17.59 -2.96 47.43
C GLY B 496 16.11 -3.22 47.62
N ASN B 497 15.25 -2.43 46.99
CA ASN B 497 13.79 -2.61 47.06
C ASN B 497 13.48 -3.76 46.06
N VAL B 498 13.03 -4.90 46.59
CA VAL B 498 12.81 -6.10 45.80
C VAL B 498 11.45 -6.67 46.19
N ARG B 499 10.88 -7.47 45.31
CA ARG B 499 9.55 -8.05 45.55
C ARG B 499 9.51 -9.00 46.71
N THR B 500 8.33 -9.12 47.33
CA THR B 500 8.05 -10.24 48.21
C THR B 500 6.99 -11.15 47.59
N ALA B 501 6.89 -12.37 48.10
CA ALA B 501 5.86 -13.29 47.70
C ALA B 501 4.47 -12.66 47.91
N GLU B 502 4.31 -12.04 49.09
CA GLU B 502 3.05 -11.40 49.43
C GLU B 502 2.66 -10.30 48.45
N LEU B 503 3.63 -9.47 48.06
CA LEU B 503 3.36 -8.44 47.10
C LEU B 503 2.83 -9.02 45.80
N ILE B 504 3.48 -10.05 45.27
CA ILE B 504 3.05 -10.65 44.02
C ILE B 504 1.59 -11.14 44.14
N MET B 505 1.33 -11.85 45.23
CA MET B 505 0.01 -12.44 45.43
C MET B 505 -1.09 -11.38 45.58
N ARG B 506 -0.86 -10.32 46.39
CA ARG B 506 -1.85 -9.25 46.47
C ARG B 506 -2.07 -8.56 45.14
N TRP B 507 -1.02 -8.37 44.36
CA TRP B 507 -1.12 -7.67 43.09
C TRP B 507 -1.95 -8.55 42.10
N THR B 508 -1.68 -9.84 42.12
CA THR B 508 -2.40 -10.85 41.31
C THR B 508 -3.89 -10.85 41.65
N GLU B 509 -4.20 -10.77 42.96
CA GLU B 509 -5.61 -10.68 43.45
C GLU B 509 -6.36 -9.54 42.84
N MET B 510 -5.76 -8.34 42.78
CA MET B 510 -6.39 -7.22 42.16
C MET B 510 -6.53 -7.46 40.65
N ALA B 511 -5.44 -7.90 40.03
CA ALA B 511 -5.40 -7.98 38.57
C ALA B 511 -6.44 -8.94 37.98
N ALA B 512 -6.80 -9.99 38.73
CA ALA B 512 -7.88 -10.91 38.28
C ALA B 512 -9.23 -10.23 38.09
N PHE B 513 -9.41 -9.09 38.78
CA PHE B 513 -10.60 -8.25 38.67
C PHE B 513 -10.26 -6.95 37.94
N THR B 514 -9.55 -7.10 36.82
CA THR B 514 -9.28 -6.03 35.87
C THR B 514 -9.29 -6.65 34.48
N PRO B 515 -9.29 -5.83 33.43
CA PRO B 515 -9.37 -6.39 32.06
C PRO B 515 -8.28 -7.36 31.66
N VAL B 516 -7.04 -7.16 32.14
CA VAL B 516 -5.89 -7.98 31.67
C VAL B 516 -4.94 -8.33 32.81
N MET B 517 -4.71 -9.61 33.03
CA MET B 517 -3.65 -10.10 33.90
C MET B 517 -2.34 -10.22 33.09
N ARG B 518 -1.31 -9.48 33.51
CA ARG B 518 -0.03 -9.52 32.79
C ARG B 518 1.10 -9.43 33.83
N THR B 519 2.05 -10.36 33.71
CA THR B 519 3.23 -10.36 34.56
C THR B 519 4.40 -9.66 33.87
N HIS B 520 5.50 -9.48 34.61
CA HIS B 520 6.66 -8.70 34.13
C HIS B 520 7.85 -9.10 35.03
N GLU B 521 8.97 -9.46 34.44
CA GLU B 521 10.14 -9.79 35.24
C GLU B 521 10.82 -8.53 35.84
N GLY B 522 10.52 -7.38 35.28
CA GLY B 522 11.04 -6.07 35.75
C GLY B 522 12.41 -5.70 35.24
N ASN B 523 12.99 -4.65 35.87
CA ASN B 523 14.26 -4.12 35.44
C ASN B 523 15.43 -5.00 35.90
N ARG B 524 15.27 -5.76 36.97
CA ARG B 524 16.33 -6.62 37.53
C ARG B 524 15.83 -8.00 37.82
N PRO B 525 15.55 -8.78 36.75
CA PRO B 525 14.90 -10.09 36.90
C PRO B 525 15.52 -11.05 37.89
N ARG B 526 16.85 -11.10 37.92
CA ARG B 526 17.48 -12.03 38.81
C ARG B 526 17.46 -11.60 40.27
N ASP B 527 17.23 -10.39 40.55
CA ASP B 527 17.19 -9.89 41.94
C ASP B 527 15.79 -9.96 42.54
N ASN B 528 14.76 -10.27 41.73
CA ASN B 528 13.38 -10.19 42.15
C ASN B 528 12.66 -11.49 41.94
N LEU B 529 11.86 -11.82 42.94
CA LEU B 529 11.01 -13.02 42.83
C LEU B 529 10.08 -12.94 41.62
N GLN B 530 9.93 -14.07 40.93
CA GLN B 530 9.02 -14.14 39.78
C GLN B 530 7.96 -15.20 40.06
N ILE B 531 6.88 -15.18 39.29
CA ILE B 531 5.74 -16.09 39.62
C ILE B 531 6.06 -17.57 39.59
N ASP B 532 7.04 -17.96 38.79
CA ASP B 532 7.42 -19.37 38.68
C ASP B 532 8.41 -19.86 39.71
N GLN B 533 8.88 -18.99 40.59
CA GLN B 533 10.02 -19.31 41.48
C GLN B 533 9.65 -19.64 42.90
N ASP B 534 8.38 -19.59 43.23
CA ASP B 534 7.93 -19.95 44.56
C ASP B 534 6.64 -20.73 44.37
N GLU B 535 6.58 -21.94 44.90
CA GLU B 535 5.44 -22.84 44.64
C GLU B 535 4.10 -22.29 45.18
N THR B 536 4.15 -21.59 46.31
CA THR B 536 2.96 -20.97 46.89
C THR B 536 2.44 -19.84 46.02
N VAL B 537 3.36 -18.97 45.59
CA VAL B 537 3.01 -17.90 44.67
C VAL B 537 2.40 -18.46 43.36
N LEU B 538 3.06 -19.48 42.81
CA LEU B 538 2.64 -20.00 41.50
C LEU B 538 1.22 -20.63 41.60
N ALA B 539 0.97 -21.37 42.68
CA ALA B 539 -0.38 -22.01 42.89
C ALA B 539 -1.45 -20.94 43.09
N HIS B 540 -1.09 -19.90 43.86
CA HIS B 540 -1.99 -18.78 44.03
C HIS B 540 -2.28 -18.08 42.68
N PHE B 541 -1.24 -17.88 41.88
CA PHE B 541 -1.39 -17.27 40.55
C PHE B 541 -2.30 -18.09 39.64
N ALA B 542 -2.05 -19.40 39.60
CA ALA B 542 -2.83 -20.31 38.73
C ALA B 542 -4.31 -20.23 39.14
N ARG B 543 -4.59 -20.30 40.44
CA ARG B 543 -5.96 -20.17 40.93
C ARG B 543 -6.58 -18.83 40.52
N MET B 544 -5.87 -17.71 40.66
CA MET B 544 -6.46 -16.44 40.28
C MET B 544 -6.72 -16.36 38.77
N THR B 545 -5.86 -16.99 37.96
CA THR B 545 -6.14 -17.04 36.49
C THR B 545 -7.41 -17.83 36.22
N ALA B 546 -7.69 -18.87 36.99
CA ALA B 546 -8.94 -19.63 36.81
C ALA B 546 -10.17 -18.78 37.17
N ILE B 547 -10.02 -17.94 38.21
CA ILE B 547 -11.06 -17.01 38.56
C ILE B 547 -11.28 -16.01 37.45
N TYR B 548 -10.19 -15.45 36.89
CA TYR B 548 -10.30 -14.50 35.77
C TYR B 548 -11.06 -15.13 34.58
N VAL B 549 -10.64 -16.34 34.21
CA VAL B 549 -11.29 -17.03 33.06
C VAL B 549 -12.79 -17.29 33.35
N ALA B 550 -13.10 -17.73 34.56
CA ALA B 550 -14.52 -17.95 34.93
C ALA B 550 -15.34 -16.66 34.87
N LEU B 551 -14.71 -15.52 35.18
CA LEU B 551 -15.36 -14.23 35.09
C LEU B 551 -15.50 -13.66 33.70
N ALA B 552 -14.89 -14.29 32.71
CA ALA B 552 -14.88 -13.74 31.34
C ALA B 552 -16.25 -13.28 30.81
N PRO B 553 -17.31 -14.07 31.04
CA PRO B 553 -18.59 -13.58 30.49
C PRO B 553 -19.02 -12.23 31.08
N TYR B 554 -18.74 -12.01 32.37
CA TYR B 554 -19.03 -10.71 33.00
C TYR B 554 -18.16 -9.60 32.46
N LEU B 555 -16.85 -9.83 32.41
CA LEU B 555 -15.93 -8.83 31.82
C LEU B 555 -16.31 -8.51 30.36
N LYS B 556 -16.66 -9.52 29.56
CA LYS B 556 -17.18 -9.27 28.19
C LYS B 556 -18.38 -8.35 28.18
N SER B 557 -19.30 -8.54 29.10
CA SER B 557 -20.51 -7.65 29.19
C SER B 557 -20.06 -6.23 29.52
N LEU B 558 -19.03 -6.10 30.36
CA LEU B 558 -18.49 -4.75 30.68
C LEU B 558 -17.82 -4.13 29.49
N SER B 559 -17.08 -4.92 28.71
CA SER B 559 -16.47 -4.40 27.48
C SER B 559 -17.53 -3.93 26.45
N ALA B 560 -18.60 -4.71 26.34
CA ALA B 560 -19.70 -4.32 25.47
C ALA B 560 -20.33 -3.02 25.95
N GLU B 561 -20.49 -2.88 27.27
CA GLU B 561 -21.01 -1.61 27.85
C GLU B 561 -20.10 -0.47 27.52
N ALA B 562 -18.79 -0.70 27.64
CA ALA B 562 -17.82 0.36 27.34
C ALA B 562 -17.92 0.84 25.89
N ALA B 563 -18.07 -0.10 24.96
CA ALA B 563 -18.24 0.29 23.56
C ALA B 563 -19.55 1.07 23.34
N LYS B 564 -20.61 0.68 24.02
CA LYS B 564 -21.96 1.23 23.78
C LYS B 564 -22.16 2.57 24.49
N THR B 565 -21.67 2.70 25.73
CA THR B 565 -21.93 3.89 26.57
C THR B 565 -20.66 4.64 27.02
N GLY B 566 -19.49 4.07 26.77
CA GLY B 566 -18.26 4.70 27.17
C GLY B 566 -17.81 4.50 28.60
N LEU B 567 -18.65 3.87 29.44
CA LEU B 567 -18.27 3.74 30.84
C LEU B 567 -17.07 2.84 31.03
N PRO B 568 -16.17 3.23 31.91
CA PRO B 568 -14.97 2.40 32.10
C PRO B 568 -15.33 1.13 32.83
N VAL B 569 -14.52 0.11 32.67
CA VAL B 569 -14.69 -1.15 33.37
C VAL B 569 -14.51 -1.01 34.89
N GLN B 570 -13.51 -0.24 35.31
CA GLN B 570 -13.28 0.08 36.73
C GLN B 570 -13.82 1.47 37.02
N ARG B 571 -14.84 1.52 37.89
CA ARG B 571 -15.61 2.74 38.11
C ARG B 571 -15.48 3.19 39.57
N PRO B 572 -15.48 4.51 39.80
CA PRO B 572 -15.48 5.00 41.18
C PRO B 572 -16.87 4.76 41.81
N LEU B 573 -16.93 4.59 43.12
CA LEU B 573 -18.18 4.28 43.78
C LEU B 573 -19.26 5.33 43.55
N PHE B 574 -18.88 6.59 43.46
CA PHE B 574 -19.83 7.68 43.32
C PHE B 574 -20.57 7.64 42.01
N LEU B 575 -20.03 6.96 40.99
CA LEU B 575 -20.69 6.89 39.70
C LEU B 575 -22.04 6.19 39.81
N HIS B 576 -22.15 5.19 40.68
CA HIS B 576 -23.43 4.44 40.87
C HIS B 576 -24.11 4.72 42.21
N TYR B 577 -23.52 5.53 43.07
CA TYR B 577 -24.05 5.87 44.38
C TYR B 577 -23.93 7.36 44.65
N GLU B 578 -24.56 8.14 43.77
CA GLU B 578 -24.44 9.58 43.80
C GLU B 578 -24.93 10.23 45.09
N ASN B 579 -25.89 9.62 45.76
CA ASN B 579 -26.47 10.20 46.97
C ASN B 579 -25.70 9.91 48.25
N GLU B 580 -24.56 9.22 48.13
CA GLU B 580 -23.79 8.77 49.30
C GLU B 580 -22.43 9.50 49.32
N PRO B 581 -22.38 10.64 50.06
CA PRO B 581 -21.15 11.46 50.19
C PRO B 581 -19.90 10.69 50.50
N GLN B 582 -20.00 9.63 51.29
CA GLN B 582 -18.83 8.79 51.63
C GLN B 582 -18.10 8.14 50.44
N THR B 583 -18.78 8.03 49.30
CA THR B 583 -18.20 7.43 48.12
C THR B 583 -17.32 8.38 47.25
N TYR B 584 -17.36 9.68 47.54
CA TYR B 584 -16.86 10.67 46.60
C TYR B 584 -15.32 10.79 46.49
N ALA B 585 -14.64 10.51 47.59
CA ALA B 585 -13.14 10.54 47.51
C ALA B 585 -12.48 9.17 47.55
N VAL B 586 -13.27 8.09 47.68
CA VAL B 586 -12.72 6.73 47.80
C VAL B 586 -11.88 6.39 46.54
N GLN B 587 -10.61 6.04 46.73
CA GLN B 587 -9.71 5.73 45.62
C GLN B 587 -8.92 4.45 45.75
N ASP B 588 -9.19 3.64 46.77
CA ASP B 588 -8.59 2.33 46.89
C ASP B 588 -9.60 1.19 46.80
N CYS B 589 -10.79 1.49 46.28
CA CYS B 589 -11.80 0.49 45.96
C CYS B 589 -12.41 0.92 44.65
N TYR B 590 -12.95 -0.04 43.92
CA TYR B 590 -13.65 0.31 42.67
C TYR B 590 -14.84 -0.61 42.46
N LEU B 591 -15.79 -0.13 41.67
CA LEU B 591 -16.86 -0.99 41.14
C LEU B 591 -16.37 -1.60 39.82
N TYR B 592 -16.36 -2.94 39.79
CA TYR B 592 -15.93 -3.66 38.60
C TYR B 592 -17.24 -3.92 37.88
N GLY B 593 -17.55 -3.01 36.96
CA GLY B 593 -18.91 -2.87 36.45
C GLY B 593 -19.81 -2.40 37.57
N ALA B 594 -21.12 -2.42 37.34
CA ALA B 594 -22.08 -2.02 38.36
C ALA B 594 -22.30 -3.08 39.43
N ASP B 595 -21.94 -4.32 39.16
CA ASP B 595 -22.39 -5.45 39.97
C ASP B 595 -21.38 -6.07 40.94
N MET B 596 -20.12 -5.65 40.87
CA MET B 596 -19.09 -6.16 41.79
C MET B 596 -18.34 -4.98 42.41
N LEU B 597 -17.89 -5.17 43.64
CA LEU B 597 -17.11 -4.16 44.37
C LEU B 597 -15.80 -4.85 44.80
N VAL B 598 -14.67 -4.19 44.47
CA VAL B 598 -13.35 -4.74 44.73
C VAL B 598 -12.58 -3.77 45.61
N ALA B 599 -12.05 -4.28 46.71
CA ALA B 599 -11.29 -3.50 47.70
C ALA B 599 -9.94 -4.19 47.91
N PRO B 600 -8.99 -3.95 46.99
CA PRO B 600 -7.72 -4.66 47.11
C PRO B 600 -6.97 -4.34 48.42
N VAL B 601 -6.31 -5.33 49.00
CA VAL B 601 -5.33 -5.11 50.10
C VAL B 601 -4.07 -4.49 49.49
N TRP B 602 -3.63 -3.35 50.03
CA TRP B 602 -2.49 -2.63 49.56
C TRP B 602 -1.37 -2.37 50.55
N LYS B 603 -1.37 -3.12 51.64
CA LYS B 603 -0.30 -3.08 52.64
C LYS B 603 0.10 -4.48 53.06
N ALA B 604 1.36 -4.61 53.46
CA ALA B 604 1.87 -5.87 53.94
C ALA B 604 1.34 -6.24 55.30
N GLY B 605 1.14 -7.53 55.51
CA GLY B 605 0.82 -8.07 56.81
C GLY B 605 -0.66 -7.97 57.17
N GLU B 606 -1.51 -7.54 56.24
CA GLU B 606 -2.94 -7.37 56.56
C GLU B 606 -3.64 -8.71 56.36
N THR B 607 -4.48 -9.07 57.33
CA THR B 607 -5.31 -10.26 57.33
C THR B 607 -6.79 -9.93 57.13
N GLN B 608 -7.12 -8.64 57.16
CA GLN B 608 -8.48 -8.09 57.06
C GLN B 608 -8.45 -6.88 56.19
N ARG B 609 -9.64 -6.49 55.73
CA ARG B 609 -9.82 -5.26 54.96
C ARG B 609 -11.09 -4.58 55.39
N SER B 610 -11.01 -3.28 55.63
CA SER B 610 -12.15 -2.45 56.01
C SER B 610 -12.48 -1.59 54.82
N LEU B 611 -13.77 -1.40 54.55
CA LEU B 611 -14.22 -0.60 53.44
C LEU B 611 -15.61 -0.10 53.67
N TYR B 612 -16.00 0.93 52.93
CA TYR B 612 -17.37 1.41 52.88
C TYR B 612 -18.15 0.62 51.81
N LEU B 613 -19.19 -0.10 52.21
CA LEU B 613 -20.14 -0.73 51.29
C LEU B 613 -21.29 0.23 51.01
N PRO B 614 -21.50 0.57 49.71
CA PRO B 614 -22.52 1.55 49.38
C PRO B 614 -23.92 0.91 49.13
N GLY B 615 -24.93 1.75 49.06
CA GLY B 615 -26.28 1.33 48.67
C GLY B 615 -27.18 0.96 49.83
N HIS B 616 -28.41 0.62 49.46
CA HIS B 616 -29.39 0.18 50.49
C HIS B 616 -29.86 -1.25 50.30
N GLY B 617 -29.20 -2.00 49.45
CA GLY B 617 -29.45 -3.41 49.27
C GLY B 617 -28.45 -4.26 50.03
N GLU B 618 -28.15 -5.40 49.42
CA GLU B 618 -27.28 -6.39 50.00
C GLU B 618 -26.18 -6.71 49.01
N TRP B 619 -24.99 -6.87 49.56
CA TRP B 619 -23.81 -7.29 48.85
C TRP B 619 -23.49 -8.67 49.37
N VAL B 620 -23.01 -9.53 48.49
CA VAL B 620 -22.66 -10.88 48.82
C VAL B 620 -21.15 -11.00 48.73
N HIS B 621 -20.54 -11.45 49.82
CA HIS B 621 -19.09 -11.67 49.84
C HIS B 621 -18.74 -12.86 48.95
N LEU B 622 -17.80 -12.67 48.04
CA LEU B 622 -17.60 -13.62 46.94
C LEU B 622 -17.21 -15.03 47.39
N TRP B 623 -16.34 -15.10 48.39
CA TRP B 623 -15.72 -16.36 48.81
C TRP B 623 -16.56 -17.13 49.82
N SER B 624 -17.32 -16.43 50.66
CA SER B 624 -18.14 -17.07 51.72
C SER B 624 -19.65 -17.16 51.40
N GLY B 625 -20.14 -16.32 50.50
CA GLY B 625 -21.59 -16.19 50.28
C GLY B 625 -22.32 -15.46 51.37
N LYS B 626 -21.63 -14.95 52.40
CA LYS B 626 -22.28 -14.15 53.44
C LYS B 626 -22.82 -12.86 52.85
N ARG B 627 -23.99 -12.44 53.32
CA ARG B 627 -24.59 -11.19 52.88
C ARG B 627 -24.23 -10.03 53.81
N HIS B 628 -24.10 -8.83 53.25
CA HIS B 628 -23.76 -7.62 54.01
C HIS B 628 -24.67 -6.51 53.54
N ALA B 629 -25.25 -5.79 54.50
CA ALA B 629 -26.12 -4.67 54.24
C ALA B 629 -25.30 -3.47 53.74
N GLY B 630 -25.73 -2.86 52.63
CA GLY B 630 -25.11 -1.63 52.19
C GLY B 630 -25.27 -0.46 53.16
N GLY B 631 -24.48 0.57 53.00
CA GLY B 631 -24.64 1.87 53.67
C GLY B 631 -23.80 2.04 54.95
N ARG B 632 -22.74 1.28 55.09
N ARG B 632 -22.73 1.29 55.07
CA ARG B 632 -21.91 1.28 56.30
CA ARG B 632 -21.89 1.31 56.27
C ARG B 632 -20.52 0.74 55.98
C ARG B 632 -20.51 0.75 55.97
N ASP B 633 -19.58 1.06 56.88
CA ASP B 633 -18.26 0.49 56.88
C ASP B 633 -18.33 -0.96 57.40
N ILE B 634 -17.55 -1.85 56.81
CA ILE B 634 -17.48 -3.24 57.25
C ILE B 634 -16.01 -3.67 57.22
N THR B 635 -15.72 -4.78 57.87
CA THR B 635 -14.42 -5.39 57.88
C THR B 635 -14.59 -6.85 57.58
N VAL B 636 -13.85 -7.38 56.60
CA VAL B 636 -13.88 -8.82 56.26
C VAL B 636 -12.48 -9.42 56.31
N GLU B 637 -12.43 -10.74 56.49
CA GLU B 637 -11.19 -11.50 56.46
C GLU B 637 -10.70 -11.54 55.00
N THR B 638 -9.40 -11.27 54.82
CA THR B 638 -8.75 -11.27 53.51
C THR B 638 -7.47 -12.06 53.57
N PRO B 639 -7.57 -13.37 53.83
CA PRO B 639 -6.36 -14.16 53.71
C PRO B 639 -5.93 -14.21 52.24
N LEU B 640 -4.70 -14.60 52.00
CA LEU B 640 -4.20 -14.68 50.63
C LEU B 640 -5.11 -15.60 49.83
N GLY B 641 -5.51 -15.15 48.65
CA GLY B 641 -6.43 -15.89 47.78
C GLY B 641 -7.87 -15.41 47.86
N GLU B 642 -8.20 -14.66 48.91
CA GLU B 642 -9.55 -14.20 49.15
C GLU B 642 -9.63 -12.71 49.29
N PRO B 643 -9.39 -11.99 48.19
CA PRO B 643 -9.52 -10.54 48.27
C PRO B 643 -10.96 -10.12 48.60
N ALA B 644 -11.08 -8.90 49.13
CA ALA B 644 -12.34 -8.34 49.56
C ALA B 644 -13.11 -7.95 48.30
N VAL B 645 -13.92 -8.91 47.83
CA VAL B 645 -14.74 -8.72 46.62
C VAL B 645 -16.19 -9.12 46.97
N PHE B 646 -17.14 -8.31 46.48
CA PHE B 646 -18.54 -8.49 46.78
C PHE B 646 -19.32 -8.34 45.48
N TYR B 647 -20.49 -8.98 45.42
CA TYR B 647 -21.38 -8.77 44.26
C TYR B 647 -22.76 -8.42 44.74
N ARG B 648 -23.47 -7.63 43.96
CA ARG B 648 -24.86 -7.30 44.31
C ARG B 648 -25.77 -8.54 44.30
N ALA B 649 -26.52 -8.72 45.40
CA ALA B 649 -27.43 -9.87 45.55
C ALA B 649 -28.38 -10.04 44.40
N ASP B 650 -28.81 -8.91 43.84
CA ASP B 650 -29.78 -8.87 42.74
C ASP B 650 -29.13 -8.90 41.35
N SER B 651 -27.83 -9.14 41.27
CA SER B 651 -27.14 -9.20 39.97
C SER B 651 -27.69 -10.30 39.07
N SER B 652 -27.86 -9.95 37.80
CA SER B 652 -28.27 -10.92 36.76
C SER B 652 -27.18 -11.98 36.52
N HIS B 653 -25.94 -11.70 36.95
CA HIS B 653 -24.86 -12.66 36.84
C HIS B 653 -24.65 -13.47 38.10
N HIS B 654 -25.65 -13.52 38.98
CA HIS B 654 -25.44 -14.16 40.28
C HIS B 654 -25.06 -15.65 40.17
N ARG B 655 -25.58 -16.38 39.18
CA ARG B 655 -25.26 -17.83 39.05
C ARG B 655 -23.76 -17.96 38.77
N LEU B 656 -23.24 -17.12 37.88
CA LEU B 656 -21.80 -17.07 37.63
C LEU B 656 -20.97 -16.73 38.88
N PHE B 657 -21.37 -15.68 39.58
CA PHE B 657 -20.67 -15.27 40.81
C PHE B 657 -20.66 -16.38 41.89
N GLU B 658 -21.79 -17.08 42.02
CA GLU B 658 -21.91 -18.23 42.93
C GLU B 658 -20.88 -19.32 42.61
N GLN B 659 -20.63 -19.58 41.31
CA GLN B 659 -19.63 -20.57 40.89
C GLN B 659 -18.22 -20.23 41.33
N LEU B 660 -17.88 -18.93 41.38
CA LEU B 660 -16.48 -18.51 41.71
C LEU B 660 -16.03 -18.95 43.09
N ARG B 661 -17.02 -19.01 43.99
CA ARG B 661 -16.82 -19.53 45.33
C ARG B 661 -16.24 -20.93 45.32
N THR B 662 -16.72 -21.75 44.39
CA THR B 662 -16.30 -23.18 44.31
C THR B 662 -14.92 -23.34 43.66
N ILE B 663 -14.58 -22.51 42.68
CA ILE B 663 -13.22 -22.50 42.07
C ILE B 663 -12.19 -22.17 43.19
N GLY B 664 -12.60 -21.23 44.06
CA GLY B 664 -12.06 -21.03 45.38
C GLY B 664 -11.58 -22.29 46.12
N MET C 1 -26.25 55.57 9.69
CA MET C 1 -24.94 56.11 10.06
C MET C 1 -25.06 57.39 10.86
N HIS C 2 -24.20 57.53 11.87
CA HIS C 2 -24.17 58.70 12.64
C HIS C 2 -22.79 59.35 12.72
N PHE C 3 -22.93 60.65 12.56
CA PHE C 3 -21.85 61.63 12.60
C PHE C 3 -21.74 62.18 14.01
N GLU C 4 -20.53 62.52 14.45
CA GLU C 4 -20.28 62.90 15.85
C GLU C 4 -19.06 63.77 15.92
N LYS C 7 -14.16 66.15 19.51
CA LYS C 7 -13.19 66.74 20.43
C LYS C 7 -11.92 67.29 19.73
N ASP C 8 -11.27 66.43 18.95
CA ASP C 8 -10.13 66.77 18.04
C ASP C 8 -10.57 66.91 16.55
N GLY C 9 -11.85 66.61 16.27
CA GLY C 9 -12.38 66.46 14.92
C GLY C 9 -13.67 65.64 14.96
N PHE C 10 -13.83 64.65 14.07
CA PHE C 10 -15.10 63.91 13.99
C PHE C 10 -14.96 62.40 13.74
N THR C 11 -16.05 61.69 14.03
CA THR C 11 -16.17 60.29 13.68
C THR C 11 -17.46 60.04 12.94
N ILE C 12 -17.46 58.97 12.14
CA ILE C 12 -18.64 58.48 11.45
C ILE C 12 -18.73 57.01 11.76
N ALA C 13 -19.90 56.57 12.17
CA ALA C 13 -20.11 55.19 12.58
C ALA C 13 -21.36 54.62 11.91
N ILE C 14 -21.40 53.29 11.77
CA ILE C 14 -22.65 52.56 11.49
C ILE C 14 -22.96 51.82 12.76
N GLY C 15 -24.03 52.24 13.43
CA GLY C 15 -24.43 51.74 14.73
C GLY C 15 -23.28 51.69 15.72
N ASN C 16 -23.03 50.49 16.23
CA ASN C 16 -21.97 50.26 17.20
C ASN C 16 -20.55 50.46 16.59
N ARG C 17 -20.41 50.63 15.27
CA ARG C 17 -19.11 50.48 14.55
C ARG C 17 -18.50 51.79 13.99
N ILE C 18 -17.44 52.27 14.59
CA ILE C 18 -16.75 53.45 14.04
C ILE C 18 -16.04 53.06 12.73
N ILE C 19 -16.34 53.82 11.67
CA ILE C 19 -15.82 53.64 10.32
C ILE C 19 -14.72 54.62 9.94
N LEU C 20 -15.01 55.92 10.08
CA LEU C 20 -14.07 57.01 9.84
C LEU C 20 -13.80 57.75 11.14
N SER C 21 -12.56 58.15 11.31
CA SER C 21 -12.13 58.95 12.45
C SER C 21 -11.15 59.99 11.93
N HIS C 22 -11.41 61.25 12.24
CA HIS C 22 -10.60 62.33 11.74
C HIS C 22 -10.13 63.22 12.85
N SER C 23 -8.83 63.49 12.86
CA SER C 23 -8.25 64.61 13.63
C SER C 23 -7.08 65.19 12.82
N PRO C 24 -6.62 66.41 13.19
CA PRO C 24 -5.46 66.94 12.48
C PRO C 24 -4.22 65.98 12.45
N ASP C 25 -3.97 65.30 13.58
CA ASP C 25 -2.87 64.33 13.69
C ASP C 25 -3.13 62.95 13.08
N LYS C 26 -4.40 62.53 12.99
CA LYS C 26 -4.76 61.23 12.41
C LYS C 26 -5.90 61.47 11.45
N PRO C 27 -5.58 62.09 10.26
CA PRO C 27 -6.61 62.47 9.31
C PRO C 27 -7.17 61.26 8.60
N ALA C 28 -8.42 61.41 8.14
CA ALA C 28 -9.12 60.36 7.42
C ALA C 28 -8.82 60.46 5.93
N PHE C 29 -8.62 61.68 5.40
CA PHE C 29 -8.44 61.87 3.96
C PHE C 29 -7.08 62.51 3.61
N PHE C 30 -6.56 62.11 2.45
CA PHE C 30 -5.38 62.72 1.82
C PHE C 30 -5.76 62.97 0.36
N ALA C 31 -5.34 64.12 -0.19
CA ALA C 31 -5.63 64.47 -1.57
C ALA C 31 -4.38 64.86 -2.33
N GLY C 32 -4.39 64.58 -3.63
CA GLY C 32 -3.23 64.94 -4.44
C GLY C 32 -3.40 64.74 -5.93
N PHE C 33 -2.27 64.47 -6.57
CA PHE C 33 -2.16 64.55 -8.00
C PHE C 33 -1.07 63.58 -8.46
N GLY C 34 -1.39 62.80 -9.51
CA GLY C 34 -0.50 61.86 -10.10
C GLY C 34 -0.52 61.91 -11.63
N GLU C 35 0.54 61.37 -12.22
CA GLU C 35 0.61 61.13 -13.66
C GLU C 35 0.88 59.67 -13.88
N GLU C 36 -0.14 58.94 -14.32
CA GLU C 36 -0.01 57.50 -14.46
C GLU C 36 0.50 57.07 -15.82
N ARG C 37 1.09 55.88 -15.84
CA ARG C 37 1.34 55.12 -17.06
C ARG C 37 0.54 53.83 -16.97
N MET C 38 -0.16 53.48 -18.02
CA MET C 38 -1.00 52.24 -18.04
C MET C 38 -0.91 51.65 -19.43
N ASP C 39 0.22 51.03 -19.75
CA ASP C 39 0.45 50.52 -21.10
C ASP C 39 -0.16 49.16 -21.28
N MET C 40 -1.01 48.99 -22.30
CA MET C 40 -1.67 47.70 -22.54
C MET C 40 -0.92 46.90 -23.57
N TYR C 41 -0.70 45.62 -23.30
CA TYR C 41 -0.17 44.70 -24.28
C TYR C 41 -1.01 43.43 -24.23
N ARG C 42 -1.86 43.27 -25.26
CA ARG C 42 -2.73 42.09 -25.31
C ARG C 42 -3.50 41.83 -24.02
N GLY C 43 -4.07 42.91 -23.51
CA GLY C 43 -4.90 42.90 -22.31
C GLY C 43 -4.21 42.81 -20.97
N ASN C 44 -2.88 42.77 -20.99
CA ASN C 44 -2.06 42.91 -19.80
C ASN C 44 -1.73 44.37 -19.67
N PHE C 45 -1.75 44.88 -18.45
CA PHE C 45 -1.42 46.29 -18.20
C PHE C 45 -0.16 46.43 -17.36
N ASP C 46 0.72 47.29 -17.81
CA ASP C 46 1.91 47.67 -17.05
C ASP C 46 1.59 49.05 -16.46
N ILE C 47 1.28 49.06 -15.17
CA ILE C 47 0.74 50.24 -14.50
C ILE C 47 1.73 50.76 -13.51
N GLU C 48 2.08 52.02 -13.65
CA GLU C 48 2.96 52.68 -12.66
C GLU C 48 2.51 54.13 -12.50
N ASP C 49 2.36 54.59 -11.26
CA ASP C 49 1.98 55.95 -10.99
C ASP C 49 3.25 56.76 -10.68
N TYR C 50 3.19 58.03 -11.03
CA TYR C 50 4.12 59.02 -10.53
C TYR C 50 3.33 60.00 -9.68
N VAL C 51 3.44 59.86 -8.35
CA VAL C 51 2.74 60.71 -7.41
C VAL C 51 3.52 62.02 -7.25
N ILE C 52 2.87 63.11 -7.63
CA ILE C 52 3.42 64.46 -7.54
C ILE C 52 3.03 65.14 -6.23
N GLU C 53 1.80 64.90 -5.78
CA GLU C 53 1.37 65.33 -4.46
C GLU C 53 0.51 64.29 -3.78
N ARG C 54 0.74 64.15 -2.48
CA ARG C 54 -0.18 63.50 -1.55
C ARG C 54 -0.14 64.32 -0.27
N THR C 55 -1.24 65.01 0.02
CA THR C 55 -1.28 65.93 1.11
C THR C 55 -2.46 65.63 2.03
N ALA C 56 -2.17 65.45 3.31
CA ALA C 56 -3.22 65.24 4.30
C ALA C 56 -4.19 66.42 4.37
N LEU C 57 -5.48 66.08 4.43
CA LEU C 57 -6.54 67.05 4.72
C LEU C 57 -6.75 67.11 6.24
N ARG C 58 -5.96 67.95 6.88
CA ARG C 58 -5.91 68.00 8.34
C ARG C 58 -6.99 68.85 8.98
N HIS C 59 -7.61 69.77 8.24
CA HIS C 59 -8.59 70.68 8.84
C HIS C 59 -10.01 70.42 8.36
N ALA C 60 -10.89 70.13 9.32
CA ALA C 60 -12.29 69.82 9.04
C ALA C 60 -13.18 70.87 9.66
N GLU C 61 -14.16 71.35 8.91
CA GLU C 61 -15.19 72.26 9.42
C GLU C 61 -16.56 71.67 9.15
N VAL C 62 -17.42 71.75 10.17
CA VAL C 62 -18.83 71.33 10.10
C VAL C 62 -19.74 72.55 10.13
N SER C 66 -22.85 67.73 6.59
CA SER C 66 -21.86 68.36 5.71
C SER C 66 -20.51 68.85 6.34
N VAL C 67 -19.38 68.34 5.83
CA VAL C 67 -18.04 68.68 6.35
C VAL C 67 -17.13 69.12 5.20
N THR C 68 -16.49 70.27 5.34
CA THR C 68 -15.49 70.66 4.34
C THR C 68 -14.08 70.44 4.92
N LEU C 69 -13.17 70.05 4.04
CA LEU C 69 -11.82 69.62 4.40
C LEU C 69 -10.81 70.42 3.62
N SER C 70 -9.78 70.95 4.33
CA SER C 70 -8.67 71.67 3.71
C SER C 70 -7.37 71.09 4.25
N SER C 71 -6.27 71.42 3.58
CA SER C 71 -4.95 70.93 4.02
C SER C 71 -4.56 71.39 5.43
N ALA C 72 -4.83 72.64 5.73
CA ALA C 72 -4.59 73.25 7.08
C ALA C 72 -5.57 74.42 7.29
N PRO C 73 -5.68 74.93 8.53
CA PRO C 73 -6.56 76.10 8.72
C PRO C 73 -6.17 77.28 7.82
N GLY C 74 -7.17 78.01 7.35
CA GLY C 74 -6.93 79.17 6.49
C GLY C 74 -6.51 78.89 5.07
N GLN C 75 -6.52 77.63 4.65
CA GLN C 75 -6.33 77.29 3.25
C GLN C 75 -7.65 76.96 2.61
N ALA C 76 -7.69 77.05 1.28
CA ALA C 76 -8.93 76.83 0.55
C ALA C 76 -9.40 75.38 0.67
N PRO C 77 -10.70 75.16 0.98
CA PRO C 77 -11.23 73.80 1.08
C PRO C 77 -10.98 73.03 -0.22
N ARG C 78 -10.68 71.74 -0.13
CA ARG C 78 -10.50 70.90 -1.30
C ARG C 78 -11.57 69.79 -1.51
N LEU C 79 -12.30 69.45 -0.45
CA LEU C 79 -13.20 68.34 -0.48
C LEU C 79 -14.39 68.65 0.42
N ARG C 80 -15.62 68.35 -0.06
CA ARG C 80 -16.80 68.38 0.79
C ARG C 80 -17.35 66.98 0.95
N LEU C 81 -17.73 66.66 2.16
CA LEU C 81 -18.27 65.38 2.53
C LEU C 81 -19.69 65.66 3.00
N THR C 82 -20.68 64.95 2.45
CA THR C 82 -22.09 65.09 2.88
C THR C 82 -22.67 63.71 3.22
N LEU C 83 -23.21 63.60 4.41
CA LEU C 83 -23.82 62.35 4.84
C LEU C 83 -25.24 62.29 4.25
N ASP C 84 -25.63 61.16 3.66
CA ASP C 84 -26.95 60.98 3.04
C ASP C 84 -27.40 59.52 3.15
N GLY C 85 -28.20 59.23 4.18
CA GLY C 85 -28.63 57.86 4.48
C GLY C 85 -27.39 57.03 4.79
N ASN C 86 -27.26 55.88 4.16
CA ASN C 86 -26.10 54.98 4.27
C ASN C 86 -24.92 55.41 3.35
N ALA C 87 -24.90 56.63 2.85
CA ALA C 87 -23.85 57.04 1.95
C ALA C 87 -23.13 58.28 2.46
N ILE C 88 -21.84 58.32 2.17
CA ILE C 88 -21.05 59.51 2.28
C ILE C 88 -20.84 60.01 0.84
N ARG C 89 -21.41 61.17 0.52
CA ARG C 89 -21.20 61.84 -0.75
C ARG C 89 -19.97 62.70 -0.73
N LEU C 90 -19.16 62.65 -1.76
CA LEU C 90 -17.96 63.47 -1.86
C LEU C 90 -18.05 64.39 -3.07
N THR C 91 -17.65 65.65 -2.88
CA THR C 91 -17.55 66.63 -3.94
C THR C 91 -16.16 67.25 -3.93
N ALA C 92 -15.45 67.20 -5.06
CA ALA C 92 -14.19 67.86 -5.22
C ALA C 92 -14.39 69.37 -5.30
N LEU C 93 -13.84 70.13 -4.35
CA LEU C 93 -13.80 71.60 -4.44
C LEU C 93 -12.53 72.13 -5.13
N ASP C 94 -11.47 71.35 -5.13
CA ASP C 94 -10.28 71.63 -5.92
C ASP C 94 -10.34 70.70 -7.14
N GLU C 95 -10.50 71.29 -8.33
CA GLU C 95 -10.69 70.56 -9.58
C GLU C 95 -9.43 69.83 -10.00
N THR C 96 -8.25 70.19 -9.46
CA THR C 96 -6.99 69.54 -9.85
C THR C 96 -6.72 68.18 -9.22
N ILE C 97 -7.47 67.80 -8.17
CA ILE C 97 -7.27 66.51 -7.49
C ILE C 97 -7.58 65.37 -8.42
N ASN C 98 -6.65 64.46 -8.65
CA ASN C 98 -6.98 63.20 -9.29
C ASN C 98 -6.49 61.99 -8.50
N ARG C 99 -6.05 62.22 -7.26
CA ARG C 99 -5.74 61.14 -6.35
C ARG C 99 -6.41 61.41 -5.00
N LEU C 100 -7.11 60.40 -4.49
CA LEU C 100 -7.68 60.50 -3.17
C LEU C 100 -7.39 59.26 -2.37
N TRP C 101 -7.04 59.44 -1.09
CA TRP C 101 -6.83 58.33 -0.18
C TRP C 101 -7.75 58.55 1.01
N LEU C 102 -8.40 57.48 1.43
CA LEU C 102 -9.35 57.47 2.51
C LEU C 102 -8.95 56.35 3.47
N ARG C 103 -8.78 56.69 4.74
CA ARG C 103 -8.52 55.69 5.76
C ARG C 103 -9.76 55.31 6.50
N VAL C 104 -10.00 54.00 6.61
CA VAL C 104 -11.06 53.50 7.48
C VAL C 104 -10.49 52.73 8.63
N VAL C 105 -11.12 52.95 9.78
CA VAL C 105 -10.66 52.38 11.05
C VAL C 105 -10.72 50.86 10.94
N ALA C 106 -9.66 50.21 11.43
CA ALA C 106 -9.59 48.74 11.42
C ALA C 106 -9.09 48.19 12.74
N GLU C 107 -9.38 46.92 12.98
CA GLU C 107 -8.96 46.25 14.20
C GLU C 107 -7.88 45.25 13.81
N THR C 108 -7.00 44.94 14.75
CA THR C 108 -5.83 44.10 14.46
C THR C 108 -6.18 42.72 13.93
N ASP C 109 -7.23 42.09 14.48
CA ASP C 109 -7.63 40.73 14.08
C ASP C 109 -8.74 40.69 12.97
N GLU C 110 -9.06 41.84 12.37
CA GLU C 110 -10.16 41.96 11.36
C GLU C 110 -9.79 41.31 10.03
N HIS C 111 -10.79 40.65 9.42
CA HIS C 111 -10.69 40.03 8.12
C HIS C 111 -11.48 40.90 7.16
N VAL C 112 -11.08 40.93 5.89
CA VAL C 112 -11.81 41.63 4.84
C VAL C 112 -11.87 40.77 3.59
N TRP C 113 -13.07 40.67 3.01
CA TRP C 113 -13.27 39.83 1.85
C TRP C 113 -14.01 40.59 0.78
N GLY C 114 -14.03 40.01 -0.42
CA GLY C 114 -14.65 40.63 -1.58
C GLY C 114 -13.61 41.09 -2.58
N GLY C 115 -13.71 42.35 -3.00
CA GLY C 115 -12.85 42.87 -4.05
C GLY C 115 -13.15 42.41 -5.47
N GLY C 116 -14.39 41.92 -5.68
CA GLY C 116 -14.78 41.33 -6.93
C GLY C 116 -14.58 39.84 -6.87
N GLU C 117 -14.06 39.28 -7.96
CA GLU C 117 -13.63 37.90 -8.03
C GLU C 117 -12.11 37.88 -7.82
N GLN C 118 -11.68 37.61 -6.58
CA GLN C 118 -10.27 37.43 -6.28
C GLN C 118 -9.88 35.97 -6.50
N MET C 119 -8.73 35.78 -7.18
CA MET C 119 -8.26 34.47 -7.56
C MET C 119 -7.20 33.86 -6.63
N SER C 120 -6.44 34.69 -5.93
CA SER C 120 -5.39 34.17 -5.05
C SER C 120 -5.73 34.18 -3.57
N TYR C 121 -6.19 35.33 -3.08
CA TYR C 121 -6.47 35.53 -1.69
C TYR C 121 -7.91 35.94 -1.44
N PHE C 122 -8.58 35.20 -0.57
CA PHE C 122 -10.02 35.44 -0.22
C PHE C 122 -10.08 36.49 0.89
N ASP C 123 -9.48 36.18 2.05
CA ASP C 123 -9.22 37.21 3.07
C ASP C 123 -8.08 38.07 2.51
N MET C 124 -8.38 39.33 2.24
CA MET C 124 -7.43 40.28 1.64
C MET C 124 -6.54 40.99 2.67
N ARG C 125 -6.77 40.72 3.97
CA ARG C 125 -6.01 41.38 5.00
C ARG C 125 -4.50 41.11 4.81
N GLY C 126 -3.72 42.16 5.00
CA GLY C 126 -2.23 42.06 4.99
C GLY C 126 -1.63 42.38 3.64
N ARG C 127 -2.44 42.58 2.60
CA ARG C 127 -1.92 42.81 1.25
C ARG C 127 -2.60 43.98 0.57
N ARG C 128 -2.07 44.38 -0.57
CA ARG C 128 -2.62 45.47 -1.38
C ARG C 128 -3.25 44.90 -2.68
N PHE C 129 -4.39 45.43 -3.05
CA PHE C 129 -5.18 44.93 -4.21
C PHE C 129 -5.63 46.06 -5.12
N PRO C 130 -4.88 46.34 -6.18
CA PRO C 130 -5.37 47.19 -7.24
C PRO C 130 -6.58 46.56 -7.93
N LEU C 131 -7.50 47.43 -8.38
CA LEU C 131 -8.79 47.03 -8.93
C LEU C 131 -9.01 47.59 -10.34
N TRP C 132 -8.57 46.80 -11.31
CA TRP C 132 -8.50 47.19 -12.74
C TRP C 132 -8.66 45.94 -13.58
N THR C 133 -9.73 45.88 -14.37
CA THR C 133 -10.01 44.65 -15.09
C THR C 133 -8.93 44.45 -16.16
N SER C 134 -8.44 43.23 -16.25
CA SER C 134 -7.42 42.86 -17.22
C SER C 134 -7.37 41.38 -17.40
N GLU C 135 -6.48 40.92 -18.28
CA GLU C 135 -6.05 39.55 -18.24
C GLU C 135 -5.53 39.28 -16.81
N PRO C 136 -5.93 38.18 -16.20
CA PRO C 136 -5.61 37.89 -14.84
C PRO C 136 -4.18 37.35 -14.64
N GLY C 137 -3.54 36.97 -15.72
CA GLY C 137 -2.18 36.41 -15.71
C GLY C 137 -2.14 34.93 -15.93
N VAL C 138 -1.06 34.46 -16.55
CA VAL C 138 -0.79 33.05 -16.70
C VAL C 138 0.31 32.71 -15.66
N GLY C 139 -0.05 31.91 -14.66
CA GLY C 139 0.81 31.57 -13.51
C GLY C 139 0.58 32.42 -12.31
N ARG C 140 0.68 33.74 -12.47
CA ARG C 140 0.30 34.69 -11.46
C ARG C 140 1.15 34.62 -10.18
N ASP C 141 2.38 34.15 -10.32
CA ASP C 141 3.26 33.91 -9.18
C ASP C 141 4.70 34.04 -9.71
N LYS C 142 5.34 35.15 -9.38
CA LYS C 142 6.70 35.44 -9.92
C LYS C 142 7.74 34.41 -9.55
N THR C 143 7.45 33.49 -8.62
CA THR C 143 8.38 32.37 -8.35
C THR C 143 8.21 31.13 -9.22
N THR C 144 7.22 31.08 -10.13
CA THR C 144 7.08 29.91 -10.95
C THR C 144 7.60 30.18 -12.37
N GLU C 145 8.13 29.12 -12.95
CA GLU C 145 8.64 29.14 -14.28
C GLU C 145 7.56 29.53 -15.35
N ILE C 146 6.30 29.07 -15.14
CA ILE C 146 5.25 29.46 -16.11
C ILE C 146 5.07 30.97 -16.11
N THR C 147 5.08 31.61 -14.93
CA THR C 147 4.87 32.99 -14.81
C THR C 147 6.04 33.76 -15.44
N PHE C 148 7.25 33.32 -15.11
CA PHE C 148 8.50 33.90 -15.68
C PHE C 148 8.44 33.86 -17.19
N LYS C 149 8.14 32.68 -17.73
CA LYS C 149 8.09 32.48 -19.21
C LYS C 149 7.01 33.37 -19.86
N SER C 150 5.89 33.52 -19.17
CA SER C 150 4.80 34.35 -19.66
C SER C 150 5.20 35.83 -19.63
N ASP C 151 5.87 36.25 -18.57
CA ASP C 151 6.38 37.63 -18.52
C ASP C 151 7.37 37.93 -19.62
N VAL C 152 8.31 37.01 -19.84
CA VAL C 152 9.34 37.22 -20.83
C VAL C 152 8.74 37.25 -22.24
N SER C 153 7.86 36.29 -22.53
CA SER C 153 7.37 36.20 -23.90
C SER C 153 6.29 37.23 -24.23
N GLY C 154 5.48 37.64 -23.26
CA GLY C 154 4.35 38.55 -23.54
C GLY C 154 3.80 39.43 -22.44
N LYS C 155 4.63 39.74 -21.43
CA LYS C 155 4.24 40.54 -20.29
C LYS C 155 2.97 40.01 -19.65
N ALA C 156 2.87 38.69 -19.62
CA ALA C 156 1.58 38.01 -19.41
C ALA C 156 1.44 37.17 -18.14
N GLY C 157 2.46 37.24 -17.27
CA GLY C 157 2.46 36.40 -16.07
C GLY C 157 1.48 36.88 -15.00
N GLY C 158 1.35 38.18 -14.87
CA GLY C 158 0.49 38.76 -13.84
C GLY C 158 0.97 38.46 -12.42
N ASP C 159 0.08 38.64 -11.48
CA ASP C 159 0.37 38.52 -10.08
C ASP C 159 -0.95 38.31 -9.31
N TYR C 160 -0.82 38.17 -7.99
CA TYR C 160 -1.89 37.71 -7.11
C TYR C 160 -3.18 38.54 -7.15
N TYR C 161 -3.05 39.81 -7.48
CA TYR C 161 -4.16 40.76 -7.45
C TYR C 161 -4.85 40.92 -8.79
N ASN C 162 -4.26 40.43 -9.88
CA ASN C 162 -4.88 40.63 -11.19
C ASN C 162 -6.17 39.77 -11.27
N THR C 163 -7.16 40.32 -11.95
CA THR C 163 -8.45 39.62 -12.13
C THR C 163 -9.22 40.21 -13.32
N ASN C 164 -9.99 39.32 -13.95
CA ASN C 164 -10.97 39.74 -14.98
C ASN C 164 -12.09 40.56 -14.37
N TYR C 165 -12.28 40.41 -13.06
CA TYR C 165 -13.44 41.03 -12.38
C TYR C 165 -13.06 41.57 -11.02
N PRO C 166 -12.54 42.80 -11.01
CA PRO C 166 -12.31 43.52 -9.75
C PRO C 166 -13.61 44.23 -9.38
N GLN C 167 -13.77 44.58 -8.11
CA GLN C 167 -14.86 45.43 -7.70
C GLN C 167 -14.47 46.14 -6.41
N PRO C 168 -14.64 47.47 -6.35
CA PRO C 168 -14.27 48.19 -5.09
C PRO C 168 -15.33 48.09 -4.01
N THR C 169 -15.51 46.86 -3.52
CA THR C 169 -16.47 46.54 -2.48
C THR C 169 -15.81 45.58 -1.51
N TRP C 170 -15.98 45.79 -0.21
CA TRP C 170 -15.53 44.81 0.76
C TRP C 170 -16.52 44.52 1.82
N LEU C 171 -16.40 43.32 2.35
CA LEU C 171 -17.14 42.91 3.55
C LEU C 171 -16.13 42.75 4.65
N SER C 172 -16.39 43.40 5.77
CA SER C 172 -15.54 43.31 6.96
C SER C 172 -16.09 42.35 8.00
N SER C 173 -15.18 41.66 8.69
CA SER C 173 -15.54 40.82 9.84
C SER C 173 -16.16 41.62 10.99
N ARG C 174 -16.05 42.95 10.96
CA ARG C 174 -16.78 43.80 11.88
C ARG C 174 -18.28 43.97 11.54
N LYS C 175 -18.79 43.21 10.56
CA LYS C 175 -20.21 43.22 10.16
C LYS C 175 -20.70 44.52 9.53
N TYR C 176 -19.92 45.00 8.58
CA TYR C 176 -20.39 46.01 7.64
C TYR C 176 -19.74 45.71 6.32
N ALA C 177 -20.33 46.28 5.27
CA ALA C 177 -19.70 46.31 3.96
C ALA C 177 -19.60 47.76 3.48
N LEU C 178 -18.59 47.97 2.65
CA LEU C 178 -18.28 49.29 2.09
C LEU C 178 -18.22 49.13 0.58
N HIS C 179 -18.83 50.08 -0.12
CA HIS C 179 -18.79 50.07 -1.56
C HIS C 179 -18.41 51.45 -2.06
N VAL C 180 -17.41 51.53 -2.94
CA VAL C 180 -17.01 52.80 -3.56
C VAL C 180 -17.71 52.90 -4.92
N GLU C 181 -18.50 53.94 -5.12
CA GLU C 181 -19.17 54.19 -6.41
C GLU C 181 -18.23 55.00 -7.33
N THR C 182 -17.43 54.27 -8.11
CA THR C 182 -16.50 54.84 -9.09
C THR C 182 -16.18 53.72 -10.08
N SER C 183 -15.80 54.11 -11.29
CA SER C 183 -15.19 53.21 -12.24
C SER C 183 -13.72 53.49 -12.45
N ALA C 184 -13.17 54.49 -11.75
CA ALA C 184 -11.74 54.76 -11.86
C ALA C 184 -10.90 53.62 -11.31
N TYR C 185 -9.63 53.60 -11.69
CA TYR C 185 -8.63 52.81 -10.98
C TYR C 185 -8.70 53.08 -9.51
N SER C 186 -8.62 52.00 -8.73
CA SER C 186 -8.59 52.11 -7.29
C SER C 186 -7.74 50.99 -6.70
N VAL C 187 -7.38 51.17 -5.42
CA VAL C 187 -6.61 50.19 -4.70
C VAL C 187 -7.11 50.03 -3.29
N PHE C 188 -7.24 48.78 -2.85
CA PHE C 188 -7.51 48.49 -1.45
C PHE C 188 -6.18 48.07 -0.81
N ASP C 189 -5.72 48.89 0.11
CA ASP C 189 -4.47 48.63 0.86
C ASP C 189 -4.80 48.17 2.29
N PHE C 190 -4.63 46.89 2.54
CA PHE C 190 -4.92 46.26 3.84
C PHE C 190 -3.62 45.89 4.57
N ARG C 191 -2.54 46.62 4.33
CA ARG C 191 -1.22 46.25 4.93
C ARG C 191 -1.04 46.79 6.36
N ASN C 192 -1.90 47.67 6.85
CA ASN C 192 -1.69 48.30 8.15
C ASN C 192 -2.69 47.71 9.16
N GLY C 193 -2.23 47.53 10.38
CA GLY C 193 -3.04 46.93 11.43
C GLY C 193 -4.20 47.78 11.95
N ASP C 194 -4.04 49.10 11.93
CA ASP C 194 -4.97 50.03 12.57
C ASP C 194 -5.93 50.69 11.60
N PHE C 195 -5.71 50.50 10.30
CA PHE C 195 -6.58 51.11 9.30
C PHE C 195 -6.46 50.41 7.94
N HIS C 196 -7.56 50.46 7.18
CA HIS C 196 -7.57 50.13 5.78
C HIS C 196 -7.40 51.45 5.03
N GLU C 197 -6.71 51.46 3.89
CA GLU C 197 -6.62 52.68 3.07
C GLU C 197 -7.08 52.39 1.64
N ILE C 198 -7.98 53.23 1.15
CA ILE C 198 -8.50 53.17 -0.19
C ILE C 198 -7.83 54.27 -0.99
N GLU C 199 -7.21 53.90 -2.11
CA GLU C 199 -6.67 54.87 -3.08
C GLU C 199 -7.60 54.90 -4.28
N ILE C 200 -8.03 56.08 -4.70
CA ILE C 200 -8.87 56.19 -5.89
C ILE C 200 -8.26 57.22 -6.78
N TRP C 201 -8.22 56.94 -8.09
CA TRP C 201 -7.71 57.90 -9.08
C TRP C 201 -8.81 58.82 -9.61
N ALA C 202 -9.58 59.39 -8.67
CA ALA C 202 -10.72 60.25 -8.89
C ALA C 202 -11.28 60.57 -7.51
N VAL C 203 -12.21 61.52 -7.43
CA VAL C 203 -12.95 61.73 -6.21
C VAL C 203 -14.28 61.02 -6.44
N PRO C 204 -14.51 59.88 -5.80
CA PRO C 204 -15.77 59.17 -6.12
C PRO C 204 -17.01 59.94 -5.69
N GLU C 205 -18.11 59.71 -6.42
CA GLU C 205 -19.36 60.40 -6.15
C GLU C 205 -19.81 60.05 -4.75
N LYS C 206 -19.70 58.78 -4.38
CA LYS C 206 -20.08 58.39 -3.01
C LYS C 206 -19.44 57.11 -2.57
N ILE C 207 -19.43 56.91 -1.25
CA ILE C 207 -19.11 55.64 -0.62
C ILE C 207 -20.31 55.19 0.18
N GLU C 208 -20.73 53.95 -0.03
CA GLU C 208 -21.97 53.41 0.53
C GLU C 208 -21.68 52.31 1.52
N PHE C 209 -22.48 52.25 2.57
CA PHE C 209 -22.28 51.28 3.64
C PHE C 209 -23.52 50.42 3.89
N PHE C 210 -23.28 49.19 4.31
CA PHE C 210 -24.30 48.21 4.60
C PHE C 210 -23.94 47.54 5.90
N ALA C 211 -24.91 47.37 6.78
CA ALA C 211 -24.62 46.68 8.01
C ALA C 211 -25.75 45.76 8.31
N GLY C 212 -25.53 44.86 9.25
CA GLY C 212 -26.55 43.90 9.66
C GLY C 212 -26.04 43.04 10.79
N ASP C 213 -26.91 42.23 11.36
CA ASP C 213 -26.47 41.42 12.51
C ASP C 213 -25.84 40.10 12.12
N SER C 214 -25.97 39.70 10.86
CA SER C 214 -25.25 38.54 10.35
C SER C 214 -24.56 38.90 9.03
N PHE C 215 -23.53 38.14 8.69
CA PHE C 215 -22.90 38.28 7.37
C PHE C 215 -23.91 37.96 6.26
N ALA C 216 -24.77 36.95 6.49
CA ALA C 216 -25.78 36.59 5.52
C ALA C 216 -26.66 37.80 5.20
N ASP C 217 -27.10 38.51 6.24
CA ASP C 217 -27.93 39.69 6.06
C ASP C 217 -27.23 40.76 5.24
N ILE C 218 -25.92 40.89 5.43
CA ILE C 218 -25.18 41.92 4.69
C ILE C 218 -25.06 41.49 3.22
N VAL C 219 -24.78 40.22 2.97
CA VAL C 219 -24.72 39.71 1.60
C VAL C 219 -26.11 39.89 0.92
N SER C 220 -27.18 39.60 1.64
CA SER C 220 -28.53 39.89 1.12
C SER C 220 -28.70 41.32 0.66
N ALA C 221 -28.29 42.25 1.50
CA ALA C 221 -28.44 43.67 1.21
C ALA C 221 -27.58 44.09 0.06
N LEU C 222 -26.34 43.59 0.00
CA LEU C 222 -25.46 43.87 -1.13
C LEU C 222 -26.07 43.37 -2.45
N SER C 223 -26.61 42.16 -2.42
CA SER C 223 -27.20 41.56 -3.62
C SER C 223 -28.44 42.33 -4.12
N LEU C 224 -29.21 42.87 -3.20
CA LEU C 224 -30.33 43.77 -3.59
C LEU C 224 -29.78 45.07 -4.23
N HIS C 225 -28.67 45.58 -3.71
CA HIS C 225 -28.06 46.80 -4.22
C HIS C 225 -27.51 46.63 -5.65
N PHE C 226 -26.80 45.52 -5.92
CA PHE C 226 -26.21 45.26 -7.25
C PHE C 226 -27.15 44.57 -8.23
N GLY C 227 -28.17 43.86 -7.73
CA GLY C 227 -29.17 43.11 -8.53
C GLY C 227 -28.88 41.62 -8.45
N ARG C 228 -29.93 40.84 -8.35
CA ARG C 228 -29.84 39.41 -8.31
C ARG C 228 -29.97 38.77 -9.65
N GLN C 229 -29.61 37.50 -9.74
CA GLN C 229 -29.71 36.74 -10.97
C GLN C 229 -31.03 35.94 -10.98
N PRO C 230 -31.46 35.55 -12.20
CA PRO C 230 -32.61 34.63 -12.22
C PRO C 230 -32.21 33.27 -11.65
N GLU C 231 -33.19 32.46 -11.33
CA GLU C 231 -32.93 31.07 -10.99
C GLU C 231 -32.32 30.36 -12.20
N LEU C 232 -31.56 29.31 -11.93
CA LEU C 232 -30.99 28.53 -13.02
C LEU C 232 -32.10 27.89 -13.89
N PRO C 233 -31.94 27.84 -15.19
CA PRO C 233 -32.99 27.22 -16.01
C PRO C 233 -33.07 25.72 -15.79
N ASP C 234 -34.28 25.16 -15.90
CA ASP C 234 -34.48 23.74 -15.70
C ASP C 234 -33.56 22.86 -16.53
N TRP C 235 -33.27 23.26 -17.75
CA TRP C 235 -32.55 22.39 -18.66
C TRP C 235 -31.12 22.09 -18.22
N VAL C 236 -30.53 23.02 -17.51
CA VAL C 236 -29.14 22.87 -16.97
C VAL C 236 -28.99 21.62 -16.12
N TYR C 237 -30.04 21.26 -15.38
CA TYR C 237 -30.04 20.14 -14.47
C TYR C 237 -30.02 18.78 -15.13
N ASN C 238 -30.11 18.74 -16.47
CA ASN C 238 -30.03 17.49 -17.20
C ASN C 238 -28.64 16.89 -17.28
N GLY C 239 -27.60 17.67 -16.92
CA GLY C 239 -26.27 17.11 -16.91
C GLY C 239 -25.25 18.15 -17.28
N ALA C 240 -24.11 17.65 -17.79
CA ALA C 240 -23.01 18.50 -18.15
C ALA C 240 -23.19 19.19 -19.51
N ILE C 241 -22.56 20.35 -19.63
CA ILE C 241 -22.37 21.03 -20.87
C ILE C 241 -21.02 20.56 -21.42
N ILE C 242 -21.04 19.86 -22.54
CA ILE C 242 -19.84 19.28 -23.15
C ILE C 242 -19.22 20.30 -24.13
N GLY C 243 -17.99 20.68 -23.84
CA GLY C 243 -17.25 21.66 -24.63
C GLY C 243 -16.35 20.98 -25.66
N LEU C 244 -16.69 21.17 -26.92
CA LEU C 244 -15.92 20.64 -28.06
C LEU C 244 -15.72 21.71 -29.08
N LYS C 245 -14.57 21.70 -29.74
CA LYS C 245 -14.26 22.69 -30.76
C LYS C 245 -13.65 21.99 -31.96
N ASP C 246 -14.31 20.87 -32.36
CA ASP C 246 -13.78 19.95 -33.36
C ASP C 246 -14.62 19.90 -34.64
N GLY C 247 -15.32 20.99 -34.94
CA GLY C 247 -16.14 21.05 -36.14
C GLY C 247 -17.19 19.92 -36.14
N VAL C 248 -17.44 19.36 -37.34
CA VAL C 248 -18.41 18.28 -37.48
C VAL C 248 -18.04 17.07 -36.65
N ASN C 249 -16.73 16.84 -36.46
CA ASN C 249 -16.31 15.75 -35.59
C ASN C 249 -16.75 15.86 -34.11
N SER C 250 -17.13 17.06 -33.70
CA SER C 250 -17.70 17.29 -32.37
C SER C 250 -18.84 16.33 -32.10
N PHE C 251 -19.69 16.09 -33.13
CA PHE C 251 -20.91 15.30 -32.90
C PHE C 251 -20.60 13.85 -32.65
N ALA C 252 -19.64 13.30 -33.40
CA ALA C 252 -19.24 11.91 -33.18
C ALA C 252 -18.60 11.74 -31.78
N ARG C 253 -17.82 12.73 -31.36
CA ARG C 253 -17.20 12.64 -30.05
C ARG C 253 -18.24 12.77 -28.92
N LEU C 254 -19.24 13.63 -29.13
CA LEU C 254 -20.36 13.71 -28.18
C LEU C 254 -21.06 12.37 -28.04
N GLU C 255 -21.29 11.69 -29.16
CA GLU C 255 -21.95 10.37 -29.09
C GLU C 255 -21.14 9.38 -28.29
N LYS C 256 -19.82 9.40 -28.44
CA LYS C 256 -18.95 8.51 -27.61
C LYS C 256 -19.06 8.83 -26.10
N ILE C 257 -19.09 10.11 -25.79
CA ILE C 257 -19.25 10.59 -24.43
C ILE C 257 -20.59 10.12 -23.89
N ARG C 258 -21.65 10.23 -24.70
CA ARG C 258 -22.96 9.79 -24.25
C ARG C 258 -23.05 8.28 -24.08
N ALA C 259 -22.35 7.52 -24.94
CA ALA C 259 -22.37 6.05 -24.87
C ALA C 259 -21.73 5.53 -23.59
N ALA C 260 -20.91 6.32 -22.93
CA ALA C 260 -20.39 5.94 -21.60
C ALA C 260 -21.36 6.17 -20.46
N GLY C 261 -22.54 6.73 -20.75
CA GLY C 261 -23.58 6.97 -19.73
C GLY C 261 -23.56 8.40 -19.20
N THR C 262 -22.71 9.27 -19.77
CA THR C 262 -22.65 10.64 -19.37
C THR C 262 -23.97 11.36 -19.51
N LYS C 263 -24.38 12.06 -18.47
CA LYS C 263 -25.61 12.88 -18.53
C LYS C 263 -25.22 14.21 -19.12
N VAL C 264 -25.83 14.59 -20.22
CA VAL C 264 -25.53 15.79 -20.98
C VAL C 264 -26.74 16.71 -21.07
N SER C 265 -26.57 17.97 -20.70
CA SER C 265 -27.57 19.01 -20.89
C SER C 265 -27.41 19.83 -22.16
N GLY C 266 -26.18 19.92 -22.66
CA GLY C 266 -25.87 20.85 -23.73
C GLY C 266 -24.53 20.53 -24.37
N LEU C 267 -24.41 20.91 -25.65
CA LEU C 267 -23.20 20.84 -26.42
C LEU C 267 -22.78 22.28 -26.64
N TRP C 268 -21.58 22.63 -26.21
CA TRP C 268 -21.06 24.01 -26.32
C TRP C 268 -19.91 23.96 -27.33
N CYS C 269 -20.09 24.59 -28.48
CA CYS C 269 -19.10 24.60 -29.57
C CYS C 269 -18.64 26.00 -29.82
N GLU C 270 -17.57 26.44 -29.13
CA GLU C 270 -17.11 27.81 -29.32
C GLU C 270 -16.65 28.09 -30.72
N ASP C 271 -16.26 27.04 -31.44
CA ASP C 271 -15.84 27.15 -32.83
C ASP C 271 -17.04 27.19 -33.80
N TRP C 272 -18.25 27.47 -33.32
CA TRP C 272 -19.41 27.69 -34.22
C TRP C 272 -19.16 28.78 -35.22
N VAL C 273 -18.24 29.70 -34.91
CA VAL C 273 -17.79 30.78 -35.77
C VAL C 273 -16.54 30.49 -36.62
N GLY C 274 -15.96 29.32 -36.48
CA GLY C 274 -14.74 28.97 -37.19
C GLY C 274 -13.50 29.16 -36.30
N LEU C 275 -12.39 28.62 -36.76
CA LEU C 275 -11.12 28.75 -36.11
C LEU C 275 -10.25 29.80 -36.75
N ARG C 276 -9.27 30.24 -35.96
CA ARG C 276 -8.12 31.02 -36.42
C ARG C 276 -6.88 30.44 -35.66
N GLN C 277 -6.03 29.76 -36.39
CA GLN C 277 -4.77 29.29 -35.79
C GLN C 277 -3.80 30.46 -35.57
N THR C 278 -3.27 30.52 -34.36
CA THR C 278 -2.25 31.49 -34.01
C THR C 278 -1.13 30.75 -33.25
N SER C 279 -0.04 31.44 -32.90
CA SER C 279 0.96 30.75 -32.09
C SER C 279 0.46 30.35 -30.70
N PHE C 280 -0.62 30.97 -30.23
CA PHE C 280 -1.21 30.62 -28.94
C PHE C 280 -1.94 29.28 -29.05
N GLY C 281 -2.47 28.96 -30.22
CA GLY C 281 -3.16 27.71 -30.44
C GLY C 281 -4.37 27.85 -31.40
N ALA C 282 -5.35 27.00 -31.17
CA ALA C 282 -6.58 27.00 -31.99
C ALA C 282 -7.56 28.01 -31.45
N ARG C 283 -7.37 29.27 -31.80
CA ARG C 283 -8.28 30.32 -31.40
C ARG C 283 -9.46 30.39 -32.39
N LEU C 284 -10.37 31.30 -32.12
CA LEU C 284 -11.60 31.43 -32.89
C LEU C 284 -11.56 32.59 -33.84
N PHE C 285 -12.42 32.53 -34.88
CA PHE C 285 -12.60 33.61 -35.83
C PHE C 285 -13.64 34.58 -35.34
N TRP C 286 -13.25 35.79 -34.99
CA TRP C 286 -14.13 36.72 -34.24
C TRP C 286 -15.09 37.53 -35.13
N ASP C 287 -16.05 36.77 -35.71
CA ASP C 287 -17.11 37.34 -36.53
C ASP C 287 -18.38 36.54 -36.17
N TRP C 288 -19.35 37.21 -35.52
CA TRP C 288 -20.36 36.54 -34.69
C TRP C 288 -21.58 36.08 -35.47
N GLN C 289 -21.34 35.08 -36.28
CA GLN C 289 -22.40 34.38 -37.02
C GLN C 289 -21.93 32.98 -37.33
N ALA C 290 -22.87 32.07 -37.46
CA ALA C 290 -22.58 30.67 -37.70
C ALA C 290 -21.72 30.56 -38.96
N ASN C 291 -20.68 29.74 -38.88
CA ASN C 291 -19.75 29.55 -39.96
C ASN C 291 -20.08 28.26 -40.73
N ASP C 292 -20.63 28.41 -41.93
CA ASP C 292 -20.99 27.27 -42.81
C ASP C 292 -19.84 26.39 -43.27
N THR C 293 -18.63 26.94 -43.28
CA THR C 293 -17.45 26.13 -43.62
C THR C 293 -17.16 25.15 -42.48
N ARG C 294 -17.27 25.59 -41.22
CA ARG C 294 -16.94 24.74 -40.13
C ARG C 294 -18.07 23.74 -39.75
N TYR C 295 -19.31 24.28 -39.77
CA TYR C 295 -20.54 23.52 -39.39
C TYR C 295 -21.58 23.72 -40.51
N PRO C 296 -21.45 22.94 -41.58
CA PRO C 296 -22.29 23.25 -42.77
C PRO C 296 -23.79 22.95 -42.58
N HIS C 297 -24.18 22.20 -41.54
CA HIS C 297 -25.62 21.88 -41.34
C HIS C 297 -26.00 22.23 -39.90
N LEU C 298 -25.44 23.34 -39.37
CA LEU C 298 -25.50 23.56 -37.93
C LEU C 298 -27.02 23.68 -37.44
N ARG C 299 -27.87 24.38 -38.19
CA ARG C 299 -29.24 24.56 -37.72
C ARG C 299 -29.96 23.20 -37.61
N GLN C 300 -29.77 22.35 -38.60
CA GLN C 300 -30.27 21.00 -38.58
C GLN C 300 -29.78 20.19 -37.41
N LYS C 301 -28.47 20.26 -37.16
CA LYS C 301 -27.88 19.58 -36.01
C LYS C 301 -28.42 20.07 -34.65
N ILE C 302 -28.67 21.35 -34.53
CA ILE C 302 -29.24 21.91 -33.31
C ILE C 302 -30.65 21.28 -33.08
N ALA C 303 -31.41 21.15 -34.17
CA ALA C 303 -32.77 20.54 -34.06
C ALA C 303 -32.66 19.07 -33.69
N GLU C 304 -31.67 18.35 -34.26
CA GLU C 304 -31.46 16.96 -33.91
C GLU C 304 -31.09 16.80 -32.44
N LEU C 305 -30.19 17.62 -31.96
CA LEU C 305 -29.81 17.60 -30.54
C LEU C 305 -31.03 17.92 -29.63
N ALA C 306 -31.86 18.86 -30.05
CA ALA C 306 -33.01 19.26 -29.25
C ALA C 306 -33.97 18.05 -29.08
N ASP C 307 -34.11 17.25 -30.12
CA ASP C 307 -34.96 16.06 -30.11
CA ASP C 307 -34.98 16.07 -30.10
C ASP C 307 -34.40 15.02 -29.15
N GLN C 308 -33.10 15.06 -28.89
CA GLN C 308 -32.42 14.23 -27.87
C GLN C 308 -32.39 14.84 -26.47
N GLY C 309 -33.03 15.99 -26.27
CA GLY C 309 -32.98 16.67 -25.00
C GLY C 309 -31.68 17.39 -24.68
N ILE C 310 -30.94 17.81 -25.70
CA ILE C 310 -29.66 18.48 -25.53
C ILE C 310 -29.67 19.83 -26.22
N ARG C 311 -29.32 20.87 -25.46
CA ARG C 311 -29.26 22.21 -25.99
C ARG C 311 -27.93 22.47 -26.69
N PHE C 312 -27.86 23.58 -27.39
CA PHE C 312 -26.68 24.01 -28.13
C PHE C 312 -26.26 25.39 -27.65
N LEU C 313 -24.94 25.52 -27.39
CA LEU C 313 -24.38 26.80 -26.91
C LEU C 313 -23.19 27.23 -27.78
N GLY C 314 -23.01 28.54 -27.88
CA GLY C 314 -21.93 29.14 -28.64
C GLY C 314 -20.98 30.03 -27.86
N TYR C 315 -20.50 31.06 -28.55
CA TYR C 315 -19.44 31.96 -28.08
C TYR C 315 -19.58 33.30 -28.77
N VAL C 316 -19.42 34.39 -28.04
CA VAL C 316 -19.40 35.71 -28.57
C VAL C 316 -18.54 36.61 -27.67
N ASN C 317 -17.96 37.65 -28.25
CA ASN C 317 -17.29 38.68 -27.45
C ASN C 317 -17.54 40.01 -28.13
N PRO C 318 -17.20 41.12 -27.47
CA PRO C 318 -17.64 42.41 -27.94
C PRO C 318 -16.70 43.14 -28.91
N TYR C 319 -15.82 42.39 -29.57
CA TYR C 319 -14.85 42.93 -30.54
C TYR C 319 -15.12 42.25 -31.90
N LEU C 320 -14.65 42.86 -32.98
CA LEU C 320 -14.83 42.28 -34.31
C LEU C 320 -13.51 42.26 -35.02
N CYS C 321 -13.13 41.11 -35.57
CA CYS C 321 -11.83 41.01 -36.29
C CYS C 321 -11.88 41.77 -37.61
N VAL C 322 -10.75 42.44 -37.94
CA VAL C 322 -10.65 43.27 -39.13
C VAL C 322 -10.89 42.56 -40.43
N ASP C 323 -10.61 41.27 -40.48
CA ASP C 323 -10.75 40.44 -41.68
C ASP C 323 -12.07 39.69 -41.76
N GLY C 324 -13.04 40.01 -40.89
CA GLY C 324 -14.39 39.44 -40.99
C GLY C 324 -15.40 40.31 -41.68
N PRO C 325 -16.51 39.72 -42.15
CA PRO C 325 -17.48 40.53 -42.91
C PRO C 325 -18.28 41.52 -42.08
N LEU C 326 -18.43 41.30 -40.76
CA LEU C 326 -19.19 42.27 -39.98
C LEU C 326 -18.41 43.58 -39.80
N PHE C 327 -17.07 43.47 -39.75
CA PHE C 327 -16.27 44.65 -39.47
C PHE C 327 -16.54 45.87 -40.38
N PRO C 328 -16.51 45.71 -41.71
CA PRO C 328 -16.76 46.89 -42.59
C PRO C 328 -18.14 47.51 -42.41
N VAL C 329 -19.11 46.68 -42.04
CA VAL C 329 -20.48 47.17 -41.82
C VAL C 329 -20.51 48.03 -40.58
N ALA C 330 -20.00 47.49 -39.48
CA ALA C 330 -19.92 48.23 -38.21
C ALA C 330 -19.10 49.51 -38.39
N GLU C 331 -17.99 49.45 -39.11
CA GLU C 331 -17.17 50.65 -39.34
C GLU C 331 -17.93 51.75 -40.10
N SER C 332 -18.59 51.37 -41.19
CA SER C 332 -19.37 52.31 -41.99
C SER C 332 -20.50 52.96 -41.18
N ALA C 333 -21.09 52.22 -40.26
CA ALA C 333 -22.18 52.73 -39.38
C ALA C 333 -21.67 53.59 -38.20
N GLY C 334 -20.35 53.66 -38.01
CA GLY C 334 -19.76 54.42 -36.91
C GLY C 334 -19.84 53.75 -35.57
N TYR C 335 -19.78 52.43 -35.53
CA TYR C 335 -19.95 51.66 -34.29
C TYR C 335 -18.70 51.30 -33.50
N PHE C 336 -17.53 51.76 -33.97
CA PHE C 336 -16.27 51.42 -33.31
C PHE C 336 -15.72 52.57 -32.49
N ALA C 337 -15.03 52.22 -31.40
CA ALA C 337 -14.21 53.21 -30.68
C ALA C 337 -13.14 53.70 -31.62
N THR C 338 -12.74 54.96 -31.42
CA THR C 338 -11.85 55.59 -32.36
C THR C 338 -10.53 56.03 -31.69
N ASP C 339 -9.54 56.31 -32.54
CA ASP C 339 -8.24 56.83 -32.06
C ASP C 339 -8.30 58.37 -32.02
N VAL C 340 -7.20 58.97 -31.59
CA VAL C 340 -7.14 60.42 -31.42
C VAL C 340 -7.42 61.15 -32.73
N ASP C 341 -7.12 60.54 -33.87
CA ASP C 341 -7.47 61.10 -35.22
C ASP C 341 -8.88 60.81 -35.76
N GLY C 342 -9.74 60.15 -34.98
CA GLY C 342 -11.08 59.80 -35.44
C GLY C 342 -11.19 58.53 -36.29
N LYS C 343 -10.10 57.83 -36.56
CA LYS C 343 -10.13 56.54 -37.27
C LYS C 343 -10.50 55.40 -36.31
N THR C 344 -10.96 54.29 -36.86
CA THR C 344 -11.18 53.10 -36.04
C THR C 344 -9.93 52.69 -35.30
N ALA C 345 -10.03 52.56 -33.99
CA ALA C 345 -8.88 52.10 -33.19
C ALA C 345 -8.77 50.60 -33.28
N LEU C 346 -7.63 50.09 -33.70
CA LEU C 346 -7.44 48.66 -33.81
C LEU C 346 -6.63 48.17 -32.64
N VAL C 347 -7.06 47.08 -32.03
CA VAL C 347 -6.35 46.50 -30.87
C VAL C 347 -5.80 45.15 -31.28
N ASP C 348 -4.55 44.85 -30.90
CA ASP C 348 -3.93 43.57 -31.16
C ASP C 348 -4.34 42.61 -30.06
N PHE C 349 -5.04 41.54 -30.43
CA PHE C 349 -5.45 40.52 -29.50
C PHE C 349 -4.58 39.28 -29.50
N GLY C 350 -3.54 39.31 -30.32
CA GLY C 350 -2.57 38.23 -30.39
C GLY C 350 -2.45 37.72 -31.79
N GLU C 351 -1.76 38.48 -32.65
CA GLU C 351 -1.50 38.17 -34.06
C GLU C 351 -2.76 38.38 -34.93
N PHE C 352 -3.76 39.07 -34.41
CA PHE C 352 -4.83 39.63 -35.24
C PHE C 352 -5.38 40.87 -34.57
N ASP C 353 -5.91 41.77 -35.38
CA ASP C 353 -6.46 43.02 -34.93
C ASP C 353 -8.02 43.00 -34.98
N CYS C 354 -8.61 43.72 -34.01
CA CYS C 354 -10.05 43.91 -33.93
C CYS C 354 -10.38 45.35 -33.63
N GLY C 355 -11.59 45.74 -34.02
CA GLY C 355 -12.23 46.95 -33.58
C GLY C 355 -13.02 46.63 -32.33
N VAL C 356 -13.22 47.67 -31.52
CA VAL C 356 -13.93 47.60 -30.27
C VAL C 356 -15.30 48.22 -30.48
N VAL C 357 -16.37 47.40 -30.42
CA VAL C 357 -17.72 47.97 -30.64
C VAL C 357 -18.01 48.92 -29.45
N ASP C 358 -18.36 50.16 -29.75
CA ASP C 358 -18.49 51.21 -28.76
C ASP C 358 -19.87 51.22 -28.13
N PHE C 359 -20.00 50.52 -27.00
CA PHE C 359 -21.28 50.44 -26.34
C PHE C 359 -21.76 51.74 -25.70
N THR C 360 -20.94 52.80 -25.68
CA THR C 360 -21.38 54.10 -25.30
C THR C 360 -22.24 54.78 -26.40
N ASN C 361 -22.15 54.26 -27.62
CA ASN C 361 -22.95 54.73 -28.76
C ASN C 361 -24.27 53.86 -28.75
N PRO C 362 -25.41 54.48 -28.40
CA PRO C 362 -26.68 53.69 -28.29
C PRO C 362 -27.02 52.85 -29.53
N ALA C 363 -26.74 53.36 -30.71
CA ALA C 363 -26.99 52.63 -31.96
C ALA C 363 -26.14 51.39 -32.09
N ALA C 364 -24.91 51.46 -31.63
CA ALA C 364 -23.99 50.33 -31.66
C ALA C 364 -24.41 49.29 -30.65
N ALA C 365 -24.75 49.75 -29.44
CA ALA C 365 -25.22 48.82 -28.40
C ALA C 365 -26.51 48.12 -28.86
N ASP C 366 -27.42 48.87 -29.47
CA ASP C 366 -28.70 48.30 -29.97
C ASP C 366 -28.44 47.31 -31.08
N TRP C 367 -27.58 47.70 -32.01
CA TRP C 367 -27.21 46.82 -33.10
C TRP C 367 -26.68 45.47 -32.57
N PHE C 368 -25.71 45.52 -31.62
CA PHE C 368 -25.13 44.28 -31.15
C PHE C 368 -26.21 43.38 -30.50
N ALA C 369 -27.04 43.98 -29.66
CA ALA C 369 -28.10 43.19 -28.96
C ALA C 369 -29.08 42.60 -29.99
N ALA C 370 -29.45 43.38 -30.98
CA ALA C 370 -30.57 42.93 -31.91
C ALA C 370 -30.06 42.00 -33.01
N ALA C 371 -28.96 42.40 -33.66
CA ALA C 371 -28.41 41.63 -34.79
C ALA C 371 -27.57 40.44 -34.40
N ILE C 372 -26.78 40.56 -33.35
CA ILE C 372 -25.86 39.48 -32.97
C ILE C 372 -26.47 38.58 -31.91
N ILE C 373 -26.74 39.14 -30.70
CA ILE C 373 -27.33 38.32 -29.64
C ILE C 373 -28.72 37.79 -30.11
N GLY C 374 -29.54 38.69 -30.61
CA GLY C 374 -30.94 38.35 -31.01
C GLY C 374 -31.02 37.47 -32.27
N LYS C 375 -30.67 38.01 -33.42
CA LYS C 375 -30.82 37.26 -34.68
C LYS C 375 -29.82 36.15 -34.85
N ASN C 376 -28.55 36.44 -34.66
CA ASN C 376 -27.49 35.44 -35.02
C ASN C 376 -27.30 34.35 -34.02
N MET C 377 -27.70 34.59 -32.75
CA MET C 377 -27.53 33.61 -31.70
C MET C 377 -28.88 33.03 -31.24
N LEU C 378 -29.69 33.83 -30.57
CA LEU C 378 -30.96 33.30 -30.03
C LEU C 378 -31.87 32.78 -31.13
N ASP C 379 -32.08 33.58 -32.15
CA ASP C 379 -33.03 33.13 -33.26
C ASP C 379 -32.43 31.93 -34.03
N PHE C 380 -31.12 31.77 -34.04
CA PHE C 380 -30.49 30.66 -34.68
C PHE C 380 -30.68 29.38 -33.92
N GLY C 381 -31.02 29.46 -32.64
CA GLY C 381 -31.37 28.28 -31.83
C GLY C 381 -30.43 28.01 -30.63
N LEU C 382 -29.52 28.93 -30.35
CA LEU C 382 -28.63 28.83 -29.17
C LEU C 382 -29.45 29.05 -27.88
N SER C 383 -29.21 28.20 -26.87
CA SER C 383 -29.77 28.33 -25.55
C SER C 383 -28.82 29.02 -24.60
N GLY C 384 -27.63 29.36 -25.07
CA GLY C 384 -26.67 30.01 -24.19
C GLY C 384 -25.32 30.13 -24.91
N TRP C 385 -24.38 30.74 -24.23
CA TRP C 385 -23.08 30.96 -24.83
C TRP C 385 -22.09 31.47 -23.77
N MET C 386 -20.84 31.27 -24.06
CA MET C 386 -19.75 32.04 -23.39
C MET C 386 -19.79 33.47 -23.91
N ALA C 387 -19.97 34.42 -23.01
CA ALA C 387 -19.99 35.85 -23.29
C ALA C 387 -18.67 36.44 -22.73
N ASP C 388 -17.69 36.48 -23.58
CA ASP C 388 -16.28 36.60 -23.17
C ASP C 388 -15.76 38.01 -23.23
N PHE C 389 -14.60 38.19 -22.63
CA PHE C 389 -13.84 39.46 -22.67
C PHE C 389 -14.59 40.61 -21.99
N GLY C 390 -14.20 41.86 -22.30
CA GLY C 390 -14.57 42.98 -21.51
C GLY C 390 -13.43 43.74 -20.82
N GLU C 391 -12.18 43.20 -20.92
CA GLU C 391 -11.05 43.67 -20.13
C GLU C 391 -10.04 44.52 -20.89
N TYR C 392 -10.18 44.62 -22.21
CA TYR C 392 -9.16 45.12 -23.10
C TYR C 392 -9.31 46.55 -23.56
N LEU C 393 -10.01 47.40 -22.83
CA LEU C 393 -10.15 48.78 -23.30
C LEU C 393 -8.87 49.56 -22.96
N PRO C 394 -8.12 50.02 -23.97
CA PRO C 394 -6.90 50.80 -23.64
C PRO C 394 -7.25 52.21 -23.26
N ILE C 395 -6.41 52.88 -22.47
CA ILE C 395 -6.77 54.21 -21.97
C ILE C 395 -6.57 55.34 -22.98
N ASP C 396 -6.01 55.08 -24.16
CA ASP C 396 -5.85 56.12 -25.18
C ASP C 396 -6.96 56.09 -26.27
N ILE C 397 -7.97 55.24 -26.11
CA ILE C 397 -9.06 55.08 -27.08
C ILE C 397 -10.11 56.17 -26.81
N LYS C 398 -10.88 56.54 -27.84
CA LYS C 398 -11.93 57.57 -27.68
C LYS C 398 -13.30 56.91 -27.77
N LEU C 399 -14.18 57.32 -26.85
CA LEU C 399 -15.55 56.74 -26.83
C LEU C 399 -16.57 57.80 -27.24
N SER C 400 -17.66 57.37 -27.86
CA SER C 400 -18.62 58.33 -28.40
C SER C 400 -19.32 59.18 -27.33
N ASN C 401 -19.43 58.72 -26.08
CA ASN C 401 -19.97 59.55 -25.01
C ASN C 401 -19.00 60.63 -24.49
N GLY C 402 -17.78 60.67 -24.99
CA GLY C 402 -16.82 61.72 -24.59
C GLY C 402 -16.22 61.50 -23.21
N VAL C 403 -16.52 60.38 -22.56
CA VAL C 403 -16.04 60.10 -21.23
C VAL C 403 -14.65 59.48 -21.43
N ASP C 404 -13.72 59.88 -20.56
CA ASP C 404 -12.34 59.36 -20.61
C ASP C 404 -12.25 57.85 -20.55
N ALA C 405 -11.45 57.24 -21.42
CA ALA C 405 -11.25 55.78 -21.37
C ALA C 405 -10.70 55.29 -20.04
N LYS C 406 -9.99 56.18 -19.29
CA LYS C 406 -9.58 55.86 -17.92
C LYS C 406 -10.70 55.54 -16.98
N LEU C 407 -11.89 56.09 -17.30
CA LEU C 407 -13.09 55.85 -16.54
C LEU C 407 -13.99 54.77 -17.20
N MET C 408 -13.94 54.63 -18.51
CA MET C 408 -14.77 53.60 -19.22
C MET C 408 -14.19 52.20 -19.12
N HIS C 409 -12.85 52.09 -18.94
CA HIS C 409 -12.20 50.79 -18.90
C HIS C 409 -12.89 49.78 -17.96
N ASN C 410 -13.04 50.18 -16.70
CA ASN C 410 -13.64 49.27 -15.71
C ASN C 410 -15.17 49.10 -15.90
N ALA C 411 -15.80 50.07 -16.52
CA ALA C 411 -17.25 50.06 -16.78
C ALA C 411 -17.60 49.04 -17.88
N TRP C 412 -16.63 48.70 -18.74
CA TRP C 412 -16.90 47.93 -19.92
C TRP C 412 -17.54 46.57 -19.66
N PRO C 413 -17.08 45.81 -18.66
CA PRO C 413 -17.70 44.51 -18.49
C PRO C 413 -19.21 44.60 -18.18
N THR C 414 -19.58 45.62 -17.46
CA THR C 414 -20.97 45.80 -17.09
C THR C 414 -21.78 46.24 -18.32
N LEU C 415 -21.23 47.13 -19.13
CA LEU C 415 -21.91 47.52 -20.38
C LEU C 415 -22.11 46.31 -21.29
N TRP C 416 -21.08 45.46 -21.38
CA TRP C 416 -21.13 44.28 -22.17
C TRP C 416 -22.18 43.28 -21.63
N ALA C 417 -22.20 43.09 -20.32
CA ALA C 417 -23.18 42.20 -19.69
C ALA C 417 -24.61 42.70 -20.06
N GLU C 418 -24.81 44.01 -20.02
CA GLU C 418 -26.11 44.61 -20.29
C GLU C 418 -26.55 44.38 -21.77
N VAL C 419 -25.62 44.43 -22.71
CA VAL C 419 -25.91 44.13 -24.12
C VAL C 419 -26.44 42.69 -24.25
N ASN C 420 -25.77 41.75 -23.62
CA ASN C 420 -26.22 40.38 -23.57
C ASN C 420 -27.62 40.26 -22.96
N ALA C 421 -27.81 40.86 -21.79
CA ALA C 421 -29.09 40.77 -21.11
C ALA C 421 -30.25 41.40 -21.93
N LYS C 422 -30.00 42.53 -22.58
CA LYS C 422 -31.01 43.15 -23.44
C LYS C 422 -31.42 42.26 -24.62
N GLY C 423 -30.42 41.62 -25.25
CA GLY C 423 -30.73 40.70 -26.35
C GLY C 423 -31.59 39.53 -25.87
N VAL C 424 -31.22 38.95 -24.76
CA VAL C 424 -31.94 37.86 -24.15
C VAL C 424 -33.38 38.30 -23.80
N GLU C 425 -33.50 39.45 -23.14
CA GLU C 425 -34.84 39.94 -22.76
C GLU C 425 -35.71 40.24 -24.01
N SER C 426 -35.09 40.70 -25.11
CA SER C 426 -35.82 41.01 -26.33
C SER C 426 -36.49 39.75 -26.92
N ARG C 427 -36.02 38.56 -26.58
CA ARG C 427 -36.62 37.32 -27.01
C ARG C 427 -37.46 36.69 -25.91
N GLY C 428 -37.66 37.38 -24.78
CA GLY C 428 -38.38 36.79 -23.65
C GLY C 428 -37.68 35.57 -23.04
N LYS C 429 -36.36 35.53 -23.12
CA LYS C 429 -35.62 34.36 -22.63
C LYS C 429 -34.81 34.57 -21.35
N THR C 430 -35.13 35.62 -20.59
CA THR C 430 -34.42 35.86 -19.31
C THR C 430 -34.80 34.73 -18.37
N GLY C 431 -33.83 34.03 -17.84
CA GLY C 431 -34.06 32.86 -17.01
C GLY C 431 -34.18 31.52 -17.74
N GLU C 432 -34.01 31.56 -19.06
CA GLU C 432 -33.98 30.38 -19.88
C GLU C 432 -32.65 30.30 -20.69
N ALA C 433 -32.26 31.38 -21.33
CA ALA C 433 -30.96 31.46 -22.00
C ALA C 433 -29.88 31.63 -20.92
N LEU C 434 -28.77 30.90 -21.07
CA LEU C 434 -27.73 30.88 -20.06
C LEU C 434 -26.44 31.33 -20.70
N PHE C 435 -26.10 32.61 -20.54
CA PHE C 435 -24.79 33.07 -20.92
C PHE C 435 -23.93 33.25 -19.66
N PHE C 436 -22.62 33.11 -19.88
CA PHE C 436 -21.67 33.16 -18.75
C PHE C 436 -20.49 34.04 -19.09
N MET C 437 -20.07 34.85 -18.09
CA MET C 437 -19.05 35.87 -18.29
C MET C 437 -17.90 35.59 -17.33
N ARG C 438 -16.70 35.96 -17.77
CA ARG C 438 -15.53 35.91 -16.92
C ARG C 438 -15.18 37.29 -16.37
N ALA C 439 -15.49 38.34 -17.13
CA ALA C 439 -15.20 39.70 -16.74
C ALA C 439 -16.37 40.31 -16.03
N GLY C 440 -16.07 41.29 -15.16
CA GLY C 440 -17.07 41.97 -14.42
C GLY C 440 -16.59 43.27 -13.86
N PHE C 441 -17.54 44.01 -13.32
CA PHE C 441 -17.27 45.18 -12.48
C PHE C 441 -18.61 45.42 -11.73
N THR C 442 -18.66 46.44 -10.90
CA THR C 442 -19.89 46.81 -10.25
C THR C 442 -21.07 46.79 -11.23
N GLY C 443 -22.11 46.06 -10.86
CA GLY C 443 -23.36 46.05 -11.65
C GLY C 443 -23.54 44.89 -12.61
N VAL C 444 -22.48 44.12 -12.85
CA VAL C 444 -22.56 42.94 -13.67
C VAL C 444 -23.60 41.96 -13.11
N GLN C 445 -23.79 42.00 -11.80
CA GLN C 445 -24.71 41.10 -11.09
C GLN C 445 -26.13 41.16 -11.63
N ALA C 446 -26.55 42.35 -12.05
CA ALA C 446 -27.94 42.57 -12.51
C ALA C 446 -28.22 41.99 -13.89
N HIS C 447 -27.17 41.78 -14.68
CA HIS C 447 -27.31 41.39 -16.08
C HIS C 447 -26.87 39.98 -16.35
N CYS C 448 -25.78 39.53 -15.69
CA CYS C 448 -25.19 38.27 -16.01
C CYS C 448 -25.76 37.20 -15.11
N PRO C 449 -26.22 36.07 -15.68
CA PRO C 449 -26.82 35.02 -14.83
C PRO C 449 -25.88 33.96 -14.30
N LEU C 450 -24.63 33.95 -14.77
CA LEU C 450 -23.66 32.91 -14.40
C LEU C 450 -22.25 33.43 -14.67
N ILE C 451 -21.39 33.36 -13.64
CA ILE C 451 -19.93 33.68 -13.81
C ILE C 451 -19.19 32.39 -14.06
N TRP C 452 -18.11 32.48 -14.81
CA TRP C 452 -17.09 31.42 -14.81
C TRP C 452 -15.73 32.04 -14.45
N GLY C 453 -14.88 31.16 -13.95
CA GLY C 453 -13.55 31.59 -13.38
C GLY C 453 -12.51 32.05 -14.36
N GLY C 454 -12.88 32.27 -15.61
CA GLY C 454 -11.92 32.58 -16.65
C GLY C 454 -10.91 31.46 -16.90
N ASP C 455 -9.73 31.85 -17.38
CA ASP C 455 -8.68 30.91 -17.75
C ASP C 455 -7.78 30.56 -16.55
N GLN C 456 -7.80 29.33 -16.12
CA GLN C 456 -6.76 28.73 -15.23
C GLN C 456 -5.74 28.06 -16.13
N SER C 457 -4.52 27.90 -15.63
CA SER C 457 -3.58 27.01 -16.22
C SER C 457 -4.09 25.61 -16.04
N VAL C 458 -3.62 24.70 -16.89
CA VAL C 458 -3.94 23.28 -16.81
C VAL C 458 -3.11 22.55 -15.73
N ASP C 459 -3.23 22.98 -14.49
CA ASP C 459 -2.41 22.42 -13.43
C ASP C 459 -3.05 22.58 -12.06
N PHE C 460 -2.34 22.09 -11.04
CA PHE C 460 -2.71 22.19 -9.64
C PHE C 460 -1.96 23.33 -8.93
N SER C 461 -1.53 24.34 -9.64
CA SER C 461 -0.68 25.40 -9.04
C SER C 461 -1.48 26.22 -8.06
N ARG C 462 -0.77 26.79 -7.07
CA ARG C 462 -1.45 27.57 -6.05
C ARG C 462 -2.09 28.85 -6.59
N HIS C 463 -1.45 29.51 -7.57
CA HIS C 463 -1.90 30.79 -8.02
C HIS C 463 -2.53 30.84 -9.41
N ASP C 464 -2.56 29.71 -10.10
CA ASP C 464 -3.31 29.68 -11.37
C ASP C 464 -3.99 28.36 -11.68
N GLY C 465 -4.10 27.50 -10.71
CA GLY C 465 -4.65 26.15 -10.94
C GLY C 465 -6.00 25.97 -10.29
N LEU C 466 -6.33 24.69 -10.12
CA LEU C 466 -7.65 24.30 -9.62
C LEU C 466 -8.12 25.08 -8.40
N VAL C 467 -7.25 25.20 -7.38
CA VAL C 467 -7.62 25.89 -6.14
C VAL C 467 -8.08 27.35 -6.27
N THR C 468 -7.60 28.05 -7.29
CA THR C 468 -7.95 29.43 -7.48
C THR C 468 -9.44 29.61 -7.82
N VAL C 469 -10.04 28.57 -8.40
CA VAL C 469 -11.45 28.63 -8.70
C VAL C 469 -12.30 28.82 -7.44
N ILE C 470 -11.93 28.12 -6.38
CA ILE C 470 -12.69 28.15 -5.11
C ILE C 470 -12.64 29.58 -4.56
N CYS C 471 -11.43 30.18 -4.60
CA CYS C 471 -11.31 31.58 -4.18
C CYS C 471 -12.19 32.56 -4.97
N GLY C 472 -12.22 32.36 -6.29
CA GLY C 472 -13.01 33.15 -7.21
C GLY C 472 -14.52 32.99 -6.89
N ALA C 473 -14.93 31.76 -6.63
CA ALA C 473 -16.34 31.50 -6.28
C ALA C 473 -16.75 32.13 -4.94
N LEU C 474 -15.89 32.02 -3.92
CA LEU C 474 -16.21 32.56 -2.59
C LEU C 474 -16.28 34.05 -2.61
N SER C 475 -15.29 34.68 -3.19
CA SER C 475 -15.26 36.13 -3.23
C SER C 475 -16.41 36.72 -4.10
N SER C 476 -16.57 36.24 -5.31
CA SER C 476 -17.63 36.76 -6.20
C SER C 476 -19.04 36.49 -5.62
N GLY C 477 -19.18 35.40 -4.88
CA GLY C 477 -20.42 35.08 -4.16
C GLY C 477 -20.82 36.10 -3.11
N LEU C 478 -19.82 36.55 -2.31
CA LEU C 478 -20.11 37.59 -1.37
C LEU C 478 -20.50 38.93 -2.02
N MET C 479 -20.04 39.13 -3.25
CA MET C 479 -20.35 40.34 -3.99
C MET C 479 -21.72 40.24 -4.73
N GLY C 480 -22.45 39.12 -4.55
CA GLY C 480 -23.82 39.04 -5.06
C GLY C 480 -23.97 38.21 -6.35
N ASN C 481 -22.90 37.57 -6.83
CA ASN C 481 -22.94 36.66 -7.96
C ASN C 481 -23.14 35.24 -7.44
N ALA C 482 -24.37 34.76 -7.49
CA ALA C 482 -24.73 33.54 -6.77
C ALA C 482 -24.26 32.27 -7.42
N TYR C 483 -23.94 32.32 -8.72
CA TYR C 483 -23.58 31.15 -9.49
C TYR C 483 -22.18 31.32 -10.13
N HIS C 484 -21.32 30.38 -9.85
CA HIS C 484 -19.93 30.36 -10.36
C HIS C 484 -19.62 29.00 -10.87
N HIS C 485 -18.73 28.89 -11.88
CA HIS C 485 -18.24 27.58 -12.31
C HIS C 485 -16.91 27.76 -12.99
N SER C 486 -16.31 26.67 -13.42
CA SER C 486 -15.03 26.74 -14.13
C SER C 486 -14.94 25.78 -15.30
N ASP C 487 -13.92 26.01 -16.15
CA ASP C 487 -13.58 25.07 -17.17
C ASP C 487 -13.05 23.78 -16.53
N ILE C 488 -13.73 22.65 -16.70
CA ILE C 488 -13.25 21.42 -16.16
C ILE C 488 -11.93 21.03 -16.82
N GLY C 489 -10.87 20.97 -16.00
CA GLY C 489 -9.52 20.67 -16.49
C GLY C 489 -8.71 21.89 -16.82
N GLY C 490 -9.22 23.07 -16.53
CA GLY C 490 -8.51 24.34 -16.82
C GLY C 490 -8.43 24.65 -18.29
N TYR C 491 -7.72 25.72 -18.64
CA TYR C 491 -7.73 26.22 -20.01
C TYR C 491 -6.28 26.36 -20.61
N THR C 492 -5.43 27.14 -19.95
CA THR C 492 -4.19 27.59 -20.59
C THR C 492 -3.10 26.55 -20.57
N SER C 493 -2.74 26.09 -21.78
CA SER C 493 -1.64 25.19 -21.99
C SER C 493 -0.57 25.91 -22.79
N LEU C 494 0.54 26.20 -22.12
CA LEU C 494 1.73 26.84 -22.77
C LEU C 494 2.97 26.26 -22.16
N PHE C 495 4.10 26.38 -22.85
CA PHE C 495 5.43 26.05 -22.30
C PHE C 495 5.53 24.65 -21.77
N GLY C 496 4.89 23.72 -22.47
CA GLY C 496 4.87 22.34 -22.07
C GLY C 496 3.92 21.94 -20.93
N ASN C 497 3.14 22.89 -20.42
CA ASN C 497 2.23 22.59 -19.31
C ASN C 497 0.96 22.00 -19.99
N VAL C 498 0.69 20.74 -19.72
CA VAL C 498 -0.44 20.00 -20.40
C VAL C 498 -1.19 19.26 -19.31
N ARG C 499 -2.45 18.94 -19.59
CA ARG C 499 -3.29 18.24 -18.61
C ARG C 499 -2.81 16.86 -18.27
N THR C 500 -3.16 16.42 -17.07
CA THR C 500 -3.12 15.00 -16.74
C THR C 500 -4.50 14.44 -16.53
N ALA C 501 -4.62 13.14 -16.57
CA ALA C 501 -5.91 12.46 -16.28
C ALA C 501 -6.37 12.84 -14.88
N GLU C 502 -5.43 12.84 -13.93
CA GLU C 502 -5.72 13.18 -12.57
C GLU C 502 -6.26 14.58 -12.40
N LEU C 503 -5.67 15.53 -13.09
CA LEU C 503 -6.17 16.89 -13.06
C LEU C 503 -7.63 16.96 -13.51
N ILE C 504 -7.94 16.32 -14.62
CA ILE C 504 -9.32 16.37 -15.14
C ILE C 504 -10.28 15.79 -14.09
N MET C 505 -9.90 14.63 -13.54
CA MET C 505 -10.78 13.93 -12.59
C MET C 505 -10.99 14.75 -11.31
N ARG C 506 -9.92 15.30 -10.73
CA ARG C 506 -10.13 16.16 -9.57
C ARG C 506 -10.98 17.38 -9.88
N TRP C 507 -10.81 17.99 -11.04
CA TRP C 507 -11.54 19.17 -11.40
C TRP C 507 -13.06 18.83 -11.55
N THR C 508 -13.30 17.68 -12.19
CA THR C 508 -14.68 17.15 -12.38
C THR C 508 -15.34 16.91 -11.04
N GLU C 509 -14.61 16.34 -10.08
CA GLU C 509 -15.10 16.13 -8.71
C GLU C 509 -15.62 17.37 -8.06
N MET C 510 -14.89 18.47 -8.15
CA MET C 510 -15.37 19.75 -7.64
C MET C 510 -16.57 20.21 -8.39
N ALA C 511 -16.48 20.17 -9.73
CA ALA C 511 -17.51 20.77 -10.58
C ALA C 511 -18.92 20.13 -10.35
N ALA C 512 -18.95 18.86 -10.01
CA ALA C 512 -20.26 18.19 -9.72
C ALA C 512 -21.01 18.83 -8.53
N PHE C 513 -20.25 19.50 -7.66
CA PHE C 513 -20.77 20.25 -6.51
C PHE C 513 -20.63 21.74 -6.76
N THR C 514 -21.03 22.18 -7.95
CA THR C 514 -21.16 23.57 -8.32
C THR C 514 -22.36 23.69 -9.27
N PRO C 515 -22.79 24.90 -9.60
CA PRO C 515 -24.04 25.03 -10.39
C PRO C 515 -23.98 24.39 -11.78
N VAL C 516 -22.83 24.39 -12.43
CA VAL C 516 -22.70 23.96 -13.85
C VAL C 516 -21.41 23.19 -14.10
N MET C 517 -21.56 21.95 -14.58
CA MET C 517 -20.47 21.17 -15.12
C MET C 517 -20.25 21.50 -16.59
N ARG C 518 -19.07 22.00 -16.95
CA ARG C 518 -18.78 22.34 -18.32
C ARG C 518 -17.34 22.02 -18.66
N THR C 519 -17.14 21.30 -19.76
CA THR C 519 -15.79 20.97 -20.24
C THR C 519 -15.33 21.96 -21.29
N HIS C 520 -14.07 21.84 -21.72
CA HIS C 520 -13.46 22.80 -22.62
C HIS C 520 -12.19 22.11 -23.18
N GLU C 521 -12.06 22.11 -24.50
CA GLU C 521 -10.86 21.52 -25.07
C GLU C 521 -9.60 22.38 -24.90
N GLY C 522 -9.81 23.65 -24.63
CA GLY C 522 -8.69 24.58 -24.32
C GLY C 522 -8.03 25.21 -25.53
N ASN C 523 -6.91 25.89 -25.31
CA ASN C 523 -6.26 26.61 -26.36
C ASN C 523 -5.49 25.70 -27.36
N ARG C 524 -5.08 24.53 -26.93
CA ARG C 524 -4.33 23.58 -27.75
C ARG C 524 -4.90 22.17 -27.63
N PRO C 525 -6.10 21.97 -28.22
CA PRO C 525 -6.84 20.70 -28.05
C PRO C 525 -6.06 19.42 -28.32
N ARG C 526 -5.25 19.38 -29.38
CA ARG C 526 -4.55 18.14 -29.68
C ARG C 526 -3.36 17.86 -28.77
N ASP C 527 -2.89 18.87 -28.02
CA ASP C 527 -1.79 18.69 -27.09
C ASP C 527 -2.25 18.28 -25.69
N ASN C 528 -3.55 18.32 -25.42
CA ASN C 528 -4.09 18.12 -24.09
C ASN C 528 -5.11 17.02 -24.07
N LEU C 529 -5.04 16.22 -23.05
CA LEU C 529 -6.02 15.18 -22.80
C LEU C 529 -7.44 15.78 -22.68
N GLN C 530 -8.40 15.09 -23.31
CA GLN C 530 -9.80 15.51 -23.22
C GLN C 530 -10.61 14.37 -22.60
N ILE C 531 -11.81 14.67 -22.13
CA ILE C 531 -12.60 13.70 -21.37
C ILE C 531 -12.93 12.41 -22.13
N ASP C 532 -13.02 12.49 -23.46
CA ASP C 532 -13.34 11.34 -24.26
C ASP C 532 -12.15 10.46 -24.64
N GLN C 533 -10.93 10.84 -24.24
CA GLN C 533 -9.72 10.21 -24.77
C GLN C 533 -9.05 9.28 -23.81
N ASP C 534 -9.60 9.10 -22.63
CA ASP C 534 -9.05 8.13 -21.67
C ASP C 534 -10.24 7.47 -21.03
N GLU C 535 -10.30 6.14 -21.10
CA GLU C 535 -11.51 5.41 -20.65
CA GLU C 535 -11.48 5.34 -20.64
C GLU C 535 -11.79 5.58 -19.14
N THR C 536 -10.73 5.69 -18.34
CA THR C 536 -10.85 5.90 -16.91
C THR C 536 -11.40 7.27 -16.60
N VAL C 537 -10.84 8.28 -17.24
CA VAL C 537 -11.34 9.65 -17.13
C VAL C 537 -12.84 9.73 -17.55
N LEU C 538 -13.15 9.11 -18.66
CA LEU C 538 -14.53 9.23 -19.19
C LEU C 538 -15.55 8.55 -18.26
N ALA C 539 -15.19 7.39 -17.71
CA ALA C 539 -16.08 6.65 -16.77
C ALA C 539 -16.25 7.45 -15.48
N HIS C 540 -15.15 8.05 -15.03
CA HIS C 540 -15.22 8.92 -13.86
C HIS C 540 -16.11 10.13 -14.13
N PHE C 541 -15.96 10.73 -15.31
CA PHE C 541 -16.79 11.86 -15.71
C PHE C 541 -18.28 11.51 -15.74
N ALA C 542 -18.59 10.38 -16.38
CA ALA C 542 -20.01 9.94 -16.48
C ALA C 542 -20.61 9.76 -15.10
N ARG C 543 -19.88 9.07 -14.22
CA ARG C 543 -20.33 8.89 -12.85
C ARG C 543 -20.55 10.23 -12.14
N MET C 544 -19.63 11.19 -12.27
CA MET C 544 -19.84 12.47 -11.58
C MET C 544 -21.04 13.22 -12.18
N THR C 545 -21.29 13.09 -13.48
CA THR C 545 -22.51 13.72 -14.05
C THR C 545 -23.78 13.07 -13.45
N ALA C 546 -23.74 11.78 -13.16
CA ALA C 546 -24.91 11.13 -12.52
C ALA C 546 -25.11 11.65 -11.09
N ILE C 547 -24.01 11.90 -10.37
CA ILE C 547 -24.09 12.51 -9.07
C ILE C 547 -24.66 13.91 -9.17
N TYR C 548 -24.20 14.72 -10.11
CA TYR C 548 -24.74 16.06 -10.31
C TYR C 548 -26.28 16.03 -10.57
N VAL C 549 -26.69 15.15 -11.47
CA VAL C 549 -28.15 15.03 -11.77
C VAL C 549 -28.94 14.61 -10.56
N ALA C 550 -28.42 13.65 -9.80
CA ALA C 550 -29.10 13.20 -8.58
C ALA C 550 -29.24 14.32 -7.55
N LEU C 551 -28.25 15.22 -7.51
CA LEU C 551 -28.28 16.35 -6.61
C LEU C 551 -29.15 17.50 -7.05
N ALA C 552 -29.69 17.46 -8.26
CA ALA C 552 -30.44 18.59 -8.80
C ALA C 552 -31.51 19.16 -7.88
N PRO C 553 -32.29 18.31 -7.18
CA PRO C 553 -33.33 18.94 -6.35
C PRO C 553 -32.72 19.84 -5.24
N TYR C 554 -31.54 19.44 -4.71
CA TYR C 554 -30.86 20.27 -3.70
C TYR C 554 -30.33 21.56 -4.34
N LEU C 555 -29.61 21.45 -5.46
CA LEU C 555 -29.13 22.64 -6.16
C LEU C 555 -30.29 23.59 -6.55
N LYS C 556 -31.41 23.05 -7.03
CA LYS C 556 -32.62 23.87 -7.29
C LYS C 556 -33.06 24.66 -6.04
N SER C 557 -33.06 24.01 -4.87
CA SER C 557 -33.43 24.70 -3.63
C SER C 557 -32.44 25.84 -3.34
N LEU C 558 -31.15 25.62 -3.65
CA LEU C 558 -30.16 26.67 -3.47
C LEU C 558 -30.37 27.81 -4.42
N SER C 559 -30.72 27.51 -5.68
CA SER C 559 -31.00 28.57 -6.62
C SER C 559 -32.25 29.40 -6.22
N ALA C 560 -33.27 28.71 -5.72
CA ALA C 560 -34.44 29.42 -5.20
C ALA C 560 -34.06 30.33 -4.04
N GLU C 561 -33.17 29.84 -3.15
CA GLU C 561 -32.71 30.68 -2.04
C GLU C 561 -31.96 31.88 -2.56
N ALA C 562 -31.12 31.68 -3.57
CA ALA C 562 -30.35 32.76 -4.14
C ALA C 562 -31.27 33.86 -4.71
N ALA C 563 -32.33 33.46 -5.40
CA ALA C 563 -33.29 34.47 -5.88
C ALA C 563 -33.98 35.21 -4.75
N LYS C 564 -34.32 34.50 -3.68
CA LYS C 564 -35.13 35.06 -2.59
C LYS C 564 -34.30 35.90 -1.61
N THR C 565 -33.07 35.46 -1.30
CA THR C 565 -32.23 36.12 -0.28
C THR C 565 -30.87 36.61 -0.79
N GLY C 566 -30.51 36.28 -2.03
CA GLY C 566 -29.26 36.72 -2.60
C GLY C 566 -28.03 35.89 -2.23
N LEU C 567 -28.16 34.91 -1.33
CA LEU C 567 -26.99 34.14 -0.91
C LEU C 567 -26.44 33.29 -2.05
N PRO C 568 -25.08 33.29 -2.19
CA PRO C 568 -24.50 32.49 -3.21
C PRO C 568 -24.64 31.00 -2.95
N VAL C 569 -24.59 30.22 -4.00
CA VAL C 569 -24.62 28.77 -3.90
C VAL C 569 -23.37 28.19 -3.17
N GLN C 570 -22.20 28.75 -3.47
CA GLN C 570 -20.95 28.36 -2.80
C GLN C 570 -20.62 29.42 -1.75
N ARG C 571 -20.61 29.00 -0.50
CA ARG C 571 -20.53 29.92 0.64
C ARG C 571 -19.27 29.64 1.45
N PRO C 572 -18.67 30.67 2.02
CA PRO C 572 -17.50 30.44 2.92
C PRO C 572 -18.00 29.88 4.25
N LEU C 573 -17.18 29.11 4.96
CA LEU C 573 -17.57 28.55 6.25
C LEU C 573 -18.09 29.57 7.25
N PHE C 574 -17.50 30.77 7.26
CA PHE C 574 -17.85 31.75 8.25
C PHE C 574 -19.28 32.28 8.10
N LEU C 575 -19.88 32.12 6.92
CA LEU C 575 -21.22 32.63 6.70
C LEU C 575 -22.22 31.90 7.59
N HIS C 576 -22.00 30.60 7.82
CA HIS C 576 -22.90 29.82 8.69
C HIS C 576 -22.33 29.46 10.06
N TYR C 577 -21.07 29.81 10.31
CA TYR C 577 -20.39 29.50 11.59
C TYR C 577 -19.60 30.72 12.05
N GLU C 578 -20.36 31.78 12.30
CA GLU C 578 -19.79 33.09 12.65
C GLU C 578 -19.02 33.07 13.97
N ASN C 579 -19.39 32.19 14.90
CA ASN C 579 -18.70 32.15 16.20
C ASN C 579 -17.45 31.29 16.20
N GLU C 580 -17.01 30.82 15.03
CA GLU C 580 -15.77 30.08 14.92
C GLU C 580 -14.72 30.86 14.13
N PRO C 581 -13.95 31.76 14.79
CA PRO C 581 -12.82 32.51 14.23
C PRO C 581 -11.89 31.77 13.32
N GLN C 582 -11.61 30.53 13.64
CA GLN C 582 -10.74 29.68 12.78
C GLN C 582 -11.26 29.43 11.36
N THR C 583 -12.54 29.68 11.09
CA THR C 583 -13.11 29.51 9.75
C THR C 583 -12.98 30.72 8.83
N TYR C 584 -12.49 31.85 9.36
CA TYR C 584 -12.63 33.12 8.66
C TYR C 584 -11.76 33.33 7.42
N ALA C 585 -10.62 32.69 7.36
CA ALA C 585 -9.74 32.77 6.20
C ALA C 585 -9.72 31.54 5.30
N VAL C 586 -10.46 30.48 5.65
CA VAL C 586 -10.51 29.25 4.87
C VAL C 586 -11.04 29.54 3.45
N GLN C 587 -10.23 29.19 2.43
CA GLN C 587 -10.59 29.42 1.02
C GLN C 587 -10.42 28.23 0.11
N ASP C 588 -10.11 27.05 0.63
CA ASP C 588 -10.10 25.85 -0.20
C ASP C 588 -11.16 24.83 0.16
N CYS C 589 -12.18 25.27 0.93
CA CYS C 589 -13.40 24.48 1.10
CA CYS C 589 -13.38 24.50 1.21
C CYS C 589 -14.54 25.45 1.08
N TYR C 590 -15.73 24.91 0.79
CA TYR C 590 -16.92 25.75 0.78
C TYR C 590 -18.12 24.97 1.29
N LEU C 591 -19.12 25.72 1.76
CA LEU C 591 -20.43 25.16 2.05
C LEU C 591 -21.25 25.26 0.74
N TYR C 592 -21.72 24.11 0.26
CA TYR C 592 -22.53 24.03 -0.94
C TYR C 592 -23.97 24.08 -0.36
N GLY C 593 -24.48 25.29 -0.31
CA GLY C 593 -25.64 25.59 0.50
C GLY C 593 -25.24 25.46 1.99
N ALA C 594 -26.25 25.49 2.86
CA ALA C 594 -26.05 25.32 4.26
C ALA C 594 -25.74 23.89 4.70
N ASP C 595 -26.13 22.92 3.87
CA ASP C 595 -26.20 21.53 4.30
C ASP C 595 -25.12 20.59 3.82
N MET C 596 -24.22 21.06 2.94
CA MET C 596 -23.11 20.20 2.44
C MET C 596 -21.82 20.98 2.57
N LEU C 597 -20.75 20.24 2.83
CA LEU C 597 -19.38 20.81 2.93
C LEU C 597 -18.51 20.08 1.91
N VAL C 598 -17.80 20.86 1.10
CA VAL C 598 -17.00 20.34 0.00
C VAL C 598 -15.55 20.82 0.20
N ALA C 599 -14.61 19.87 0.22
CA ALA C 599 -13.19 20.16 0.38
C ALA C 599 -12.42 19.55 -0.78
N PRO C 600 -12.40 20.25 -1.92
CA PRO C 600 -11.74 19.67 -3.10
C PRO C 600 -10.27 19.32 -2.87
N VAL C 601 -9.80 18.22 -3.42
CA VAL C 601 -8.34 17.93 -3.52
C VAL C 601 -7.79 18.82 -4.62
N TRP C 602 -6.75 19.60 -4.31
CA TRP C 602 -6.17 20.54 -5.24
C TRP C 602 -4.66 20.34 -5.49
N LYS C 603 -4.15 19.17 -5.17
CA LYS C 603 -2.78 18.76 -5.47
C LYS C 603 -2.76 17.34 -6.03
N ALA C 604 -1.74 17.09 -6.86
CA ALA C 604 -1.53 15.78 -7.43
C ALA C 604 -1.01 14.80 -6.40
N GLY C 605 -1.41 13.54 -6.54
CA GLY C 605 -0.87 12.44 -5.78
C GLY C 605 -1.47 12.29 -4.39
N GLU C 606 -2.53 13.03 -4.08
CA GLU C 606 -3.13 12.94 -2.75
C GLU C 606 -4.14 11.80 -2.73
N THR C 607 -4.08 10.98 -1.69
CA THR C 607 -5.07 9.87 -1.48
C THR C 607 -6.05 10.18 -0.33
N GLN C 608 -5.80 11.29 0.37
CA GLN C 608 -6.54 11.74 1.56
C GLN C 608 -6.69 13.22 1.49
N ARG C 609 -7.62 13.74 2.31
CA ARG C 609 -7.81 15.18 2.47
C ARG C 609 -8.08 15.48 3.92
N SER C 610 -7.43 16.51 4.44
CA SER C 610 -7.65 16.97 5.83
C SER C 610 -8.44 18.26 5.75
N LEU C 611 -9.39 18.44 6.65
CA LEU C 611 -10.17 19.65 6.68
C LEU C 611 -10.80 19.86 8.08
N TYR C 612 -11.26 21.06 8.32
CA TYR C 612 -11.99 21.40 9.54
C TYR C 612 -13.48 21.21 9.31
N LEU C 613 -14.13 20.35 10.10
CA LEU C 613 -15.60 20.24 10.15
C LEU C 613 -16.16 21.18 11.21
N PRO C 614 -17.02 22.15 10.83
CA PRO C 614 -17.52 23.14 11.77
C PRO C 614 -18.81 22.71 12.52
N GLY C 615 -19.14 23.52 13.55
CA GLY C 615 -20.37 23.39 14.29
C GLY C 615 -20.36 22.37 15.43
N HIS C 616 -21.54 22.08 15.95
CA HIS C 616 -21.66 21.09 17.04
C HIS C 616 -22.63 19.98 16.70
N GLY C 617 -22.91 19.79 15.42
CA GLY C 617 -23.77 18.70 14.99
C GLY C 617 -22.97 17.48 14.53
N GLU C 618 -23.58 16.77 13.61
CA GLU C 618 -22.92 15.65 12.96
C GLU C 618 -22.91 15.90 11.48
N TRP C 619 -21.77 15.58 10.90
CA TRP C 619 -21.59 15.62 9.49
C TRP C 619 -21.46 14.17 9.06
N VAL C 620 -22.10 13.85 7.94
CA VAL C 620 -22.12 12.51 7.40
C VAL C 620 -21.27 12.51 6.15
N HIS C 621 -20.28 11.62 6.11
CA HIS C 621 -19.43 11.50 4.93
C HIS C 621 -20.23 10.89 3.78
N LEU C 622 -20.21 11.55 2.62
CA LEU C 622 -21.18 11.23 1.57
C LEU C 622 -21.05 9.80 1.01
N TRP C 623 -19.82 9.34 0.86
CA TRP C 623 -19.54 8.06 0.19
C TRP C 623 -19.60 6.85 1.13
N SER C 624 -19.30 7.04 2.41
CA SER C 624 -19.26 5.95 3.41
C SER C 624 -20.46 5.92 4.37
N GLY C 625 -21.16 7.05 4.52
CA GLY C 625 -22.19 7.15 5.54
C GLY C 625 -21.66 7.26 6.97
N LYS C 626 -20.32 7.30 7.16
CA LYS C 626 -19.75 7.47 8.50
C LYS C 626 -20.06 8.85 9.03
N ARG C 627 -20.37 8.93 10.31
CA ARG C 627 -20.75 10.20 10.93
C ARG C 627 -19.54 10.76 11.65
N HIS C 628 -19.40 12.09 11.69
CA HIS C 628 -18.29 12.76 12.35
C HIS C 628 -18.86 13.93 13.13
N ALA C 629 -18.37 14.13 14.35
CA ALA C 629 -18.73 15.22 15.20
C ALA C 629 -18.12 16.53 14.68
N GLY C 630 -18.96 17.57 14.61
CA GLY C 630 -18.49 18.93 14.24
C GLY C 630 -17.49 19.47 15.28
N GLY C 631 -16.69 20.45 14.89
CA GLY C 631 -15.80 21.13 15.81
C GLY C 631 -14.36 20.60 15.86
N ARG C 632 -13.91 19.92 14.82
CA ARG C 632 -12.55 19.34 14.82
C ARG C 632 -12.06 19.13 13.40
N ASP C 633 -10.73 19.03 13.28
CA ASP C 633 -10.10 18.63 12.04
C ASP C 633 -10.28 17.12 11.85
N ILE C 634 -10.51 16.68 10.61
CA ILE C 634 -10.49 15.26 10.29
C ILE C 634 -9.74 15.02 9.00
N THR C 635 -9.44 13.75 8.76
CA THR C 635 -8.77 13.33 7.54
C THR C 635 -9.58 12.17 7.00
N VAL C 636 -9.98 12.29 5.72
CA VAL C 636 -10.75 11.20 5.07
C VAL C 636 -10.05 10.74 3.81
N GLU C 637 -10.33 9.50 3.43
CA GLU C 637 -9.85 8.93 2.18
C GLU C 637 -10.55 9.61 1.01
N THR C 638 -9.77 10.00 0.01
CA THR C 638 -10.27 10.65 -1.19
C THR C 638 -9.67 10.01 -2.42
N PRO C 639 -9.97 8.73 -2.64
CA PRO C 639 -9.58 8.18 -3.93
C PRO C 639 -10.37 8.87 -5.03
N LEU C 640 -9.90 8.71 -6.26
CA LEU C 640 -10.57 9.34 -7.40
C LEU C 640 -12.01 8.85 -7.43
N GLY C 641 -12.96 9.78 -7.56
CA GLY C 641 -14.38 9.48 -7.52
C GLY C 641 -15.06 9.77 -6.20
N GLU C 642 -14.29 9.90 -5.14
CA GLU C 642 -14.80 10.12 -3.79
C GLU C 642 -14.21 11.36 -3.16
N PRO C 643 -14.60 12.53 -3.68
CA PRO C 643 -14.14 13.77 -3.04
C PRO C 643 -14.64 13.89 -1.59
N ALA C 644 -13.94 14.72 -0.82
CA ALA C 644 -14.22 14.95 0.57
C ALA C 644 -15.46 15.81 0.69
N VAL C 645 -16.61 15.13 0.77
CA VAL C 645 -17.89 15.82 0.83
C VAL C 645 -18.72 15.25 2.00
N PHE C 646 -19.37 16.15 2.74
CA PHE C 646 -20.12 15.79 3.94
C PHE C 646 -21.46 16.50 3.91
N TYR C 647 -22.46 15.93 4.56
CA TYR C 647 -23.74 16.60 4.68
C TYR C 647 -24.20 16.63 6.14
N ARG C 648 -24.93 17.67 6.51
CA ARG C 648 -25.54 17.71 7.81
C ARG C 648 -26.60 16.63 8.03
N ALA C 649 -26.45 15.89 9.14
CA ALA C 649 -27.28 14.74 9.49
C ALA C 649 -28.76 15.12 9.53
N ASP C 650 -29.04 16.36 9.96
CA ASP C 650 -30.39 16.86 10.14
CA ASP C 650 -30.44 16.78 10.12
C ASP C 650 -30.96 17.56 8.90
N SER C 651 -30.26 17.47 7.78
CA SER C 651 -30.74 18.08 6.54
C SER C 651 -32.08 17.56 6.07
N SER C 652 -32.91 18.44 5.57
CA SER C 652 -34.19 18.08 4.91
C SER C 652 -34.00 17.21 3.67
N HIS C 653 -32.79 17.31 3.07
CA HIS C 653 -32.45 16.52 1.92
C HIS C 653 -31.71 15.25 2.27
N HIS C 654 -31.76 14.80 3.53
CA HIS C 654 -30.94 13.66 3.94
C HIS C 654 -31.23 12.39 3.13
N ARG C 655 -32.53 12.16 2.74
CA ARG C 655 -32.91 10.95 2.00
C ARG C 655 -32.20 10.97 0.67
N LEU C 656 -32.20 12.13 0.02
CA LEU C 656 -31.44 12.32 -1.23
C LEU C 656 -29.95 12.06 -1.07
N PHE C 657 -29.34 12.68 -0.05
CA PHE C 657 -27.89 12.53 0.17
C PHE C 657 -27.51 11.04 0.44
N GLU C 658 -28.37 10.32 1.19
CA GLU C 658 -28.18 8.89 1.41
C GLU C 658 -28.13 8.08 0.09
N GLN C 659 -28.97 8.44 -0.87
CA GLN C 659 -29.01 7.78 -2.18
C GLN C 659 -27.70 7.96 -2.96
N LEU C 660 -27.00 9.09 -2.79
CA LEU C 660 -25.77 9.37 -3.58
C LEU C 660 -24.67 8.36 -3.36
N ARG C 661 -24.66 7.82 -2.15
CA ARG C 661 -23.76 6.73 -1.80
C ARG C 661 -23.93 5.52 -2.74
N THR C 662 -25.19 5.24 -3.08
CA THR C 662 -25.55 4.10 -3.96
C THR C 662 -25.22 4.36 -5.44
N ILE C 663 -25.41 5.58 -5.90
CA ILE C 663 -25.03 5.99 -7.29
C ILE C 663 -23.50 5.79 -7.45
N GLY C 664 -22.78 6.13 -6.37
CA GLY C 664 -21.41 5.65 -6.10
C GLY C 664 -21.08 4.23 -6.59
N LEU C 665 -22.01 3.27 -6.50
CA LEU C 665 -22.00 1.92 -7.20
C LEU C 665 -20.63 1.34 -7.52
N GLY D 9 -37.11 -2.82 -2.15
CA GLY D 9 -36.11 -3.54 -1.34
C GLY D 9 -34.71 -3.26 -1.83
N PHE D 10 -33.87 -4.28 -1.85
CA PHE D 10 -32.41 -4.10 -2.06
C PHE D 10 -31.75 -5.20 -2.89
N THR D 11 -30.55 -4.90 -3.36
CA THR D 11 -29.67 -5.87 -3.99
C THR D 11 -28.29 -5.82 -3.36
N ILE D 12 -27.58 -6.93 -3.45
CA ILE D 12 -26.20 -7.06 -3.01
C ILE D 12 -25.44 -7.67 -4.17
N ALA D 13 -24.31 -7.06 -4.50
CA ALA D 13 -23.51 -7.46 -5.65
C ALA D 13 -22.04 -7.59 -5.27
N ILE D 14 -21.30 -8.42 -6.01
CA ILE D 14 -19.83 -8.38 -6.01
C ILE D 14 -19.46 -7.82 -7.36
N GLY D 15 -18.92 -6.61 -7.36
CA GLY D 15 -18.58 -5.87 -8.57
C GLY D 15 -19.72 -5.85 -9.57
N ASN D 16 -19.43 -6.33 -10.77
CA ASN D 16 -20.39 -6.38 -11.84
C ASN D 16 -21.57 -7.35 -11.55
N ARG D 17 -21.52 -8.18 -10.49
CA ARG D 17 -22.38 -9.38 -10.35
C ARG D 17 -23.43 -9.31 -9.23
N ILE D 18 -24.71 -9.18 -9.57
CA ILE D 18 -25.75 -9.21 -8.54
C ILE D 18 -25.87 -10.64 -7.98
N ILE D 19 -25.79 -10.73 -6.65
CA ILE D 19 -25.85 -11.97 -5.88
C ILE D 19 -27.20 -12.21 -5.20
N LEU D 20 -27.65 -11.22 -4.41
CA LEU D 20 -28.94 -11.23 -3.73
C LEU D 20 -29.82 -10.13 -4.25
N SER D 21 -31.10 -10.42 -4.36
CA SER D 21 -32.10 -9.44 -4.78
C SER D 21 -33.34 -9.68 -3.94
N HIS D 22 -33.82 -8.62 -3.29
CA HIS D 22 -34.95 -8.76 -2.37
C HIS D 22 -36.02 -7.74 -2.68
N SER D 23 -37.24 -8.20 -2.78
CA SER D 23 -38.45 -7.35 -2.70
C SER D 23 -39.54 -8.11 -1.95
N PRO D 24 -40.59 -7.39 -1.49
CA PRO D 24 -41.69 -8.13 -0.85
C PRO D 24 -42.27 -9.29 -1.71
N ASP D 25 -42.40 -9.06 -3.02
CA ASP D 25 -42.90 -10.06 -3.97
C ASP D 25 -41.88 -11.12 -4.40
N LYS D 26 -40.59 -10.81 -4.37
CA LYS D 26 -39.54 -11.75 -4.76
C LYS D 26 -38.47 -11.72 -3.66
N PRO D 27 -38.78 -12.29 -2.47
CA PRO D 27 -37.89 -12.21 -1.33
C PRO D 27 -36.67 -13.09 -1.48
N ALA D 28 -35.59 -12.69 -0.81
CA ALA D 28 -34.33 -13.42 -0.82
C ALA D 28 -34.30 -14.49 0.27
N PHE D 29 -34.95 -14.22 1.41
CA PHE D 29 -34.89 -15.12 2.57
C PHE D 29 -36.27 -15.66 2.97
N PHE D 30 -36.27 -16.90 3.46
CA PHE D 30 -37.44 -17.55 4.07
C PHE D 30 -36.93 -18.20 5.37
N ALA D 31 -37.74 -18.11 6.43
CA ALA D 31 -37.37 -18.67 7.72
C ALA D 31 -38.47 -19.54 8.29
N GLY D 32 -38.07 -20.55 9.06
CA GLY D 32 -39.06 -21.43 9.66
C GLY D 32 -38.51 -22.47 10.62
N PHE D 33 -39.17 -23.61 10.66
CA PHE D 33 -39.01 -24.58 11.73
C PHE D 33 -39.35 -25.96 11.20
N GLY D 34 -38.49 -26.92 11.50
CA GLY D 34 -38.67 -28.32 11.12
C GLY D 34 -38.35 -29.29 12.25
N GLU D 35 -38.86 -30.49 12.12
CA GLU D 35 -38.50 -31.62 12.98
C GLU D 35 -37.96 -32.73 12.10
N GLU D 36 -36.67 -32.94 12.14
CA GLU D 36 -36.02 -33.91 11.27
C GLU D 36 -35.95 -35.31 11.87
N ARG D 37 -35.89 -36.29 10.99
CA ARG D 37 -35.49 -37.65 11.32
C ARG D 37 -34.19 -37.94 10.60
N MET D 38 -33.22 -38.49 11.30
CA MET D 38 -31.92 -38.84 10.68
C MET D 38 -31.45 -40.13 11.29
N ASP D 39 -32.03 -41.24 10.86
CA ASP D 39 -31.70 -42.54 11.45
C ASP D 39 -30.43 -43.13 10.81
N MET D 40 -29.44 -43.49 11.61
CA MET D 40 -28.18 -44.03 11.09
C MET D 40 -28.18 -45.53 11.16
N TYR D 41 -27.79 -46.20 10.09
CA TYR D 41 -27.56 -47.62 10.11
C TYR D 41 -26.24 -47.87 9.40
N ARG D 42 -25.22 -48.23 10.20
CA ARG D 42 -23.91 -48.51 9.62
C ARG D 42 -23.40 -47.40 8.69
N GLY D 43 -23.56 -46.18 9.15
CA GLY D 43 -23.12 -44.99 8.45
C GLY D 43 -23.93 -44.49 7.30
N ASN D 44 -25.03 -45.20 6.99
CA ASN D 44 -26.02 -44.73 6.06
C ASN D 44 -27.08 -43.99 6.85
N PHE D 45 -27.58 -42.90 6.31
CA PHE D 45 -28.59 -42.09 6.98
C PHE D 45 -29.85 -42.05 6.18
N ASP D 46 -30.95 -42.30 6.89
CA ASP D 46 -32.28 -42.15 6.31
C ASP D 46 -32.82 -40.82 6.87
N ILE D 47 -32.82 -39.81 6.00
CA ILE D 47 -33.08 -38.45 6.39
C ILE D 47 -34.38 -38.00 5.80
N GLU D 48 -35.26 -37.52 6.65
CA GLU D 48 -36.53 -36.92 6.20
C GLU D 48 -36.87 -35.76 7.10
N ASP D 49 -37.20 -34.61 6.55
CA ASP D 49 -37.64 -33.47 7.33
C ASP D 49 -39.16 -33.43 7.38
N TYR D 50 -39.68 -32.92 8.47
CA TYR D 50 -41.07 -32.51 8.58
C TYR D 50 -41.07 -31.01 8.79
N VAL D 51 -41.37 -30.25 7.73
CA VAL D 51 -41.37 -28.79 7.78
C VAL D 51 -42.71 -28.33 8.35
N ILE D 52 -42.61 -27.64 9.49
CA ILE D 52 -43.76 -27.07 10.19
C ILE D 52 -44.04 -25.64 9.79
N GLU D 53 -42.99 -24.88 9.55
CA GLU D 53 -43.11 -23.55 8.96
C GLU D 53 -42.00 -23.27 7.96
N ARG D 54 -42.38 -22.58 6.90
CA ARG D 54 -41.49 -21.89 5.97
C ARG D 54 -42.20 -20.62 5.57
N THR D 55 -41.68 -19.48 6.02
CA THR D 55 -42.33 -18.22 5.86
C THR D 55 -41.38 -17.23 5.22
N ALA D 56 -41.81 -16.63 4.12
CA ALA D 56 -41.04 -15.57 3.47
C ALA D 56 -40.82 -14.37 4.40
N LEU D 57 -39.58 -13.89 4.41
CA LEU D 57 -39.21 -12.63 5.06
C LEU D 57 -39.36 -11.49 4.05
N ARG D 58 -40.58 -10.98 3.96
CA ARG D 58 -40.92 -10.02 2.94
C ARG D 58 -40.57 -8.58 3.25
N HIS D 59 -40.34 -8.23 4.51
CA HIS D 59 -40.12 -6.82 4.88
C HIS D 59 -38.68 -6.57 5.33
N ALA D 60 -38.01 -5.68 4.61
CA ALA D 60 -36.61 -5.38 4.85
C ALA D 60 -36.48 -3.93 5.24
N GLU D 61 -35.70 -3.66 6.28
CA GLU D 61 -35.34 -2.29 6.68
C GLU D 61 -33.84 -2.14 6.72
N VAL D 62 -33.33 -1.13 6.03
CA VAL D 62 -31.90 -0.97 5.69
C VAL D 62 -31.30 0.19 6.50
N SER D 63 -30.23 -0.07 7.24
CA SER D 63 -29.54 0.98 8.05
C SER D 63 -29.27 2.19 7.19
N SER D 66 -26.10 -2.93 7.25
CA SER D 66 -27.04 -3.66 8.11
C SER D 66 -28.57 -3.64 7.72
N VAL D 67 -29.18 -4.83 7.54
CA VAL D 67 -30.58 -4.96 7.13
C VAL D 67 -31.32 -5.88 8.10
N THR D 68 -32.46 -5.44 8.64
CA THR D 68 -33.30 -6.36 9.43
C THR D 68 -34.52 -6.82 8.61
N LEU D 69 -34.92 -8.05 8.84
CA LEU D 69 -35.92 -8.75 8.02
C LEU D 69 -37.02 -9.30 8.91
N SER D 70 -38.28 -9.04 8.54
CA SER D 70 -39.45 -9.57 9.24
C SER D 70 -40.41 -10.20 8.22
N SER D 71 -41.35 -10.97 8.71
CA SER D 71 -42.30 -11.64 7.78
C SER D 71 -43.16 -10.63 6.97
N ALA D 72 -43.61 -9.59 7.65
CA ALA D 72 -44.41 -8.47 7.05
C ALA D 72 -44.19 -7.20 7.89
N PRO D 73 -44.59 -6.02 7.37
CA PRO D 73 -44.43 -4.81 8.15
C PRO D 73 -44.90 -4.81 9.58
N GLY D 74 -45.92 -5.58 9.99
CA GLY D 74 -46.44 -5.48 11.35
C GLY D 74 -45.54 -6.16 12.43
N GLN D 75 -44.50 -6.88 12.04
CA GLN D 75 -44.05 -8.01 12.84
C GLN D 75 -42.69 -7.78 13.37
N ALA D 76 -42.37 -8.53 14.43
CA ALA D 76 -41.05 -8.50 15.03
C ALA D 76 -40.00 -9.03 14.04
N PRO D 77 -38.86 -8.32 13.91
CA PRO D 77 -37.76 -8.80 13.06
C PRO D 77 -37.33 -10.19 13.46
N ARG D 78 -36.98 -11.04 12.49
CA ARG D 78 -36.46 -12.37 12.78
C ARG D 78 -34.97 -12.61 12.40
N LEU D 79 -34.42 -11.75 11.55
CA LEU D 79 -33.10 -11.95 11.01
C LEU D 79 -32.45 -10.59 10.82
N ARG D 80 -31.17 -10.46 11.22
CA ARG D 80 -30.36 -9.29 10.85
C ARG D 80 -29.22 -9.74 9.94
N LEU D 81 -28.99 -8.95 8.90
CA LEU D 81 -28.00 -9.21 7.90
C LEU D 81 -27.03 -8.04 7.98
N THR D 82 -25.73 -8.32 8.12
CA THR D 82 -24.70 -7.28 8.20
C THR D 82 -23.59 -7.57 7.19
N LEU D 83 -23.33 -6.61 6.33
CA LEU D 83 -22.27 -6.71 5.35
C LEU D 83 -20.93 -6.41 6.08
N ASP D 84 -19.91 -7.24 5.86
CA ASP D 84 -18.61 -7.13 6.53
C ASP D 84 -17.50 -7.65 5.60
N GLY D 85 -16.85 -6.74 4.86
CA GLY D 85 -15.86 -7.11 3.85
C GLY D 85 -16.54 -7.97 2.80
N ASN D 86 -15.96 -9.12 2.49
CA ASN D 86 -16.53 -10.12 1.58
C ASN D 86 -17.56 -11.06 2.24
N ALA D 87 -18.08 -10.71 3.40
CA ALA D 87 -19.02 -11.59 4.09
C ALA D 87 -20.36 -10.91 4.34
N ILE D 88 -21.40 -11.72 4.30
CA ILE D 88 -22.69 -11.36 4.84
C ILE D 88 -22.80 -12.12 6.18
N ARG D 89 -22.81 -11.39 7.29
CA ARG D 89 -23.09 -11.95 8.61
C ARG D 89 -24.57 -12.03 8.87
N LEU D 90 -25.00 -13.15 9.43
CA LEU D 90 -26.41 -13.33 9.79
C LEU D 90 -26.55 -13.55 11.28
N THR D 91 -27.55 -12.89 11.87
CA THR D 91 -27.86 -13.04 13.29
C THR D 91 -29.34 -13.36 13.41
N ALA D 92 -29.64 -14.49 14.06
CA ALA D 92 -31.03 -14.87 14.32
C ALA D 92 -31.59 -13.95 15.42
N LEU D 93 -32.62 -13.17 15.13
CA LEU D 93 -33.36 -12.43 16.16
C LEU D 93 -34.54 -13.21 16.74
N ASP D 94 -35.04 -14.20 16.01
CA ASP D 94 -36.01 -15.15 16.53
C ASP D 94 -35.25 -16.44 16.82
N GLU D 95 -35.14 -16.80 18.11
CA GLU D 95 -34.37 -17.96 18.55
C GLU D 95 -35.00 -19.27 18.14
N THR D 96 -36.29 -19.28 17.76
CA THR D 96 -36.98 -20.53 17.37
C THR D 96 -36.70 -21.04 15.95
N ILE D 97 -36.11 -20.19 15.08
CA ILE D 97 -35.78 -20.59 13.70
C ILE D 97 -34.77 -21.71 13.69
N ASN D 98 -35.08 -22.83 13.06
CA ASN D 98 -34.04 -23.82 12.75
C ASN D 98 -34.01 -24.22 11.29
N ARG D 99 -34.75 -23.47 10.46
CA ARG D 99 -34.68 -23.62 9.01
C ARG D 99 -34.53 -22.26 8.36
N LEU D 100 -33.54 -22.15 7.48
CA LEU D 100 -33.37 -20.93 6.71
C LEU D 100 -33.16 -21.27 5.24
N TRP D 101 -33.80 -20.51 4.36
CA TRP D 101 -33.61 -20.64 2.94
C TRP D 101 -33.20 -19.28 2.41
N LEU D 102 -32.19 -19.30 1.55
CA LEU D 102 -31.63 -18.12 0.93
C LEU D 102 -31.61 -18.34 -0.58
N ARG D 103 -32.18 -17.40 -1.33
CA ARG D 103 -32.12 -17.44 -2.78
C ARG D 103 -31.01 -16.55 -3.31
N VAL D 104 -30.18 -17.11 -4.18
CA VAL D 104 -29.20 -16.29 -4.90
C VAL D 104 -29.52 -16.27 -6.38
N VAL D 105 -29.34 -15.09 -6.95
CA VAL D 105 -29.68 -14.82 -8.34
C VAL D 105 -28.86 -15.73 -9.23
N ALA D 106 -29.52 -16.32 -10.23
CA ALA D 106 -28.88 -17.17 -11.20
C ALA D 106 -29.30 -16.87 -12.63
N GLU D 107 -28.48 -17.30 -13.57
CA GLU D 107 -28.75 -17.12 -14.98
C GLU D 107 -29.10 -18.50 -15.56
N THR D 108 -29.89 -18.50 -16.64
CA THR D 108 -30.40 -19.74 -17.21
C THR D 108 -29.33 -20.73 -17.61
N ASP D 109 -28.24 -20.24 -18.21
CA ASP D 109 -27.15 -21.08 -18.74
C ASP D 109 -25.97 -21.25 -17.74
N GLU D 110 -26.12 -20.80 -16.48
CA GLU D 110 -25.04 -20.82 -15.48
C GLU D 110 -24.71 -22.23 -15.00
N HIS D 111 -23.41 -22.50 -14.80
CA HIS D 111 -22.90 -23.73 -14.25
C HIS D 111 -22.49 -23.45 -12.82
N VAL D 112 -22.63 -24.46 -11.96
CA VAL D 112 -22.12 -24.39 -10.58
C VAL D 112 -21.36 -25.66 -10.25
N TRP D 113 -20.18 -25.51 -9.66
CA TRP D 113 -19.34 -26.63 -9.31
C TRP D 113 -18.90 -26.54 -7.88
N GLY D 114 -18.36 -27.64 -7.38
CA GLY D 114 -17.91 -27.75 -6.01
C GLY D 114 -18.81 -28.69 -5.19
N GLY D 115 -19.27 -28.18 -4.05
CA GLY D 115 -20.04 -29.01 -3.12
C GLY D 115 -19.26 -30.04 -2.32
N GLY D 116 -17.93 -29.85 -2.23
CA GLY D 116 -17.05 -30.84 -1.62
C GLY D 116 -16.49 -31.74 -2.69
N GLU D 117 -16.44 -33.03 -2.36
CA GLU D 117 -16.11 -34.08 -3.29
C GLU D 117 -17.43 -34.72 -3.79
N GLN D 118 -17.89 -34.26 -4.95
CA GLN D 118 -19.05 -34.84 -5.62
C GLN D 118 -18.61 -36.00 -6.51
N MET D 119 -19.32 -37.12 -6.40
CA MET D 119 -18.97 -38.34 -7.06
C MET D 119 -19.76 -38.62 -8.33
N SER D 120 -20.97 -38.07 -8.45
CA SER D 120 -21.78 -38.31 -9.66
C SER D 120 -21.78 -37.17 -10.66
N TYR D 121 -22.06 -35.97 -10.18
CA TYR D 121 -22.23 -34.79 -11.00
C TYR D 121 -21.27 -33.69 -10.60
N PHE D 122 -20.52 -33.20 -11.57
CA PHE D 122 -19.51 -32.12 -11.36
C PHE D 122 -20.18 -30.77 -11.44
N ASP D 123 -20.77 -30.45 -12.60
CA ASP D 123 -21.72 -29.34 -12.71
C ASP D 123 -23.01 -29.80 -12.00
N MET D 124 -23.34 -29.11 -10.92
CA MET D 124 -24.47 -29.44 -10.06
C MET D 124 -25.81 -28.81 -10.54
N ARG D 125 -25.75 -28.00 -11.59
CA ARG D 125 -26.94 -27.33 -12.06
C ARG D 125 -28.02 -28.33 -12.43
N GLY D 126 -29.24 -28.02 -12.05
CA GLY D 126 -30.45 -28.81 -12.42
C GLY D 126 -30.85 -29.81 -11.36
N ARG D 127 -30.03 -29.99 -10.30
CA ARG D 127 -30.32 -31.00 -9.29
C ARG D 127 -30.19 -30.43 -7.89
N ARG D 128 -30.58 -31.21 -6.89
CA ARG D 128 -30.49 -30.86 -5.49
C ARG D 128 -29.44 -31.73 -4.79
N PHE D 129 -28.65 -31.10 -3.91
CA PHE D 129 -27.53 -31.75 -3.25
C PHE D 129 -27.54 -31.47 -1.74
N PRO D 130 -28.10 -32.39 -0.95
CA PRO D 130 -27.90 -32.37 0.48
C PRO D 130 -26.37 -32.55 0.79
N LEU D 131 -25.97 -31.92 1.90
CA LEU D 131 -24.56 -31.85 2.32
C LEU D 131 -24.38 -32.38 3.74
N TRP D 132 -24.16 -33.70 3.83
CA TRP D 132 -24.11 -34.45 5.09
C TRP D 132 -23.20 -35.65 4.92
N THR D 133 -22.11 -35.67 5.68
CA THR D 133 -21.12 -36.69 5.45
C THR D 133 -21.71 -38.06 5.87
N SER D 134 -21.49 -39.06 5.05
CA SER D 134 -21.99 -40.41 5.31
C SER D 134 -21.25 -41.40 4.45
N GLU D 135 -21.56 -42.68 4.62
CA GLU D 135 -21.31 -43.65 3.60
C GLU D 135 -21.89 -43.12 2.27
N PRO D 136 -21.09 -43.18 1.20
CA PRO D 136 -21.49 -42.55 -0.06
C PRO D 136 -22.47 -43.43 -0.87
N GLY D 137 -22.60 -44.67 -0.48
CA GLY D 137 -23.45 -45.67 -1.16
C GLY D 137 -22.71 -46.66 -1.98
N VAL D 138 -23.27 -47.88 -2.08
CA VAL D 138 -22.74 -48.92 -2.93
C VAL D 138 -23.72 -48.97 -4.14
N GLY D 139 -23.22 -48.57 -5.31
CA GLY D 139 -24.03 -48.41 -6.53
C GLY D 139 -24.49 -47.03 -6.81
N ARG D 140 -25.18 -46.43 -5.84
CA ARG D 140 -25.55 -45.05 -5.87
C ARG D 140 -26.49 -44.64 -7.02
N ASP D 141 -27.24 -45.62 -7.49
CA ASP D 141 -28.12 -45.43 -8.66
C ASP D 141 -29.27 -46.41 -8.51
N LYS D 142 -30.45 -45.88 -8.19
CA LYS D 142 -31.61 -46.75 -7.86
C LYS D 142 -32.05 -47.61 -9.03
N THR D 143 -31.55 -47.35 -10.26
CA THR D 143 -31.78 -48.25 -11.38
C THR D 143 -30.86 -49.43 -11.53
N THR D 144 -29.80 -49.58 -10.70
CA THR D 144 -28.95 -50.72 -10.85
C THR D 144 -29.21 -51.76 -9.78
N GLU D 145 -29.00 -52.99 -10.17
CA GLU D 145 -29.18 -54.14 -9.34
C GLU D 145 -28.27 -54.10 -8.04
N ILE D 146 -27.03 -53.62 -8.22
CA ILE D 146 -26.17 -53.51 -7.01
CA ILE D 146 -26.14 -53.49 -7.03
C ILE D 146 -26.76 -52.57 -5.98
N THR D 147 -27.29 -51.44 -6.43
CA THR D 147 -27.85 -50.45 -5.56
C THR D 147 -29.11 -51.03 -4.84
N PHE D 148 -29.96 -51.68 -5.65
CA PHE D 148 -31.19 -52.33 -5.13
C PHE D 148 -30.81 -53.35 -4.04
N LYS D 149 -29.86 -54.20 -4.34
CA LYS D 149 -29.42 -55.29 -3.42
C LYS D 149 -28.83 -54.66 -2.12
N SER D 150 -28.11 -53.56 -2.27
CA SER D 150 -27.51 -52.86 -1.14
C SER D 150 -28.59 -52.22 -0.27
N ASP D 151 -29.59 -51.61 -0.92
CA ASP D 151 -30.71 -51.05 -0.17
C ASP D 151 -31.47 -52.11 0.61
N VAL D 152 -31.76 -53.23 -0.03
CA VAL D 152 -32.50 -54.28 0.60
C VAL D 152 -31.71 -54.92 1.74
N SER D 153 -30.46 -55.19 1.53
CA SER D 153 -29.69 -55.94 2.56
C SER D 153 -29.26 -55.02 3.71
N GLY D 154 -29.00 -53.75 3.47
CA GLY D 154 -28.48 -52.84 4.53
C GLY D 154 -28.65 -51.36 4.41
N LYS D 155 -29.70 -50.93 3.70
CA LYS D 155 -29.99 -49.53 3.48
C LYS D 155 -28.80 -48.77 2.96
N ALA D 156 -28.06 -49.43 2.10
CA ALA D 156 -26.66 -49.07 1.77
C ALA D 156 -26.39 -48.63 0.33
N GLY D 157 -27.47 -48.50 -0.48
CA GLY D 157 -27.30 -48.17 -1.88
C GLY D 157 -26.92 -46.73 -2.14
N GLY D 158 -27.46 -45.85 -1.35
CA GLY D 158 -27.25 -44.41 -1.51
C GLY D 158 -27.79 -43.88 -2.83
N ASP D 159 -27.31 -42.70 -3.21
CA ASP D 159 -27.80 -42.00 -4.36
C ASP D 159 -26.75 -40.98 -4.79
N TYR D 160 -27.06 -40.24 -5.86
CA TYR D 160 -26.09 -39.40 -6.60
C TYR D 160 -25.43 -38.31 -5.74
N TYR D 161 -26.13 -37.88 -4.69
CA TYR D 161 -25.67 -36.76 -3.85
C TYR D 161 -24.88 -37.22 -2.62
N ASN D 162 -24.89 -38.50 -2.29
CA ASN D 162 -24.21 -38.95 -1.10
C ASN D 162 -22.67 -38.85 -1.31
N THR D 163 -21.98 -38.50 -0.24
CA THR D 163 -20.52 -38.37 -0.30
C THR D 163 -19.92 -38.45 1.13
N ASN D 164 -18.69 -38.97 1.18
CA ASN D 164 -17.87 -38.94 2.37
C ASN D 164 -17.46 -37.50 2.69
N TYR D 165 -17.49 -36.63 1.69
CA TYR D 165 -16.94 -35.27 1.86
C TYR D 165 -17.80 -34.26 1.15
N PRO D 166 -18.86 -33.79 1.83
CA PRO D 166 -19.63 -32.66 1.34
C PRO D 166 -19.00 -31.39 1.82
N GLN D 167 -19.31 -30.27 1.15
CA GLN D 167 -18.88 -28.96 1.65
C GLN D 167 -19.82 -27.91 1.08
N PRO D 168 -20.35 -27.00 1.95
CA PRO D 168 -21.28 -25.98 1.45
C PRO D 168 -20.56 -24.80 0.79
N THR D 169 -19.92 -25.08 -0.32
CA THR D 169 -19.17 -24.11 -1.09
C THR D 169 -19.43 -24.34 -2.57
N TRP D 170 -19.64 -23.29 -3.34
CA TRP D 170 -19.73 -23.44 -4.79
C TRP D 170 -18.96 -22.40 -5.54
N LEU D 171 -18.56 -22.78 -6.75
CA LEU D 171 -17.98 -21.86 -7.72
C LEU D 171 -19.00 -21.73 -8.84
N SER D 172 -19.33 -20.50 -9.18
CA SER D 172 -20.26 -20.19 -10.26
C SER D 172 -19.52 -19.79 -11.54
N SER D 173 -20.08 -20.18 -12.68
CA SER D 173 -19.59 -19.73 -13.99
C SER D 173 -19.72 -18.22 -14.17
N ARG D 174 -20.47 -17.54 -13.31
CA ARG D 174 -20.47 -16.08 -13.27
C ARG D 174 -19.21 -15.46 -12.62
N LYS D 175 -18.21 -16.28 -12.28
CA LYS D 175 -16.93 -15.81 -11.68
C LYS D 175 -17.05 -15.23 -10.27
N TYR D 176 -17.74 -15.98 -9.43
CA TYR D 176 -17.67 -15.79 -7.99
C TYR D 176 -17.79 -17.16 -7.36
N ALA D 177 -17.37 -17.23 -6.10
CA ALA D 177 -17.62 -18.39 -5.27
C ALA D 177 -18.32 -17.95 -3.99
N LEU D 178 -19.06 -18.87 -3.41
CA LEU D 178 -19.88 -18.65 -2.23
C LEU D 178 -19.54 -19.76 -1.26
N HIS D 179 -19.37 -19.39 -0.01
CA HIS D 179 -19.12 -20.37 1.03
C HIS D 179 -20.04 -20.09 2.21
N VAL D 180 -20.74 -21.09 2.69
CA VAL D 180 -21.57 -20.98 3.89
C VAL D 180 -20.77 -21.51 5.08
N GLU D 181 -20.58 -20.66 6.09
CA GLU D 181 -19.91 -21.06 7.32
C GLU D 181 -20.92 -21.67 8.30
N THR D 182 -21.10 -22.98 8.22
CA THR D 182 -21.93 -23.77 9.11
C THR D 182 -21.45 -25.20 9.06
N SER D 183 -21.70 -25.94 10.12
CA SER D 183 -21.57 -27.40 10.10
C SER D 183 -22.92 -28.11 10.14
N ALA D 184 -24.01 -27.35 10.18
CA ALA D 184 -25.33 -27.97 10.14
C ALA D 184 -25.58 -28.66 8.80
N TYR D 185 -26.57 -29.55 8.79
CA TYR D 185 -27.14 -30.03 7.53
C TYR D 185 -27.53 -28.85 6.66
N SER D 186 -27.22 -28.96 5.38
CA SER D 186 -27.59 -27.96 4.41
C SER D 186 -27.87 -28.64 3.05
N VAL D 187 -28.52 -27.89 2.18
CA VAL D 187 -28.87 -28.36 0.85
C VAL D 187 -28.64 -27.26 -0.19
N PHE D 188 -28.01 -27.64 -1.29
CA PHE D 188 -27.90 -26.76 -2.45
C PHE D 188 -28.93 -27.24 -3.48
N ASP D 189 -29.96 -26.43 -3.69
CA ASP D 189 -31.01 -26.69 -4.66
C ASP D 189 -30.79 -25.85 -5.93
N PHE D 190 -30.35 -26.51 -6.99
CA PHE D 190 -30.07 -25.86 -8.28
C PHE D 190 -31.11 -26.22 -9.33
N ARG D 191 -32.33 -26.51 -8.91
CA ARG D 191 -33.39 -26.96 -9.86
C ARG D 191 -34.09 -25.83 -10.59
N ASN D 192 -33.92 -24.58 -10.19
CA ASN D 192 -34.69 -23.45 -10.74
C ASN D 192 -33.77 -22.62 -11.63
N GLY D 193 -34.31 -22.13 -12.74
CA GLY D 193 -33.52 -21.43 -13.73
C GLY D 193 -33.06 -20.03 -13.33
N ASP D 194 -33.84 -19.35 -12.49
CA ASP D 194 -33.66 -17.94 -12.16
C ASP D 194 -32.97 -17.72 -10.81
N PHE D 195 -32.81 -18.79 -10.04
CA PHE D 195 -32.16 -18.68 -8.74
C PHE D 195 -31.65 -20.02 -8.24
N HIS D 196 -30.60 -19.96 -7.42
CA HIS D 196 -30.13 -21.08 -6.62
C HIS D 196 -30.80 -20.89 -5.24
N GLU D 197 -31.14 -21.98 -4.56
CA GLU D 197 -31.65 -21.86 -3.18
C GLU D 197 -30.81 -22.72 -2.24
N ILE D 198 -30.39 -22.10 -1.15
CA ILE D 198 -29.63 -22.76 -0.10
C ILE D 198 -30.58 -22.98 1.06
N GLU D 199 -30.70 -24.23 1.50
CA GLU D 199 -31.42 -24.58 2.72
C GLU D 199 -30.39 -24.87 3.81
N ILE D 200 -30.54 -24.26 4.99
CA ILE D 200 -29.65 -24.58 6.10
C ILE D 200 -30.52 -24.91 7.28
N TRP D 201 -30.13 -25.95 8.05
CA TRP D 201 -30.84 -26.31 9.28
C TRP D 201 -30.27 -25.58 10.50
N ALA D 202 -30.13 -24.26 10.34
CA ALA D 202 -29.50 -23.36 11.32
C ALA D 202 -29.43 -22.01 10.65
N VAL D 203 -29.13 -20.96 11.41
CA VAL D 203 -28.85 -19.67 10.83
C VAL D 203 -27.34 -19.58 10.80
N PRO D 204 -26.71 -19.70 9.64
CA PRO D 204 -25.23 -19.68 9.66
C PRO D 204 -24.64 -18.33 10.11
N GLU D 205 -23.45 -18.39 10.69
CA GLU D 205 -22.81 -17.19 11.22
C GLU D 205 -22.53 -16.25 10.07
N LYS D 206 -22.07 -16.77 8.95
CA LYS D 206 -21.76 -15.91 7.79
C LYS D 206 -21.81 -16.70 6.48
N ILE D 207 -22.00 -15.97 5.39
CA ILE D 207 -21.79 -16.44 4.05
C ILE D 207 -20.71 -15.57 3.41
N GLU D 208 -19.68 -16.20 2.85
CA GLU D 208 -18.50 -15.50 2.35
C GLU D 208 -18.38 -15.63 0.86
N PHE D 209 -17.90 -14.58 0.22
CA PHE D 209 -17.82 -14.51 -1.24
C PHE D 209 -16.42 -14.22 -1.73
N PHE D 210 -16.11 -14.76 -2.90
CA PHE D 210 -14.81 -14.60 -3.54
C PHE D 210 -15.07 -14.31 -5.01
N ALA D 211 -14.40 -13.34 -5.57
CA ALA D 211 -14.55 -13.07 -6.96
C ALA D 211 -13.20 -12.82 -7.55
N GLY D 212 -13.13 -12.79 -8.87
CA GLY D 212 -11.88 -12.56 -9.58
C GLY D 212 -12.12 -12.58 -11.07
N ASP D 213 -11.08 -12.24 -11.84
CA ASP D 213 -11.24 -12.20 -13.30
C ASP D 213 -11.07 -13.53 -13.99
N SER D 214 -10.51 -14.51 -13.29
CA SER D 214 -10.41 -15.86 -13.81
C SER D 214 -10.90 -16.87 -12.76
N PHE D 215 -11.32 -18.04 -13.24
CA PHE D 215 -11.63 -19.13 -12.33
C PHE D 215 -10.37 -19.53 -11.53
N ALA D 216 -9.20 -19.52 -12.17
CA ALA D 216 -7.95 -19.86 -11.47
C ALA D 216 -7.75 -18.95 -10.27
N ASP D 217 -7.95 -17.65 -10.46
CA ASP D 217 -7.79 -16.68 -9.38
C ASP D 217 -8.76 -16.96 -8.24
N ILE D 218 -9.98 -17.43 -8.57
CA ILE D 218 -10.95 -17.70 -7.53
C ILE D 218 -10.55 -18.96 -6.76
N VAL D 219 -10.11 -19.98 -7.48
CA VAL D 219 -9.61 -21.19 -6.82
C VAL D 219 -8.39 -20.84 -5.92
N SER D 220 -7.49 -20.02 -6.41
CA SER D 220 -6.38 -19.53 -5.55
C SER D 220 -6.87 -18.92 -4.24
N ALA D 221 -7.85 -18.04 -4.33
CA ALA D 221 -8.38 -17.35 -3.16
C ALA D 221 -9.09 -18.33 -2.22
N LEU D 222 -9.85 -19.26 -2.78
CA LEU D 222 -10.51 -20.29 -1.96
C LEU D 222 -9.48 -21.12 -1.20
N SER D 223 -8.42 -21.54 -1.91
CA SER D 223 -7.40 -22.39 -1.29
C SER D 223 -6.64 -21.64 -0.15
N LEU D 224 -6.44 -20.35 -0.29
CA LEU D 224 -5.87 -19.57 0.79
C LEU D 224 -6.84 -19.50 2.00
N HIS D 225 -8.13 -19.39 1.71
CA HIS D 225 -9.15 -19.34 2.76
C HIS D 225 -9.24 -20.64 3.56
N PHE D 226 -9.24 -21.80 2.91
CA PHE D 226 -9.34 -23.10 3.59
C PHE D 226 -8.01 -23.66 4.09
N GLY D 227 -6.90 -23.24 3.46
CA GLY D 227 -5.54 -23.69 3.76
C GLY D 227 -5.05 -24.63 2.69
N ARG D 228 -3.78 -24.47 2.32
CA ARG D 228 -3.17 -25.31 1.30
C ARG D 228 -2.46 -26.49 1.93
N GLN D 229 -2.11 -27.45 1.08
CA GLN D 229 -1.39 -28.61 1.51
C GLN D 229 0.12 -28.44 1.31
N PRO D 230 0.92 -29.22 2.06
CA PRO D 230 2.35 -29.26 1.72
C PRO D 230 2.59 -29.83 0.34
N GLU D 231 3.77 -29.59 -0.20
CA GLU D 231 4.16 -30.30 -1.44
C GLU D 231 4.25 -31.80 -1.15
N LEU D 232 4.05 -32.62 -2.18
CA LEU D 232 4.18 -34.06 -2.00
C LEU D 232 5.64 -34.40 -1.55
N PRO D 233 5.78 -35.39 -0.66
CA PRO D 233 7.16 -35.75 -0.27
C PRO D 233 7.91 -36.43 -1.40
N ASP D 234 9.23 -36.25 -1.42
CA ASP D 234 10.09 -36.83 -2.44
C ASP D 234 9.90 -38.33 -2.60
N TRP D 235 9.70 -39.05 -1.51
CA TRP D 235 9.70 -40.50 -1.58
C TRP D 235 8.56 -41.09 -2.41
N VAL D 236 7.45 -40.35 -2.46
CA VAL D 236 6.28 -40.77 -3.24
C VAL D 236 6.60 -41.03 -4.72
N TYR D 237 7.53 -40.21 -5.25
CA TYR D 237 7.91 -40.26 -6.64
C TYR D 237 8.73 -41.48 -7.05
N ASN D 238 9.10 -42.32 -6.08
CA ASN D 238 9.81 -43.57 -6.38
C ASN D 238 8.93 -44.65 -7.05
N GLY D 239 7.61 -44.48 -7.02
CA GLY D 239 6.74 -45.44 -7.66
C GLY D 239 5.44 -45.62 -6.95
N ALA D 240 4.85 -46.81 -7.12
CA ALA D 240 3.53 -47.11 -6.55
C ALA D 240 3.62 -47.53 -5.10
N ILE D 241 2.52 -47.26 -4.38
CA ILE D 241 2.31 -47.80 -3.06
C ILE D 241 1.52 -49.09 -3.26
N ILE D 242 2.13 -50.21 -2.91
CA ILE D 242 1.55 -51.52 -3.09
C ILE D 242 0.68 -51.91 -1.87
N GLY D 243 -0.62 -52.11 -2.11
CA GLY D 243 -1.57 -52.44 -1.03
C GLY D 243 -1.77 -53.92 -0.90
N LEU D 244 -1.30 -54.49 0.21
CA LEU D 244 -1.45 -55.90 0.52
C LEU D 244 -1.95 -56.08 1.92
N LYS D 245 -2.78 -57.10 2.14
CA LYS D 245 -3.34 -57.38 3.45
C LYS D 245 -3.24 -58.85 3.72
N ASP D 246 -2.05 -59.44 3.44
CA ASP D 246 -1.84 -60.87 3.46
C ASP D 246 -0.83 -61.30 4.52
N GLY D 247 -0.73 -60.53 5.59
CA GLY D 247 0.17 -60.89 6.67
C GLY D 247 1.64 -61.00 6.16
N VAL D 248 2.35 -61.98 6.70
CA VAL D 248 3.74 -62.23 6.32
C VAL D 248 3.88 -62.55 4.85
N ASN D 249 2.87 -63.19 4.28
CA ASN D 249 2.85 -63.45 2.85
C ASN D 249 2.87 -62.20 1.95
N SER D 250 2.51 -61.04 2.51
CA SER D 250 2.60 -59.79 1.80
C SER D 250 4.02 -59.56 1.29
N PHE D 251 5.04 -59.94 2.05
CA PHE D 251 6.41 -59.64 1.64
C PHE D 251 6.84 -60.46 0.43
N ALA D 252 6.46 -61.74 0.42
CA ALA D 252 6.75 -62.60 -0.76
C ALA D 252 6.03 -62.07 -2.01
N ARG D 253 4.79 -61.61 -1.83
CA ARG D 253 4.06 -61.08 -2.97
C ARG D 253 4.66 -59.78 -3.48
N LEU D 254 5.10 -58.94 -2.56
CA LEU D 254 5.82 -57.70 -2.96
C LEU D 254 7.07 -58.03 -3.76
N GLU D 255 7.83 -59.04 -3.34
CA GLU D 255 9.04 -59.43 -4.09
C GLU D 255 8.70 -59.83 -5.52
N LYS D 256 7.60 -60.59 -5.69
CA LYS D 256 7.17 -60.95 -7.06
C LYS D 256 6.77 -59.75 -7.90
N ILE D 257 6.07 -58.80 -7.29
CA ILE D 257 5.69 -57.55 -7.92
C ILE D 257 6.95 -56.79 -8.33
N ARG D 258 7.93 -56.73 -7.44
CA ARG D 258 9.18 -56.02 -7.78
C ARG D 258 9.97 -56.73 -8.89
N ALA D 259 9.94 -58.06 -8.90
CA ALA D 259 10.69 -58.86 -9.90
C ALA D 259 10.15 -58.66 -11.30
N ALA D 260 8.91 -58.20 -11.44
CA ALA D 260 8.37 -57.84 -12.75
C ALA D 260 8.79 -56.45 -13.23
N GLY D 261 9.59 -55.73 -12.44
CA GLY D 261 10.07 -54.40 -12.83
C GLY D 261 9.27 -53.25 -12.27
N THR D 262 8.25 -53.55 -11.45
CA THR D 262 7.41 -52.54 -10.87
C THR D 262 8.20 -51.55 -10.02
N LYS D 263 7.98 -50.26 -10.23
CA LYS D 263 8.61 -49.23 -9.42
C LYS D 263 7.77 -49.05 -8.17
N VAL D 264 8.36 -49.24 -6.98
CA VAL D 264 7.64 -49.22 -5.74
C VAL D 264 8.19 -48.18 -4.79
N SER D 265 7.34 -47.30 -4.29
CA SER D 265 7.69 -46.32 -3.26
C SER D 265 7.38 -46.77 -1.84
N GLY D 266 6.38 -47.64 -1.68
CA GLY D 266 5.89 -48.00 -0.38
C GLY D 266 5.08 -49.28 -0.40
N LEU D 267 5.05 -49.95 0.74
CA LEU D 267 4.20 -51.13 0.99
C LEU D 267 3.18 -50.64 2.02
N TRP D 268 1.89 -50.77 1.68
CA TRP D 268 0.82 -50.32 2.53
C TRP D 268 0.07 -51.58 2.99
N CYS D 269 0.16 -51.89 4.29
CA CYS D 269 -0.47 -53.11 4.84
C CYS D 269 -1.53 -52.68 5.87
N GLU D 270 -2.78 -52.54 5.42
CA GLU D 270 -3.83 -52.13 6.34
C GLU D 270 -4.06 -53.12 7.46
N ASP D 271 -3.71 -54.36 7.20
CA ASP D 271 -3.83 -55.42 8.20
C ASP D 271 -2.64 -55.44 9.20
N TRP D 272 -1.91 -54.36 9.29
CA TRP D 272 -0.82 -54.25 10.34
C TRP D 272 -1.39 -54.43 11.74
N VAL D 273 -2.70 -54.16 11.90
CA VAL D 273 -3.45 -54.35 13.14
C VAL D 273 -4.17 -55.69 13.29
N GLY D 274 -4.11 -56.53 12.27
CA GLY D 274 -4.79 -57.82 12.28
C GLY D 274 -6.15 -57.74 11.54
N LEU D 275 -6.73 -58.91 11.31
CA LEU D 275 -7.97 -59.02 10.61
C LEU D 275 -9.13 -59.28 11.55
N ARG D 276 -10.33 -59.04 11.02
CA ARG D 276 -11.60 -59.44 11.62
C ARG D 276 -12.52 -59.88 10.44
N GLN D 277 -12.80 -61.17 10.37
CA GLN D 277 -13.70 -61.70 9.34
C GLN D 277 -15.11 -61.38 9.71
N THR D 278 -15.84 -60.82 8.76
CA THR D 278 -17.27 -60.54 8.92
C THR D 278 -17.97 -61.00 7.65
N SER D 279 -19.30 -60.94 7.62
CA SER D 279 -19.98 -61.27 6.37
C SER D 279 -19.65 -60.32 5.21
N PHE D 280 -19.13 -59.14 5.49
CA PHE D 280 -18.69 -58.21 4.47
C PHE D 280 -17.42 -58.68 3.80
N GLY D 281 -16.57 -59.41 4.54
CA GLY D 281 -15.31 -59.89 4.02
C GLY D 281 -14.18 -59.81 5.10
N ALA D 282 -12.96 -59.64 4.62
CA ALA D 282 -11.80 -59.61 5.47
C ALA D 282 -11.58 -58.17 5.94
N ARG D 283 -12.24 -57.82 7.02
CA ARG D 283 -12.09 -56.49 7.59
C ARG D 283 -10.92 -56.52 8.58
N LEU D 284 -10.68 -55.36 9.19
CA LEU D 284 -9.55 -55.18 10.10
C LEU D 284 -10.01 -55.18 11.55
N PHE D 285 -9.07 -55.45 12.45
CA PHE D 285 -9.26 -55.38 13.87
C PHE D 285 -8.93 -53.97 14.38
N TRP D 286 -9.95 -53.23 14.83
CA TRP D 286 -9.83 -51.79 15.06
C TRP D 286 -9.25 -51.45 16.46
N ASP D 287 -7.95 -51.79 16.60
CA ASP D 287 -7.18 -51.49 17.79
C ASP D 287 -5.78 -51.06 17.29
N TRP D 288 -5.44 -49.78 17.45
CA TRP D 288 -4.43 -49.11 16.62
C TRP D 288 -3.02 -49.26 17.21
N GLN D 289 -2.53 -50.49 17.12
CA GLN D 289 -1.17 -50.83 17.42
C GLN D 289 -0.78 -52.05 16.63
N ALA D 290 0.52 -52.17 16.33
CA ALA D 290 1.00 -53.27 15.52
C ALA D 290 0.58 -54.58 16.17
N ASN D 291 0.16 -55.51 15.33
CA ASN D 291 -0.30 -56.83 15.77
C ASN D 291 0.81 -57.84 15.53
N ASP D 292 1.44 -58.27 16.64
CA ASP D 292 2.57 -59.23 16.62
C ASP D 292 2.21 -60.61 16.16
N THR D 293 0.93 -60.98 16.20
CA THR D 293 0.53 -62.28 15.68
C THR D 293 0.54 -62.22 14.16
N ARG D 294 0.05 -61.14 13.57
CA ARG D 294 -0.07 -61.06 12.11
C ARG D 294 1.27 -60.72 11.43
N TYR D 295 2.04 -59.81 12.07
CA TYR D 295 3.36 -59.35 11.58
C TYR D 295 4.35 -59.46 12.75
N PRO D 296 4.86 -60.65 13.01
CA PRO D 296 5.67 -60.83 14.23
C PRO D 296 6.99 -60.10 14.29
N HIS D 297 7.51 -59.65 13.16
CA HIS D 297 8.81 -58.95 13.12
C HIS D 297 8.65 -57.65 12.34
N LEU D 298 7.52 -56.97 12.55
CA LEU D 298 7.19 -55.86 11.68
C LEU D 298 8.21 -54.72 11.74
N ARG D 299 8.74 -54.41 12.94
CA ARG D 299 9.68 -53.32 13.00
C ARG D 299 10.95 -53.62 12.22
N GLN D 300 11.44 -54.84 12.35
CA GLN D 300 12.58 -55.31 11.56
C GLN D 300 12.32 -55.23 10.05
N LYS D 301 11.14 -55.69 9.64
CA LYS D 301 10.77 -55.63 8.21
C LYS D 301 10.69 -54.20 7.68
N ILE D 302 10.19 -53.26 8.49
CA ILE D 302 10.13 -51.87 8.07
C ILE D 302 11.56 -51.37 7.80
N ALA D 303 12.50 -51.73 8.68
CA ALA D 303 13.88 -51.31 8.49
C ALA D 303 14.52 -51.96 7.25
N GLU D 304 14.21 -53.24 7.00
CA GLU D 304 14.70 -53.92 5.82
C GLU D 304 14.15 -53.25 4.55
N LEU D 305 12.86 -52.93 4.52
CA LEU D 305 12.27 -52.24 3.37
C LEU D 305 12.91 -50.85 3.19
N ALA D 306 13.21 -50.15 4.27
CA ALA D 306 13.80 -48.84 4.19
C ALA D 306 15.18 -48.91 3.50
N ASP D 307 15.93 -49.96 3.79
CA ASP D 307 17.26 -50.21 3.21
CA ASP D 307 17.23 -50.16 3.21
C ASP D 307 17.12 -50.47 1.70
N GLN D 308 15.96 -50.94 1.26
CA GLN D 308 15.64 -51.10 -0.18
C GLN D 308 15.01 -49.84 -0.82
N GLY D 309 14.89 -48.75 -0.11
CA GLY D 309 14.23 -47.57 -0.61
C GLY D 309 12.70 -47.63 -0.67
N ILE D 310 12.08 -48.42 0.19
CA ILE D 310 10.63 -48.61 0.21
C ILE D 310 10.09 -48.28 1.60
N ARG D 311 9.12 -47.38 1.65
CA ARG D 311 8.49 -46.98 2.89
C ARG D 311 7.42 -47.97 3.28
N PHE D 312 6.97 -47.85 4.52
CA PHE D 312 5.87 -48.68 5.04
C PHE D 312 4.72 -47.80 5.50
N LEU D 313 3.51 -48.20 5.14
CA LEU D 313 2.27 -47.46 5.49
C LEU D 313 1.26 -48.37 6.16
N GLY D 314 0.46 -47.78 7.06
CA GLY D 314 -0.58 -48.50 7.78
C GLY D 314 -1.97 -47.95 7.59
N TYR D 315 -2.78 -48.07 8.65
CA TYR D 315 -4.21 -47.78 8.64
C TYR D 315 -4.64 -47.41 10.06
N VAL D 316 -5.48 -46.40 10.20
CA VAL D 316 -6.06 -46.00 11.44
C VAL D 316 -7.42 -45.35 11.19
N ASN D 317 -8.30 -45.41 12.18
CA ASN D 317 -9.54 -44.65 12.11
C ASN D 317 -9.86 -44.21 13.53
N PRO D 318 -10.84 -43.32 13.69
CA PRO D 318 -10.99 -42.66 14.99
C PRO D 318 -11.95 -43.36 15.96
N TYR D 319 -12.18 -44.66 15.76
CA TYR D 319 -13.09 -45.48 16.61
C TYR D 319 -12.25 -46.61 17.22
N LEU D 320 -12.74 -47.20 18.32
CA LEU D 320 -12.03 -48.33 18.93
C LEU D 320 -12.98 -49.47 19.16
N CYS D 321 -12.63 -50.67 18.71
CA CYS D 321 -13.53 -51.85 18.88
C CYS D 321 -13.62 -52.28 20.34
N VAL D 322 -14.83 -52.68 20.76
CA VAL D 322 -15.08 -53.04 22.15
C VAL D 322 -14.25 -54.18 22.71
N ASP D 323 -13.82 -55.07 21.83
CA ASP D 323 -13.06 -56.26 22.20
C ASP D 323 -11.55 -56.07 22.05
N GLY D 324 -11.09 -54.85 21.83
CA GLY D 324 -9.64 -54.57 21.80
C GLY D 324 -9.09 -54.00 23.13
N PRO D 325 -7.75 -54.10 23.31
CA PRO D 325 -7.22 -53.64 24.59
C PRO D 325 -7.20 -52.12 24.78
N LEU D 326 -7.23 -51.31 23.72
CA LEU D 326 -7.24 -49.87 23.94
C LEU D 326 -8.60 -49.40 24.49
N PHE D 327 -9.68 -50.11 24.11
CA PHE D 327 -11.00 -49.66 24.50
C PHE D 327 -11.18 -49.41 26.02
N PRO D 328 -10.83 -50.39 26.89
CA PRO D 328 -11.01 -50.16 28.34
C PRO D 328 -10.19 -49.00 28.88
N VAL D 329 -9.04 -48.74 28.26
CA VAL D 329 -8.20 -47.62 28.70
C VAL D 329 -8.87 -46.31 28.36
N ALA D 330 -9.30 -46.16 27.10
CA ALA D 330 -10.00 -44.95 26.67
C ALA D 330 -11.27 -44.75 27.46
N GLU D 331 -12.02 -45.84 27.73
CA GLU D 331 -13.26 -45.72 28.51
C GLU D 331 -13.00 -45.22 29.94
N SER D 332 -12.01 -45.80 30.61
CA SER D 332 -11.64 -45.39 31.97
C SER D 332 -11.23 -43.92 32.02
N ALA D 333 -10.53 -43.43 31.00
CA ALA D 333 -10.10 -42.02 30.92
C ALA D 333 -11.21 -41.03 30.53
N GLY D 334 -12.39 -41.54 30.15
CA GLY D 334 -13.50 -40.67 29.73
C GLY D 334 -13.35 -40.10 28.33
N TYR D 335 -12.73 -40.86 27.42
CA TYR D 335 -12.44 -40.40 26.08
C TYR D 335 -13.47 -40.77 25.01
N PHE D 336 -14.57 -41.40 25.37
CA PHE D 336 -15.61 -41.79 24.41
C PHE D 336 -16.81 -40.88 24.45
N ALA D 337 -17.45 -40.67 23.30
CA ALA D 337 -18.76 -40.05 23.24
C ALA D 337 -19.75 -40.94 24.02
N THR D 338 -20.76 -40.32 24.62
CA THR D 338 -21.62 -41.02 25.52
C THR D 338 -23.09 -41.01 25.07
N ASP D 339 -23.88 -41.89 25.67
CA ASP D 339 -25.33 -41.94 25.43
C ASP D 339 -26.05 -41.03 26.43
N VAL D 340 -27.37 -40.95 26.31
CA VAL D 340 -28.17 -40.06 27.13
C VAL D 340 -27.99 -40.37 28.63
N ASP D 341 -27.68 -41.64 28.99
CA ASP D 341 -27.35 -42.00 30.39
C ASP D 341 -25.90 -41.82 30.85
N GLY D 342 -25.03 -41.24 30.01
CA GLY D 342 -23.63 -41.08 30.38
C GLY D 342 -22.73 -42.30 30.18
N LYS D 343 -23.26 -43.42 29.70
CA LYS D 343 -22.45 -44.59 29.36
C LYS D 343 -21.80 -44.42 27.97
N THR D 344 -20.75 -45.18 27.71
CA THR D 344 -20.12 -45.17 26.38
C THR D 344 -21.15 -45.53 25.33
N ALA D 345 -21.28 -44.69 24.31
CA ALA D 345 -22.19 -44.98 23.21
C ALA D 345 -21.49 -45.93 22.24
N LEU D 346 -22.11 -47.08 21.97
CA LEU D 346 -21.55 -48.04 21.08
C LEU D 346 -22.25 -47.93 19.74
N VAL D 347 -21.47 -47.93 18.67
CA VAL D 347 -22.02 -47.85 17.31
C VAL D 347 -21.70 -49.17 16.62
N ASP D 348 -22.69 -49.68 15.87
CA ASP D 348 -22.49 -50.93 15.09
C ASP D 348 -21.87 -50.55 13.75
N PHE D 349 -20.67 -51.05 13.49
CA PHE D 349 -19.97 -50.82 12.25
C PHE D 349 -20.10 -51.95 11.25
N GLY D 350 -20.83 -53.00 11.64
CA GLY D 350 -21.09 -54.13 10.78
C GLY D 350 -20.66 -55.41 11.43
N GLU D 351 -21.47 -55.88 12.41
CA GLU D 351 -21.21 -57.11 13.15
C GLU D 351 -20.10 -56.93 14.22
N PHE D 352 -19.70 -55.70 14.49
CA PHE D 352 -18.92 -55.40 15.69
C PHE D 352 -19.22 -53.98 16.13
N ASP D 353 -19.05 -53.76 17.43
CA ASP D 353 -19.31 -52.47 18.05
C ASP D 353 -18.02 -51.73 18.42
N CYS D 354 -18.07 -50.41 18.28
CA CYS D 354 -16.95 -49.52 18.66
C CYS D 354 -17.46 -48.33 19.42
N GLY D 355 -16.54 -47.79 20.26
CA GLY D 355 -16.71 -46.49 20.86
C GLY D 355 -16.14 -45.45 19.91
N VAL D 356 -16.64 -44.24 20.03
CA VAL D 356 -16.25 -43.09 19.23
C VAL D 356 -15.36 -42.19 20.09
N VAL D 357 -14.08 -42.07 19.75
CA VAL D 357 -13.19 -41.23 20.54
C VAL D 357 -13.63 -39.78 20.36
N ASP D 358 -13.89 -39.09 21.48
CA ASP D 358 -14.53 -37.79 21.48
C ASP D 358 -13.52 -36.70 21.31
N PHE D 359 -13.28 -36.29 20.08
CA PHE D 359 -12.33 -35.22 19.81
C PHE D 359 -12.74 -33.84 20.29
N THR D 360 -13.97 -33.67 20.79
CA THR D 360 -14.37 -32.44 21.45
C THR D 360 -13.78 -32.34 22.87
N ASN D 361 -13.30 -33.47 23.40
CA ASN D 361 -12.61 -33.52 24.68
C ASN D 361 -11.10 -33.31 24.37
N PRO D 362 -10.52 -32.16 24.73
CA PRO D 362 -9.07 -31.90 24.38
C PRO D 362 -8.11 -33.03 24.81
N ALA D 363 -8.36 -33.64 25.96
CA ALA D 363 -7.51 -34.73 26.47
C ALA D 363 -7.60 -35.96 25.60
N ALA D 364 -8.79 -36.24 25.06
CA ALA D 364 -8.96 -37.40 24.16
C ALA D 364 -8.27 -37.12 22.82
N ALA D 365 -8.46 -35.92 22.30
CA ALA D 365 -7.79 -35.54 21.06
C ALA D 365 -6.26 -35.57 21.21
N ASP D 366 -5.76 -35.06 22.34
CA ASP D 366 -4.30 -35.07 22.61
C ASP D 366 -3.78 -36.49 22.76
N TRP D 367 -4.53 -37.31 23.51
CA TRP D 367 -4.16 -38.70 23.67
C TRP D 367 -4.05 -39.40 22.28
N PHE D 368 -5.07 -39.25 21.41
CA PHE D 368 -5.03 -39.95 20.14
C PHE D 368 -3.80 -39.50 19.31
N ALA D 369 -3.56 -38.18 19.26
CA ALA D 369 -2.42 -37.66 18.49
C ALA D 369 -1.09 -38.17 19.06
N ALA D 370 -0.96 -38.19 20.38
CA ALA D 370 0.37 -38.52 20.99
C ALA D 370 0.62 -40.02 21.08
N ALA D 371 -0.38 -40.75 21.58
CA ALA D 371 -0.24 -42.22 21.82
C ALA D 371 -0.39 -43.07 20.56
N ILE D 372 -1.35 -42.70 19.70
CA ILE D 372 -1.64 -43.51 18.52
C ILE D 372 -0.88 -43.01 17.30
N ILE D 373 -1.15 -41.79 16.86
CA ILE D 373 -0.47 -41.26 15.66
C ILE D 373 1.06 -41.17 15.94
N GLY D 374 1.41 -40.58 17.08
CA GLY D 374 2.83 -40.37 17.45
C GLY D 374 3.58 -41.63 17.81
N LYS D 375 3.23 -42.26 18.92
CA LYS D 375 4.01 -43.45 19.40
C LYS D 375 3.76 -44.69 18.55
N ASN D 376 2.50 -45.03 18.33
CA ASN D 376 2.18 -46.33 17.72
C ASN D 376 2.37 -46.39 16.21
N MET D 377 2.33 -45.25 15.55
CA MET D 377 2.45 -45.18 14.11
C MET D 377 3.83 -44.54 13.68
N LEU D 378 3.98 -43.26 13.92
CA LEU D 378 5.17 -42.55 13.45
C LEU D 378 6.45 -43.09 14.11
N ASP D 379 6.43 -43.21 15.42
CA ASP D 379 7.65 -43.73 16.13
C ASP D 379 7.91 -45.21 15.80
N PHE D 380 6.89 -45.94 15.42
CA PHE D 380 7.04 -47.33 15.02
C PHE D 380 7.68 -47.45 13.66
N GLY D 381 7.68 -46.40 12.86
CA GLY D 381 8.40 -46.37 11.58
C GLY D 381 7.52 -46.17 10.33
N LEU D 382 6.22 -45.93 10.51
CA LEU D 382 5.32 -45.68 9.38
C LEU D 382 5.61 -44.31 8.77
N SER D 383 5.64 -44.24 7.44
CA SER D 383 5.78 -42.99 6.68
C SER D 383 4.43 -42.47 6.24
N GLY D 384 3.36 -43.20 6.54
CA GLY D 384 2.05 -42.74 6.14
C GLY D 384 1.01 -43.79 6.46
N TRP D 385 -0.24 -43.47 6.15
CA TRP D 385 -1.34 -44.38 6.46
C TRP D 385 -2.61 -43.89 5.80
N MET D 386 -3.53 -44.84 5.63
CA MET D 386 -4.95 -44.47 5.38
C MET D 386 -5.53 -43.99 6.71
N ALA D 387 -6.02 -42.78 6.71
CA ALA D 387 -6.69 -42.14 7.84
C ALA D 387 -8.20 -42.09 7.53
N ASP D 388 -8.86 -43.12 7.98
CA ASP D 388 -10.20 -43.51 7.43
C ASP D 388 -11.32 -43.01 8.29
N PHE D 389 -12.54 -43.09 7.72
CA PHE D 389 -13.78 -42.77 8.40
C PHE D 389 -13.86 -41.29 8.82
N GLY D 390 -14.74 -40.96 9.78
CA GLY D 390 -15.17 -39.62 9.99
C GLY D 390 -16.62 -39.31 9.76
N GLU D 391 -17.38 -40.29 9.21
CA GLU D 391 -18.73 -40.04 8.72
C GLU D 391 -19.85 -40.58 9.62
N TYR D 392 -19.51 -41.34 10.66
CA TYR D 392 -20.44 -42.14 11.41
C TYR D 392 -20.95 -41.55 12.71
N LEU D 393 -20.92 -40.24 12.89
CA LEU D 393 -21.41 -39.70 14.14
C LEU D 393 -22.93 -39.65 14.13
N PRO D 394 -23.61 -40.44 15.00
CA PRO D 394 -25.08 -40.36 14.98
C PRO D 394 -25.56 -39.15 15.73
N ILE D 395 -26.76 -38.67 15.41
CA ILE D 395 -27.23 -37.43 15.98
C ILE D 395 -27.79 -37.56 17.41
N ASP D 396 -27.90 -38.76 17.96
CA ASP D 396 -28.37 -38.93 19.35
C ASP D 396 -27.18 -39.09 20.37
N ILE D 397 -25.94 -38.97 19.93
CA ILE D 397 -24.78 -39.20 20.76
C ILE D 397 -24.46 -37.88 21.53
N LYS D 398 -23.82 -37.98 22.69
CA LYS D 398 -23.50 -36.80 23.49
C LYS D 398 -22.01 -36.52 23.50
N LEU D 399 -21.66 -35.25 23.30
CA LEU D 399 -20.25 -34.87 23.17
C LEU D 399 -19.79 -34.07 24.38
N SER D 400 -18.52 -34.19 24.72
N SER D 400 -18.50 -34.20 24.72
CA SER D 400 -18.03 -33.51 25.93
CA SER D 400 -17.94 -33.51 25.90
C SER D 400 -18.10 -31.97 25.85
C SER D 400 -18.05 -31.97 25.86
N ASN D 401 -18.06 -31.36 24.67
CA ASN D 401 -18.25 -29.91 24.54
C ASN D 401 -19.69 -29.45 24.67
N GLY D 402 -20.64 -30.36 24.81
CA GLY D 402 -22.07 -30.01 24.99
C GLY D 402 -22.74 -29.54 23.72
N VAL D 403 -22.06 -29.57 22.59
CA VAL D 403 -22.62 -29.08 21.33
C VAL D 403 -23.42 -30.20 20.74
N ASP D 404 -24.58 -29.84 20.19
CA ASP D 404 -25.50 -30.84 19.58
C ASP D 404 -24.81 -31.70 18.52
N ALA D 405 -25.02 -33.02 18.58
CA ALA D 405 -24.46 -33.91 17.55
C ALA D 405 -24.91 -33.57 16.14
N LYS D 406 -26.09 -32.94 16.02
CA LYS D 406 -26.55 -32.40 14.72
C LYS D 406 -25.61 -31.41 14.08
N LEU D 407 -24.83 -30.74 14.92
CA LEU D 407 -23.85 -29.77 14.48
C LEU D 407 -22.43 -30.38 14.46
N MET D 408 -22.14 -31.35 15.34
CA MET D 408 -20.80 -31.98 15.34
C MET D 408 -20.59 -33.00 14.22
N HIS D 409 -21.70 -33.59 13.73
CA HIS D 409 -21.59 -34.63 12.70
C HIS D 409 -20.68 -34.23 11.51
N ASN D 410 -20.98 -33.11 10.89
CA ASN D 410 -20.24 -32.68 9.72
C ASN D 410 -18.85 -32.13 10.07
N ALA D 411 -18.68 -31.66 11.30
CA ALA D 411 -17.38 -31.14 11.78
C ALA D 411 -16.37 -32.27 11.97
N TRP D 412 -16.87 -33.51 12.18
CA TRP D 412 -16.00 -34.60 12.59
C TRP D 412 -14.82 -34.88 11.66
N PRO D 413 -15.03 -34.90 10.33
CA PRO D 413 -13.88 -35.22 9.50
C PRO D 413 -12.73 -34.22 9.65
N THR D 414 -13.09 -32.97 9.87
CA THR D 414 -12.06 -31.91 10.03
C THR D 414 -11.37 -32.06 11.36
N LEU D 415 -12.12 -32.37 12.42
CA LEU D 415 -11.48 -32.63 13.73
C LEU D 415 -10.53 -33.79 13.65
N TRP D 416 -10.95 -34.86 12.94
CA TRP D 416 -10.15 -36.04 12.76
C TRP D 416 -8.88 -35.73 11.95
N ALA D 417 -9.03 -34.94 10.88
CA ALA D 417 -7.88 -34.54 10.06
C ALA D 417 -6.86 -33.79 10.95
N GLU D 418 -7.35 -32.92 11.80
CA GLU D 418 -6.51 -32.12 12.70
C GLU D 418 -5.74 -33.00 13.70
N VAL D 419 -6.36 -34.06 14.23
CA VAL D 419 -5.68 -35.00 15.12
C VAL D 419 -4.52 -35.65 14.39
N ASN D 420 -4.74 -36.11 13.16
CA ASN D 420 -3.67 -36.66 12.34
C ASN D 420 -2.54 -35.63 12.11
N ALA D 421 -2.91 -34.45 11.69
CA ALA D 421 -1.93 -33.39 11.41
C ALA D 421 -1.11 -33.01 12.66
N LYS D 422 -1.75 -32.92 13.81
CA LYS D 422 -1.01 -32.60 15.06
C LYS D 422 -0.02 -33.66 15.42
N GLY D 423 -0.42 -34.95 15.27
CA GLY D 423 0.52 -36.05 15.53
C GLY D 423 1.74 -35.97 14.62
N VAL D 424 1.47 -35.77 13.32
CA VAL D 424 2.52 -35.64 12.33
C VAL D 424 3.46 -34.45 12.67
N GLU D 425 2.87 -33.29 12.95
CA GLU D 425 3.67 -32.10 13.27
C GLU D 425 4.50 -32.31 14.56
N SER D 426 3.96 -33.06 15.54
CA SER D 426 4.66 -33.32 16.80
C SER D 426 5.98 -34.08 16.57
N ARG D 427 6.11 -34.79 15.46
CA ARG D 427 7.32 -35.50 15.11
C ARG D 427 8.13 -34.76 14.03
N GLY D 428 7.75 -33.52 13.71
CA GLY D 428 8.43 -32.75 12.67
C GLY D 428 8.30 -33.37 11.27
N LYS D 429 7.21 -34.13 11.02
CA LYS D 429 7.08 -34.81 9.75
C LYS D 429 6.03 -34.23 8.79
N THR D 430 5.62 -32.99 8.98
CA THR D 430 4.68 -32.36 8.07
C THR D 430 5.37 -32.18 6.74
N GLY D 431 4.77 -32.72 5.67
CA GLY D 431 5.40 -32.70 4.35
C GLY D 431 6.34 -33.88 4.05
N GLU D 432 6.43 -34.81 4.98
CA GLU D 432 7.15 -36.04 4.81
C GLU D 432 6.24 -37.27 5.05
N ALA D 433 5.50 -37.29 6.15
CA ALA D 433 4.50 -38.33 6.37
C ALA D 433 3.30 -38.06 5.46
N LEU D 434 2.77 -39.13 4.90
CA LEU D 434 1.67 -39.01 3.91
C LEU D 434 0.51 -39.81 4.42
N PHE D 435 -0.45 -39.12 5.04
CA PHE D 435 -1.71 -39.76 5.35
C PHE D 435 -2.78 -39.26 4.38
N PHE D 436 -3.77 -40.13 4.17
CA PHE D 436 -4.81 -39.82 3.19
C PHE D 436 -6.18 -40.14 3.74
N MET D 437 -7.13 -39.25 3.44
CA MET D 437 -8.49 -39.30 4.01
C MET D 437 -9.49 -39.41 2.89
N ARG D 438 -10.61 -40.09 3.20
CA ARG D 438 -11.75 -40.15 2.27
C ARG D 438 -12.84 -39.17 2.72
N ALA D 439 -12.94 -38.90 4.01
CA ALA D 439 -13.94 -38.02 4.55
C ALA D 439 -13.39 -36.60 4.67
N GLY D 440 -14.29 -35.64 4.61
CA GLY D 440 -13.96 -34.27 4.72
C GLY D 440 -15.14 -33.40 5.06
N PHE D 441 -14.81 -32.16 5.35
CA PHE D 441 -15.76 -31.08 5.45
C PHE D 441 -14.92 -29.79 5.37
N THR D 442 -15.55 -28.64 5.44
CA THR D 442 -14.86 -27.39 5.50
C THR D 442 -13.65 -27.46 6.45
N GLY D 443 -12.47 -27.10 5.94
CA GLY D 443 -11.27 -27.01 6.76
C GLY D 443 -10.34 -28.21 6.74
N VAL D 444 -10.80 -29.33 6.17
CA VAL D 444 -9.95 -30.49 6.01
C VAL D 444 -8.70 -30.15 5.19
N GLN D 445 -8.82 -29.18 4.32
CA GLN D 445 -7.76 -28.75 3.43
C GLN D 445 -6.48 -28.37 4.15
N ALA D 446 -6.65 -27.76 5.32
CA ALA D 446 -5.50 -27.26 6.10
C ALA D 446 -4.69 -28.35 6.80
N HIS D 447 -5.31 -29.51 7.02
CA HIS D 447 -4.73 -30.57 7.81
C HIS D 447 -4.33 -31.80 7.00
N CYS D 448 -5.15 -32.16 5.98
CA CYS D 448 -4.97 -33.41 5.26
C CYS D 448 -4.12 -33.12 4.03
N PRO D 449 -3.02 -33.87 3.81
CA PRO D 449 -2.16 -33.60 2.64
C PRO D 449 -2.57 -34.35 1.35
N LEU D 450 -3.51 -35.28 1.44
CA LEU D 450 -3.90 -36.11 0.32
C LEU D 450 -5.28 -36.70 0.53
N ILE D 451 -6.18 -36.51 -0.46
CA ILE D 451 -7.53 -37.15 -0.45
C ILE D 451 -7.44 -38.43 -1.27
N TRP D 452 -8.23 -39.41 -0.89
CA TRP D 452 -8.58 -40.51 -1.81
C TRP D 452 -10.11 -40.59 -1.97
N GLY D 453 -10.51 -41.17 -3.08
CA GLY D 453 -11.94 -41.18 -3.50
C GLY D 453 -12.86 -42.10 -2.73
N GLY D 454 -12.39 -42.62 -1.58
CA GLY D 454 -13.16 -43.62 -0.85
C GLY D 454 -13.39 -44.90 -1.60
N ASP D 455 -14.47 -45.60 -1.26
CA ASP D 455 -14.78 -46.89 -1.81
C ASP D 455 -15.63 -46.77 -3.11
N GLN D 456 -15.06 -47.19 -4.22
CA GLN D 456 -15.83 -47.43 -5.47
C GLN D 456 -16.17 -48.91 -5.47
N SER D 457 -17.22 -49.26 -6.21
CA SER D 457 -17.47 -50.64 -6.54
C SER D 457 -16.35 -51.05 -7.51
N VAL D 458 -16.13 -52.35 -7.58
CA VAL D 458 -15.13 -52.93 -8.48
C VAL D 458 -15.70 -53.07 -9.92
N ASP D 459 -16.08 -51.94 -10.51
CA ASP D 459 -16.72 -51.98 -11.82
C ASP D 459 -16.56 -50.68 -12.56
N PHE D 460 -17.10 -50.63 -13.77
CA PHE D 460 -17.12 -49.47 -14.64
C PHE D 460 -18.48 -48.76 -14.60
N SER D 461 -19.21 -48.87 -13.50
CA SER D 461 -20.57 -48.29 -13.46
C SER D 461 -20.48 -46.77 -13.44
N ARG D 462 -21.55 -46.14 -13.91
CA ARG D 462 -21.58 -44.69 -14.02
C ARG D 462 -21.57 -43.99 -12.66
N HIS D 463 -22.22 -44.57 -11.67
CA HIS D 463 -22.42 -43.89 -10.40
C HIS D 463 -21.65 -44.50 -9.25
N ASP D 464 -20.94 -45.59 -9.45
CA ASP D 464 -20.01 -46.03 -8.39
C ASP D 464 -18.72 -46.67 -8.88
N GLY D 465 -18.38 -46.47 -10.13
CA GLY D 465 -17.22 -47.12 -10.72
C GLY D 465 -16.08 -46.12 -11.01
N LEU D 466 -15.19 -46.55 -11.88
CA LEU D 466 -14.00 -45.82 -12.24
C LEU D 466 -14.25 -44.34 -12.53
N VAL D 467 -15.23 -44.02 -13.37
CA VAL D 467 -15.49 -42.66 -13.76
C VAL D 467 -15.81 -41.68 -12.61
N THR D 468 -16.37 -42.18 -11.52
CA THR D 468 -16.74 -41.33 -10.40
C THR D 468 -15.49 -40.73 -9.71
N VAL D 469 -14.36 -41.40 -9.84
CA VAL D 469 -13.11 -40.87 -9.29
C VAL D 469 -12.77 -39.52 -9.88
N ILE D 470 -12.92 -39.39 -11.20
CA ILE D 470 -12.54 -38.16 -11.91
C ILE D 470 -13.43 -37.02 -11.43
N CYS D 471 -14.73 -37.30 -11.26
CA CYS D 471 -15.65 -36.29 -10.72
C CYS D 471 -15.23 -35.82 -9.30
N GLY D 472 -14.84 -36.78 -8.47
CA GLY D 472 -14.38 -36.53 -7.11
C GLY D 472 -13.12 -35.68 -7.12
N ALA D 473 -12.19 -36.01 -8.02
CA ALA D 473 -10.93 -35.21 -8.13
C ALA D 473 -11.19 -33.78 -8.62
N LEU D 474 -12.06 -33.60 -9.61
CA LEU D 474 -12.31 -32.26 -10.16
C LEU D 474 -13.02 -31.38 -9.16
N SER D 475 -14.07 -31.91 -8.54
CA SER D 475 -14.82 -31.14 -7.58
C SER D 475 -13.97 -30.78 -6.32
N SER D 476 -13.32 -31.78 -5.72
CA SER D 476 -12.54 -31.54 -4.52
C SER D 476 -11.33 -30.61 -4.80
N GLY D 477 -10.80 -30.68 -6.03
CA GLY D 477 -9.76 -29.76 -6.51
C GLY D 477 -10.15 -28.31 -6.51
N LEU D 478 -11.36 -28.01 -7.03
CA LEU D 478 -11.84 -26.64 -6.97
C LEU D 478 -12.05 -26.13 -5.54
N MET D 479 -12.28 -27.04 -4.60
CA MET D 479 -12.48 -26.70 -3.22
C MET D 479 -11.14 -26.56 -2.44
N GLY D 480 -10.01 -26.71 -3.13
CA GLY D 480 -8.70 -26.45 -2.50
C GLY D 480 -7.90 -27.65 -2.09
N ASN D 481 -8.38 -28.88 -2.42
CA ASN D 481 -7.65 -30.11 -2.17
C ASN D 481 -6.87 -30.45 -3.43
N ALA D 482 -5.57 -30.13 -3.43
CA ALA D 482 -4.81 -30.19 -4.66
C ALA D 482 -4.44 -31.58 -5.10
N TYR D 483 -4.49 -32.56 -4.19
CA TYR D 483 -4.06 -33.91 -4.48
C TYR D 483 -5.20 -34.93 -4.20
N HIS D 484 -5.50 -35.75 -5.21
CA HIS D 484 -6.56 -36.77 -5.13
C HIS D 484 -6.03 -38.05 -5.71
N HIS D 485 -6.50 -39.21 -5.24
CA HIS D 485 -6.18 -40.47 -5.88
C HIS D 485 -7.25 -41.49 -5.56
N SER D 486 -7.10 -42.67 -6.11
CA SER D 486 -8.07 -43.74 -5.83
C SER D 486 -7.45 -45.09 -5.62
N ASP D 487 -8.27 -46.02 -5.09
CA ASP D 487 -7.89 -47.40 -5.02
C ASP D 487 -7.80 -47.97 -6.43
N ILE D 488 -6.63 -48.39 -6.89
CA ILE D 488 -6.52 -48.99 -8.22
C ILE D 488 -7.32 -50.31 -8.25
N GLY D 489 -8.33 -50.32 -9.12
CA GLY D 489 -9.21 -51.45 -9.23
C GLY D 489 -10.46 -51.38 -8.36
N GLY D 490 -10.66 -50.26 -7.68
CA GLY D 490 -11.83 -50.08 -6.79
C GLY D 490 -11.76 -50.91 -5.54
N TYR D 491 -12.79 -50.89 -4.73
CA TYR D 491 -12.78 -51.51 -3.40
C TYR D 491 -13.94 -52.55 -3.19
N THR D 492 -15.18 -52.08 -3.37
CA THR D 492 -16.32 -52.88 -2.86
C THR D 492 -16.70 -53.99 -3.79
N SER D 493 -16.53 -55.21 -3.31
CA SER D 493 -16.94 -56.41 -3.96
C SER D 493 -18.08 -57.04 -3.13
N LEU D 494 -19.29 -56.94 -3.66
CA LEU D 494 -20.47 -57.56 -3.00
C LEU D 494 -21.37 -58.16 -4.08
N PHE D 495 -22.21 -59.13 -3.67
CA PHE D 495 -23.20 -59.72 -4.54
C PHE D 495 -22.59 -60.31 -5.77
N GLY D 496 -21.37 -60.85 -5.67
CA GLY D 496 -20.67 -61.37 -6.83
C GLY D 496 -20.13 -60.39 -7.87
N ASN D 497 -20.15 -59.10 -7.55
CA ASN D 497 -19.47 -58.07 -8.38
C ASN D 497 -17.97 -58.19 -8.04
N VAL D 498 -17.17 -58.58 -9.02
CA VAL D 498 -15.72 -58.91 -8.78
C VAL D 498 -14.93 -58.25 -9.90
N ARG D 499 -13.64 -58.03 -9.65
CA ARG D 499 -12.77 -57.38 -10.63
C ARG D 499 -12.55 -58.18 -11.88
N THR D 500 -12.31 -57.47 -12.99
CA THR D 500 -11.72 -58.08 -14.14
C THR D 500 -10.31 -57.55 -14.38
N ALA D 501 -9.53 -58.28 -15.18
CA ALA D 501 -8.21 -57.80 -15.58
C ALA D 501 -8.30 -56.45 -16.23
N GLU D 502 -9.27 -56.29 -17.12
CA GLU D 502 -9.47 -55.03 -17.81
C GLU D 502 -9.74 -53.87 -16.88
N LEU D 503 -10.60 -54.09 -15.89
CA LEU D 503 -10.85 -53.06 -14.91
C LEU D 503 -9.56 -52.58 -14.23
N ILE D 504 -8.76 -53.52 -13.78
CA ILE D 504 -7.50 -53.14 -13.08
C ILE D 504 -6.62 -52.31 -14.01
N MET D 505 -6.47 -52.80 -15.25
CA MET D 505 -5.61 -52.12 -16.20
C MET D 505 -6.08 -50.72 -16.55
N ARG D 506 -7.39 -50.54 -16.85
CA ARG D 506 -7.87 -49.19 -17.09
C ARG D 506 -7.69 -48.27 -15.90
N TRP D 507 -7.90 -48.79 -14.69
CA TRP D 507 -7.81 -47.96 -13.51
C TRP D 507 -6.32 -47.52 -13.29
N THR D 508 -5.42 -48.46 -13.52
CA THR D 508 -3.95 -48.21 -13.45
C THR D 508 -3.54 -47.14 -14.42
N GLU D 509 -4.07 -47.19 -15.65
CA GLU D 509 -3.82 -46.16 -16.69
C GLU D 509 -4.14 -44.78 -16.22
N MET D 510 -5.29 -44.58 -15.58
CA MET D 510 -5.62 -43.29 -15.04
C MET D 510 -4.69 -42.93 -13.90
N ALA D 511 -4.49 -43.86 -12.99
CA ALA D 511 -3.76 -43.58 -11.74
C ALA D 511 -2.30 -43.09 -12.00
N ALA D 512 -1.69 -43.57 -13.07
CA ALA D 512 -0.33 -43.11 -13.46
C ALA D 512 -0.26 -41.62 -13.76
N PHE D 513 -1.39 -41.02 -14.11
CA PHE D 513 -1.54 -39.60 -14.34
C PHE D 513 -2.37 -38.97 -13.23
N THR D 514 -2.00 -39.31 -11.97
CA THR D 514 -2.53 -38.69 -10.77
C THR D 514 -1.37 -38.66 -9.75
N PRO D 515 -1.53 -37.95 -8.63
CA PRO D 515 -0.40 -37.79 -7.70
C PRO D 515 0.13 -39.07 -7.11
N VAL D 516 -0.73 -40.09 -6.90
CA VAL D 516 -0.32 -41.31 -6.18
C VAL D 516 -0.95 -42.56 -6.77
N MET D 517 -0.08 -43.52 -7.16
CA MET D 517 -0.51 -44.86 -7.53
C MET D 517 -0.60 -45.74 -6.29
N ARG D 518 -1.80 -46.27 -5.99
CA ARG D 518 -1.93 -47.16 -4.86
C ARG D 518 -2.91 -48.27 -5.11
N THR D 519 -2.50 -49.49 -4.83
CA THR D 519 -3.38 -50.68 -5.00
C THR D 519 -4.03 -51.03 -3.65
N HIS D 520 -4.93 -52.00 -3.70
CA HIS D 520 -5.76 -52.37 -2.56
C HIS D 520 -6.33 -53.76 -2.85
N GLU D 521 -6.20 -54.68 -1.93
CA GLU D 521 -6.77 -56.01 -2.15
C GLU D 521 -8.31 -56.01 -2.00
N GLY D 522 -8.85 -55.00 -1.33
CA GLY D 522 -10.30 -54.85 -1.13
C GLY D 522 -10.92 -55.63 0.00
N ASN D 523 -12.26 -55.66 0.04
CA ASN D 523 -12.96 -56.27 1.15
C ASN D 523 -12.98 -57.81 1.05
N ARG D 524 -12.83 -58.37 -0.15
CA ARG D 524 -12.83 -59.81 -0.38
C ARG D 524 -11.64 -60.25 -1.24
N PRO D 525 -10.46 -60.16 -0.65
CA PRO D 525 -9.20 -60.39 -1.42
C PRO D 525 -9.12 -61.68 -2.22
N ARG D 526 -9.59 -62.80 -1.64
CA ARG D 526 -9.48 -64.06 -2.29
C ARG D 526 -10.49 -64.25 -3.41
N ASP D 527 -11.56 -63.44 -3.46
CA ASP D 527 -12.52 -63.52 -4.52
C ASP D 527 -12.20 -62.64 -5.72
N ASN D 528 -11.23 -61.74 -5.58
CA ASN D 528 -10.97 -60.73 -6.56
C ASN D 528 -9.55 -60.79 -7.07
N LEU D 529 -9.43 -60.57 -8.37
CA LEU D 529 -8.10 -60.50 -9.00
C LEU D 529 -7.27 -59.36 -8.39
N GLN D 530 -5.99 -59.66 -8.16
CA GLN D 530 -5.04 -58.65 -7.65
C GLN D 530 -3.94 -58.50 -8.68
N ILE D 531 -3.16 -57.41 -8.56
CA ILE D 531 -2.18 -57.09 -9.59
C ILE D 531 -1.13 -58.15 -9.81
N ASP D 532 -0.82 -58.93 -8.79
CA ASP D 532 0.21 -59.96 -8.90
C ASP D 532 -0.27 -61.31 -9.44
N GLN D 533 -1.56 -61.43 -9.73
CA GLN D 533 -2.16 -62.75 -10.02
C GLN D 533 -2.43 -63.02 -11.48
N ASP D 534 -2.13 -62.06 -12.34
CA ASP D 534 -2.25 -62.27 -13.78
C ASP D 534 -1.04 -61.61 -14.42
N GLU D 535 -0.31 -62.37 -15.23
CA GLU D 535 0.97 -61.88 -15.81
C GLU D 535 0.80 -60.67 -16.71
N THR D 536 -0.30 -60.62 -17.45
CA THR D 536 -0.61 -59.48 -18.32
C THR D 536 -0.90 -58.23 -17.53
N VAL D 537 -1.75 -58.38 -16.52
CA VAL D 537 -2.03 -57.26 -15.58
C VAL D 537 -0.73 -56.74 -14.92
N LEU D 538 0.06 -57.67 -14.45
CA LEU D 538 1.28 -57.27 -13.67
C LEU D 538 2.27 -56.51 -14.58
N ALA D 539 2.45 -57.01 -15.81
CA ALA D 539 3.36 -56.34 -16.78
C ALA D 539 2.84 -54.97 -17.15
N HIS D 540 1.52 -54.87 -17.35
CA HIS D 540 0.90 -53.61 -17.62
C HIS D 540 1.10 -52.63 -16.43
N PHE D 541 0.92 -53.15 -15.20
CA PHE D 541 1.11 -52.34 -14.00
C PHE D 541 2.57 -51.82 -13.88
N ALA D 542 3.54 -52.72 -14.09
CA ALA D 542 4.96 -52.36 -14.02
C ALA D 542 5.27 -51.24 -15.03
N ARG D 543 4.80 -51.41 -16.27
CA ARG D 543 4.97 -50.39 -17.27
C ARG D 543 4.37 -49.05 -16.87
N MET D 544 3.14 -49.05 -16.33
CA MET D 544 2.55 -47.77 -15.95
C MET D 544 3.30 -47.13 -14.78
N THR D 545 3.84 -47.94 -13.87
CA THR D 545 4.67 -47.37 -12.77
C THR D 545 5.93 -46.71 -13.35
N ALA D 546 6.51 -47.27 -14.43
CA ALA D 546 7.65 -46.62 -15.07
C ALA D 546 7.30 -45.28 -15.70
N ILE D 547 6.11 -45.21 -16.29
CA ILE D 547 5.60 -43.97 -16.82
C ILE D 547 5.41 -42.95 -15.71
N TYR D 548 4.80 -43.36 -14.59
CA TYR D 548 4.63 -42.45 -13.44
C TYR D 548 6.00 -41.90 -12.95
N VAL D 549 6.96 -42.78 -12.79
CA VAL D 549 8.30 -42.34 -12.32
C VAL D 549 8.94 -41.36 -13.32
N ALA D 550 8.83 -41.67 -14.61
CA ALA D 550 9.38 -40.77 -15.63
C ALA D 550 8.70 -39.40 -15.64
N LEU D 551 7.43 -39.37 -15.28
CA LEU D 551 6.68 -38.12 -15.16
C LEU D 551 6.95 -37.32 -13.91
N ALA D 552 7.66 -37.89 -12.95
CA ALA D 552 7.84 -37.23 -11.64
C ALA D 552 8.29 -35.77 -11.71
N PRO D 553 9.25 -35.42 -12.60
CA PRO D 553 9.64 -34.01 -12.61
C PRO D 553 8.47 -33.07 -12.94
N TYR D 554 7.56 -33.51 -13.83
CA TYR D 554 6.40 -32.70 -14.17
C TYR D 554 5.42 -32.64 -13.00
N LEU D 555 5.07 -33.79 -12.43
CA LEU D 555 4.21 -33.84 -11.24
C LEU D 555 4.77 -32.98 -10.08
N LYS D 556 6.10 -33.04 -9.84
CA LYS D 556 6.74 -32.13 -8.86
C LYS D 556 6.47 -30.68 -9.14
N SER D 557 6.56 -30.27 -10.41
CA SER D 557 6.30 -28.88 -10.79
C SER D 557 4.84 -28.53 -10.49
N LEU D 558 3.92 -29.50 -10.69
CA LEU D 558 2.51 -29.27 -10.37
C LEU D 558 2.30 -29.14 -8.89
N SER D 559 3.00 -29.96 -8.09
CA SER D 559 2.90 -29.83 -6.64
C SER D 559 3.44 -28.47 -6.13
N ALA D 560 4.54 -28.03 -6.73
CA ALA D 560 5.08 -26.70 -6.40
C ALA D 560 4.07 -25.62 -6.75
N GLU D 561 3.39 -25.76 -7.91
CA GLU D 561 2.35 -24.80 -8.31
C GLU D 561 1.23 -24.81 -7.28
N ALA D 562 0.84 -25.99 -6.84
CA ALA D 562 -0.22 -26.11 -5.85
C ALA D 562 0.12 -25.39 -4.54
N ALA D 563 1.34 -25.55 -4.08
CA ALA D 563 1.78 -24.81 -2.89
C ALA D 563 1.78 -23.29 -3.11
N LYS D 564 2.19 -22.84 -4.29
CA LYS D 564 2.38 -21.40 -4.56
C LYS D 564 1.04 -20.71 -4.89
N THR D 565 0.17 -21.36 -5.66
CA THR D 565 -1.10 -20.73 -6.17
C THR D 565 -2.38 -21.45 -5.75
N GLY D 566 -2.27 -22.61 -5.16
CA GLY D 566 -3.42 -23.37 -4.71
C GLY D 566 -4.11 -24.21 -5.78
N LEU D 567 -3.69 -24.11 -7.04
CA LEU D 567 -4.37 -24.85 -8.10
C LEU D 567 -4.19 -26.35 -7.93
N PRO D 568 -5.28 -27.11 -8.13
CA PRO D 568 -5.17 -28.54 -7.99
C PRO D 568 -4.36 -29.14 -9.11
N VAL D 569 -3.81 -30.32 -8.85
CA VAL D 569 -3.09 -31.06 -9.86
C VAL D 569 -3.98 -31.51 -11.06
N GLN D 570 -5.19 -31.98 -10.74
CA GLN D 570 -6.19 -32.38 -11.73
C GLN D 570 -7.21 -31.26 -11.85
N ARG D 571 -7.26 -30.66 -13.06
CA ARG D 571 -8.02 -29.46 -13.29
C ARG D 571 -9.11 -29.70 -14.34
N PRO D 572 -10.27 -29.04 -14.19
CA PRO D 572 -11.28 -29.13 -15.23
C PRO D 572 -10.85 -28.32 -16.44
N LEU D 573 -11.31 -28.70 -17.63
CA LEU D 573 -10.85 -28.01 -18.86
C LEU D 573 -11.16 -26.52 -18.86
N PHE D 574 -12.29 -26.14 -18.25
CA PHE D 574 -12.70 -24.75 -18.28
C PHE D 574 -11.75 -23.82 -17.51
N LEU D 575 -10.94 -24.36 -16.61
CA LEU D 575 -10.03 -23.52 -15.84
C LEU D 575 -9.00 -22.84 -16.73
N HIS D 576 -8.57 -23.52 -17.79
CA HIS D 576 -7.58 -22.96 -18.74
C HIS D 576 -8.14 -22.60 -20.12
N TYR D 577 -9.42 -22.87 -20.35
CA TYR D 577 -10.09 -22.60 -21.64
C TYR D 577 -11.46 -21.97 -21.39
N GLU D 578 -11.42 -20.81 -20.72
CA GLU D 578 -12.63 -20.13 -20.29
C GLU D 578 -13.55 -19.72 -21.44
N ASN D 579 -12.99 -19.45 -22.60
CA ASN D 579 -13.79 -19.00 -23.75
C ASN D 579 -14.41 -20.13 -24.56
N GLU D 580 -14.28 -21.36 -24.11
CA GLU D 580 -14.78 -22.53 -24.83
C GLU D 580 -15.93 -23.18 -24.02
N PRO D 581 -17.18 -22.76 -24.28
CA PRO D 581 -18.39 -23.28 -23.60
C PRO D 581 -18.46 -24.80 -23.49
N GLN D 582 -18.01 -25.52 -24.50
CA GLN D 582 -18.04 -26.99 -24.44
C GLN D 582 -17.17 -27.64 -23.35
N THR D 583 -16.27 -26.88 -22.74
CA THR D 583 -15.45 -27.39 -21.63
C THR D 583 -16.10 -27.33 -20.23
N TYR D 584 -17.24 -26.65 -20.13
CA TYR D 584 -17.76 -26.27 -18.81
C TYR D 584 -18.39 -27.42 -17.98
N ALA D 585 -18.93 -28.41 -18.64
CA ALA D 585 -19.57 -29.54 -17.96
C ALA D 585 -18.77 -30.84 -18.05
N VAL D 586 -17.66 -30.83 -18.79
CA VAL D 586 -16.84 -32.05 -19.00
C VAL D 586 -16.32 -32.58 -17.65
N GLN D 587 -16.64 -33.82 -17.30
CA GLN D 587 -16.23 -34.44 -16.04
C GLN D 587 -15.57 -35.81 -16.13
N ASP D 588 -15.32 -36.31 -17.35
CA ASP D 588 -14.57 -37.55 -17.51
C ASP D 588 -13.22 -37.34 -18.21
N CYS D 589 -12.74 -36.09 -18.23
CA CYS D 589 -11.40 -35.75 -18.70
C CYS D 589 -10.87 -34.70 -17.76
N TYR D 590 -9.55 -34.61 -17.66
CA TYR D 590 -8.97 -33.54 -16.86
C TYR D 590 -7.67 -33.04 -17.48
N LEU D 591 -7.31 -31.81 -17.15
CA LEU D 591 -5.99 -31.28 -17.44
C LEU D 591 -5.07 -31.67 -16.24
N TYR D 592 -4.01 -32.40 -16.55
CA TYR D 592 -3.05 -32.83 -15.54
C TYR D 592 -1.98 -31.73 -15.63
N GLY D 593 -2.17 -30.74 -14.77
CA GLY D 593 -1.51 -29.44 -14.93
C GLY D 593 -2.07 -28.76 -16.16
N ALA D 594 -1.45 -27.67 -16.59
CA ALA D 594 -1.88 -26.95 -17.77
C ALA D 594 -1.46 -27.65 -19.07
N ASP D 595 -0.46 -28.54 -18.99
CA ASP D 595 0.22 -29.00 -20.20
C ASP D 595 -0.12 -30.40 -20.71
N MET D 596 -0.92 -31.16 -19.96
CA MET D 596 -1.34 -32.49 -20.39
C MET D 596 -2.84 -32.63 -20.24
N LEU D 597 -3.42 -33.42 -21.12
CA LEU D 597 -4.88 -33.70 -21.11
C LEU D 597 -5.05 -35.20 -21.05
N VAL D 598 -5.86 -35.66 -20.10
CA VAL D 598 -6.07 -37.09 -19.82
C VAL D 598 -7.55 -37.40 -19.93
N ALA D 599 -7.87 -38.41 -20.74
CA ALA D 599 -9.25 -38.82 -21.00
C ALA D 599 -9.33 -40.32 -20.74
N PRO D 600 -9.47 -40.69 -19.46
CA PRO D 600 -9.48 -42.11 -19.12
C PRO D 600 -10.63 -42.88 -19.82
N VAL D 601 -10.35 -44.13 -20.22
CA VAL D 601 -11.42 -45.05 -20.63
C VAL D 601 -12.12 -45.55 -19.38
N TRP D 602 -13.46 -45.40 -19.34
CA TRP D 602 -14.24 -45.79 -18.16
C TRP D 602 -15.35 -46.81 -18.41
N LYS D 603 -15.26 -47.50 -19.55
CA LYS D 603 -16.17 -48.61 -19.88
C LYS D 603 -15.39 -49.79 -20.42
N ALA D 604 -15.95 -50.97 -20.20
CA ALA D 604 -15.41 -52.20 -20.72
C ALA D 604 -15.56 -52.30 -22.20
N GLY D 605 -14.57 -52.91 -22.84
CA GLY D 605 -14.65 -53.27 -24.24
C GLY D 605 -14.36 -52.14 -25.20
N GLU D 606 -13.89 -51.00 -24.70
CA GLU D 606 -13.62 -49.86 -25.57
C GLU D 606 -12.22 -50.01 -26.13
N THR D 607 -12.08 -49.81 -27.44
CA THR D 607 -10.77 -49.82 -28.13
C THR D 607 -10.33 -48.42 -28.55
N GLN D 608 -11.24 -47.45 -28.39
CA GLN D 608 -11.07 -46.05 -28.82
C GLN D 608 -11.65 -45.16 -27.76
N ARG D 609 -11.26 -43.88 -27.81
CA ARG D 609 -11.80 -42.86 -26.92
C ARG D 609 -12.01 -41.59 -27.72
N SER D 610 -13.19 -40.98 -27.54
CA SER D 610 -13.52 -39.71 -28.18
C SER D 610 -13.49 -38.64 -27.11
N LEU D 611 -12.98 -37.47 -27.46
CA LEU D 611 -12.92 -36.38 -26.50
C LEU D 611 -12.80 -35.04 -27.23
N TYR D 612 -13.11 -33.96 -26.52
CA TYR D 612 -12.90 -32.62 -27.00
C TYR D 612 -11.48 -32.15 -26.66
N LEU D 613 -10.69 -31.81 -27.68
CA LEU D 613 -9.38 -31.14 -27.49
C LEU D 613 -9.57 -29.64 -27.51
N PRO D 614 -9.20 -28.93 -26.44
CA PRO D 614 -9.43 -27.49 -26.34
C PRO D 614 -8.31 -26.63 -26.92
N GLY D 615 -8.58 -25.35 -27.10
CA GLY D 615 -7.55 -24.38 -27.49
C GLY D 615 -7.41 -24.17 -28.99
N HIS D 616 -6.49 -23.30 -29.39
CA HIS D 616 -6.15 -23.09 -30.78
C HIS D 616 -4.72 -23.42 -31.13
N GLY D 617 -4.04 -24.19 -30.28
CA GLY D 617 -2.72 -24.71 -30.61
C GLY D 617 -2.76 -26.12 -31.12
N GLU D 618 -1.73 -26.88 -30.78
CA GLU D 618 -1.60 -28.26 -31.14
C GLU D 618 -1.37 -29.08 -29.90
N TRP D 619 -1.99 -30.24 -29.88
CA TRP D 619 -1.81 -31.24 -28.84
C TRP D 619 -1.09 -32.40 -29.50
N VAL D 620 -0.18 -33.00 -28.74
CA VAL D 620 0.60 -34.11 -29.21
C VAL D 620 0.13 -35.35 -28.48
N HIS D 621 -0.25 -36.38 -29.24
CA HIS D 621 -0.65 -37.65 -28.63
C HIS D 621 0.57 -38.34 -28.02
N LEU D 622 0.47 -38.74 -26.75
CA LEU D 622 1.67 -39.13 -25.99
C LEU D 622 2.39 -40.35 -26.55
N TRP D 623 1.64 -41.33 -27.00
CA TRP D 623 2.20 -42.64 -27.39
C TRP D 623 2.69 -42.66 -28.84
N SER D 624 2.05 -41.89 -29.74
CA SER D 624 2.38 -41.86 -31.16
C SER D 624 3.20 -40.63 -31.61
N GLY D 625 3.20 -39.55 -30.84
CA GLY D 625 3.76 -38.30 -31.30
C GLY D 625 2.96 -37.58 -32.40
N LYS D 626 1.80 -38.10 -32.79
CA LYS D 626 0.95 -37.43 -33.78
C LYS D 626 0.40 -36.13 -33.21
N ARG D 627 0.34 -35.10 -34.04
CA ARG D 627 -0.19 -33.81 -33.62
C ARG D 627 -1.66 -33.67 -33.99
N HIS D 628 -2.43 -32.97 -33.16
CA HIS D 628 -3.85 -32.73 -33.41
C HIS D 628 -4.15 -31.27 -33.10
N ALA D 629 -4.94 -30.64 -33.96
CA ALA D 629 -5.32 -29.24 -33.82
C ALA D 629 -6.36 -29.10 -32.70
N GLY D 630 -6.15 -28.14 -31.80
CA GLY D 630 -7.14 -27.85 -30.75
C GLY D 630 -8.47 -27.33 -31.36
N GLY D 631 -9.54 -27.41 -30.57
CA GLY D 631 -10.81 -26.78 -30.93
C GLY D 631 -11.83 -27.71 -31.58
N ARG D 632 -11.69 -29.02 -31.40
CA ARG D 632 -12.57 -30.00 -32.05
C ARG D 632 -12.58 -31.31 -31.27
N ASP D 633 -13.63 -32.11 -31.54
CA ASP D 633 -13.67 -33.48 -31.05
C ASP D 633 -12.71 -34.35 -31.89
N ILE D 634 -12.05 -35.31 -31.25
CA ILE D 634 -11.25 -36.31 -31.94
C ILE D 634 -11.49 -37.67 -31.34
N THR D 635 -11.05 -38.70 -32.06
CA THR D 635 -11.15 -40.06 -31.58
C THR D 635 -9.80 -40.70 -31.81
N VAL D 636 -9.23 -41.29 -30.75
CA VAL D 636 -7.93 -41.99 -30.85
C VAL D 636 -8.05 -43.43 -30.40
N GLU D 637 -7.14 -44.27 -30.89
CA GLU D 637 -7.01 -45.65 -30.47
C GLU D 637 -6.50 -45.68 -29.01
N THR D 638 -7.14 -46.48 -28.17
CA THR D 638 -6.78 -46.64 -26.75
C THR D 638 -6.70 -48.10 -26.41
N PRO D 639 -5.75 -48.82 -27.02
CA PRO D 639 -5.54 -50.17 -26.54
C PRO D 639 -5.01 -50.15 -25.13
N LEU D 640 -5.08 -51.28 -24.45
CA LEU D 640 -4.59 -51.36 -23.07
C LEU D 640 -3.13 -50.95 -23.06
N GLY D 641 -2.77 -50.05 -22.14
CA GLY D 641 -1.40 -49.50 -22.05
C GLY D 641 -1.24 -48.12 -22.69
N GLU D 642 -2.18 -47.73 -23.56
CA GLU D 642 -2.12 -46.47 -24.25
C GLU D 642 -3.34 -45.62 -24.02
N PRO D 643 -3.51 -45.12 -22.79
CA PRO D 643 -4.63 -44.22 -22.53
C PRO D 643 -4.56 -42.95 -23.37
N ALA D 644 -5.73 -42.31 -23.56
CA ALA D 644 -5.86 -41.14 -24.38
C ALA D 644 -5.27 -39.96 -23.60
N VAL D 645 -3.97 -39.73 -23.83
CA VAL D 645 -3.25 -38.65 -23.14
C VAL D 645 -2.50 -37.82 -24.17
N PHE D 646 -2.55 -36.50 -23.99
CA PHE D 646 -1.99 -35.55 -24.95
C PHE D 646 -1.20 -34.51 -24.17
N TYR D 647 -0.23 -33.89 -24.83
CA TYR D 647 0.48 -32.77 -24.21
C TYR D 647 0.55 -31.60 -25.17
N ARG D 648 0.54 -30.40 -24.62
CA ARG D 648 0.72 -29.21 -25.46
C ARG D 648 2.09 -29.19 -26.18
N ALA D 649 2.05 -28.97 -27.50
CA ALA D 649 3.25 -28.95 -28.35
C ALA D 649 4.29 -27.98 -27.85
N ASP D 650 3.81 -26.87 -27.30
CA ASP D 650 4.67 -25.77 -26.82
C ASP D 650 5.01 -25.89 -25.34
N SER D 651 4.72 -27.03 -24.73
CA SER D 651 5.09 -27.25 -23.33
C SER D 651 6.60 -27.19 -23.13
N SER D 652 7.00 -26.52 -22.02
CA SER D 652 8.41 -26.47 -21.62
C SER D 652 8.96 -27.85 -21.23
N HIS D 653 8.07 -28.78 -20.93
CA HIS D 653 8.43 -30.14 -20.58
C HIS D 653 8.38 -31.08 -21.78
N HIS D 654 8.40 -30.55 -23.00
CA HIS D 654 8.23 -31.40 -24.16
C HIS D 654 9.30 -32.50 -24.29
N ARG D 655 10.55 -32.23 -23.89
CA ARG D 655 11.62 -33.25 -24.02
C ARG D 655 11.26 -34.43 -23.10
N LEU D 656 10.80 -34.13 -21.89
CA LEU D 656 10.29 -35.18 -21.00
C LEU D 656 9.13 -36.01 -21.59
N PHE D 657 8.14 -35.31 -22.10
CA PHE D 657 6.96 -35.98 -22.67
C PHE D 657 7.33 -36.86 -23.89
N GLU D 658 8.25 -36.37 -24.71
CA GLU D 658 8.80 -37.15 -25.83
C GLU D 658 9.44 -38.47 -25.38
N GLN D 659 10.13 -38.48 -24.24
CA GLN D 659 10.74 -39.70 -23.69
C GLN D 659 9.70 -40.75 -23.33
N LEU D 660 8.50 -40.34 -22.89
CA LEU D 660 7.46 -41.34 -22.44
C LEU D 660 7.01 -42.27 -23.54
N ARG D 661 7.06 -41.75 -24.75
CA ARG D 661 6.81 -42.53 -25.96
C ARG D 661 7.74 -43.73 -26.06
N THR D 662 8.99 -43.52 -25.68
CA THR D 662 10.07 -44.54 -25.74
C THR D 662 9.92 -45.60 -24.63
N ILE D 663 9.53 -45.16 -23.42
CA ILE D 663 9.26 -46.06 -22.29
C ILE D 663 8.13 -47.03 -22.69
N GLY D 664 7.10 -46.47 -23.34
CA GLY D 664 6.16 -47.27 -24.17
C GLY D 664 6.76 -47.68 -25.51
K K E . 36.31 3.36 -23.36
C1 EDO F . 32.82 8.74 -16.81
O1 EDO F . 31.82 7.86 -17.42
C2 EDO F . 33.40 7.89 -15.67
O2 EDO F . 34.00 6.63 -16.01
S SCN G . 9.59 16.51 -12.49
C SCN G . 8.57 17.67 -13.12
N SCN G . 7.87 18.45 -13.54
O1 9VH H . 30.32 10.43 -13.75
S1 9VH H . 29.03 11.18 -14.15
O2 9VH H . 28.41 11.68 -12.96
O3 9VH H . 29.18 12.17 -15.16
C1 9VH H . 27.98 9.89 -14.78
C2 9VH H . 28.53 8.95 -15.84
C3 9VH H . 29.38 7.89 -15.14
N1 9VH H . 29.91 6.78 -15.92
C4 9VH H . 28.87 6.21 -16.84
C5 9VH H . 28.10 7.23 -17.66
O4 9VH H . 27.14 6.57 -18.49
C6 9VH H . 27.47 8.30 -16.75
O5 9VH H . 26.80 9.31 -17.53
P PO4 I . 37.68 -6.72 -36.56
O1 PO4 I . 36.81 -6.77 -37.78
O2 PO4 I . 37.98 -8.12 -36.11
O3 PO4 I . 36.97 -5.96 -35.46
O4 PO4 I . 38.90 -5.96 -36.96
K K J . 6.52 5.17 39.23
C1 EDO K . 11.98 2.42 32.59
O1 EDO K . 10.80 1.57 32.47
C2 EDO K . 11.96 3.65 31.68
O2 EDO K . 10.81 4.49 31.93
C1 EDO L . 25.60 2.92 23.73
O1 EDO L . 26.85 3.55 23.78
C2 EDO L . 24.76 3.61 22.63
O2 EDO L . 24.52 5.01 22.92
C1 EDO M . 15.09 4.41 34.17
O1 EDO M . 14.02 5.22 33.62
C2 EDO M . 16.38 4.56 33.38
O2 EDO M . 16.93 5.87 33.43
S SCN N . 13.33 -18.81 19.51
C SCN N . 13.71 -20.39 19.87
N SCN N . 13.98 -21.49 20.13
S SCN O . 18.98 -8.88 36.91
C SCN O . 19.80 -7.43 36.47
N SCN O . 20.38 -6.46 36.17
O1 9VH P . 14.43 -1.23 30.17
S1 9VH P . 13.79 -0.81 28.95
O2 9VH P . 14.37 -1.10 27.65
O3 9VH P . 13.61 0.71 28.92
C1 9VH P . 12.21 -1.55 28.93
C2 9VH P . 11.18 -1.01 29.91
C3 9VH P . 10.62 0.30 29.40
N1 9VH P . 9.58 0.94 30.25
C4 9VH P . 8.48 -0.01 30.59
C5 9VH P . 8.98 -1.33 31.15
O4 9VH P . 7.91 -2.24 31.37
C6 9VH P . 10.00 -1.95 30.19
O5 9VH P . 10.44 -3.20 30.73
P PO4 Q . -8.85 39.17 42.42
O1 PO4 Q . -10.18 39.54 43.08
O2 PO4 Q . -8.07 40.31 41.80
O3 PO4 Q . -9.24 38.25 41.33
O4 PO4 Q . -8.02 38.39 43.41
K K R . -5.19 32.78 -15.27
C1 EDO S . -2.99 35.15 -26.07
O1 EDO S . -2.68 36.50 -26.46
C2 EDO S . -4.32 34.99 -25.35
O2 EDO S . -4.54 35.78 -24.15
C1 EDO T . -7.54 33.55 -24.09
O1 EDO T . -8.51 32.84 -23.31
C2 EDO T . -7.73 35.07 -24.03
O2 EDO T . -7.79 35.63 -22.73
C1 EDO U . -5.28 38.87 -39.45
O1 EDO U . -4.02 39.33 -39.92
C2 EDO U . -6.17 40.07 -39.30
O2 EDO U . -5.67 40.93 -38.25
S SCN V . -22.88 20.80 -38.89
C SCN V . -22.95 19.37 -39.72
N SCN V . -22.98 18.39 -40.27
S SCN W . -4.13 21.85 -30.99
C SCN W . -3.46 23.31 -31.43
N SCN W . -3.02 24.29 -31.78
O1 9VH X . -8.93 31.62 -28.35
S1 9VH X . -10.05 32.54 -28.38
O2 9VH X . -10.65 32.92 -29.67
O3 9VH X . -9.69 33.95 -27.78
C1 9VH X . -11.33 31.89 -27.34
C2 9VH X . -11.03 31.79 -25.84
C3 9VH X . -11.19 33.16 -25.21
N1 9VH X . -11.11 33.25 -23.76
C4 9VH X . -11.89 32.19 -23.07
C5 9VH X . -11.61 30.78 -23.59
O4 9VH X . -12.37 29.82 -22.89
C6 9VH X . -11.87 30.75 -25.11
O5 9VH X . -11.59 29.46 -25.62
P PO4 Y . -5.17 27.88 0.42
O1 PO4 Y . -5.80 28.04 -0.94
O2 PO4 Y . -5.88 26.80 1.17
O3 PO4 Y . -5.33 29.14 1.21
O4 PO4 Y . -3.70 27.50 0.33
K K Z . -19.20 -45.90 -3.14
C1 EDO AA . -15.88 -50.13 4.23
O1 EDO AA . -14.81 -49.53 3.43
C2 EDO AA . -16.46 -49.11 5.25
O2 EDO AA . -16.71 -47.81 4.70
C1 EDO BA . -20.70 -52.24 6.41
O1 EDO BA . -21.07 -53.60 6.66
C2 EDO BA . -19.56 -52.06 5.36
O2 EDO BA . -19.32 -50.67 4.87
C1 EDO CA . -17.39 -58.25 19.45
O1 EDO CA . -18.42 -58.97 18.76
C2 EDO CA . -17.33 -56.85 18.91
O2 EDO CA . -18.52 -56.07 18.99
O1 9VH DA . -11.69 -52.70 8.53
S1 9VH DA . -12.35 -52.32 7.28
O2 9VH DA . -12.83 -53.41 6.48
O3 9VH DA . -13.46 -51.29 7.52
C1 9VH DA . -11.22 -51.41 6.29
C2 9VH DA . -11.73 -50.59 5.09
C3 9VH DA . -12.39 -49.30 5.55
N1 9VH DA . -12.73 -48.27 4.59
C4 9VH DA . -11.68 -48.08 3.55
C5 9VH DA . -11.10 -49.38 2.99
O4 9VH DA . -10.12 -48.91 2.08
C6 9VH DA . -10.58 -50.25 4.12
O5 9VH DA . -10.05 -51.52 3.69
#